data_2K7A
#
_entry.id   2K7A
#
_cell.length_a   1.000
_cell.length_b   1.000
_cell.length_c   1.000
_cell.angle_alpha   90.00
_cell.angle_beta   90.00
_cell.angle_gamma   90.00
#
_symmetry.space_group_name_H-M   'P 1'
#
loop_
_entity.id
_entity.type
_entity.pdbx_description
1 polymer 'SH3 domain of Tyrosine-protein kinase ITK/TSK'
2 polymer 'SH2 domain of Tyrosine-protein kinase ITK/TSK'
#
loop_
_entity_poly.entity_id
_entity_poly.type
_entity_poly.pdbx_seq_one_letter_code
_entity_poly.pdbx_strand_id
1 'polypeptide(L)' GSPEETLVIALYDYQTNDPQELALRCDEEYYLLDSSEIHWWRVQDKNGHEGYAPSSYLVEKSP A
2 'polypeptide(L)'
;GSNNLETYEWYNKSISRDKAEKLLLDTGKEGAFMVRDSRTPGTYTVSVFTKAIISENPCIKHYHIKETNDSPKRYYVAEK
YVFDSIPLLIQYHQYNGGGLVTRLRYPVCG
;
B
#
# COMPACT_ATOMS: atom_id res chain seq x y z
N GLY A 1 4.70 -22.24 -17.56
CA GLY A 1 5.43 -21.99 -16.28
C GLY A 1 5.79 -20.50 -16.19
N SER A 2 4.88 -19.71 -15.63
CA SER A 2 5.11 -18.28 -15.49
C SER A 2 5.67 -17.69 -16.79
N PRO A 3 4.95 -17.83 -17.86
CA PRO A 3 5.38 -17.31 -19.20
C PRO A 3 5.30 -15.79 -19.28
N GLU A 4 4.07 -15.26 -19.27
CA GLU A 4 3.86 -13.82 -19.35
C GLU A 4 3.12 -13.32 -18.11
N GLU A 5 2.29 -14.19 -17.54
CA GLU A 5 1.50 -13.84 -16.36
C GLU A 5 1.70 -14.89 -15.27
N THR A 6 1.98 -14.42 -14.04
CA THR A 6 2.18 -15.33 -12.93
C THR A 6 0.91 -15.44 -12.12
N LEU A 7 0.92 -16.23 -11.04
CA LEU A 7 -0.25 -16.39 -10.18
C LEU A 7 0.11 -16.04 -8.76
N VAL A 8 -0.86 -15.53 -8.00
CA VAL A 8 -0.65 -15.15 -6.61
C VAL A 8 -1.69 -15.80 -5.73
N ILE A 9 -1.50 -15.73 -4.41
CA ILE A 9 -2.42 -16.33 -3.46
C ILE A 9 -2.46 -15.52 -2.16
N ALA A 10 -3.56 -15.60 -1.43
CA ALA A 10 -3.70 -14.88 -0.16
C ALA A 10 -3.15 -15.72 1.00
N LEU A 11 -2.29 -15.11 1.81
CA LEU A 11 -1.70 -15.82 2.93
C LEU A 11 -2.71 -15.93 4.06
N TYR A 12 -3.30 -14.79 4.45
CA TYR A 12 -4.31 -14.80 5.52
C TYR A 12 -5.70 -14.90 4.93
N ASP A 13 -6.69 -14.36 5.66
CA ASP A 13 -8.08 -14.39 5.20
C ASP A 13 -8.58 -12.96 4.97
N TYR A 14 -7.93 -12.25 4.06
CA TYR A 14 -8.31 -10.88 3.76
C TYR A 14 -9.74 -10.84 3.22
N GLN A 15 -10.52 -9.89 3.73
CA GLN A 15 -11.91 -9.75 3.30
C GLN A 15 -12.10 -8.43 2.53
N THR A 16 -12.95 -8.48 1.51
CA THR A 16 -13.23 -7.30 0.70
C THR A 16 -14.02 -6.27 1.51
N ASN A 17 -13.54 -5.03 1.49
CA ASN A 17 -14.21 -3.95 2.20
C ASN A 17 -14.94 -3.07 1.21
N ASP A 18 -14.79 -3.37 -0.07
CA ASP A 18 -15.48 -2.59 -1.10
C ASP A 18 -15.53 -3.35 -2.43
N PRO A 19 -16.53 -3.09 -3.25
CA PRO A 19 -16.66 -3.78 -4.58
C PRO A 19 -15.37 -3.71 -5.40
N GLN A 20 -14.64 -2.61 -5.28
CA GLN A 20 -13.40 -2.42 -6.03
C GLN A 20 -12.39 -3.49 -5.65
N GLU A 21 -12.22 -3.69 -4.35
CA GLU A 21 -11.29 -4.68 -3.85
C GLU A 21 -11.80 -6.07 -4.13
N LEU A 22 -10.88 -7.04 -4.23
CA LEU A 22 -11.26 -8.43 -4.50
C LEU A 22 -11.16 -9.29 -3.25
N ALA A 23 -12.24 -9.99 -2.94
CA ALA A 23 -12.28 -10.86 -1.76
C ALA A 23 -11.39 -12.07 -1.98
N LEU A 24 -10.74 -12.55 -0.91
CA LEU A 24 -9.85 -13.69 -0.99
C LEU A 24 -10.24 -14.72 0.07
N ARG A 25 -10.06 -15.99 -0.27
CA ARG A 25 -10.38 -17.07 0.65
C ARG A 25 -9.11 -17.83 0.97
N CYS A 26 -8.41 -17.38 2.05
CA CYS A 26 -7.17 -18.02 2.49
C CYS A 26 -7.03 -19.41 1.90
N ASP A 27 -6.35 -19.48 0.76
CA ASP A 27 -6.10 -20.72 0.03
C ASP A 27 -6.49 -20.57 -1.45
N GLU A 28 -7.34 -19.57 -1.76
CA GLU A 28 -7.76 -19.35 -3.13
C GLU A 28 -6.53 -19.13 -4.01
N GLU A 29 -6.75 -18.56 -5.20
CA GLU A 29 -5.66 -18.30 -6.15
C GLU A 29 -6.23 -17.72 -7.45
N TYR A 30 -5.42 -16.94 -8.14
CA TYR A 30 -5.85 -16.34 -9.40
C TYR A 30 -4.63 -16.11 -10.30
N TYR A 31 -4.76 -15.14 -11.22
CA TYR A 31 -3.67 -14.79 -12.14
C TYR A 31 -3.20 -13.38 -11.87
N LEU A 32 -2.33 -12.87 -12.73
CA LEU A 32 -1.82 -11.50 -12.60
C LEU A 32 -1.98 -10.75 -13.93
N LEU A 33 -2.66 -9.61 -13.87
CA LEU A 33 -2.90 -8.80 -15.06
C LEU A 33 -2.12 -7.49 -14.98
N ASP A 34 -1.90 -6.97 -13.78
CA ASP A 34 -1.14 -5.74 -13.65
C ASP A 34 -0.19 -5.83 -12.46
N SER A 35 1.04 -6.30 -12.72
CA SER A 35 2.05 -6.43 -11.67
C SER A 35 2.90 -5.18 -11.59
N SER A 36 2.72 -4.30 -12.56
CA SER A 36 3.46 -3.05 -12.60
C SER A 36 3.07 -2.16 -11.42
N GLU A 37 1.81 -2.23 -11.03
CA GLU A 37 1.32 -1.44 -9.91
C GLU A 37 2.02 -1.86 -8.62
N ILE A 38 2.25 -0.90 -7.74
CA ILE A 38 2.91 -1.18 -6.47
C ILE A 38 1.90 -1.49 -5.38
N HIS A 39 0.66 -1.09 -5.59
CA HIS A 39 -0.40 -1.31 -4.61
C HIS A 39 -1.17 -2.59 -4.89
N TRP A 40 -2.16 -2.50 -5.77
CA TRP A 40 -2.98 -3.66 -6.11
C TRP A 40 -2.55 -4.30 -7.42
N TRP A 41 -2.67 -5.63 -7.52
CA TRP A 41 -2.29 -6.35 -8.74
C TRP A 41 -3.52 -6.97 -9.38
N ARG A 42 -4.20 -6.19 -10.21
CA ARG A 42 -5.45 -6.64 -10.84
C ARG A 42 -5.42 -8.12 -11.16
N VAL A 43 -6.04 -8.89 -10.29
CA VAL A 43 -6.06 -10.33 -10.47
C VAL A 43 -7.42 -10.76 -11.00
N GLN A 44 -7.52 -12.02 -11.40
CA GLN A 44 -8.78 -12.53 -11.95
C GLN A 44 -9.12 -13.89 -11.34
N ASP A 45 -10.10 -13.93 -10.46
CA ASP A 45 -10.50 -15.18 -9.84
C ASP A 45 -11.07 -16.12 -10.89
N LYS A 46 -10.76 -17.40 -10.74
CA LYS A 46 -11.23 -18.41 -11.68
C LYS A 46 -12.74 -18.30 -11.85
N ASN A 47 -13.42 -17.99 -10.75
CA ASN A 47 -14.88 -17.85 -10.78
C ASN A 47 -15.27 -16.67 -11.66
N GLY A 48 -14.40 -15.66 -11.74
CA GLY A 48 -14.67 -14.47 -12.54
C GLY A 48 -14.82 -13.24 -11.66
N HIS A 49 -14.11 -13.23 -10.53
CA HIS A 49 -14.18 -12.11 -9.60
C HIS A 49 -12.95 -11.23 -9.74
N GLU A 50 -13.06 -10.24 -10.63
CA GLU A 50 -11.95 -9.32 -10.88
C GLU A 50 -12.01 -8.08 -10.02
N GLY A 51 -10.95 -7.87 -9.23
CA GLY A 51 -10.92 -6.71 -8.35
C GLY A 51 -9.52 -6.49 -7.80
N TYR A 52 -9.29 -5.29 -7.27
CA TYR A 52 -7.97 -4.98 -6.74
C TYR A 52 -7.67 -5.82 -5.50
N ALA A 53 -6.71 -6.75 -5.61
CA ALA A 53 -6.35 -7.62 -4.49
C ALA A 53 -5.06 -7.14 -3.81
N PRO A 54 -4.98 -7.28 -2.50
CA PRO A 54 -3.81 -6.76 -1.72
C PRO A 54 -2.49 -7.40 -2.13
N SER A 55 -1.57 -6.57 -2.60
CA SER A 55 -0.26 -7.06 -3.02
C SER A 55 0.46 -7.74 -1.86
N SER A 56 0.42 -7.10 -0.68
CA SER A 56 1.10 -7.66 0.48
C SER A 56 0.63 -9.09 0.76
N TYR A 57 -0.62 -9.23 1.16
CA TYR A 57 -1.17 -10.53 1.46
C TYR A 57 -1.03 -11.44 0.28
N LEU A 58 -0.54 -10.91 -0.83
CA LEU A 58 -0.39 -11.71 -2.03
C LEU A 58 1.08 -12.00 -2.30
N VAL A 59 1.35 -13.04 -3.10
CA VAL A 59 2.73 -13.34 -3.45
C VAL A 59 2.75 -14.26 -4.67
N GLU A 60 3.54 -13.89 -5.67
CA GLU A 60 3.62 -14.70 -6.88
C GLU A 60 3.97 -16.13 -6.55
N LYS A 61 3.13 -17.04 -7.01
CA LYS A 61 3.32 -18.46 -6.74
C LYS A 61 4.71 -18.90 -7.22
N SER A 62 5.09 -18.40 -8.40
CA SER A 62 6.39 -18.71 -8.98
C SER A 62 6.55 -20.24 -9.13
N PRO A 63 7.51 -20.66 -9.91
CA PRO A 63 7.81 -22.11 -10.12
C PRO A 63 8.43 -22.76 -8.88
N ASN B 3 5.41 23.30 3.68
CA ASN B 3 4.24 22.94 4.53
C ASN B 3 4.73 22.43 5.88
N ASN B 4 4.12 22.93 6.95
CA ASN B 4 4.51 22.51 8.30
C ASN B 4 3.86 21.18 8.65
N LEU B 5 4.53 20.09 8.28
CA LEU B 5 4.01 18.76 8.56
C LEU B 5 4.47 18.28 9.93
N GLU B 6 5.39 19.03 10.53
CA GLU B 6 5.90 18.68 11.84
C GLU B 6 4.75 18.56 12.84
N THR B 7 3.58 19.07 12.45
CA THR B 7 2.41 19.02 13.32
C THR B 7 1.82 17.61 13.36
N TYR B 8 1.93 16.91 12.25
CA TYR B 8 1.40 15.55 12.17
C TYR B 8 2.36 14.56 12.80
N GLU B 9 1.99 13.28 12.76
CA GLU B 9 2.82 12.22 13.34
C GLU B 9 3.55 11.44 12.25
N TRP B 10 2.81 11.06 11.23
CA TRP B 10 3.39 10.27 10.15
C TRP B 10 4.59 11.00 9.53
N TYR B 11 4.61 12.31 9.66
CA TYR B 11 5.70 13.08 9.09
C TYR B 11 6.95 12.96 9.93
N ASN B 12 8.03 12.48 9.32
CA ASN B 12 9.30 12.32 10.02
C ASN B 12 10.47 12.51 9.07
N LYS B 13 11.18 13.63 9.23
CA LYS B 13 12.33 13.93 8.39
C LYS B 13 13.63 13.45 9.05
N SER B 14 13.66 13.53 10.38
CA SER B 14 14.84 13.11 11.13
C SER B 14 15.03 11.61 11.07
N ILE B 15 14.27 10.95 10.20
CA ILE B 15 14.35 9.49 10.05
C ILE B 15 14.60 9.12 8.60
N SER B 16 15.49 8.16 8.38
CA SER B 16 15.81 7.69 7.03
C SER B 16 15.07 6.41 6.71
N ARG B 17 15.26 5.91 5.49
CA ARG B 17 14.58 4.69 5.05
C ARG B 17 14.96 3.53 5.96
N ASP B 18 16.25 3.30 6.10
CA ASP B 18 16.74 2.21 6.94
C ASP B 18 16.11 2.30 8.33
N LYS B 19 16.09 3.50 8.88
CA LYS B 19 15.51 3.71 10.21
C LYS B 19 13.99 3.58 10.14
N ALA B 20 13.43 3.96 9.00
CA ALA B 20 11.98 3.89 8.81
C ALA B 20 11.52 2.45 8.75
N GLU B 21 12.28 1.63 8.04
CA GLU B 21 11.94 0.22 7.90
C GLU B 21 12.05 -0.50 9.24
N LYS B 22 13.09 -0.18 10.00
CA LYS B 22 13.29 -0.80 11.31
C LYS B 22 12.27 -0.27 12.32
N LEU B 23 12.21 1.04 12.44
CA LEU B 23 11.29 1.66 13.38
C LEU B 23 9.91 1.05 13.27
N LEU B 24 9.41 0.95 12.05
CA LEU B 24 8.09 0.38 11.83
C LEU B 24 8.05 -1.08 12.26
N LEU B 25 9.17 -1.75 12.10
CA LEU B 25 9.26 -3.15 12.47
C LEU B 25 9.00 -3.33 13.96
N ASP B 26 9.46 -2.37 14.76
CA ASP B 26 9.27 -2.44 16.20
C ASP B 26 7.79 -2.51 16.54
N THR B 27 6.97 -1.80 15.76
CA THR B 27 5.53 -1.80 16.00
C THR B 27 4.98 -3.22 15.94
N GLY B 28 5.37 -3.95 14.91
CA GLY B 28 4.92 -5.34 14.75
C GLY B 28 3.39 -5.42 14.73
N LYS B 29 2.74 -4.43 14.11
CA LYS B 29 1.29 -4.40 14.04
C LYS B 29 0.85 -4.18 12.59
N GLU B 30 -0.19 -4.91 12.19
CA GLU B 30 -0.70 -4.77 10.83
C GLU B 30 -1.40 -3.44 10.66
N GLY B 31 -1.05 -2.71 9.60
CA GLY B 31 -1.64 -1.41 9.32
C GLY B 31 -0.65 -0.29 9.63
N ALA B 32 0.30 -0.58 10.52
CA ALA B 32 1.31 0.40 10.89
C ALA B 32 1.74 1.20 9.66
N PHE B 33 1.34 2.47 9.62
CA PHE B 33 1.66 3.32 8.48
C PHE B 33 2.29 4.64 8.94
N MET B 34 3.18 5.17 8.12
CA MET B 34 3.83 6.43 8.44
C MET B 34 4.30 7.12 7.15
N VAL B 35 4.93 8.29 7.29
CA VAL B 35 5.41 9.05 6.16
C VAL B 35 6.85 9.48 6.41
N ARG B 36 7.58 9.70 5.33
CA ARG B 36 8.97 10.11 5.42
C ARG B 36 9.25 11.23 4.42
N ASP B 37 9.64 12.39 4.94
CA ASP B 37 9.95 13.53 4.10
C ASP B 37 10.93 13.13 3.01
N SER B 38 10.81 13.80 1.86
CA SER B 38 11.70 13.52 0.73
C SER B 38 12.43 14.78 0.28
N ARG B 39 13.58 14.60 -0.35
CA ARG B 39 14.37 15.73 -0.82
C ARG B 39 13.56 16.59 -1.77
N THR B 40 12.69 15.95 -2.54
CA THR B 40 11.86 16.66 -3.50
C THR B 40 11.27 17.94 -2.86
N PRO B 41 10.92 18.91 -3.67
CA PRO B 41 10.32 20.18 -3.18
C PRO B 41 8.90 19.95 -2.65
N GLY B 42 8.34 18.78 -2.96
CA GLY B 42 7.00 18.45 -2.51
C GLY B 42 6.56 17.07 -2.98
N THR B 43 7.13 16.04 -2.35
CA THR B 43 6.79 14.68 -2.72
C THR B 43 7.33 13.70 -1.67
N TYR B 44 6.75 13.75 -0.47
CA TYR B 44 7.17 12.87 0.61
C TYR B 44 6.93 11.42 0.25
N THR B 45 7.04 10.52 1.22
CA THR B 45 6.84 9.09 0.95
C THR B 45 6.02 8.49 2.06
N VAL B 46 5.12 7.59 1.70
CA VAL B 46 4.25 6.94 2.71
C VAL B 46 4.76 5.54 3.04
N SER B 47 5.46 5.42 4.17
CA SER B 47 5.99 4.13 4.60
C SER B 47 4.89 3.30 5.23
N VAL B 48 4.42 2.29 4.50
CA VAL B 48 3.35 1.42 5.00
C VAL B 48 3.90 0.06 5.41
N PHE B 49 3.80 -0.25 6.70
CA PHE B 49 4.28 -1.53 7.22
C PHE B 49 3.10 -2.42 7.60
N THR B 50 3.04 -3.61 7.01
CA THR B 50 1.97 -4.55 7.31
C THR B 50 2.51 -5.98 7.34
N LYS B 51 2.50 -6.58 8.52
CA LYS B 51 3.00 -7.95 8.67
C LYS B 51 2.29 -8.86 7.67
N ALA B 52 2.85 -8.95 6.46
CA ALA B 52 2.27 -9.79 5.43
C ALA B 52 3.37 -10.41 4.56
N ILE B 53 2.99 -10.87 3.38
CA ILE B 53 3.95 -11.47 2.47
C ILE B 53 4.57 -12.71 3.09
N ILE B 54 4.90 -13.69 2.25
CA ILE B 54 5.51 -14.93 2.73
C ILE B 54 7.01 -14.95 2.41
N SER B 55 7.36 -14.45 1.24
CA SER B 55 8.76 -14.42 0.82
C SER B 55 9.60 -13.60 1.78
N GLU B 56 9.06 -12.46 2.20
CA GLU B 56 9.76 -11.58 3.11
C GLU B 56 8.78 -10.97 4.10
N ASN B 57 8.87 -11.43 5.35
CA ASN B 57 7.99 -10.91 6.40
C ASN B 57 8.79 -10.63 7.69
N PRO B 58 8.59 -9.48 8.33
CA PRO B 58 7.67 -8.41 7.87
C PRO B 58 8.17 -7.75 6.59
N CYS B 59 7.42 -6.79 6.06
CA CYS B 59 7.81 -6.10 4.84
C CYS B 59 7.32 -4.67 4.89
N ILE B 60 8.05 -3.78 4.24
CA ILE B 60 7.71 -2.36 4.24
C ILE B 60 7.36 -1.90 2.83
N LYS B 61 6.19 -1.27 2.71
CA LYS B 61 5.73 -0.77 1.42
C LYS B 61 6.01 0.71 1.30
N HIS B 62 6.86 1.05 0.34
CA HIS B 62 7.22 2.44 0.11
C HIS B 62 6.34 3.04 -0.98
N TYR B 63 5.17 3.55 -0.58
CA TYR B 63 4.26 4.17 -1.54
C TYR B 63 4.61 5.64 -1.73
N HIS B 64 5.47 5.90 -2.71
CA HIS B 64 5.90 7.26 -2.99
C HIS B 64 4.76 8.03 -3.65
N ILE B 65 4.15 8.94 -2.89
CA ILE B 65 3.04 9.74 -3.42
C ILE B 65 3.36 10.21 -4.83
N LYS B 66 2.52 9.81 -5.78
CA LYS B 66 2.71 10.19 -7.17
C LYS B 66 2.53 11.69 -7.31
N GLU B 67 3.63 12.38 -7.61
CA GLU B 67 3.59 13.83 -7.77
C GLU B 67 3.08 14.18 -9.16
N THR B 68 1.97 14.92 -9.21
CA THR B 68 1.38 15.33 -10.48
C THR B 68 1.39 16.85 -10.57
N ASN B 69 2.51 17.40 -11.02
CA ASN B 69 2.63 18.86 -11.12
C ASN B 69 1.51 19.46 -11.95
N ASP B 70 0.29 19.49 -11.40
CA ASP B 70 -0.84 20.06 -12.13
C ASP B 70 -1.67 20.90 -11.17
N SER B 71 -2.83 21.36 -11.64
CA SER B 71 -3.70 22.18 -10.81
C SER B 71 -5.18 21.85 -11.09
N PRO B 72 -5.87 21.12 -10.21
CA PRO B 72 -5.28 20.60 -8.94
C PRO B 72 -4.27 19.49 -9.21
N LYS B 73 -4.77 18.26 -9.39
CA LYS B 73 -3.90 17.11 -9.67
C LYS B 73 -2.50 17.31 -9.12
N ARG B 74 -2.23 16.70 -7.97
CA ARG B 74 -0.92 16.80 -7.33
C ARG B 74 -0.45 15.44 -6.78
N TYR B 75 -0.91 15.10 -5.58
CA TYR B 75 -0.50 13.85 -4.94
C TYR B 75 -1.66 12.86 -4.92
N TYR B 76 -1.34 11.58 -5.08
CA TYR B 76 -2.35 10.55 -5.08
C TYR B 76 -1.67 9.17 -5.13
N VAL B 77 -2.35 8.14 -4.66
CA VAL B 77 -1.80 6.78 -4.71
C VAL B 77 -2.93 5.77 -4.78
N ALA B 78 -3.51 5.61 -5.97
CA ALA B 78 -4.61 4.66 -6.15
C ALA B 78 -5.24 4.84 -7.52
N GLU B 79 -4.79 5.87 -8.25
CA GLU B 79 -5.35 6.13 -9.58
C GLU B 79 -6.85 6.37 -9.49
N LYS B 80 -7.39 6.26 -8.28
CA LYS B 80 -8.82 6.47 -8.08
C LYS B 80 -9.12 7.97 -7.97
N TYR B 81 -8.64 8.58 -6.89
CA TYR B 81 -8.85 10.01 -6.65
C TYR B 81 -7.52 10.69 -6.38
N VAL B 82 -7.48 12.00 -6.60
CA VAL B 82 -6.26 12.77 -6.39
C VAL B 82 -6.50 13.85 -5.34
N PHE B 83 -5.51 14.06 -4.48
CA PHE B 83 -5.61 15.05 -3.41
C PHE B 83 -4.58 16.15 -3.62
N ASP B 84 -4.94 17.36 -3.19
CA ASP B 84 -4.04 18.51 -3.32
C ASP B 84 -3.17 18.65 -2.09
N SER B 85 -3.20 17.64 -1.21
CA SER B 85 -2.41 17.68 0.01
C SER B 85 -2.17 16.26 0.51
N ILE B 86 -1.19 16.09 1.40
CA ILE B 86 -0.87 14.78 1.96
C ILE B 86 -1.80 14.44 3.12
N PRO B 87 -2.11 15.41 3.96
CA PRO B 87 -3.00 15.19 5.13
C PRO B 87 -4.32 14.54 4.71
N LEU B 88 -4.75 14.80 3.48
CA LEU B 88 -6.00 14.24 2.98
C LEU B 88 -5.82 12.77 2.62
N LEU B 89 -4.81 12.49 1.83
CA LEU B 89 -4.55 11.12 1.41
C LEU B 89 -4.29 10.24 2.63
N ILE B 90 -3.71 10.83 3.65
CA ILE B 90 -3.42 10.09 4.86
C ILE B 90 -4.67 9.84 5.66
N GLN B 91 -5.62 10.78 5.61
CA GLN B 91 -6.86 10.65 6.36
C GLN B 91 -7.92 9.91 5.57
N TYR B 92 -8.05 10.24 4.30
CA TYR B 92 -9.05 9.60 3.48
C TYR B 92 -8.91 8.08 3.55
N HIS B 93 -7.71 7.62 3.87
CA HIS B 93 -7.46 6.18 3.94
C HIS B 93 -7.59 5.67 5.37
N GLN B 94 -7.61 6.59 6.33
CA GLN B 94 -7.71 6.18 7.73
C GLN B 94 -8.88 5.24 7.92
N TYR B 95 -9.98 5.55 7.25
CA TYR B 95 -11.18 4.74 7.38
C TYR B 95 -11.72 4.38 6.00
N ASN B 96 -13.00 4.69 5.80
CA ASN B 96 -13.70 4.42 4.54
C ASN B 96 -13.01 3.31 3.76
N GLY B 97 -12.53 3.64 2.56
CA GLY B 97 -11.82 2.66 1.75
C GLY B 97 -11.19 3.33 0.54
N GLY B 98 -10.04 2.80 0.14
CA GLY B 98 -9.33 3.35 -1.01
C GLY B 98 -8.37 2.34 -1.60
N GLY B 99 -7.46 2.82 -2.43
CA GLY B 99 -6.50 1.93 -3.08
C GLY B 99 -5.25 1.77 -2.23
N LEU B 100 -5.34 0.96 -1.19
CA LEU B 100 -4.17 0.71 -0.33
C LEU B 100 -4.16 -0.76 0.11
N VAL B 101 -3.01 -1.40 -0.06
CA VAL B 101 -2.90 -2.80 0.32
C VAL B 101 -3.51 -3.05 1.70
N THR B 102 -3.33 -2.10 2.60
CA THR B 102 -3.87 -2.23 3.94
C THR B 102 -4.36 -0.88 4.44
N ARG B 103 -5.57 -0.50 4.00
CA ARG B 103 -6.18 0.77 4.38
C ARG B 103 -5.59 1.28 5.70
N LEU B 104 -4.98 2.46 5.65
CA LEU B 104 -4.36 3.03 6.83
C LEU B 104 -5.33 3.01 8.01
N ARG B 105 -4.84 2.54 9.15
CA ARG B 105 -5.67 2.45 10.34
C ARG B 105 -4.80 2.36 11.58
N TYR B 106 -3.51 2.68 11.45
CA TYR B 106 -2.62 2.63 12.58
C TYR B 106 -1.36 3.47 12.32
N PRO B 107 -1.33 4.71 12.77
CA PRO B 107 -0.15 5.61 12.56
C PRO B 107 0.97 5.30 13.54
N VAL B 108 2.19 5.73 13.21
CA VAL B 108 3.34 5.50 14.08
C VAL B 108 4.07 6.82 14.33
N CYS B 109 4.83 6.86 15.44
CA CYS B 109 5.57 8.06 15.80
C CYS B 109 6.91 7.69 16.42
N GLY B 110 7.80 8.66 16.51
CA GLY B 110 9.12 8.43 17.08
C GLY B 110 9.02 8.25 18.60
N GLY A 1 6.71 -21.80 -15.67
CA GLY A 1 5.71 -21.67 -14.57
C GLY A 1 5.41 -20.19 -14.31
N SER A 2 6.00 -19.32 -15.12
CA SER A 2 5.80 -17.89 -14.97
C SER A 2 6.33 -17.14 -16.19
N PRO A 3 5.89 -17.53 -17.37
CA PRO A 3 6.33 -16.90 -18.64
C PRO A 3 5.89 -15.43 -18.73
N GLU A 4 4.60 -15.20 -18.50
CA GLU A 4 4.04 -13.85 -18.58
C GLU A 4 3.07 -13.61 -17.43
N GLU A 5 2.41 -14.68 -16.99
CA GLU A 5 1.42 -14.60 -15.90
C GLU A 5 1.74 -15.63 -14.82
N THR A 6 1.22 -15.38 -13.63
CA THR A 6 1.43 -16.25 -12.48
C THR A 6 0.28 -16.13 -11.51
N LEU A 7 0.39 -16.86 -10.40
CA LEU A 7 -0.65 -16.88 -9.37
C LEU A 7 -0.14 -16.24 -8.10
N VAL A 8 -1.01 -15.45 -7.46
CA VAL A 8 -0.64 -14.78 -6.22
C VAL A 8 -1.66 -15.10 -5.13
N ILE A 9 -1.33 -16.07 -4.28
CA ILE A 9 -2.25 -16.49 -3.24
C ILE A 9 -2.19 -15.54 -2.05
N ALA A 10 -3.36 -15.30 -1.45
CA ALA A 10 -3.43 -14.42 -0.29
C ALA A 10 -3.10 -15.19 0.99
N LEU A 11 -2.30 -14.60 1.89
CA LEU A 11 -1.93 -15.30 3.12
C LEU A 11 -3.11 -15.30 4.10
N TYR A 12 -3.63 -14.11 4.40
CA TYR A 12 -4.77 -14.00 5.31
C TYR A 12 -6.08 -14.04 4.53
N ASP A 13 -7.19 -13.93 5.25
CA ASP A 13 -8.51 -13.94 4.61
C ASP A 13 -8.95 -12.52 4.28
N TYR A 14 -8.33 -11.94 3.26
CA TYR A 14 -8.67 -10.58 2.85
C TYR A 14 -10.10 -10.53 2.34
N GLN A 15 -10.77 -9.39 2.59
CA GLN A 15 -12.15 -9.19 2.15
C GLN A 15 -12.24 -7.94 1.30
N THR A 16 -13.25 -7.90 0.46
CA THR A 16 -13.46 -6.76 -0.43
C THR A 16 -13.95 -5.55 0.36
N ASN A 17 -13.15 -4.49 0.36
CA ASN A 17 -13.51 -3.26 1.06
C ASN A 17 -14.01 -2.24 0.06
N ASP A 18 -14.13 -2.66 -1.19
CA ASP A 18 -14.62 -1.77 -2.24
C ASP A 18 -14.92 -2.52 -3.53
N PRO A 19 -15.76 -1.97 -4.38
CA PRO A 19 -16.13 -2.61 -5.66
C PRO A 19 -14.92 -2.87 -6.55
N GLN A 20 -13.93 -2.00 -6.46
CA GLN A 20 -12.72 -2.14 -7.26
C GLN A 20 -11.92 -3.35 -6.79
N GLU A 21 -11.84 -3.53 -5.48
CA GLU A 21 -11.11 -4.65 -4.92
C GLU A 21 -11.81 -5.95 -5.24
N LEU A 22 -11.04 -7.05 -5.25
CA LEU A 22 -11.61 -8.36 -5.56
C LEU A 22 -11.64 -9.25 -4.32
N ALA A 23 -12.79 -9.88 -4.08
CA ALA A 23 -12.94 -10.76 -2.93
C ALA A 23 -11.98 -11.93 -3.04
N LEU A 24 -11.38 -12.28 -1.90
CA LEU A 24 -10.41 -13.37 -1.84
C LEU A 24 -10.87 -14.41 -0.83
N ARG A 25 -10.28 -15.60 -0.91
CA ARG A 25 -10.62 -16.68 -0.01
C ARG A 25 -9.37 -17.49 0.33
N CYS A 26 -8.91 -17.38 1.58
CA CYS A 26 -7.73 -18.14 2.03
C CYS A 26 -7.46 -19.35 1.14
N ASP A 27 -6.20 -19.52 0.77
CA ASP A 27 -5.81 -20.63 -0.09
C ASP A 27 -6.23 -20.33 -1.54
N GLU A 28 -7.08 -19.32 -1.74
CA GLU A 28 -7.54 -18.97 -3.07
C GLU A 28 -6.36 -18.83 -4.00
N GLU A 29 -6.63 -18.43 -5.25
CA GLU A 29 -5.57 -18.23 -6.23
C GLU A 29 -6.17 -17.72 -7.55
N TYR A 30 -5.38 -16.98 -8.31
CA TYR A 30 -5.85 -16.46 -9.59
C TYR A 30 -4.67 -16.25 -10.51
N TYR A 31 -4.84 -15.37 -11.51
CA TYR A 31 -3.76 -15.08 -12.47
C TYR A 31 -3.15 -13.71 -12.15
N LEU A 32 -2.21 -13.25 -12.97
CA LEU A 32 -1.59 -11.95 -12.73
C LEU A 32 -1.68 -11.12 -14.02
N LEU A 33 -2.23 -9.92 -13.91
CA LEU A 33 -2.38 -9.04 -15.06
C LEU A 33 -1.53 -7.79 -14.89
N ASP A 34 -1.15 -7.48 -13.64
CA ASP A 34 -0.32 -6.30 -13.40
C ASP A 34 0.66 -6.57 -12.26
N SER A 35 1.87 -7.00 -12.59
CA SER A 35 2.88 -7.29 -11.58
C SER A 35 3.67 -6.04 -11.25
N SER A 36 3.56 -5.06 -12.12
CA SER A 36 4.27 -3.79 -11.93
C SER A 36 3.60 -2.97 -10.83
N GLU A 37 2.28 -3.11 -10.72
CA GLU A 37 1.52 -2.37 -9.73
C GLU A 37 2.22 -2.47 -8.37
N ILE A 38 2.26 -1.35 -7.66
CA ILE A 38 2.91 -1.31 -6.35
C ILE A 38 1.88 -1.41 -5.23
N HIS A 39 0.79 -0.66 -5.35
CA HIS A 39 -0.25 -0.67 -4.32
C HIS A 39 -1.15 -1.88 -4.45
N TRP A 40 -1.99 -1.87 -5.48
CA TRP A 40 -2.94 -2.96 -5.71
C TRP A 40 -2.62 -3.75 -6.98
N TRP A 41 -2.49 -5.07 -6.84
CA TRP A 41 -2.22 -5.95 -7.97
C TRP A 41 -3.49 -6.16 -8.79
N ARG A 42 -3.49 -7.17 -9.65
CA ARG A 42 -4.67 -7.49 -10.43
C ARG A 42 -4.82 -9.01 -10.52
N VAL A 43 -6.07 -9.45 -10.64
CA VAL A 43 -6.36 -10.87 -10.72
C VAL A 43 -7.65 -11.11 -11.51
N GLN A 44 -7.71 -12.26 -12.20
CA GLN A 44 -8.88 -12.63 -12.97
C GLN A 44 -9.31 -14.06 -12.63
N ASP A 45 -10.29 -14.20 -11.77
CA ASP A 45 -10.76 -15.51 -11.39
C ASP A 45 -11.41 -16.20 -12.59
N LYS A 46 -11.12 -17.49 -12.69
CA LYS A 46 -11.64 -18.32 -13.79
C LYS A 46 -13.14 -18.10 -13.91
N ASN A 47 -13.77 -17.84 -12.78
CA ASN A 47 -15.21 -17.62 -12.75
C ASN A 47 -15.56 -16.32 -13.46
N GLY A 48 -14.59 -15.42 -13.54
CA GLY A 48 -14.77 -14.13 -14.22
C GLY A 48 -14.84 -12.99 -13.22
N HIS A 49 -14.10 -13.10 -12.11
CA HIS A 49 -14.09 -12.06 -11.09
C HIS A 49 -12.84 -11.20 -11.27
N GLU A 50 -12.97 -10.16 -12.07
CA GLU A 50 -11.86 -9.27 -12.33
C GLU A 50 -11.85 -8.08 -11.36
N GLY A 51 -10.78 -7.97 -10.61
CA GLY A 51 -10.66 -6.87 -9.66
C GLY A 51 -9.25 -6.81 -9.09
N TYR A 52 -8.96 -5.72 -8.40
CA TYR A 52 -7.64 -5.54 -7.81
C TYR A 52 -7.52 -6.30 -6.50
N ALA A 53 -6.28 -6.58 -6.09
CA ALA A 53 -6.06 -7.31 -4.83
C ALA A 53 -4.84 -6.76 -4.09
N PRO A 54 -4.74 -7.02 -2.82
CA PRO A 54 -3.61 -6.51 -1.98
C PRO A 54 -2.24 -6.91 -2.54
N SER A 55 -1.23 -6.11 -2.24
CA SER A 55 0.12 -6.37 -2.72
C SER A 55 0.98 -6.95 -1.59
N SER A 56 0.41 -7.00 -0.39
CA SER A 56 1.14 -7.55 0.77
C SER A 56 0.62 -8.94 1.12
N TYR A 57 -0.67 -9.04 1.33
CA TYR A 57 -1.27 -10.30 1.68
C TYR A 57 -1.12 -11.29 0.57
N LEU A 58 -0.68 -10.83 -0.59
CA LEU A 58 -0.52 -11.71 -1.74
C LEU A 58 0.94 -11.98 -2.05
N VAL A 59 1.21 -13.03 -2.83
CA VAL A 59 2.60 -13.30 -3.21
C VAL A 59 2.64 -14.31 -4.33
N GLU A 60 3.40 -13.99 -5.37
CA GLU A 60 3.50 -14.88 -6.51
C GLU A 60 3.92 -16.27 -6.06
N LYS A 61 3.12 -17.26 -6.45
CA LYS A 61 3.39 -18.64 -6.07
C LYS A 61 4.79 -19.05 -6.55
N SER A 62 5.12 -18.65 -7.78
CA SER A 62 6.42 -18.97 -8.35
C SER A 62 6.61 -20.49 -8.47
N PRO A 63 5.84 -21.12 -9.31
CA PRO A 63 5.91 -22.60 -9.51
C PRO A 63 7.07 -22.99 -10.43
N ASN B 3 5.14 23.19 3.55
CA ASN B 3 4.08 22.79 4.51
C ASN B 3 4.72 22.27 5.79
N ASN B 4 4.23 22.76 6.93
CA ASN B 4 4.77 22.33 8.22
C ASN B 4 4.16 21.00 8.64
N LEU B 5 4.73 19.92 8.14
CA LEU B 5 4.24 18.59 8.47
C LEU B 5 4.77 18.14 9.82
N GLU B 6 5.75 18.86 10.33
CA GLU B 6 6.33 18.51 11.62
C GLU B 6 5.24 18.40 12.68
N THR B 7 4.06 18.91 12.36
CA THR B 7 2.94 18.87 13.29
C THR B 7 2.39 17.45 13.41
N TYR B 8 2.43 16.72 12.31
CA TYR B 8 1.92 15.35 12.29
C TYR B 8 2.99 14.38 12.78
N GLU B 9 2.66 13.09 12.75
CA GLU B 9 3.58 12.04 13.20
C GLU B 9 4.21 11.31 12.01
N TRP B 10 3.37 10.78 11.16
CA TRP B 10 3.84 10.03 10.00
C TRP B 10 4.97 10.78 9.30
N TYR B 11 4.95 12.10 9.40
CA TYR B 11 5.98 12.89 8.75
C TYR B 11 7.28 12.85 9.54
N ASN B 12 8.34 12.42 8.86
CA ASN B 12 9.65 12.34 9.50
C ASN B 12 10.76 12.50 8.47
N LYS B 13 11.41 13.67 8.48
CA LYS B 13 12.49 13.95 7.54
C LYS B 13 13.85 13.62 8.17
N SER B 14 13.96 13.88 9.47
CA SER B 14 15.20 13.62 10.18
C SER B 14 15.57 12.15 10.10
N ILE B 15 14.55 11.30 9.93
CA ILE B 15 14.78 9.86 9.86
C ILE B 15 15.09 9.44 8.41
N SER B 16 16.04 8.53 8.26
CA SER B 16 16.42 8.05 6.93
C SER B 16 15.53 6.88 6.52
N ARG B 17 15.62 6.49 5.25
CA ARG B 17 14.82 5.39 4.73
C ARG B 17 15.19 4.10 5.44
N ASP B 18 16.49 3.91 5.64
CA ASP B 18 16.98 2.71 6.30
C ASP B 18 16.44 2.61 7.73
N LYS B 19 16.40 3.74 8.42
CA LYS B 19 15.89 3.75 9.79
C LYS B 19 14.37 3.68 9.79
N ALA B 20 13.77 4.04 8.67
CA ALA B 20 12.31 4.02 8.55
C ALA B 20 11.79 2.59 8.41
N GLU B 21 12.70 1.66 8.14
CA GLU B 21 12.34 0.26 7.99
C GLU B 21 12.41 -0.47 9.33
N LYS B 22 13.39 -0.12 10.15
CA LYS B 22 13.55 -0.75 11.45
C LYS B 22 12.63 -0.13 12.48
N LEU B 23 12.43 1.17 12.36
CA LEU B 23 11.57 1.89 13.30
C LEU B 23 10.17 1.30 13.30
N LEU B 24 9.64 1.10 12.11
CA LEU B 24 8.30 0.53 11.97
C LEU B 24 8.26 -0.88 12.52
N LEU B 25 9.34 -1.61 12.28
CA LEU B 25 9.42 -2.98 12.75
C LEU B 25 9.26 -3.06 14.26
N ASP B 26 9.75 -2.04 14.95
CA ASP B 26 9.66 -2.00 16.40
C ASP B 26 8.19 -2.00 16.84
N THR B 27 7.36 -1.32 16.07
CA THR B 27 5.95 -1.24 16.40
C THR B 27 5.35 -2.64 16.46
N GLY B 28 5.61 -3.45 15.44
CA GLY B 28 5.11 -4.81 15.41
C GLY B 28 3.57 -4.84 15.46
N LYS B 29 2.93 -4.00 14.67
CA LYS B 29 1.47 -3.93 14.63
C LYS B 29 0.98 -3.83 13.20
N GLU B 30 -0.15 -4.46 12.92
CA GLU B 30 -0.72 -4.43 11.58
C GLU B 30 -1.39 -3.08 11.34
N GLY B 31 -0.99 -2.42 10.26
CA GLY B 31 -1.55 -1.11 9.90
C GLY B 31 -0.52 0.00 10.12
N ALA B 32 0.49 -0.31 10.92
CA ALA B 32 1.56 0.67 11.19
C ALA B 32 1.92 1.41 9.92
N PHE B 33 1.47 2.66 9.82
CA PHE B 33 1.74 3.48 8.64
C PHE B 33 2.48 4.76 9.00
N MET B 34 3.47 5.10 8.19
CA MET B 34 4.26 6.32 8.44
C MET B 34 4.63 6.96 7.11
N VAL B 35 5.20 8.16 7.19
CA VAL B 35 5.64 8.89 6.01
C VAL B 35 7.09 9.32 6.17
N ARG B 36 7.75 9.54 5.04
CA ARG B 36 9.14 9.95 5.04
C ARG B 36 9.36 11.07 4.01
N ASP B 37 9.72 12.25 4.49
CA ASP B 37 9.96 13.38 3.60
C ASP B 37 10.92 13.00 2.50
N SER B 38 10.83 13.70 1.38
CA SER B 38 11.70 13.43 0.23
C SER B 38 12.30 14.73 -0.30
N ARG B 39 13.36 14.60 -1.09
CA ARG B 39 14.03 15.76 -1.65
C ARG B 39 13.07 16.55 -2.53
N THR B 40 12.23 15.82 -3.26
CA THR B 40 11.28 16.46 -4.15
C THR B 40 10.63 17.68 -3.47
N PRO B 41 10.44 18.77 -4.18
CA PRO B 41 9.77 19.98 -3.62
C PRO B 41 8.50 19.63 -2.85
N GLY B 42 7.83 18.56 -3.28
CA GLY B 42 6.60 18.14 -2.62
C GLY B 42 6.17 16.75 -3.08
N THR B 43 6.85 15.73 -2.58
CA THR B 43 6.52 14.35 -2.94
C THR B 43 7.12 13.37 -1.94
N TYR B 44 6.62 13.43 -0.70
CA TYR B 44 7.11 12.55 0.35
C TYR B 44 6.82 11.11 0.00
N THR B 45 6.90 10.21 0.99
CA THR B 45 6.65 8.80 0.74
C THR B 45 5.92 8.21 1.93
N VAL B 46 5.06 7.23 1.66
CA VAL B 46 4.29 6.58 2.74
C VAL B 46 4.89 5.22 3.08
N SER B 47 5.63 5.15 4.19
CA SER B 47 6.24 3.89 4.62
C SER B 47 5.21 3.07 5.39
N VAL B 48 4.49 2.21 4.67
CA VAL B 48 3.46 1.36 5.28
C VAL B 48 4.02 0.02 5.71
N PHE B 49 3.95 -0.26 7.01
CA PHE B 49 4.43 -1.53 7.54
C PHE B 49 3.27 -2.39 8.02
N THR B 50 3.25 -3.63 7.55
CA THR B 50 2.20 -4.56 7.94
C THR B 50 2.71 -6.00 7.89
N LYS B 51 2.51 -6.73 8.98
CA LYS B 51 2.95 -8.11 9.05
C LYS B 51 2.28 -8.93 7.96
N ALA B 52 2.87 -8.92 6.76
CA ALA B 52 2.31 -9.66 5.63
C ALA B 52 3.44 -10.24 4.78
N ILE B 53 3.08 -10.66 3.57
CA ILE B 53 4.06 -11.25 2.66
C ILE B 53 4.67 -12.49 3.27
N ILE B 54 4.82 -13.53 2.46
CA ILE B 54 5.40 -14.79 2.95
C ILE B 54 6.90 -14.82 2.70
N SER B 55 7.31 -14.33 1.53
CA SER B 55 8.71 -14.32 1.16
C SER B 55 9.55 -13.55 2.18
N GLU B 56 9.00 -12.46 2.69
CA GLU B 56 9.69 -11.64 3.66
C GLU B 56 8.71 -11.08 4.65
N ASN B 57 8.79 -11.54 5.90
CA ASN B 57 7.89 -11.06 6.94
C ASN B 57 8.67 -10.80 8.25
N PRO B 58 8.53 -9.63 8.87
CA PRO B 58 7.66 -8.52 8.38
C PRO B 58 8.27 -7.88 7.13
N CYS B 59 7.55 -6.93 6.55
CA CYS B 59 8.02 -6.25 5.34
C CYS B 59 7.55 -4.81 5.37
N ILE B 60 8.34 -3.94 4.77
CA ILE B 60 8.02 -2.51 4.75
C ILE B 60 7.55 -2.10 3.36
N LYS B 61 6.33 -1.59 3.28
CA LYS B 61 5.75 -1.15 2.02
C LYS B 61 5.85 0.36 1.90
N HIS B 62 6.51 0.82 0.84
CA HIS B 62 6.69 2.25 0.62
C HIS B 62 5.93 2.70 -0.62
N TYR B 63 4.86 3.47 -0.42
CA TYR B 63 4.06 3.98 -1.53
C TYR B 63 4.38 5.44 -1.76
N HIS B 64 5.23 5.68 -2.74
CA HIS B 64 5.65 7.05 -3.06
C HIS B 64 4.48 7.82 -3.68
N ILE B 65 4.20 9.00 -3.14
CA ILE B 65 3.12 9.83 -3.64
C ILE B 65 3.27 10.04 -5.14
N LYS B 66 2.17 9.87 -5.87
CA LYS B 66 2.19 10.03 -7.32
C LYS B 66 1.87 11.47 -7.68
N GLU B 67 2.90 12.30 -7.72
CA GLU B 67 2.73 13.70 -8.05
C GLU B 67 2.21 13.83 -9.49
N THR B 68 1.12 14.57 -9.65
CA THR B 68 0.51 14.75 -10.98
C THR B 68 0.36 16.24 -11.27
N ASN B 69 1.37 17.02 -10.91
CA ASN B 69 1.36 18.47 -11.12
C ASN B 69 -0.06 19.02 -11.20
N ASP B 70 -0.63 19.38 -10.06
CA ASP B 70 -1.97 19.91 -10.01
C ASP B 70 -2.28 20.77 -11.22
N SER B 71 -3.05 20.15 -12.09
CA SER B 71 -3.53 20.80 -13.30
C SER B 71 -4.94 20.28 -13.70
N PRO B 72 -5.78 19.89 -12.75
CA PRO B 72 -5.48 19.85 -11.31
C PRO B 72 -4.86 18.51 -10.95
N LYS B 73 -5.08 18.06 -9.74
CA LYS B 73 -4.56 16.78 -9.27
C LYS B 73 -3.08 16.81 -8.94
N ARG B 74 -2.75 16.72 -7.64
CA ARG B 74 -1.37 16.74 -7.19
C ARG B 74 -0.99 15.43 -6.51
N TYR B 75 -1.54 15.21 -5.32
CA TYR B 75 -1.21 14.02 -4.54
C TYR B 75 -2.36 13.02 -4.57
N TYR B 76 -2.00 11.76 -4.77
CA TYR B 76 -3.00 10.69 -4.79
C TYR B 76 -2.29 9.34 -4.92
N VAL B 77 -2.68 8.36 -4.14
CA VAL B 77 -2.08 7.03 -4.23
C VAL B 77 -3.16 5.95 -4.15
N ALA B 78 -3.83 5.69 -5.26
CA ALA B 78 -4.90 4.70 -5.29
C ALA B 78 -5.72 4.83 -6.56
N GLU B 79 -5.42 5.84 -7.37
CA GLU B 79 -6.15 6.06 -8.61
C GLU B 79 -7.64 6.22 -8.33
N LYS B 80 -8.01 6.14 -7.06
CA LYS B 80 -9.40 6.30 -6.68
C LYS B 80 -9.75 7.77 -6.53
N TYR B 81 -9.22 8.38 -5.46
CA TYR B 81 -9.47 9.81 -5.19
C TYR B 81 -8.15 10.57 -5.20
N VAL B 82 -8.24 11.88 -5.42
CA VAL B 82 -7.06 12.73 -5.46
C VAL B 82 -7.16 13.83 -4.43
N PHE B 83 -6.04 14.12 -3.77
CA PHE B 83 -5.99 15.16 -2.74
C PHE B 83 -5.01 16.25 -3.14
N ASP B 84 -4.71 17.14 -2.22
CA ASP B 84 -3.79 18.24 -2.49
C ASP B 84 -3.02 18.60 -1.24
N SER B 85 -3.09 17.71 -0.25
CA SER B 85 -2.37 17.95 0.99
C SER B 85 -2.16 16.67 1.76
N ILE B 86 -1.25 15.83 1.25
CA ILE B 86 -0.85 14.55 1.88
C ILE B 86 -1.61 14.35 3.19
N PRO B 87 -1.43 15.26 4.15
CA PRO B 87 -2.17 15.23 5.43
C PRO B 87 -3.60 14.70 5.24
N LEU B 88 -4.13 14.81 4.01
CA LEU B 88 -5.47 14.31 3.72
C LEU B 88 -5.42 12.83 3.43
N LEU B 89 -4.53 12.47 2.52
CA LEU B 89 -4.37 11.08 2.15
C LEU B 89 -4.25 10.23 3.41
N ILE B 90 -3.91 10.85 4.52
CA ILE B 90 -3.77 10.13 5.77
C ILE B 90 -5.05 10.19 6.58
N GLN B 91 -5.99 11.03 6.15
CA GLN B 91 -7.26 11.16 6.85
C GLN B 91 -8.33 10.24 6.28
N TYR B 92 -8.54 10.31 4.98
CA TYR B 92 -9.57 9.48 4.36
C TYR B 92 -9.20 7.99 4.42
N HIS B 93 -7.91 7.73 4.52
CA HIS B 93 -7.42 6.35 4.56
C HIS B 93 -7.49 5.77 5.97
N GLN B 94 -7.45 6.64 6.97
CA GLN B 94 -7.51 6.17 8.34
C GLN B 94 -8.63 5.16 8.52
N TYR B 95 -9.75 5.41 7.86
CA TYR B 95 -10.89 4.53 7.96
C TYR B 95 -11.48 4.27 6.59
N ASN B 96 -12.66 4.84 6.35
CA ASN B 96 -13.36 4.70 5.07
C ASN B 96 -12.93 3.42 4.34
N GLY B 97 -12.65 3.53 3.06
CA GLY B 97 -12.20 2.40 2.28
C GLY B 97 -11.50 2.88 1.03
N GLY B 98 -10.19 3.13 1.15
CA GLY B 98 -9.39 3.62 0.03
C GLY B 98 -8.57 2.50 -0.57
N GLY B 99 -7.59 2.89 -1.37
CA GLY B 99 -6.72 1.92 -2.02
C GLY B 99 -5.44 1.71 -1.25
N LEU B 100 -5.49 0.82 -0.26
CA LEU B 100 -4.30 0.50 0.51
C LEU B 100 -4.33 -0.96 0.95
N VAL B 101 -3.23 -1.65 0.76
CA VAL B 101 -3.14 -3.05 1.13
C VAL B 101 -3.68 -3.28 2.55
N THR B 102 -3.48 -2.29 3.40
CA THR B 102 -3.95 -2.38 4.77
C THR B 102 -4.42 -1.02 5.23
N ARG B 103 -5.63 -0.63 4.78
CA ARG B 103 -6.22 0.67 5.14
C ARG B 103 -5.62 1.20 6.44
N LEU B 104 -5.02 2.38 6.36
CA LEU B 104 -4.38 2.98 7.51
C LEU B 104 -5.26 2.86 8.74
N ARG B 105 -4.68 2.41 9.85
CA ARG B 105 -5.43 2.26 11.09
C ARG B 105 -4.48 2.21 12.27
N TYR B 106 -3.27 2.73 12.09
CA TYR B 106 -2.32 2.75 13.18
C TYR B 106 -1.14 3.67 12.84
N PRO B 107 -1.16 4.91 13.27
CA PRO B 107 -0.07 5.87 12.99
C PRO B 107 1.14 5.65 13.90
N VAL B 108 2.32 6.03 13.43
CA VAL B 108 3.54 5.87 14.21
C VAL B 108 4.35 7.15 14.17
N CYS B 109 5.18 7.37 15.19
CA CYS B 109 6.02 8.57 15.27
C CYS B 109 7.49 8.18 15.14
N GLY B 110 8.33 9.19 14.90
CA GLY B 110 9.76 8.96 14.74
C GLY B 110 10.55 10.24 14.98
N GLY A 1 9.95 -20.73 -14.66
CA GLY A 1 8.65 -20.40 -15.31
C GLY A 1 8.54 -18.90 -15.49
N SER A 2 7.38 -18.35 -15.17
CA SER A 2 7.15 -16.91 -15.31
C SER A 2 7.45 -16.46 -16.74
N PRO A 3 6.80 -17.05 -17.70
CA PRO A 3 7.00 -16.70 -19.13
C PRO A 3 6.43 -15.33 -19.48
N GLU A 4 5.13 -15.15 -19.26
CA GLU A 4 4.47 -13.88 -19.56
C GLU A 4 3.51 -13.51 -18.44
N GLU A 5 2.90 -14.51 -17.84
CA GLU A 5 1.94 -14.28 -16.75
C GLU A 5 2.26 -15.16 -15.56
N THR A 6 1.70 -14.79 -14.40
CA THR A 6 1.93 -15.56 -13.18
C THR A 6 0.65 -15.74 -12.39
N LEU A 7 0.67 -16.61 -11.41
CA LEU A 7 -0.49 -16.83 -10.56
C LEU A 7 -0.23 -16.32 -9.16
N VAL A 8 -1.29 -15.89 -8.49
CA VAL A 8 -1.16 -15.34 -7.11
C VAL A 8 -2.15 -15.99 -6.18
N ILE A 9 -1.87 -15.89 -4.89
CA ILE A 9 -2.75 -16.48 -3.87
C ILE A 9 -2.73 -15.65 -2.61
N ALA A 10 -3.82 -15.71 -1.83
CA ALA A 10 -3.90 -14.96 -0.58
C ALA A 10 -3.32 -15.76 0.58
N LEU A 11 -2.57 -15.08 1.45
CA LEU A 11 -1.98 -15.74 2.60
C LEU A 11 -2.98 -15.82 3.73
N TYR A 12 -3.65 -14.71 4.01
CA TYR A 12 -4.64 -14.66 5.09
C TYR A 12 -6.01 -14.32 4.52
N ASP A 13 -7.06 -14.65 5.28
CA ASP A 13 -8.42 -14.37 4.84
C ASP A 13 -8.58 -12.88 4.55
N TYR A 14 -9.22 -12.57 3.42
CA TYR A 14 -9.42 -11.17 3.02
C TYR A 14 -10.86 -10.97 2.57
N GLN A 15 -11.30 -9.71 2.56
CA GLN A 15 -12.65 -9.37 2.13
C GLN A 15 -12.67 -8.04 1.41
N THR A 16 -13.55 -7.92 0.42
CA THR A 16 -13.65 -6.68 -0.35
C THR A 16 -14.13 -5.55 0.53
N ASN A 17 -13.32 -4.49 0.63
CA ASN A 17 -13.70 -3.32 1.42
C ASN A 17 -14.15 -2.18 0.50
N ASP A 18 -14.22 -2.47 -0.80
CA ASP A 18 -14.64 -1.47 -1.77
C ASP A 18 -14.94 -2.12 -3.11
N PRO A 19 -15.74 -1.47 -3.92
CA PRO A 19 -16.12 -1.99 -5.26
C PRO A 19 -14.91 -2.19 -6.17
N GLN A 20 -13.89 -1.34 -5.99
CA GLN A 20 -12.70 -1.43 -6.81
C GLN A 20 -11.90 -2.69 -6.46
N GLU A 21 -11.80 -2.98 -5.16
CA GLU A 21 -11.08 -4.16 -4.72
C GLU A 21 -11.78 -5.43 -5.16
N LEU A 22 -11.05 -6.55 -5.12
CA LEU A 22 -11.61 -7.82 -5.55
C LEU A 22 -11.69 -8.81 -4.39
N ALA A 23 -12.87 -9.38 -4.19
CA ALA A 23 -13.07 -10.34 -3.10
C ALA A 23 -12.17 -11.55 -3.30
N LEU A 24 -11.68 -12.10 -2.19
CA LEU A 24 -10.78 -13.25 -2.24
C LEU A 24 -11.26 -14.35 -1.31
N ARG A 25 -10.55 -15.48 -1.31
CA ARG A 25 -10.90 -16.59 -0.44
C ARG A 25 -9.67 -17.39 -0.09
N CYS A 26 -9.19 -17.26 1.14
CA CYS A 26 -8.00 -18.00 1.57
C CYS A 26 -7.75 -19.24 0.71
N ASP A 27 -6.50 -19.45 0.34
CA ASP A 27 -6.15 -20.59 -0.50
C ASP A 27 -6.57 -20.36 -1.94
N GLU A 28 -7.46 -19.40 -2.16
CA GLU A 28 -7.94 -19.10 -3.50
C GLU A 28 -6.78 -18.94 -4.46
N GLU A 29 -7.06 -18.43 -5.65
CA GLU A 29 -6.02 -18.25 -6.66
C GLU A 29 -6.60 -17.60 -7.91
N TYR A 30 -5.77 -16.87 -8.64
CA TYR A 30 -6.23 -16.20 -9.85
C TYR A 30 -5.05 -15.95 -10.80
N TYR A 31 -5.17 -14.92 -11.64
CA TYR A 31 -4.09 -14.59 -12.58
C TYR A 31 -3.53 -13.21 -12.25
N LEU A 32 -2.59 -12.74 -13.05
CA LEU A 32 -1.99 -11.43 -12.84
C LEU A 32 -1.95 -10.66 -14.15
N LEU A 33 -2.45 -9.42 -14.13
CA LEU A 33 -2.48 -8.59 -15.33
C LEU A 33 -1.61 -7.36 -15.14
N ASP A 34 -1.10 -7.16 -13.93
CA ASP A 34 -0.23 -6.03 -13.65
C ASP A 34 0.82 -6.40 -12.60
N SER A 35 1.64 -7.38 -12.93
CA SER A 35 2.70 -7.80 -12.01
C SER A 35 3.65 -6.66 -11.71
N SER A 36 3.29 -5.46 -12.16
CA SER A 36 4.13 -4.28 -11.94
C SER A 36 3.61 -3.47 -10.76
N GLU A 37 2.30 -3.22 -10.74
CA GLU A 37 1.70 -2.44 -9.66
C GLU A 37 2.24 -2.88 -8.31
N ILE A 38 2.45 -1.92 -7.42
CA ILE A 38 2.99 -2.23 -6.10
C ILE A 38 1.90 -2.23 -5.05
N HIS A 39 1.02 -1.23 -5.11
CA HIS A 39 -0.05 -1.12 -4.13
C HIS A 39 -1.17 -2.10 -4.41
N TRP A 40 -1.79 -1.96 -5.56
CA TRP A 40 -2.91 -2.82 -5.94
C TRP A 40 -2.66 -3.51 -7.27
N TRP A 41 -2.70 -4.85 -7.24
CA TRP A 41 -2.52 -5.63 -8.45
C TRP A 41 -3.76 -5.60 -9.32
N ARG A 42 -3.83 -6.50 -10.31
CA ARG A 42 -5.00 -6.61 -11.17
C ARG A 42 -5.19 -8.05 -11.63
N VAL A 43 -5.98 -8.80 -10.88
CA VAL A 43 -6.23 -10.21 -11.22
C VAL A 43 -7.60 -10.39 -11.85
N GLN A 44 -7.79 -11.53 -12.52
CA GLN A 44 -9.07 -11.81 -13.15
C GLN A 44 -9.51 -13.24 -12.82
N ASP A 45 -10.53 -13.37 -12.00
CA ASP A 45 -11.02 -14.68 -11.63
C ASP A 45 -11.67 -15.39 -12.82
N LYS A 46 -11.44 -16.69 -12.92
CA LYS A 46 -12.01 -17.49 -13.99
C LYS A 46 -13.51 -17.24 -14.09
N ASN A 47 -14.13 -16.94 -12.96
CA ASN A 47 -15.57 -16.69 -12.92
C ASN A 47 -15.88 -15.37 -13.61
N GLY A 48 -14.89 -14.49 -13.67
CA GLY A 48 -15.07 -13.18 -14.32
C GLY A 48 -15.08 -12.05 -13.29
N HIS A 49 -14.37 -12.26 -12.18
CA HIS A 49 -14.28 -11.24 -11.13
C HIS A 49 -13.01 -10.44 -11.31
N GLU A 50 -13.09 -9.37 -12.07
CA GLU A 50 -11.92 -8.50 -12.32
C GLU A 50 -11.88 -7.35 -11.32
N GLY A 51 -10.78 -7.28 -10.57
CA GLY A 51 -10.62 -6.21 -9.60
C GLY A 51 -9.21 -6.21 -9.03
N TYR A 52 -8.87 -5.18 -8.26
CA TYR A 52 -7.56 -5.09 -7.64
C TYR A 52 -7.49 -5.93 -6.38
N ALA A 53 -6.28 -6.12 -5.86
CA ALA A 53 -6.09 -6.90 -4.65
C ALA A 53 -4.84 -6.46 -3.91
N PRO A 54 -4.75 -6.79 -2.65
CA PRO A 54 -3.57 -6.43 -1.80
C PRO A 54 -2.26 -6.92 -2.42
N SER A 55 -1.18 -6.19 -2.16
CA SER A 55 0.13 -6.57 -2.67
C SER A 55 0.90 -7.37 -1.63
N SER A 56 0.37 -7.40 -0.40
CA SER A 56 1.01 -8.14 0.68
C SER A 56 0.30 -9.47 0.91
N TYR A 57 -0.97 -9.39 1.31
CA TYR A 57 -1.76 -10.59 1.57
C TYR A 57 -1.63 -11.55 0.42
N LEU A 58 -1.19 -11.04 -0.74
CA LEU A 58 -1.06 -11.87 -1.93
C LEU A 58 0.41 -12.14 -2.25
N VAL A 59 0.67 -13.21 -3.01
CA VAL A 59 2.02 -13.51 -3.42
C VAL A 59 2.02 -14.37 -4.68
N GLU A 60 2.94 -14.09 -5.59
CA GLU A 60 3.00 -14.82 -6.84
C GLU A 60 3.43 -16.26 -6.61
N LYS A 61 2.63 -17.19 -7.11
CA LYS A 61 2.92 -18.61 -6.92
C LYS A 61 4.34 -18.93 -7.39
N SER A 62 4.73 -18.34 -8.52
CA SER A 62 6.07 -18.56 -9.07
C SER A 62 6.21 -20.00 -9.57
N PRO A 63 5.48 -20.35 -10.59
CA PRO A 63 5.52 -21.72 -11.17
C PRO A 63 6.76 -21.93 -12.05
N ASN B 3 4.13 23.25 3.16
CA ASN B 3 3.15 22.68 4.12
C ASN B 3 3.88 22.31 5.41
N ASN B 4 3.40 22.86 6.53
CA ASN B 4 4.00 22.57 7.83
C ASN B 4 3.54 21.22 8.35
N LEU B 5 4.04 20.16 7.74
CA LEU B 5 3.68 18.81 8.16
C LEU B 5 4.26 18.49 9.52
N GLU B 6 5.27 19.25 9.92
CA GLU B 6 5.91 19.04 11.21
C GLU B 6 4.87 18.95 12.32
N THR B 7 3.63 19.35 11.99
CA THR B 7 2.55 19.32 12.97
C THR B 7 2.07 17.90 13.18
N TYR B 8 2.17 17.07 12.14
CA TYR B 8 1.73 15.69 12.22
C TYR B 8 2.84 14.82 12.79
N GLU B 9 2.58 13.51 12.86
CA GLU B 9 3.56 12.57 13.40
C GLU B 9 4.21 11.76 12.28
N TRP B 10 3.39 11.21 11.40
CA TRP B 10 3.90 10.39 10.31
C TRP B 10 4.97 11.13 9.54
N TYR B 11 4.87 12.45 9.50
CA TYR B 11 5.84 13.26 8.77
C TYR B 11 7.15 13.35 9.55
N ASN B 12 8.22 12.88 8.94
CA ASN B 12 9.53 12.92 9.59
C ASN B 12 10.64 13.03 8.54
N LYS B 13 11.25 14.21 8.44
CA LYS B 13 12.32 14.43 7.49
C LYS B 13 13.68 14.18 8.14
N SER B 14 13.78 14.53 9.42
CA SER B 14 15.03 14.36 10.15
C SER B 14 15.45 12.90 10.15
N ILE B 15 14.45 12.01 10.08
CA ILE B 15 14.73 10.58 10.09
C ILE B 15 15.05 10.09 8.68
N SER B 16 16.02 9.18 8.58
CA SER B 16 16.40 8.64 7.28
C SER B 16 15.52 7.45 6.90
N ARG B 17 15.59 7.05 5.64
CA ARG B 17 14.80 5.92 5.16
C ARG B 17 15.21 4.64 5.86
N ASP B 18 16.51 4.46 6.05
CA ASP B 18 17.01 3.27 6.71
C ASP B 18 16.49 3.17 8.14
N LYS B 19 16.42 4.30 8.82
CA LYS B 19 15.93 4.33 10.19
C LYS B 19 14.42 4.17 10.23
N ALA B 20 13.78 4.50 9.11
CA ALA B 20 12.32 4.40 9.02
C ALA B 20 11.90 2.95 8.90
N GLU B 21 12.85 2.07 8.60
CA GLU B 21 12.57 0.66 8.45
C GLU B 21 12.64 -0.05 9.80
N LYS B 22 13.64 0.31 10.60
CA LYS B 22 13.80 -0.30 11.91
C LYS B 22 12.86 0.34 12.93
N LEU B 23 12.64 1.63 12.78
CA LEU B 23 11.76 2.35 13.70
C LEU B 23 10.36 1.73 13.69
N LEU B 24 9.84 1.47 12.50
CA LEU B 24 8.52 0.86 12.37
C LEU B 24 8.54 -0.56 12.90
N LEU B 25 9.62 -1.26 12.65
CA LEU B 25 9.75 -2.64 13.11
C LEU B 25 9.65 -2.72 14.62
N ASP B 26 10.17 -1.70 15.30
CA ASP B 26 10.14 -1.66 16.74
C ASP B 26 8.70 -1.65 17.25
N THR B 27 7.83 -0.94 16.54
CA THR B 27 6.43 -0.84 16.92
C THR B 27 5.85 -2.24 17.15
N GLY B 28 6.10 -3.14 16.21
CA GLY B 28 5.61 -4.50 16.32
C GLY B 28 4.08 -4.54 16.30
N LYS B 29 3.48 -3.68 15.49
CA LYS B 29 2.03 -3.62 15.38
C LYS B 29 1.59 -3.65 13.91
N GLU B 30 0.42 -4.23 13.66
CA GLU B 30 -0.09 -4.31 12.29
C GLU B 30 -0.83 -3.02 11.94
N GLY B 31 -0.45 -2.42 10.80
CA GLY B 31 -1.07 -1.18 10.35
C GLY B 31 -0.14 -0.01 10.57
N ALA B 32 0.89 -0.21 11.40
CA ALA B 32 1.85 0.85 11.68
C ALA B 32 2.23 1.56 10.40
N PHE B 33 1.78 2.80 10.25
CA PHE B 33 2.08 3.59 9.05
C PHE B 33 2.78 4.88 9.42
N MET B 34 3.77 5.26 8.63
CA MET B 34 4.49 6.51 8.85
C MET B 34 4.84 7.16 7.52
N VAL B 35 5.29 8.41 7.57
CA VAL B 35 5.68 9.14 6.37
C VAL B 35 7.11 9.67 6.51
N ARG B 36 7.77 9.87 5.36
CA ARG B 36 9.13 10.40 5.36
C ARG B 36 9.35 11.32 4.17
N ASP B 37 9.73 12.56 4.44
CA ASP B 37 9.97 13.53 3.38
C ASP B 37 10.93 12.95 2.35
N SER B 38 10.61 13.15 1.07
CA SER B 38 11.45 12.65 -0.01
C SER B 38 12.19 13.80 -0.68
N ARG B 39 12.88 13.49 -1.79
CA ARG B 39 13.63 14.49 -2.52
C ARG B 39 12.70 15.57 -3.06
N THR B 40 11.52 15.15 -3.50
CA THR B 40 10.54 16.08 -4.05
C THR B 40 9.74 16.76 -2.93
N PRO B 41 9.57 18.05 -2.99
CA PRO B 41 8.79 18.81 -1.98
C PRO B 41 7.29 18.61 -2.15
N GLY B 42 6.88 18.08 -3.30
CA GLY B 42 5.47 17.86 -3.58
C GLY B 42 5.10 16.41 -3.39
N THR B 43 6.11 15.56 -3.20
CA THR B 43 5.88 14.14 -3.00
C THR B 43 6.78 13.61 -1.89
N TYR B 44 6.17 13.08 -0.85
CA TYR B 44 6.93 12.48 0.25
C TYR B 44 6.91 10.97 0.13
N THR B 45 7.18 10.27 1.25
CA THR B 45 7.22 8.81 1.24
C THR B 45 6.36 8.27 2.37
N VAL B 46 5.49 7.32 2.05
CA VAL B 46 4.61 6.71 3.05
C VAL B 46 5.15 5.36 3.50
N SER B 47 5.91 5.37 4.59
CA SER B 47 6.47 4.12 5.12
C SER B 47 5.39 3.31 5.81
N VAL B 48 4.82 2.34 5.08
CA VAL B 48 3.76 1.51 5.63
C VAL B 48 4.32 0.18 6.10
N PHE B 49 4.21 -0.09 7.40
CA PHE B 49 4.71 -1.34 7.96
C PHE B 49 3.55 -2.20 8.43
N THR B 50 3.53 -3.45 7.97
CA THR B 50 2.49 -4.39 8.37
C THR B 50 3.02 -5.83 8.34
N LYS B 51 2.58 -6.63 9.31
CA LYS B 51 3.02 -8.02 9.38
C LYS B 51 2.26 -8.86 8.36
N ALA B 52 2.84 -9.02 7.18
CA ALA B 52 2.20 -9.79 6.11
C ALA B 52 3.25 -10.42 5.21
N ILE B 53 2.82 -10.94 4.07
CA ILE B 53 3.73 -11.56 3.13
C ILE B 53 4.34 -12.83 3.71
N ILE B 54 4.28 -13.91 2.97
CA ILE B 54 4.83 -15.19 3.43
C ILE B 54 6.30 -15.31 3.08
N SER B 55 6.72 -14.59 2.04
CA SER B 55 8.10 -14.63 1.59
C SER B 55 9.04 -14.25 2.74
N GLU B 56 8.69 -13.19 3.46
CA GLU B 56 9.51 -12.74 4.57
C GLU B 56 8.78 -11.66 5.37
N ASN B 57 8.71 -11.85 6.68
CA ASN B 57 8.05 -10.88 7.54
C ASN B 57 8.87 -10.62 8.81
N PRO B 58 8.77 -9.44 9.37
CA PRO B 58 7.93 -8.33 8.82
C PRO B 58 8.56 -7.70 7.58
N CYS B 59 7.87 -6.72 7.02
CA CYS B 59 8.38 -6.03 5.82
C CYS B 59 7.90 -4.59 5.83
N ILE B 60 8.69 -3.72 5.20
CA ILE B 60 8.35 -2.29 5.13
C ILE B 60 7.92 -1.92 3.73
N LYS B 61 6.71 -1.36 3.62
CA LYS B 61 6.18 -0.95 2.33
C LYS B 61 6.26 0.55 2.17
N HIS B 62 6.93 0.99 1.12
CA HIS B 62 7.07 2.43 0.86
C HIS B 62 6.25 2.85 -0.35
N TYR B 63 5.13 3.52 -0.10
CA TYR B 63 4.27 3.99 -1.19
C TYR B 63 4.52 5.46 -1.45
N HIS B 64 5.37 5.75 -2.44
CA HIS B 64 5.69 7.13 -2.75
C HIS B 64 4.48 7.87 -3.33
N ILE B 65 4.22 9.05 -2.78
CA ILE B 65 3.09 9.85 -3.26
C ILE B 65 3.18 10.04 -4.77
N LYS B 66 2.18 9.54 -5.48
CA LYS B 66 2.16 9.61 -6.93
C LYS B 66 1.71 10.98 -7.40
N GLU B 67 2.58 11.68 -8.12
CA GLU B 67 2.25 13.00 -8.64
C GLU B 67 2.12 12.94 -10.15
N THR B 68 0.99 13.44 -10.66
CA THR B 68 0.74 13.43 -12.10
C THR B 68 0.15 14.75 -12.55
N ASN B 69 0.91 15.51 -13.33
CA ASN B 69 0.46 16.81 -13.82
C ASN B 69 -1.06 16.88 -13.89
N ASP B 70 -1.68 17.29 -12.79
CA ASP B 70 -3.14 17.36 -12.72
C ASP B 70 -3.57 18.73 -12.23
N SER B 71 -4.89 18.89 -12.06
CA SER B 71 -5.42 20.16 -11.59
C SER B 71 -6.49 19.93 -10.51
N PRO B 72 -6.33 20.53 -9.35
CA PRO B 72 -5.17 21.42 -9.04
C PRO B 72 -3.90 20.61 -8.78
N LYS B 73 -3.92 19.80 -7.71
CA LYS B 73 -2.78 18.99 -7.35
C LYS B 73 -2.87 17.64 -8.01
N ARG B 74 -1.98 16.75 -7.59
CA ARG B 74 -1.87 15.42 -8.21
C ARG B 74 -1.55 14.35 -7.18
N TYR B 75 -1.71 14.69 -5.92
CA TYR B 75 -1.36 13.78 -4.84
C TYR B 75 -2.33 12.61 -4.80
N TYR B 76 -1.78 11.40 -4.82
CA TYR B 76 -2.61 10.21 -4.78
C TYR B 76 -1.74 8.96 -4.73
N VAL B 77 -2.33 7.85 -4.33
CA VAL B 77 -1.61 6.58 -4.28
C VAL B 77 -2.58 5.41 -4.43
N ALA B 78 -3.05 5.18 -5.65
CA ALA B 78 -3.98 4.09 -5.91
C ALA B 78 -4.67 4.28 -7.25
N GLU B 79 -4.33 5.36 -7.93
CA GLU B 79 -4.94 5.66 -9.22
C GLU B 79 -6.46 5.78 -9.09
N LYS B 80 -6.94 5.74 -7.86
CA LYS B 80 -8.37 5.83 -7.61
C LYS B 80 -8.81 7.29 -7.54
N TYR B 81 -8.53 7.93 -6.40
CA TYR B 81 -8.91 9.33 -6.20
C TYR B 81 -7.68 10.18 -5.98
N VAL B 82 -7.74 11.43 -6.45
CA VAL B 82 -6.62 12.35 -6.28
C VAL B 82 -6.93 13.36 -5.19
N PHE B 83 -5.91 13.69 -4.39
CA PHE B 83 -6.08 14.64 -3.29
C PHE B 83 -5.14 15.82 -3.45
N ASP B 84 -5.45 16.92 -2.76
CA ASP B 84 -4.63 18.12 -2.85
C ASP B 84 -3.75 18.28 -1.62
N SER B 85 -3.73 17.24 -0.79
CA SER B 85 -2.90 17.27 0.41
C SER B 85 -2.67 15.84 0.93
N ILE B 86 -1.65 15.67 1.76
CA ILE B 86 -1.33 14.37 2.33
C ILE B 86 -2.31 14.03 3.46
N PRO B 87 -2.59 14.99 4.31
CA PRO B 87 -3.54 14.79 5.44
C PRO B 87 -4.84 14.14 4.97
N LEU B 88 -5.30 14.52 3.79
CA LEU B 88 -6.53 13.94 3.24
C LEU B 88 -6.30 12.46 2.93
N LEU B 89 -5.28 12.19 2.12
CA LEU B 89 -4.96 10.81 1.75
C LEU B 89 -4.66 9.99 3.01
N ILE B 90 -4.13 10.66 4.03
CA ILE B 90 -3.81 9.99 5.28
C ILE B 90 -5.06 9.78 6.13
N GLN B 91 -6.09 10.56 5.87
CA GLN B 91 -7.34 10.46 6.62
C GLN B 91 -8.32 9.56 5.89
N TYR B 92 -8.45 9.75 4.58
CA TYR B 92 -9.36 8.96 3.78
C TYR B 92 -8.96 7.48 3.87
N HIS B 93 -7.67 7.23 3.98
CA HIS B 93 -7.18 5.86 4.06
C HIS B 93 -7.17 5.39 5.50
N GLN B 94 -7.15 6.34 6.43
CA GLN B 94 -7.15 6.00 7.85
C GLN B 94 -8.20 4.93 8.15
N TYR B 95 -9.31 4.98 7.43
CA TYR B 95 -10.39 4.01 7.62
C TYR B 95 -11.10 3.75 6.31
N ASN B 96 -12.35 4.21 6.21
CA ASN B 96 -13.17 4.02 5.01
C ASN B 96 -12.57 2.94 4.09
N GLY B 97 -11.57 3.33 3.31
CA GLY B 97 -10.89 2.39 2.43
C GLY B 97 -9.50 2.88 2.08
N GLY B 98 -8.49 2.07 2.37
CA GLY B 98 -7.11 2.44 2.11
C GLY B 98 -6.66 1.99 0.73
N GLY B 99 -5.89 2.86 0.06
CA GLY B 99 -5.40 2.54 -1.27
C GLY B 99 -4.08 1.79 -1.19
N LEU B 100 -3.94 0.97 -0.14
CA LEU B 100 -2.72 0.19 0.05
C LEU B 100 -3.03 -1.30 0.07
N VAL B 101 -2.40 -2.02 0.98
CA VAL B 101 -2.64 -3.46 1.10
C VAL B 101 -3.11 -3.82 2.51
N THR B 102 -3.21 -2.80 3.37
CA THR B 102 -3.60 -3.03 4.76
C THR B 102 -4.37 -1.83 5.30
N ARG B 103 -4.36 -0.74 4.55
CA ARG B 103 -5.07 0.45 4.95
C ARG B 103 -4.51 1.00 6.26
N LEU B 104 -4.45 2.33 6.36
CA LEU B 104 -3.94 2.97 7.57
C LEU B 104 -4.86 2.67 8.74
N ARG B 105 -4.26 2.31 9.87
CA ARG B 105 -5.04 1.99 11.07
C ARG B 105 -4.28 2.38 12.32
N TYR B 106 -2.95 2.35 12.25
CA TYR B 106 -2.13 2.69 13.40
C TYR B 106 -1.00 3.65 13.00
N PRO B 107 -1.02 4.86 13.49
CA PRO B 107 0.03 5.86 13.21
C PRO B 107 1.26 5.65 14.08
N VAL B 108 2.39 6.19 13.63
CA VAL B 108 3.64 6.05 14.38
C VAL B 108 4.42 7.36 14.34
N CYS B 109 5.03 7.71 15.47
CA CYS B 109 5.81 8.95 15.56
C CYS B 109 7.30 8.63 15.66
N GLY B 110 8.13 9.64 15.47
CA GLY B 110 9.58 9.46 15.53
C GLY B 110 10.27 10.76 15.90
N GLY A 1 12.58 -15.42 -14.49
CA GLY A 1 11.36 -15.71 -13.69
C GLY A 1 10.19 -15.99 -14.62
N SER A 2 8.98 -15.81 -14.11
CA SER A 2 7.78 -16.05 -14.91
C SER A 2 7.94 -15.49 -16.32
N PRO A 3 7.21 -16.01 -17.28
CA PRO A 3 7.26 -15.53 -18.69
C PRO A 3 6.69 -14.12 -18.83
N GLU A 4 5.42 -13.96 -18.44
CA GLU A 4 4.76 -12.66 -18.54
C GLU A 4 3.85 -12.43 -17.34
N GLU A 5 3.21 -13.51 -16.87
CA GLU A 5 2.28 -13.44 -15.74
C GLU A 5 2.65 -14.49 -14.69
N THR A 6 2.23 -14.24 -13.46
CA THR A 6 2.49 -15.17 -12.36
C THR A 6 1.25 -15.36 -11.49
N LEU A 7 1.13 -16.51 -10.84
CA LEU A 7 -0.02 -16.75 -9.97
C LEU A 7 0.33 -16.35 -8.54
N VAL A 8 -0.62 -15.80 -7.82
CA VAL A 8 -0.40 -15.37 -6.44
C VAL A 8 -1.46 -15.98 -5.53
N ILE A 9 -1.36 -15.74 -4.22
CA ILE A 9 -2.30 -16.29 -3.25
C ILE A 9 -2.49 -15.31 -2.09
N ALA A 10 -3.65 -15.37 -1.44
CA ALA A 10 -3.95 -14.47 -0.31
C ALA A 10 -3.31 -14.99 0.98
N LEU A 11 -2.59 -14.14 1.70
CA LEU A 11 -1.95 -14.55 2.92
C LEU A 11 -2.95 -14.65 4.05
N TYR A 12 -3.63 -13.54 4.32
CA TYR A 12 -4.63 -13.51 5.39
C TYR A 12 -6.02 -13.53 4.78
N ASP A 13 -7.02 -13.26 5.60
CA ASP A 13 -8.41 -13.26 5.14
C ASP A 13 -8.86 -11.84 4.80
N TYR A 14 -8.30 -11.29 3.73
CA TYR A 14 -8.67 -9.95 3.30
C TYR A 14 -10.15 -9.89 2.97
N GLN A 15 -10.70 -8.67 2.98
CA GLN A 15 -12.12 -8.48 2.68
C GLN A 15 -12.31 -7.27 1.76
N THR A 16 -13.32 -7.36 0.90
CA THR A 16 -13.61 -6.28 -0.03
C THR A 16 -14.28 -5.10 0.67
N ASN A 17 -13.77 -3.90 0.40
CA ASN A 17 -14.34 -2.69 1.00
C ASN A 17 -15.12 -1.91 -0.03
N ASP A 18 -15.18 -2.45 -1.25
CA ASP A 18 -15.92 -1.78 -2.32
C ASP A 18 -16.18 -2.76 -3.49
N PRO A 19 -17.22 -2.53 -4.25
CA PRO A 19 -17.58 -3.41 -5.41
C PRO A 19 -16.50 -3.38 -6.50
N GLN A 20 -15.64 -2.36 -6.46
CA GLN A 20 -14.58 -2.23 -7.46
C GLN A 20 -13.88 -3.56 -7.65
N GLU A 21 -13.70 -4.28 -6.55
CA GLU A 21 -13.02 -5.58 -6.60
C GLU A 21 -13.81 -6.63 -5.83
N LEU A 22 -13.26 -7.83 -5.78
CA LEU A 22 -13.91 -8.93 -5.08
C LEU A 22 -13.14 -9.27 -3.81
N ALA A 23 -13.74 -10.13 -2.99
CA ALA A 23 -13.12 -10.53 -1.72
C ALA A 23 -12.16 -11.71 -1.92
N LEU A 24 -11.31 -11.93 -0.92
CA LEU A 24 -10.33 -13.02 -0.96
C LEU A 24 -10.42 -13.88 0.28
N ARG A 25 -9.44 -14.76 0.46
CA ARG A 25 -9.42 -15.64 1.60
C ARG A 25 -8.12 -16.44 1.62
N CYS A 26 -7.49 -16.47 2.78
CA CYS A 26 -6.24 -17.21 2.95
C CYS A 26 -6.39 -18.59 2.35
N ASP A 27 -5.98 -18.75 1.08
CA ASP A 27 -6.04 -20.03 0.33
C ASP A 27 -6.71 -19.84 -1.04
N GLU A 28 -6.71 -18.61 -1.53
CA GLU A 28 -7.32 -18.31 -2.83
C GLU A 28 -6.26 -17.80 -3.81
N GLU A 29 -5.98 -18.61 -4.82
CA GLU A 29 -5.00 -18.26 -5.83
C GLU A 29 -5.67 -17.56 -7.02
N TYR A 30 -4.92 -16.67 -7.63
CA TYR A 30 -5.39 -15.94 -8.80
C TYR A 30 -4.27 -15.77 -9.79
N TYR A 31 -4.37 -14.73 -10.63
CA TYR A 31 -3.31 -14.45 -11.65
C TYR A 31 -2.84 -13.02 -11.50
N LEU A 32 -1.96 -12.57 -12.40
CA LEU A 32 -1.47 -11.20 -12.37
C LEU A 32 -1.60 -10.58 -13.75
N LEU A 33 -2.28 -9.45 -13.80
CA LEU A 33 -2.51 -8.73 -15.06
C LEU A 33 -1.85 -7.37 -15.03
N ASP A 34 -1.73 -6.75 -13.84
CA ASP A 34 -1.10 -5.44 -13.74
C ASP A 34 -0.20 -5.38 -12.51
N SER A 35 1.05 -5.81 -12.69
CA SER A 35 2.01 -5.80 -11.59
C SER A 35 2.72 -4.46 -11.51
N SER A 36 2.51 -3.66 -12.53
CA SER A 36 3.12 -2.34 -12.59
C SER A 36 2.61 -1.48 -11.43
N GLU A 37 1.36 -1.72 -11.04
CA GLU A 37 0.76 -0.97 -9.94
C GLU A 37 1.46 -1.32 -8.64
N ILE A 38 1.56 -0.35 -7.74
CA ILE A 38 2.22 -0.57 -6.45
C ILE A 38 1.23 -1.07 -5.42
N HIS A 39 0.01 -0.55 -5.48
CA HIS A 39 -1.02 -0.92 -4.51
C HIS A 39 -1.63 -2.28 -4.82
N TRP A 40 -2.70 -2.27 -5.60
CA TRP A 40 -3.40 -3.51 -5.92
C TRP A 40 -2.91 -4.11 -7.22
N TRP A 41 -2.80 -5.45 -7.26
CA TRP A 41 -2.35 -6.13 -8.47
C TRP A 41 -3.47 -6.91 -9.08
N ARG A 42 -4.10 -6.36 -10.14
CA ARG A 42 -5.25 -6.98 -10.79
C ARG A 42 -5.17 -8.49 -10.68
N VAL A 43 -6.31 -9.12 -10.86
CA VAL A 43 -6.36 -10.56 -10.78
C VAL A 43 -7.40 -11.12 -11.73
N GLN A 44 -7.15 -12.33 -12.23
CA GLN A 44 -8.07 -12.99 -13.16
C GLN A 44 -8.42 -14.38 -12.66
N ASP A 45 -9.33 -14.45 -11.70
CA ASP A 45 -9.71 -15.75 -11.14
C ASP A 45 -10.21 -16.68 -12.23
N LYS A 46 -9.95 -17.97 -12.05
CA LYS A 46 -10.36 -18.96 -13.03
C LYS A 46 -11.83 -18.79 -13.38
N ASN A 47 -12.63 -18.45 -12.36
CA ASN A 47 -14.06 -18.24 -12.56
C ASN A 47 -14.32 -16.95 -13.33
N GLY A 48 -13.29 -16.10 -13.41
CA GLY A 48 -13.40 -14.83 -14.11
C GLY A 48 -13.75 -13.69 -13.15
N HIS A 49 -13.21 -13.77 -11.94
CA HIS A 49 -13.45 -12.74 -10.92
C HIS A 49 -12.27 -11.78 -10.88
N GLU A 50 -12.43 -10.64 -11.54
CA GLU A 50 -11.36 -9.64 -11.60
C GLU A 50 -11.54 -8.57 -10.53
N GLY A 51 -10.66 -8.62 -9.53
CA GLY A 51 -10.74 -7.71 -8.39
C GLY A 51 -9.38 -7.13 -8.01
N TYR A 52 -9.30 -5.82 -7.86
CA TYR A 52 -8.04 -5.23 -7.46
C TYR A 52 -7.61 -5.86 -6.14
N ALA A 53 -6.76 -6.89 -6.21
CA ALA A 53 -6.28 -7.57 -5.01
C ALA A 53 -5.03 -6.90 -4.45
N PRO A 54 -4.79 -7.01 -3.15
CA PRO A 54 -3.64 -6.33 -2.46
C PRO A 54 -2.31 -6.64 -3.12
N SER A 55 -1.24 -6.24 -2.46
CA SER A 55 0.10 -6.50 -2.98
C SER A 55 0.94 -7.16 -1.90
N SER A 56 0.67 -6.82 -0.64
CA SER A 56 1.40 -7.40 0.46
C SER A 56 0.84 -8.78 0.81
N TYR A 57 -0.49 -8.84 0.94
CA TYR A 57 -1.13 -10.09 1.27
C TYR A 57 -1.01 -11.08 0.16
N LEU A 58 -0.46 -10.61 -0.96
CA LEU A 58 -0.31 -11.46 -2.12
C LEU A 58 1.16 -11.75 -2.36
N VAL A 59 1.44 -12.80 -3.11
CA VAL A 59 2.84 -13.14 -3.45
C VAL A 59 2.86 -14.20 -4.55
N GLU A 60 3.58 -13.91 -5.62
CA GLU A 60 3.70 -14.83 -6.72
C GLU A 60 4.14 -16.19 -6.24
N LYS A 61 3.46 -17.20 -6.77
CA LYS A 61 3.74 -18.57 -6.40
C LYS A 61 5.13 -18.98 -6.89
N SER A 62 5.48 -18.47 -8.08
CA SER A 62 6.78 -18.77 -8.68
C SER A 62 6.85 -20.25 -9.09
N PRO A 63 6.07 -20.65 -10.06
CA PRO A 63 6.04 -22.05 -10.55
C PRO A 63 7.23 -22.38 -11.44
N ASN B 3 4.42 23.21 3.94
CA ASN B 3 3.42 22.62 4.88
C ASN B 3 4.15 21.97 6.04
N ASN B 4 4.25 22.70 7.15
CA ASN B 4 4.93 22.18 8.34
C ASN B 4 4.34 20.83 8.76
N LEU B 5 4.80 19.78 8.13
CA LEU B 5 4.32 18.44 8.45
C LEU B 5 4.81 18.01 9.82
N GLU B 6 5.85 18.67 10.30
CA GLU B 6 6.41 18.33 11.61
C GLU B 6 5.31 18.25 12.65
N THR B 7 4.12 18.76 12.30
CA THR B 7 3.00 18.74 13.23
C THR B 7 2.39 17.35 13.32
N TYR B 8 2.46 16.60 12.22
CA TYR B 8 1.92 15.25 12.20
C TYR B 8 2.94 14.26 12.73
N GLU B 9 2.58 12.97 12.68
CA GLU B 9 3.46 11.89 13.16
C GLU B 9 4.13 11.16 12.02
N TRP B 10 3.31 10.65 11.10
CA TRP B 10 3.82 9.90 9.96
C TRP B 10 4.98 10.65 9.32
N TYR B 11 4.99 11.96 9.43
CA TYR B 11 6.06 12.73 8.84
C TYR B 11 7.31 12.71 9.71
N ASN B 12 8.43 12.27 9.13
CA ASN B 12 9.68 12.20 9.85
C ASN B 12 10.86 12.35 8.90
N LYS B 13 11.52 13.50 8.97
CA LYS B 13 12.68 13.76 8.11
C LYS B 13 13.98 13.38 8.83
N SER B 14 14.00 13.60 10.14
CA SER B 14 15.18 13.28 10.93
C SER B 14 15.51 11.81 10.84
N ILE B 15 14.49 10.99 10.59
CA ILE B 15 14.69 9.55 10.48
C ILE B 15 15.02 9.17 9.04
N SER B 16 16.03 8.33 8.86
CA SER B 16 16.44 7.88 7.53
C SER B 16 15.63 6.67 7.12
N ARG B 17 15.67 6.34 5.83
CA ARG B 17 14.93 5.21 5.32
C ARG B 17 15.31 3.94 6.07
N ASP B 18 16.60 3.73 6.24
CA ASP B 18 17.07 2.54 6.95
C ASP B 18 16.48 2.48 8.35
N LYS B 19 16.45 3.62 9.03
CA LYS B 19 15.91 3.68 10.37
C LYS B 19 14.39 3.60 10.32
N ALA B 20 13.81 4.04 9.20
CA ALA B 20 12.36 4.04 9.04
C ALA B 20 11.84 2.60 9.04
N GLU B 21 12.56 1.72 8.35
CA GLU B 21 12.18 0.33 8.27
C GLU B 21 12.20 -0.31 9.66
N LYS B 22 13.16 0.10 10.49
CA LYS B 22 13.26 -0.43 11.84
C LYS B 22 12.16 0.12 12.73
N LEU B 23 12.10 1.44 12.82
CA LEU B 23 11.12 2.09 13.68
C LEU B 23 9.76 1.42 13.55
N LEU B 24 9.34 1.20 12.33
CA LEU B 24 8.06 0.56 12.07
C LEU B 24 8.06 -0.87 12.61
N LEU B 25 9.17 -1.54 12.46
CA LEU B 25 9.28 -2.91 12.91
C LEU B 25 8.99 -3.00 14.40
N ASP B 26 9.41 -1.99 15.14
CA ASP B 26 9.19 -1.97 16.58
C ASP B 26 7.70 -2.11 16.90
N THR B 27 6.88 -1.45 16.09
CA THR B 27 5.44 -1.49 16.30
C THR B 27 4.95 -2.95 16.25
N GLY B 28 5.45 -3.68 15.26
CA GLY B 28 5.07 -5.09 15.12
C GLY B 28 3.55 -5.27 15.12
N LYS B 29 2.87 -4.49 14.28
CA LYS B 29 1.41 -4.56 14.19
C LYS B 29 0.95 -4.28 12.77
N GLU B 30 -0.23 -4.80 12.43
CA GLU B 30 -0.78 -4.60 11.09
C GLU B 30 -1.44 -3.23 11.00
N GLY B 31 -1.04 -2.47 9.98
CA GLY B 31 -1.58 -1.13 9.75
C GLY B 31 -0.54 -0.06 10.02
N ALA B 32 0.47 -0.41 10.82
CA ALA B 32 1.55 0.53 11.13
C ALA B 32 1.98 1.26 9.87
N PHE B 33 1.54 2.51 9.76
CA PHE B 33 1.86 3.34 8.59
C PHE B 33 2.57 4.62 8.99
N MET B 34 3.57 4.99 8.20
CA MET B 34 4.33 6.21 8.47
C MET B 34 4.74 6.86 7.15
N VAL B 35 5.28 8.07 7.23
CA VAL B 35 5.76 8.79 6.05
C VAL B 35 7.20 9.25 6.27
N ARG B 36 7.90 9.48 5.16
CA ARG B 36 9.28 9.92 5.22
C ARG B 36 9.57 10.91 4.09
N ASP B 37 10.15 12.06 4.43
CA ASP B 37 10.47 13.07 3.44
C ASP B 37 11.37 12.48 2.36
N SER B 38 10.86 12.42 1.14
CA SER B 38 11.63 11.88 0.01
C SER B 38 12.50 12.96 -0.60
N ARG B 39 13.20 12.61 -1.67
CA ARG B 39 14.07 13.56 -2.35
C ARG B 39 13.25 14.70 -2.91
N THR B 40 12.09 14.38 -3.46
CA THR B 40 11.23 15.41 -4.05
C THR B 40 10.53 16.23 -2.95
N PRO B 41 10.59 17.54 -2.99
CA PRO B 41 9.95 18.41 -1.96
C PRO B 41 8.42 18.41 -2.06
N GLY B 42 7.90 18.13 -3.26
CA GLY B 42 6.47 18.11 -3.49
C GLY B 42 5.92 16.69 -3.44
N THR B 43 6.73 15.78 -2.89
CA THR B 43 6.32 14.40 -2.79
C THR B 43 7.19 13.67 -1.76
N TYR B 44 6.55 13.15 -0.72
CA TYR B 44 7.26 12.40 0.33
C TYR B 44 7.13 10.91 0.06
N THR B 45 7.30 10.07 1.09
CA THR B 45 7.22 8.64 0.91
C THR B 45 6.36 8.07 2.02
N VAL B 46 5.47 7.15 1.68
CA VAL B 46 4.58 6.53 2.67
C VAL B 46 5.11 5.17 3.08
N SER B 47 5.82 5.11 4.22
CA SER B 47 6.36 3.84 4.70
C SER B 47 5.27 3.04 5.41
N VAL B 48 4.62 2.14 4.68
CA VAL B 48 3.56 1.31 5.24
C VAL B 48 4.10 -0.04 5.65
N PHE B 49 4.00 -0.35 6.94
CA PHE B 49 4.47 -1.64 7.47
C PHE B 49 3.30 -2.51 7.91
N THR B 50 3.30 -3.74 7.42
CA THR B 50 2.24 -4.68 7.78
C THR B 50 2.73 -6.11 7.60
N LYS B 51 2.72 -6.89 8.68
CA LYS B 51 3.16 -8.27 8.61
C LYS B 51 2.50 -8.98 7.44
N ALA B 52 3.14 -8.92 6.28
CA ALA B 52 2.61 -9.56 5.07
C ALA B 52 3.73 -10.15 4.24
N ILE B 53 3.37 -10.63 3.05
CA ILE B 53 4.35 -11.24 2.15
C ILE B 53 4.98 -12.46 2.79
N ILE B 54 5.01 -13.56 2.03
CA ILE B 54 5.58 -14.80 2.52
C ILE B 54 7.06 -14.90 2.16
N SER B 55 7.44 -14.25 1.07
CA SER B 55 8.83 -14.29 0.62
C SER B 55 9.76 -13.80 1.72
N GLU B 56 9.29 -12.84 2.50
CA GLU B 56 10.09 -12.30 3.59
C GLU B 56 9.24 -11.41 4.46
N ASN B 57 9.05 -11.82 5.72
CA ASN B 57 8.24 -11.01 6.65
C ASN B 57 9.04 -10.70 7.93
N PRO B 58 8.84 -9.55 8.54
CA PRO B 58 7.89 -8.50 8.05
C PRO B 58 8.42 -7.81 6.79
N CYS B 59 7.69 -6.83 6.30
CA CYS B 59 8.09 -6.11 5.11
C CYS B 59 7.57 -4.68 5.18
N ILE B 60 8.27 -3.78 4.52
CA ILE B 60 7.89 -2.37 4.51
C ILE B 60 7.38 -1.96 3.15
N LYS B 61 6.11 -1.59 3.09
CA LYS B 61 5.48 -1.16 1.85
C LYS B 61 5.63 0.34 1.69
N HIS B 62 6.36 0.74 0.66
CA HIS B 62 6.58 2.17 0.39
C HIS B 62 5.74 2.65 -0.78
N TYR B 63 4.58 3.23 -0.48
CA TYR B 63 3.70 3.75 -1.53
C TYR B 63 4.07 5.19 -1.82
N HIS B 64 4.99 5.37 -2.75
CA HIS B 64 5.44 6.70 -3.13
C HIS B 64 4.30 7.52 -3.70
N ILE B 65 4.15 8.74 -3.22
CA ILE B 65 3.08 9.61 -3.68
C ILE B 65 3.18 9.82 -5.19
N LYS B 66 2.09 9.53 -5.90
CA LYS B 66 2.06 9.67 -7.34
C LYS B 66 1.81 11.13 -7.72
N GLU B 67 2.90 11.89 -7.84
CA GLU B 67 2.77 13.30 -8.19
C GLU B 67 2.31 13.45 -9.63
N THR B 68 1.16 14.09 -9.83
CA THR B 68 0.62 14.29 -11.18
C THR B 68 0.06 15.70 -11.32
N ASN B 69 0.94 16.69 -11.29
CA ASN B 69 0.53 18.09 -11.42
C ASN B 69 -0.50 18.24 -12.52
N ASP B 70 -1.77 18.33 -12.13
CA ASP B 70 -2.87 18.47 -13.08
C ASP B 70 -3.33 19.93 -13.15
N SER B 71 -4.27 20.31 -12.28
CA SER B 71 -4.81 21.66 -12.25
C SER B 71 -5.75 21.82 -11.04
N PRO B 72 -5.29 21.53 -9.84
CA PRO B 72 -3.93 21.03 -9.56
C PRO B 72 -3.87 19.51 -9.56
N LYS B 73 -4.41 18.88 -8.52
CA LYS B 73 -4.40 17.43 -8.42
C LYS B 73 -3.00 16.89 -8.72
N ARG B 74 -2.35 16.41 -7.68
CA ARG B 74 -0.99 15.88 -7.81
C ARG B 74 -0.75 14.70 -6.85
N TYR B 75 -1.17 14.85 -5.60
CA TYR B 75 -0.96 13.80 -4.61
C TYR B 75 -2.10 12.82 -4.58
N TYR B 76 -1.78 11.55 -4.72
CA TYR B 76 -2.78 10.50 -4.71
C TYR B 76 -2.09 9.14 -4.77
N VAL B 77 -2.71 8.11 -4.21
CA VAL B 77 -2.14 6.77 -4.27
C VAL B 77 -3.27 5.73 -4.25
N ALA B 78 -3.86 5.47 -5.41
CA ALA B 78 -4.95 4.49 -5.52
C ALA B 78 -5.74 4.73 -6.80
N GLU B 79 -5.35 5.75 -7.56
CA GLU B 79 -6.05 6.07 -8.80
C GLU B 79 -7.52 6.34 -8.52
N LYS B 80 -7.90 6.28 -7.24
CA LYS B 80 -9.29 6.54 -6.85
C LYS B 80 -9.52 8.02 -6.64
N TYR B 81 -9.08 8.53 -5.48
CA TYR B 81 -9.25 9.95 -5.15
C TYR B 81 -7.89 10.65 -5.18
N VAL B 82 -7.90 11.94 -5.51
CA VAL B 82 -6.68 12.72 -5.59
C VAL B 82 -6.73 13.88 -4.60
N PHE B 83 -5.59 14.13 -3.95
CA PHE B 83 -5.49 15.19 -2.96
C PHE B 83 -4.42 16.20 -3.36
N ASP B 84 -4.33 17.29 -2.60
CA ASP B 84 -3.34 18.35 -2.88
C ASP B 84 -2.54 18.65 -1.64
N SER B 85 -2.71 17.82 -0.63
CA SER B 85 -1.98 18.03 0.60
C SER B 85 -1.85 16.76 1.41
N ILE B 86 -0.96 15.86 0.93
CA ILE B 86 -0.65 14.56 1.57
C ILE B 86 -1.49 14.38 2.84
N PRO B 87 -1.34 15.25 3.83
CA PRO B 87 -2.17 15.20 5.04
C PRO B 87 -3.61 14.73 4.75
N LEU B 88 -4.12 15.01 3.56
CA LEU B 88 -5.50 14.65 3.19
C LEU B 88 -5.57 13.21 2.72
N LEU B 89 -4.41 12.61 2.59
CA LEU B 89 -4.28 11.23 2.16
C LEU B 89 -4.13 10.33 3.37
N ILE B 90 -3.74 10.91 4.49
CA ILE B 90 -3.58 10.11 5.71
C ILE B 90 -4.87 10.06 6.49
N GLN B 91 -5.81 10.93 6.13
CA GLN B 91 -7.08 11.00 6.84
C GLN B 91 -8.14 10.15 6.15
N TYR B 92 -8.32 10.35 4.84
CA TYR B 92 -9.31 9.60 4.09
C TYR B 92 -9.00 8.10 4.12
N HIS B 93 -7.72 7.76 4.27
CA HIS B 93 -7.30 6.35 4.29
C HIS B 93 -7.28 5.82 5.71
N GLN B 94 -7.15 6.72 6.68
CA GLN B 94 -7.08 6.30 8.06
C GLN B 94 -8.28 5.44 8.40
N TYR B 95 -9.40 5.72 7.76
CA TYR B 95 -10.62 4.94 7.98
C TYR B 95 -11.28 4.61 6.67
N ASN B 96 -12.53 5.05 6.52
CA ASN B 96 -13.34 4.81 5.31
C ASN B 96 -12.83 3.60 4.54
N GLY B 97 -12.69 3.74 3.23
CA GLY B 97 -12.18 2.65 2.41
C GLY B 97 -11.71 3.17 1.07
N GLY B 98 -10.55 2.73 0.63
CA GLY B 98 -9.99 3.17 -0.64
C GLY B 98 -8.99 2.16 -1.17
N GLY B 99 -8.17 2.60 -2.12
CA GLY B 99 -7.18 1.72 -2.72
C GLY B 99 -5.97 1.56 -1.82
N LEU B 100 -6.11 0.70 -0.82
CA LEU B 100 -5.02 0.45 0.12
C LEU B 100 -4.96 -1.04 0.50
N VAL B 101 -3.77 -1.58 0.50
CA VAL B 101 -3.61 -2.97 0.83
C VAL B 101 -4.24 -3.34 2.18
N THR B 102 -4.08 -2.47 3.18
CA THR B 102 -4.62 -2.76 4.50
C THR B 102 -5.25 -1.50 5.09
N ARG B 103 -5.26 -0.41 4.32
CA ARG B 103 -5.85 0.84 4.78
C ARG B 103 -5.18 1.31 6.07
N LEU B 104 -4.81 2.57 6.09
CA LEU B 104 -4.15 3.13 7.26
C LEU B 104 -5.08 3.06 8.45
N ARG B 105 -4.56 2.53 9.56
CA ARG B 105 -5.36 2.40 10.78
C ARG B 105 -4.45 2.48 11.99
N TYR B 106 -3.21 2.88 11.78
CA TYR B 106 -2.27 3.00 12.89
C TYR B 106 -1.15 3.99 12.55
N PRO B 107 -1.26 5.23 12.98
CA PRO B 107 -0.20 6.25 12.76
C PRO B 107 0.92 6.12 13.80
N VAL B 108 2.15 5.99 13.32
CA VAL B 108 3.30 5.85 14.21
C VAL B 108 4.17 7.11 14.16
N CYS B 109 4.57 7.59 15.33
CA CYS B 109 5.40 8.78 15.42
C CYS B 109 6.88 8.42 15.31
N GLY B 110 7.70 9.41 14.98
CA GLY B 110 9.13 9.18 14.85
C GLY B 110 9.78 8.96 16.21
N GLY A 1 9.16 -20.88 -16.27
CA GLY A 1 9.23 -20.21 -14.94
C GLY A 1 9.17 -18.70 -15.14
N SER A 2 8.17 -18.06 -14.53
CA SER A 2 8.01 -16.61 -14.65
C SER A 2 8.19 -16.17 -16.10
N PRO A 3 7.33 -16.61 -16.98
CA PRO A 3 7.39 -16.27 -18.41
C PRO A 3 6.85 -14.86 -18.68
N GLU A 4 5.57 -14.77 -19.02
CA GLU A 4 4.93 -13.48 -19.30
C GLU A 4 4.21 -12.95 -18.05
N GLU A 5 3.48 -13.86 -17.41
CA GLU A 5 2.70 -13.52 -16.21
C GLU A 5 3.01 -14.51 -15.09
N THR A 6 2.48 -14.22 -13.90
CA THR A 6 2.69 -15.08 -12.73
C THR A 6 1.38 -15.28 -11.97
N LEU A 7 1.38 -16.19 -11.01
CA LEU A 7 0.17 -16.43 -10.20
C LEU A 7 0.43 -15.96 -8.78
N VAL A 8 -0.64 -15.51 -8.10
CA VAL A 8 -0.51 -15.02 -6.73
C VAL A 8 -1.57 -15.68 -5.86
N ILE A 9 -1.40 -15.60 -4.53
CA ILE A 9 -2.33 -16.21 -3.60
C ILE A 9 -2.43 -15.35 -2.33
N ALA A 10 -3.58 -15.39 -1.67
CA ALA A 10 -3.77 -14.60 -0.44
C ALA A 10 -3.27 -15.38 0.79
N LEU A 11 -2.34 -14.79 1.52
CA LEU A 11 -1.80 -15.45 2.70
C LEU A 11 -2.83 -15.44 3.83
N TYR A 12 -3.46 -14.28 4.05
CA TYR A 12 -4.49 -14.15 5.10
C TYR A 12 -5.88 -14.13 4.46
N ASP A 13 -6.89 -13.89 5.29
CA ASP A 13 -8.27 -13.85 4.80
C ASP A 13 -8.70 -12.40 4.54
N TYR A 14 -8.38 -11.89 3.36
CA TYR A 14 -8.75 -10.52 2.99
C TYR A 14 -10.10 -10.50 2.29
N GLN A 15 -11.01 -9.65 2.75
CA GLN A 15 -12.32 -9.54 2.15
C GLN A 15 -12.94 -8.18 2.48
N THR A 16 -13.59 -7.58 1.49
CA THR A 16 -14.25 -6.28 1.69
C THR A 16 -15.49 -6.18 0.81
N ASN A 17 -16.41 -5.32 1.21
CA ASN A 17 -17.63 -5.10 0.45
C ASN A 17 -17.42 -3.97 -0.53
N ASP A 18 -16.15 -3.68 -0.81
CA ASP A 18 -15.83 -2.60 -1.72
C ASP A 18 -16.12 -3.00 -3.18
N PRO A 19 -16.62 -2.09 -4.00
CA PRO A 19 -16.93 -2.39 -5.43
C PRO A 19 -15.66 -2.56 -6.29
N GLN A 20 -14.60 -1.86 -5.91
CA GLN A 20 -13.35 -1.92 -6.67
C GLN A 20 -12.53 -3.13 -6.26
N GLU A 21 -11.91 -3.04 -5.09
CA GLU A 21 -11.08 -4.12 -4.58
C GLU A 21 -11.75 -5.47 -4.85
N LEU A 22 -10.94 -6.51 -4.94
CA LEU A 22 -11.47 -7.85 -5.21
C LEU A 22 -11.50 -8.69 -3.95
N ALA A 23 -12.56 -9.49 -3.80
CA ALA A 23 -12.70 -10.35 -2.64
C ALA A 23 -11.71 -11.52 -2.72
N LEU A 24 -10.98 -11.76 -1.62
CA LEU A 24 -9.96 -12.80 -1.58
C LEU A 24 -10.12 -13.65 -0.32
N ARG A 25 -9.34 -14.72 -0.19
CA ARG A 25 -9.41 -15.57 0.96
C ARG A 25 -8.32 -16.63 0.85
N CYS A 26 -8.14 -17.37 1.93
CA CYS A 26 -7.14 -18.42 1.96
C CYS A 26 -7.37 -19.43 0.85
N ASP A 27 -6.31 -20.10 0.44
CA ASP A 27 -6.41 -21.10 -0.60
C ASP A 27 -7.07 -20.51 -1.84
N GLU A 28 -6.83 -19.22 -2.11
CA GLU A 28 -7.40 -18.56 -3.26
C GLU A 28 -6.31 -17.97 -4.14
N GLU A 29 -6.12 -18.59 -5.31
CA GLU A 29 -5.12 -18.15 -6.27
C GLU A 29 -5.80 -17.50 -7.47
N TYR A 30 -5.10 -16.56 -8.09
CA TYR A 30 -5.62 -15.86 -9.26
C TYR A 30 -4.53 -15.74 -10.30
N TYR A 31 -4.70 -14.80 -11.24
CA TYR A 31 -3.68 -14.60 -12.28
C TYR A 31 -3.22 -13.14 -12.25
N LEU A 32 -1.94 -12.91 -12.00
CA LEU A 32 -1.45 -11.53 -11.94
C LEU A 32 -1.59 -10.86 -13.30
N LEU A 33 -2.23 -9.68 -13.30
CA LEU A 33 -2.43 -8.92 -14.54
C LEU A 33 -1.67 -7.61 -14.50
N ASP A 34 -1.49 -7.03 -13.30
CA ASP A 34 -0.74 -5.78 -13.19
C ASP A 34 0.19 -5.83 -11.99
N SER A 35 1.43 -6.28 -12.21
CA SER A 35 2.42 -6.38 -11.14
C SER A 35 3.31 -5.15 -11.13
N SER A 36 3.14 -4.31 -12.13
CA SER A 36 3.92 -3.09 -12.24
C SER A 36 3.60 -2.14 -11.10
N GLU A 37 2.34 -2.13 -10.68
CA GLU A 37 1.92 -1.27 -9.58
C GLU A 37 2.62 -1.69 -8.30
N ILE A 38 2.56 -0.83 -7.28
CA ILE A 38 3.20 -1.11 -6.00
C ILE A 38 2.17 -1.44 -4.93
N HIS A 39 0.92 -1.01 -5.17
CA HIS A 39 -0.14 -1.21 -4.21
C HIS A 39 -0.97 -2.43 -4.54
N TRP A 40 -2.03 -2.22 -5.32
CA TRP A 40 -2.91 -3.34 -5.68
C TRP A 40 -2.47 -3.99 -6.98
N TRP A 41 -2.49 -5.34 -7.03
CA TRP A 41 -2.09 -6.05 -8.25
C TRP A 41 -3.28 -6.81 -8.83
N ARG A 42 -3.88 -6.24 -9.88
CA ARG A 42 -5.05 -6.83 -10.51
C ARG A 42 -5.00 -8.34 -10.50
N VAL A 43 -6.14 -8.95 -10.71
CA VAL A 43 -6.21 -10.38 -10.73
C VAL A 43 -7.51 -10.86 -11.37
N GLN A 44 -7.51 -12.13 -11.76
CA GLN A 44 -8.67 -12.74 -12.42
C GLN A 44 -9.02 -14.07 -11.76
N ASP A 45 -10.12 -14.10 -11.04
CA ASP A 45 -10.56 -15.33 -10.39
C ASP A 45 -11.15 -16.26 -11.44
N LYS A 46 -10.91 -17.56 -11.28
CA LYS A 46 -11.41 -18.56 -12.23
C LYS A 46 -12.91 -18.34 -12.46
N ASN A 47 -13.59 -17.85 -11.43
CA ASN A 47 -15.02 -17.60 -11.51
C ASN A 47 -15.32 -16.40 -12.40
N GLY A 48 -14.32 -15.52 -12.55
CA GLY A 48 -14.47 -14.33 -13.38
C GLY A 48 -14.66 -13.09 -12.53
N HIS A 49 -13.95 -13.04 -11.40
CA HIS A 49 -14.04 -11.90 -10.50
C HIS A 49 -12.81 -11.01 -10.67
N GLU A 50 -12.93 -10.01 -11.54
CA GLU A 50 -11.82 -9.11 -11.82
C GLU A 50 -11.87 -7.85 -10.95
N GLY A 51 -10.83 -7.66 -10.17
CA GLY A 51 -10.75 -6.49 -9.30
C GLY A 51 -9.34 -6.28 -8.76
N TYR A 52 -9.09 -5.08 -8.23
CA TYR A 52 -7.77 -4.79 -7.70
C TYR A 52 -7.52 -5.56 -6.41
N ALA A 53 -6.40 -6.28 -6.35
CA ALA A 53 -6.07 -7.07 -5.14
C ALA A 53 -4.78 -6.54 -4.52
N PRO A 54 -4.61 -6.72 -3.21
CA PRO A 54 -3.43 -6.16 -2.47
C PRO A 54 -2.10 -6.60 -3.05
N SER A 55 -1.03 -6.29 -2.34
CA SER A 55 0.31 -6.67 -2.79
C SER A 55 1.04 -7.41 -1.68
N SER A 56 0.77 -7.01 -0.43
CA SER A 56 1.42 -7.65 0.69
C SER A 56 0.83 -9.04 0.92
N TYR A 57 -0.49 -9.13 1.00
CA TYR A 57 -1.15 -10.40 1.21
C TYR A 57 -0.97 -11.30 0.03
N LEU A 58 -0.40 -10.77 -1.03
CA LEU A 58 -0.19 -11.55 -2.23
C LEU A 58 1.28 -11.85 -2.43
N VAL A 59 1.58 -12.95 -3.12
CA VAL A 59 2.99 -13.26 -3.39
C VAL A 59 3.07 -14.14 -4.63
N GLU A 60 3.94 -13.77 -5.56
CA GLU A 60 4.05 -14.54 -6.79
C GLU A 60 4.43 -15.97 -6.48
N LYS A 61 3.69 -16.88 -7.10
CA LYS A 61 3.91 -18.31 -6.88
C LYS A 61 5.33 -18.68 -7.30
N SER A 62 5.79 -18.10 -8.41
CA SER A 62 7.13 -18.37 -8.92
C SER A 62 7.25 -19.82 -9.39
N PRO A 63 6.53 -20.18 -10.42
CA PRO A 63 6.56 -21.55 -10.99
C PRO A 63 7.82 -21.81 -11.82
N ASN B 3 5.88 22.58 2.45
CA ASN B 3 5.05 22.20 3.63
C ASN B 3 5.93 21.58 4.71
N ASN B 4 5.72 22.00 5.95
CA ASN B 4 6.49 21.48 7.07
C ASN B 4 6.06 20.09 7.46
N LEU B 5 4.76 19.90 7.50
CA LEU B 5 4.18 18.64 7.88
C LEU B 5 4.69 18.22 9.26
N GLU B 6 5.61 18.99 9.82
CA GLU B 6 6.15 18.68 11.13
C GLU B 6 5.04 18.61 12.16
N THR B 7 3.85 19.12 11.80
CA THR B 7 2.72 19.11 12.71
C THR B 7 2.19 17.70 12.89
N TYR B 8 2.27 16.92 11.82
CA TYR B 8 1.79 15.53 11.87
C TYR B 8 2.89 14.60 12.37
N GLU B 9 2.58 13.30 12.40
CA GLU B 9 3.51 12.29 12.88
C GLU B 9 4.13 11.51 11.72
N TRP B 10 3.27 10.89 10.92
CA TRP B 10 3.74 10.09 9.79
C TRP B 10 4.86 10.79 9.05
N TYR B 11 4.83 12.12 9.09
CA TYR B 11 5.86 12.89 8.40
C TYR B 11 7.12 12.96 9.23
N ASN B 12 8.22 12.50 8.65
CA ASN B 12 9.51 12.51 9.34
C ASN B 12 10.66 12.63 8.34
N LYS B 13 11.29 13.80 8.31
CA LYS B 13 12.41 14.05 7.41
C LYS B 13 13.74 13.74 8.09
N SER B 14 13.81 14.04 9.38
CA SER B 14 15.04 13.80 10.14
C SER B 14 15.40 12.32 10.13
N ILE B 15 14.39 11.47 9.99
CA ILE B 15 14.62 10.02 9.97
C ILE B 15 14.98 9.55 8.57
N SER B 16 15.83 8.54 8.49
CA SER B 16 16.25 8.00 7.19
C SER B 16 15.31 6.85 6.78
N ARG B 17 15.49 6.38 5.54
CA ARG B 17 14.66 5.30 5.03
C ARG B 17 14.97 3.99 5.74
N ASP B 18 16.26 3.78 6.00
CA ASP B 18 16.69 2.56 6.67
C ASP B 18 16.09 2.46 8.07
N LYS B 19 16.05 3.58 8.77
CA LYS B 19 15.51 3.60 10.11
C LYS B 19 13.98 3.52 10.06
N ALA B 20 13.42 3.90 8.91
CA ALA B 20 11.97 3.88 8.73
C ALA B 20 11.45 2.46 8.56
N GLU B 21 12.37 1.53 8.31
CA GLU B 21 12.02 0.13 8.13
C GLU B 21 12.01 -0.61 9.47
N LYS B 22 12.96 -0.27 10.33
CA LYS B 22 13.06 -0.92 11.64
C LYS B 22 12.17 -0.22 12.65
N LEU B 23 12.05 1.09 12.51
CA LEU B 23 11.24 1.87 13.42
C LEU B 23 9.82 1.35 13.45
N LEU B 24 9.28 1.09 12.28
CA LEU B 24 7.92 0.58 12.18
C LEU B 24 7.81 -0.78 12.86
N LEU B 25 8.83 -1.60 12.68
CA LEU B 25 8.83 -2.93 13.26
C LEU B 25 8.53 -2.86 14.75
N ASP B 26 8.97 -1.77 15.38
CA ASP B 26 8.75 -1.59 16.81
C ASP B 26 7.26 -1.55 17.12
N THR B 27 6.48 -1.01 16.17
CA THR B 27 5.05 -0.90 16.37
C THR B 27 4.46 -2.23 16.80
N GLY B 28 4.87 -3.31 16.12
CA GLY B 28 4.40 -4.64 16.45
C GLY B 28 2.91 -4.78 16.15
N LYS B 29 2.39 -3.90 15.29
CA LYS B 29 0.97 -3.94 14.94
C LYS B 29 0.82 -3.83 13.42
N GLU B 30 -0.17 -4.54 12.90
CA GLU B 30 -0.42 -4.50 11.46
C GLU B 30 -1.13 -3.22 11.07
N GLY B 31 -0.74 -2.66 9.93
CA GLY B 31 -1.35 -1.43 9.44
C GLY B 31 -0.42 -0.23 9.64
N ALA B 32 0.38 -0.29 10.74
CA ALA B 32 1.33 0.78 11.07
C ALA B 32 1.70 1.55 9.80
N PHE B 33 1.23 2.79 9.74
CA PHE B 33 1.46 3.62 8.54
C PHE B 33 2.25 4.87 8.87
N MET B 34 3.28 5.15 8.08
CA MET B 34 4.10 6.34 8.27
C MET B 34 4.47 6.95 6.93
N VAL B 35 5.06 8.14 6.99
CA VAL B 35 5.50 8.86 5.80
C VAL B 35 6.95 9.27 5.96
N ARG B 36 7.61 9.50 4.83
CA ARG B 36 9.00 9.91 4.86
C ARG B 36 9.33 10.73 3.61
N ASP B 37 10.02 11.86 3.80
CA ASP B 37 10.37 12.70 2.68
C ASP B 37 11.18 11.91 1.66
N SER B 38 10.83 12.10 0.39
CA SER B 38 11.53 11.40 -0.70
C SER B 38 12.65 12.27 -1.29
N ARG B 39 13.25 11.79 -2.37
CA ARG B 39 14.32 12.54 -3.02
C ARG B 39 13.80 13.87 -3.52
N THR B 40 12.56 13.88 -4.01
CA THR B 40 11.97 15.12 -4.51
C THR B 40 11.33 15.92 -3.36
N PRO B 41 11.63 17.20 -3.21
CA PRO B 41 11.04 18.04 -2.12
C PRO B 41 9.56 18.36 -2.35
N GLY B 42 8.94 17.61 -3.27
CA GLY B 42 7.52 17.82 -3.59
C GLY B 42 6.79 16.50 -3.74
N THR B 43 7.34 15.44 -3.14
CA THR B 43 6.72 14.13 -3.21
C THR B 43 7.34 13.19 -2.17
N TYR B 44 6.78 13.20 -0.97
CA TYR B 44 7.28 12.35 0.12
C TYR B 44 7.02 10.89 -0.19
N THR B 45 7.10 10.03 0.81
CA THR B 45 6.88 8.60 0.58
C THR B 45 6.07 8.06 1.73
N VAL B 46 5.19 7.11 1.44
CA VAL B 46 4.36 6.51 2.48
C VAL B 46 4.90 5.15 2.90
N SER B 47 5.56 5.10 4.07
CA SER B 47 6.09 3.84 4.57
C SER B 47 5.02 3.09 5.34
N VAL B 48 4.46 2.04 4.72
CA VAL B 48 3.41 1.24 5.36
C VAL B 48 3.92 -0.13 5.74
N PHE B 49 3.82 -0.45 7.03
CA PHE B 49 4.27 -1.73 7.57
C PHE B 49 3.08 -2.57 8.01
N THR B 50 3.04 -3.80 7.53
CA THR B 50 1.97 -4.71 7.88
C THR B 50 2.45 -6.15 7.77
N LYS B 51 2.51 -6.85 8.89
CA LYS B 51 2.96 -8.24 8.91
C LYS B 51 2.28 -9.03 7.79
N ALA B 52 2.90 -9.04 6.63
CA ALA B 52 2.36 -9.74 5.47
C ALA B 52 3.49 -10.36 4.64
N ILE B 53 3.15 -10.84 3.46
CA ILE B 53 4.13 -11.45 2.57
C ILE B 53 4.71 -12.70 3.22
N ILE B 54 4.93 -13.73 2.40
CA ILE B 54 5.50 -14.98 2.90
C ILE B 54 7.01 -15.01 2.72
N SER B 55 7.47 -14.48 1.60
CA SER B 55 8.89 -14.46 1.29
C SER B 55 9.67 -13.65 2.32
N GLU B 56 9.11 -12.52 2.72
CA GLU B 56 9.75 -11.64 3.70
C GLU B 56 8.72 -11.12 4.66
N ASN B 57 8.79 -11.59 5.90
CA ASN B 57 7.85 -11.15 6.94
C ASN B 57 8.60 -10.84 8.26
N PRO B 58 8.42 -9.68 8.87
CA PRO B 58 7.54 -8.58 8.36
C PRO B 58 8.12 -7.95 7.11
N CYS B 59 7.42 -6.98 6.54
CA CYS B 59 7.88 -6.32 5.33
C CYS B 59 7.40 -4.87 5.35
N ILE B 60 8.16 -4.00 4.71
CA ILE B 60 7.83 -2.57 4.67
C ILE B 60 7.42 -2.18 3.26
N LYS B 61 6.21 -1.65 3.14
CA LYS B 61 5.69 -1.22 1.86
C LYS B 61 5.79 0.29 1.73
N HIS B 62 6.45 0.71 0.67
CA HIS B 62 6.63 2.13 0.39
C HIS B 62 5.78 2.57 -0.81
N TYR B 63 4.61 3.13 -0.52
CA TYR B 63 3.72 3.60 -1.59
C TYR B 63 4.04 5.05 -1.91
N HIS B 64 4.89 5.23 -2.92
CA HIS B 64 5.30 6.55 -3.33
C HIS B 64 4.10 7.33 -3.84
N ILE B 65 3.90 8.52 -3.29
CA ILE B 65 2.78 9.36 -3.69
C ILE B 65 3.04 9.95 -5.07
N LYS B 66 2.08 9.74 -5.97
CA LYS B 66 2.21 10.25 -7.33
C LYS B 66 1.86 11.73 -7.35
N GLU B 67 2.84 12.56 -7.72
CA GLU B 67 2.64 14.00 -7.78
C GLU B 67 1.98 14.39 -9.10
N THR B 68 0.83 15.06 -9.00
CA THR B 68 0.08 15.51 -10.18
C THR B 68 0.06 17.04 -10.19
N ASN B 69 1.04 17.63 -10.85
CA ASN B 69 1.13 19.08 -10.89
C ASN B 69 -0.11 19.70 -11.54
N ASP B 70 -1.27 19.60 -10.88
CA ASP B 70 -2.49 20.16 -11.42
C ASP B 70 -3.12 21.08 -10.40
N SER B 71 -4.35 21.52 -10.65
CA SER B 71 -5.03 22.40 -9.72
C SER B 71 -6.56 22.11 -9.69
N PRO B 72 -7.08 21.39 -8.69
CA PRO B 72 -6.31 20.86 -7.53
C PRO B 72 -5.39 19.71 -7.97
N LYS B 73 -5.92 18.48 -7.95
CA LYS B 73 -5.16 17.30 -8.37
C LYS B 73 -3.66 17.44 -8.10
N ARG B 74 -3.23 16.77 -7.04
CA ARG B 74 -1.83 16.80 -6.62
C ARG B 74 -1.30 15.41 -6.29
N TYR B 75 -1.55 14.95 -5.05
CA TYR B 75 -1.06 13.64 -4.63
C TYR B 75 -2.18 12.61 -4.64
N TYR B 76 -1.82 11.34 -4.82
CA TYR B 76 -2.79 10.26 -4.87
C TYR B 76 -2.06 8.93 -4.91
N VAL B 77 -2.78 7.85 -4.61
CA VAL B 77 -2.20 6.52 -4.67
C VAL B 77 -3.29 5.53 -5.05
N ALA B 78 -2.97 4.65 -5.99
CA ALA B 78 -3.92 3.63 -6.45
C ALA B 78 -4.82 4.16 -7.56
N GLU B 79 -4.52 5.37 -8.01
CA GLU B 79 -5.29 6.00 -9.07
C GLU B 79 -6.76 6.08 -8.68
N LYS B 80 -7.04 5.81 -7.41
CA LYS B 80 -8.40 5.87 -6.91
C LYS B 80 -8.93 7.30 -6.99
N TYR B 81 -8.47 8.16 -6.07
CA TYR B 81 -8.89 9.56 -6.06
C TYR B 81 -7.70 10.47 -5.84
N VAL B 82 -7.71 11.62 -6.51
CA VAL B 82 -6.62 12.57 -6.38
C VAL B 82 -6.93 13.60 -5.32
N PHE B 83 -5.97 13.83 -4.43
CA PHE B 83 -6.14 14.79 -3.34
C PHE B 83 -5.33 16.06 -3.59
N ASP B 84 -5.26 16.92 -2.57
CA ASP B 84 -4.53 18.19 -2.69
C ASP B 84 -3.24 18.18 -1.89
N SER B 85 -3.36 17.83 -0.62
CA SER B 85 -2.21 17.83 0.27
C SER B 85 -2.15 16.58 1.14
N ILE B 86 -1.33 15.62 0.70
CA ILE B 86 -1.08 14.35 1.42
C ILE B 86 -1.96 14.27 2.67
N PRO B 87 -1.77 15.17 3.66
CA PRO B 87 -2.62 15.19 4.88
C PRO B 87 -4.06 14.70 4.60
N LEU B 88 -4.53 14.89 3.38
CA LEU B 88 -5.86 14.43 3.01
C LEU B 88 -5.86 12.94 2.76
N LEU B 89 -4.98 12.51 1.86
CA LEU B 89 -4.88 11.11 1.53
C LEU B 89 -4.66 10.29 2.79
N ILE B 90 -4.15 10.93 3.82
CA ILE B 90 -3.92 10.24 5.08
C ILE B 90 -5.22 10.12 5.88
N GLN B 91 -6.17 11.03 5.66
CA GLN B 91 -7.43 11.01 6.38
C GLN B 91 -8.44 10.04 5.72
N TYR B 92 -8.52 10.09 4.40
CA TYR B 92 -9.44 9.22 3.68
C TYR B 92 -9.00 7.76 3.77
N HIS B 93 -7.70 7.54 3.80
CA HIS B 93 -7.16 6.19 3.88
C HIS B 93 -7.28 5.64 5.29
N GLN B 94 -7.25 6.51 6.29
CA GLN B 94 -7.33 6.07 7.68
C GLN B 94 -8.53 5.16 7.87
N TYR B 95 -9.65 5.52 7.28
CA TYR B 95 -10.86 4.70 7.39
C TYR B 95 -11.44 4.44 6.00
N ASN B 96 -12.60 5.04 5.74
CA ASN B 96 -13.33 4.91 4.45
C ASN B 96 -12.76 3.77 3.61
N GLY B 97 -11.68 4.06 2.90
CA GLY B 97 -11.01 3.06 2.07
C GLY B 97 -9.60 3.52 1.72
N GLY B 98 -8.62 2.62 1.89
CA GLY B 98 -7.22 2.93 1.60
C GLY B 98 -6.76 2.17 0.36
N GLY B 99 -5.85 2.79 -0.39
CA GLY B 99 -5.33 2.18 -1.62
C GLY B 99 -4.07 1.37 -1.32
N LEU B 100 -4.16 0.51 -0.30
CA LEU B 100 -3.03 -0.33 0.11
C LEU B 100 -3.49 -1.77 0.27
N VAL B 101 -3.07 -2.41 1.37
CA VAL B 101 -3.46 -3.78 1.65
C VAL B 101 -4.25 -3.88 2.94
N THR B 102 -4.07 -2.88 3.80
CA THR B 102 -4.75 -2.87 5.10
C THR B 102 -5.20 -1.46 5.44
N ARG B 103 -5.03 -0.55 4.48
CA ARG B 103 -5.44 0.83 4.69
C ARG B 103 -4.71 1.42 5.90
N LEU B 104 -4.71 2.74 5.99
CA LEU B 104 -4.06 3.42 7.09
C LEU B 104 -4.80 3.13 8.38
N ARG B 105 -4.04 2.69 9.40
CA ARG B 105 -4.62 2.38 10.69
C ARG B 105 -4.05 3.29 11.76
N TYR B 106 -2.82 3.01 12.20
CA TYR B 106 -2.19 3.81 13.26
C TYR B 106 -1.08 4.74 12.72
N PRO B 107 -1.10 6.02 13.02
CA PRO B 107 -0.03 6.94 12.59
C PRO B 107 1.20 6.80 13.49
N VAL B 108 2.30 6.36 12.91
CA VAL B 108 3.53 6.17 13.67
C VAL B 108 4.37 7.45 13.62
N CYS B 109 5.33 7.56 14.53
CA CYS B 109 6.21 8.74 14.59
C CYS B 109 7.67 8.31 14.52
N GLY B 110 8.54 9.28 14.30
CA GLY B 110 9.97 9.01 14.20
C GLY B 110 10.54 8.56 15.54
N GLY A 1 6.94 -15.18 -12.88
CA GLY A 1 6.31 -15.35 -14.22
C GLY A 1 7.36 -15.78 -15.23
N SER A 2 7.35 -17.07 -15.56
CA SER A 2 8.28 -17.62 -16.53
C SER A 2 7.83 -17.27 -17.96
N PRO A 3 6.57 -17.48 -18.27
CA PRO A 3 6.04 -17.19 -19.62
C PRO A 3 5.72 -15.71 -19.81
N GLU A 4 4.66 -15.23 -19.16
CA GLU A 4 4.26 -13.84 -19.28
C GLU A 4 3.79 -13.30 -17.93
N GLU A 5 2.99 -14.11 -17.23
CA GLU A 5 2.43 -13.75 -15.93
C GLU A 5 2.71 -14.82 -14.90
N THR A 6 2.27 -14.58 -13.66
CA THR A 6 2.48 -15.54 -12.57
C THR A 6 1.19 -15.71 -11.76
N LEU A 7 1.06 -16.81 -11.04
CA LEU A 7 -0.13 -17.01 -10.21
C LEU A 7 0.20 -16.59 -8.78
N VAL A 8 -0.77 -16.02 -8.08
CA VAL A 8 -0.56 -15.56 -6.70
C VAL A 8 -1.64 -16.17 -5.80
N ILE A 9 -1.48 -16.01 -4.48
CA ILE A 9 -2.43 -16.55 -3.52
C ILE A 9 -2.55 -15.62 -2.31
N ALA A 10 -3.71 -15.63 -1.65
CA ALA A 10 -3.93 -14.77 -0.48
C ALA A 10 -3.44 -15.46 0.79
N LEU A 11 -2.56 -14.77 1.54
CA LEU A 11 -2.04 -15.34 2.78
C LEU A 11 -3.06 -15.23 3.90
N TYR A 12 -3.65 -14.02 4.04
CA TYR A 12 -4.64 -13.79 5.10
C TYR A 12 -6.02 -13.52 4.47
N ASP A 13 -7.07 -13.75 5.24
CA ASP A 13 -8.42 -13.52 4.76
C ASP A 13 -8.64 -12.03 4.47
N TYR A 14 -9.34 -11.75 3.38
CA TYR A 14 -9.62 -10.35 3.00
C TYR A 14 -11.04 -10.25 2.46
N GLN A 15 -11.60 -9.04 2.53
CA GLN A 15 -12.96 -8.79 2.05
C GLN A 15 -13.01 -7.52 1.21
N THR A 16 -13.85 -7.52 0.20
CA THR A 16 -13.99 -6.36 -0.68
C THR A 16 -14.36 -5.13 0.12
N ASN A 17 -13.52 -4.10 0.05
CA ASN A 17 -13.78 -2.85 0.76
C ASN A 17 -14.31 -1.80 -0.21
N ASP A 18 -14.50 -2.20 -1.45
CA ASP A 18 -15.02 -1.28 -2.46
C ASP A 18 -15.20 -1.99 -3.81
N PRO A 19 -16.04 -1.45 -4.66
CA PRO A 19 -16.30 -2.04 -6.01
C PRO A 19 -15.05 -2.08 -6.87
N GLN A 20 -14.09 -1.22 -6.55
CA GLN A 20 -12.84 -1.17 -7.31
C GLN A 20 -12.13 -2.51 -7.25
N GLU A 21 -12.15 -3.13 -6.08
CA GLU A 21 -11.52 -4.44 -5.87
C GLU A 21 -12.57 -5.51 -5.69
N LEU A 22 -12.17 -6.76 -5.84
CA LEU A 22 -13.08 -7.90 -5.71
C LEU A 22 -12.86 -8.62 -4.39
N ALA A 23 -13.80 -9.49 -4.03
CA ALA A 23 -13.67 -10.25 -2.79
C ALA A 23 -12.68 -11.40 -2.94
N LEU A 24 -11.89 -11.66 -1.89
CA LEU A 24 -10.88 -12.72 -1.89
C LEU A 24 -11.15 -13.68 -0.73
N ARG A 25 -10.27 -14.67 -0.54
CA ARG A 25 -10.43 -15.62 0.53
C ARG A 25 -9.23 -16.55 0.56
N CYS A 26 -8.69 -16.77 1.73
CA CYS A 26 -7.52 -17.65 1.87
C CYS A 26 -7.67 -18.89 0.98
N ASP A 27 -6.55 -19.56 0.77
CA ASP A 27 -6.55 -20.76 -0.05
C ASP A 27 -7.13 -20.50 -1.42
N GLU A 28 -6.97 -19.27 -1.91
CA GLU A 28 -7.48 -18.88 -3.21
C GLU A 28 -6.36 -18.31 -4.08
N GLU A 29 -6.27 -18.83 -5.29
CA GLU A 29 -5.27 -18.40 -6.24
C GLU A 29 -5.90 -17.66 -7.40
N TYR A 30 -5.15 -16.75 -8.00
CA TYR A 30 -5.65 -15.98 -9.14
C TYR A 30 -4.55 -15.88 -10.19
N TYR A 31 -4.69 -14.92 -11.10
CA TYR A 31 -3.66 -14.73 -12.15
C TYR A 31 -3.20 -13.28 -12.16
N LEU A 32 -1.91 -13.07 -11.93
CA LEU A 32 -1.39 -11.71 -11.91
C LEU A 32 -1.52 -11.08 -13.30
N LEU A 33 -2.12 -9.89 -13.36
CA LEU A 33 -2.31 -9.18 -14.63
C LEU A 33 -1.53 -7.87 -14.64
N ASP A 34 -1.35 -7.25 -13.47
CA ASP A 34 -0.59 -6.01 -13.42
C ASP A 34 0.33 -5.99 -12.21
N SER A 35 1.55 -6.53 -12.38
CA SER A 35 2.52 -6.56 -11.29
C SER A 35 3.41 -5.34 -11.32
N SER A 36 3.24 -4.55 -12.36
CA SER A 36 4.03 -3.33 -12.52
C SER A 36 3.69 -2.34 -11.42
N GLU A 37 2.42 -2.29 -11.02
CA GLU A 37 1.98 -1.39 -9.97
C GLU A 37 2.76 -1.66 -8.70
N ILE A 38 2.54 -0.82 -7.69
CA ILE A 38 3.24 -0.97 -6.41
C ILE A 38 2.27 -1.36 -5.30
N HIS A 39 0.98 -1.14 -5.52
CA HIS A 39 -0.04 -1.44 -4.51
C HIS A 39 -0.85 -2.67 -4.89
N TRP A 40 -2.03 -2.43 -5.45
CA TRP A 40 -2.89 -3.55 -5.80
C TRP A 40 -2.47 -4.17 -7.12
N TRP A 41 -2.45 -5.51 -7.18
CA TRP A 41 -2.07 -6.22 -8.40
C TRP A 41 -3.26 -6.94 -8.98
N ARG A 42 -3.85 -6.38 -10.05
CA ARG A 42 -5.05 -6.96 -10.65
C ARG A 42 -5.03 -8.48 -10.58
N VAL A 43 -6.18 -9.06 -10.79
CA VAL A 43 -6.31 -10.50 -10.74
C VAL A 43 -7.58 -10.95 -11.44
N GLN A 44 -7.57 -12.22 -11.85
CA GLN A 44 -8.70 -12.83 -12.55
C GLN A 44 -9.09 -14.15 -11.90
N ASP A 45 -10.15 -14.15 -11.12
CA ASP A 45 -10.60 -15.37 -10.47
C ASP A 45 -11.23 -16.30 -11.50
N LYS A 46 -11.04 -17.60 -11.29
CA LYS A 46 -11.59 -18.59 -12.20
C LYS A 46 -13.08 -18.32 -12.43
N ASN A 47 -13.76 -17.85 -11.38
CA ASN A 47 -15.17 -17.55 -11.46
C ASN A 47 -15.42 -16.33 -12.34
N GLY A 48 -14.38 -15.51 -12.50
CA GLY A 48 -14.49 -14.30 -13.33
C GLY A 48 -14.66 -13.06 -12.45
N HIS A 49 -13.96 -13.05 -11.32
CA HIS A 49 -14.01 -11.91 -10.41
C HIS A 49 -12.75 -11.07 -10.56
N GLU A 50 -12.84 -10.04 -11.39
CA GLU A 50 -11.70 -9.16 -11.67
C GLU A 50 -11.76 -7.89 -10.83
N GLY A 51 -10.74 -7.67 -10.03
CA GLY A 51 -10.70 -6.52 -9.16
C GLY A 51 -9.29 -6.28 -8.66
N TYR A 52 -9.02 -5.07 -8.18
CA TYR A 52 -7.69 -4.76 -7.67
C TYR A 52 -7.47 -5.50 -6.35
N ALA A 53 -6.57 -6.49 -6.37
CA ALA A 53 -6.28 -7.27 -5.15
C ALA A 53 -5.00 -6.78 -4.48
N PRO A 54 -4.88 -6.95 -3.18
CA PRO A 54 -3.71 -6.43 -2.40
C PRO A 54 -2.37 -6.84 -3.02
N SER A 55 -1.29 -6.57 -2.30
CA SER A 55 0.04 -6.94 -2.77
C SER A 55 0.76 -7.74 -1.70
N SER A 56 0.78 -7.23 -0.49
CA SER A 56 1.45 -7.91 0.60
C SER A 56 0.73 -9.23 0.93
N TYR A 57 -0.59 -9.22 0.85
CA TYR A 57 -1.38 -10.41 1.12
C TYR A 57 -1.24 -11.41 -0.02
N LEU A 58 -0.71 -10.93 -1.14
CA LEU A 58 -0.55 -11.78 -2.32
C LEU A 58 0.92 -12.15 -2.52
N VAL A 59 1.17 -13.26 -3.20
CA VAL A 59 2.57 -13.64 -3.48
C VAL A 59 2.58 -14.64 -4.61
N GLU A 60 3.37 -14.35 -5.61
CA GLU A 60 3.47 -15.23 -6.77
C GLU A 60 3.90 -16.62 -6.34
N LYS A 61 3.24 -17.60 -6.93
CA LYS A 61 3.52 -18.99 -6.60
C LYS A 61 4.91 -19.37 -7.07
N SER A 62 5.31 -18.81 -8.21
CA SER A 62 6.62 -19.10 -8.79
C SER A 62 6.80 -20.60 -9.01
N PRO A 63 6.06 -21.17 -9.92
CA PRO A 63 6.13 -22.62 -10.23
C PRO A 63 7.57 -23.12 -10.40
N ASN B 3 4.10 23.35 3.56
CA ASN B 3 2.90 22.87 4.31
C ASN B 3 3.29 22.60 5.76
N ASN B 4 4.60 22.60 6.03
CA ASN B 4 5.08 22.36 7.39
C ASN B 4 4.37 21.16 8.01
N LEU B 5 4.87 19.97 7.72
CA LEU B 5 4.28 18.75 8.25
C LEU B 5 4.97 18.33 9.56
N GLU B 6 5.90 19.15 10.01
CA GLU B 6 6.62 18.87 11.24
C GLU B 6 5.65 18.83 12.42
N THR B 7 4.35 18.92 12.13
CA THR B 7 3.32 18.90 13.16
C THR B 7 2.69 17.51 13.25
N TYR B 8 2.54 16.86 12.10
CA TYR B 8 1.94 15.53 12.08
C TYR B 8 2.89 14.51 12.71
N GLU B 9 2.44 13.26 12.77
CA GLU B 9 3.24 12.19 13.36
C GLU B 9 3.88 11.33 12.28
N TRP B 10 3.12 11.03 11.24
CA TRP B 10 3.62 10.22 10.14
C TRP B 10 4.76 10.93 9.42
N TYR B 11 4.78 12.25 9.52
CA TYR B 11 5.83 13.04 8.87
C TYR B 11 7.09 13.05 9.70
N ASN B 12 8.19 12.56 9.11
CA ASN B 12 9.48 12.52 9.79
C ASN B 12 10.61 12.90 8.83
N LYS B 13 11.27 14.01 9.12
CA LYS B 13 12.38 14.48 8.29
C LYS B 13 13.71 13.97 8.83
N SER B 14 13.82 13.91 10.16
CA SER B 14 15.05 13.46 10.81
C SER B 14 15.17 11.94 10.78
N ILE B 15 14.61 11.33 9.75
CA ILE B 15 14.65 9.87 9.61
C ILE B 15 15.07 9.48 8.18
N SER B 16 15.86 8.42 8.07
CA SER B 16 16.32 7.94 6.78
C SER B 16 15.58 6.64 6.41
N ARG B 17 15.68 6.26 5.15
CA ARG B 17 15.01 5.05 4.68
C ARG B 17 15.36 3.87 5.58
N ASP B 18 16.65 3.64 5.74
CA ASP B 18 17.11 2.53 6.58
C ASP B 18 16.46 2.60 7.97
N LYS B 19 16.42 3.79 8.54
CA LYS B 19 15.84 3.98 9.85
C LYS B 19 14.32 3.83 9.78
N ALA B 20 13.77 4.12 8.61
CA ALA B 20 12.33 4.05 8.41
C ALA B 20 11.85 2.59 8.36
N GLU B 21 12.80 1.68 8.20
CA GLU B 21 12.48 0.26 8.13
C GLU B 21 12.52 -0.37 9.54
N LYS B 22 13.52 0.02 10.32
CA LYS B 22 13.68 -0.51 11.67
C LYS B 22 12.70 0.14 12.63
N LEU B 23 12.51 1.44 12.45
CA LEU B 23 11.63 2.21 13.32
C LEU B 23 10.23 1.62 13.29
N LEU B 24 9.76 1.31 12.10
CA LEU B 24 8.43 0.73 11.95
C LEU B 24 8.38 -0.64 12.60
N LEU B 25 9.48 -1.37 12.53
CA LEU B 25 9.54 -2.69 13.11
C LEU B 25 9.24 -2.65 14.60
N ASP B 26 9.66 -1.59 15.26
CA ASP B 26 9.42 -1.44 16.69
C ASP B 26 7.93 -1.44 16.97
N THR B 27 7.16 -0.93 16.03
CA THR B 27 5.71 -0.86 16.20
C THR B 27 5.17 -2.22 16.62
N GLY B 28 5.63 -3.27 15.95
CA GLY B 28 5.20 -4.63 16.26
C GLY B 28 3.68 -4.78 16.18
N LYS B 29 3.06 -3.97 15.33
CA LYS B 29 1.60 -4.01 15.16
C LYS B 29 1.25 -3.90 13.68
N GLU B 30 0.28 -4.70 13.26
CA GLU B 30 -0.16 -4.69 11.88
C GLU B 30 -0.97 -3.43 11.60
N GLY B 31 -0.74 -2.83 10.44
CA GLY B 31 -1.45 -1.60 10.06
C GLY B 31 -0.62 -0.37 10.37
N ALA B 32 0.67 -0.58 10.60
CA ALA B 32 1.57 0.52 10.91
C ALA B 32 1.84 1.36 9.66
N PHE B 33 1.32 2.59 9.67
CA PHE B 33 1.49 3.50 8.53
C PHE B 33 2.24 4.77 8.92
N MET B 34 3.21 5.16 8.10
CA MET B 34 3.99 6.38 8.38
C MET B 34 4.37 7.05 7.06
N VAL B 35 4.94 8.24 7.18
CA VAL B 35 5.38 9.01 6.02
C VAL B 35 6.83 9.43 6.18
N ARG B 36 7.49 9.67 5.05
CA ARG B 36 8.88 10.08 5.04
C ARG B 36 9.13 11.04 3.90
N ASP B 37 9.63 12.23 4.23
CA ASP B 37 9.91 13.24 3.22
C ASP B 37 10.79 12.66 2.13
N SER B 38 10.40 12.89 0.88
CA SER B 38 11.15 12.39 -0.27
C SER B 38 12.12 13.46 -0.76
N ARG B 39 12.83 13.13 -1.84
CA ARG B 39 13.80 14.05 -2.41
C ARG B 39 13.10 15.35 -2.82
N THR B 40 11.88 15.24 -3.33
CA THR B 40 11.15 16.42 -3.75
C THR B 40 10.33 16.99 -2.59
N PRO B 41 10.40 18.28 -2.32
CA PRO B 41 9.64 18.91 -1.20
C PRO B 41 8.14 18.97 -1.48
N GLY B 42 7.66 18.09 -2.36
CA GLY B 42 6.24 18.06 -2.71
C GLY B 42 5.82 16.66 -3.15
N THR B 43 6.50 15.65 -2.63
CA THR B 43 6.19 14.27 -2.98
C THR B 43 6.76 13.31 -1.95
N TYR B 44 6.35 13.48 -0.69
CA TYR B 44 6.84 12.62 0.39
C TYR B 44 6.58 11.16 0.05
N THR B 45 6.68 10.28 1.04
CA THR B 45 6.45 8.86 0.79
C THR B 45 5.74 8.27 1.99
N VAL B 46 4.93 7.24 1.77
CA VAL B 46 4.21 6.60 2.86
C VAL B 46 4.83 5.25 3.20
N SER B 47 5.60 5.21 4.29
CA SER B 47 6.23 3.96 4.71
C SER B 47 5.24 3.12 5.50
N VAL B 48 4.57 2.18 4.82
CA VAL B 48 3.58 1.33 5.46
C VAL B 48 4.16 -0.03 5.82
N PHE B 49 4.14 -0.34 7.11
CA PHE B 49 4.66 -1.63 7.60
C PHE B 49 3.51 -2.51 8.08
N THR B 50 3.47 -3.74 7.58
CA THR B 50 2.45 -4.68 7.98
C THR B 50 2.95 -6.11 7.82
N LYS B 51 3.08 -6.82 8.93
CA LYS B 51 3.55 -8.20 8.90
C LYS B 51 2.77 -8.99 7.85
N ALA B 52 3.28 -8.98 6.62
CA ALA B 52 2.63 -9.69 5.52
C ALA B 52 3.67 -10.36 4.64
N ILE B 53 3.25 -10.83 3.46
CA ILE B 53 4.15 -11.50 2.53
C ILE B 53 4.75 -12.75 3.16
N ILE B 54 4.72 -13.86 2.42
CA ILE B 54 5.26 -15.12 2.92
C ILE B 54 6.74 -15.25 2.56
N SER B 55 7.15 -14.54 1.52
CA SER B 55 8.54 -14.60 1.07
C SER B 55 9.48 -14.21 2.20
N GLU B 56 9.14 -13.17 2.93
CA GLU B 56 9.97 -12.72 4.03
C GLU B 56 9.22 -11.69 4.85
N ASN B 57 9.00 -11.99 6.13
CA ASN B 57 8.28 -11.06 7.01
C ASN B 57 9.15 -10.72 8.25
N PRO B 58 9.00 -9.54 8.81
CA PRO B 58 8.04 -8.50 8.33
C PRO B 58 8.52 -7.85 7.03
N CYS B 59 7.78 -6.88 6.53
CA CYS B 59 8.15 -6.20 5.30
C CYS B 59 7.69 -4.76 5.38
N ILE B 60 8.46 -3.88 4.73
CA ILE B 60 8.14 -2.45 4.73
C ILE B 60 7.63 -2.02 3.36
N LYS B 61 6.37 -1.60 3.32
CA LYS B 61 5.76 -1.14 2.08
C LYS B 61 5.88 0.37 1.96
N HIS B 62 6.52 0.83 0.89
CA HIS B 62 6.72 2.25 0.67
C HIS B 62 5.92 2.72 -0.54
N TYR B 63 4.81 3.40 -0.27
CA TYR B 63 3.96 3.93 -1.34
C TYR B 63 4.31 5.38 -1.57
N HIS B 64 5.13 5.63 -2.59
CA HIS B 64 5.55 6.98 -2.91
C HIS B 64 4.38 7.79 -3.48
N ILE B 65 4.16 8.98 -2.92
CA ILE B 65 3.09 9.84 -3.37
C ILE B 65 3.19 10.03 -4.88
N LYS B 66 2.11 9.76 -5.59
CA LYS B 66 2.08 9.90 -7.03
C LYS B 66 1.80 11.34 -7.41
N GLU B 67 2.85 12.15 -7.53
CA GLU B 67 2.68 13.54 -7.89
C GLU B 67 2.28 13.65 -9.36
N THR B 68 1.10 14.23 -9.62
CA THR B 68 0.62 14.38 -11.01
C THR B 68 0.15 15.80 -11.22
N ASN B 69 0.88 16.54 -12.06
CA ASN B 69 0.55 17.94 -12.36
C ASN B 69 -0.90 18.25 -12.02
N ASP B 70 -1.14 18.71 -10.78
CA ASP B 70 -2.47 19.01 -10.34
C ASP B 70 -3.32 19.58 -11.45
N SER B 71 -4.54 19.07 -11.55
CA SER B 71 -5.49 19.54 -12.54
C SER B 71 -6.92 19.56 -11.97
N PRO B 72 -7.10 19.90 -10.70
CA PRO B 72 -6.03 20.25 -9.75
C PRO B 72 -5.53 18.99 -9.03
N LYS B 73 -5.04 19.15 -7.81
CA LYS B 73 -4.58 18.02 -7.00
C LYS B 73 -3.60 17.12 -7.72
N ARG B 74 -2.43 16.97 -7.09
CA ARG B 74 -1.36 16.14 -7.63
C ARG B 74 -1.03 14.96 -6.70
N TYR B 75 -1.49 15.02 -5.45
CA TYR B 75 -1.21 13.96 -4.50
C TYR B 75 -2.31 12.91 -4.49
N TYR B 76 -1.90 11.66 -4.63
CA TYR B 76 -2.84 10.54 -4.64
C TYR B 76 -2.05 9.23 -4.72
N VAL B 77 -2.57 8.15 -4.13
CA VAL B 77 -1.89 6.85 -4.18
C VAL B 77 -2.90 5.72 -4.16
N ALA B 78 -3.79 5.69 -5.16
CA ALA B 78 -4.81 4.66 -5.25
C ALA B 78 -5.62 4.81 -6.52
N GLU B 79 -5.28 5.82 -7.32
CA GLU B 79 -6.01 6.07 -8.56
C GLU B 79 -7.48 6.35 -8.25
N LYS B 80 -7.82 6.36 -6.97
CA LYS B 80 -9.19 6.62 -6.56
C LYS B 80 -9.51 8.10 -6.63
N TYR B 81 -9.06 8.86 -5.62
CA TYR B 81 -9.29 10.30 -5.55
C TYR B 81 -7.97 11.04 -5.44
N VAL B 82 -7.90 12.21 -6.07
CA VAL B 82 -6.69 13.02 -6.04
C VAL B 82 -6.77 14.08 -4.96
N PHE B 83 -5.67 14.24 -4.23
CA PHE B 83 -5.60 15.22 -3.14
C PHE B 83 -4.52 16.27 -3.41
N ASP B 84 -4.64 17.40 -2.73
CA ASP B 84 -3.68 18.50 -2.89
C ASP B 84 -2.99 18.79 -1.57
N SER B 85 -3.24 17.94 -0.59
CA SER B 85 -2.59 18.13 0.71
C SER B 85 -2.42 16.82 1.46
N ILE B 86 -1.49 16.00 0.95
CA ILE B 86 -1.13 14.68 1.56
C ILE B 86 -2.00 14.41 2.80
N PRO B 87 -1.92 15.24 3.82
CA PRO B 87 -2.79 15.09 5.01
C PRO B 87 -4.21 14.60 4.68
N LEU B 88 -4.68 14.89 3.46
CA LEU B 88 -6.04 14.51 3.03
C LEU B 88 -6.07 13.07 2.57
N LEU B 89 -4.91 12.51 2.38
CA LEU B 89 -4.75 11.14 1.94
C LEU B 89 -4.54 10.23 3.15
N ILE B 90 -4.03 10.80 4.23
CA ILE B 90 -3.79 10.01 5.43
C ILE B 90 -5.09 9.77 6.19
N GLN B 91 -6.05 10.69 6.02
CA GLN B 91 -7.33 10.57 6.69
C GLN B 91 -8.33 9.77 5.85
N TYR B 92 -8.38 10.05 4.55
CA TYR B 92 -9.29 9.35 3.67
C TYR B 92 -8.98 7.85 3.65
N HIS B 93 -7.70 7.52 3.71
CA HIS B 93 -7.27 6.13 3.68
C HIS B 93 -7.37 5.52 5.08
N GLN B 94 -7.33 6.36 6.11
CA GLN B 94 -7.40 5.87 7.47
C GLN B 94 -8.57 4.90 7.62
N TYR B 95 -9.67 5.22 6.96
CA TYR B 95 -10.86 4.37 7.01
C TYR B 95 -11.40 4.15 5.59
N ASN B 96 -12.56 4.74 5.30
CA ASN B 96 -13.22 4.61 3.99
C ASN B 96 -12.64 3.46 3.17
N GLY B 97 -11.54 3.73 2.49
CA GLY B 97 -10.87 2.72 1.68
C GLY B 97 -9.44 3.15 1.40
N GLY B 98 -8.49 2.24 1.66
CA GLY B 98 -7.08 2.54 1.44
C GLY B 98 -6.57 1.87 0.17
N GLY B 99 -5.64 2.53 -0.50
CA GLY B 99 -5.09 2.00 -1.74
C GLY B 99 -3.85 1.16 -1.46
N LEU B 100 -3.94 0.34 -0.41
CA LEU B 100 -2.82 -0.53 -0.01
C LEU B 100 -3.32 -1.96 0.15
N VAL B 101 -2.83 -2.63 1.19
CA VAL B 101 -3.24 -4.02 1.48
C VAL B 101 -3.94 -4.10 2.83
N THR B 102 -3.81 -3.06 3.64
CA THR B 102 -4.42 -3.05 4.97
C THR B 102 -4.99 -1.68 5.27
N ARG B 103 -4.79 -0.77 4.35
CA ARG B 103 -5.30 0.58 4.53
C ARG B 103 -4.74 1.20 5.80
N LEU B 104 -4.67 2.52 5.82
CA LEU B 104 -4.17 3.23 6.99
C LEU B 104 -5.07 2.98 8.19
N ARG B 105 -4.47 2.66 9.32
CA ARG B 105 -5.24 2.39 10.53
C ARG B 105 -4.41 2.71 11.76
N TYR B 106 -3.19 2.18 11.83
CA TYR B 106 -2.35 2.39 13.00
C TYR B 106 -1.19 3.38 12.68
N PRO B 107 -1.23 4.59 13.22
CA PRO B 107 -0.16 5.59 12.97
C PRO B 107 1.09 5.30 13.81
N VAL B 108 2.20 5.94 13.44
CA VAL B 108 3.46 5.75 14.17
C VAL B 108 4.16 7.09 14.37
N CYS B 109 4.82 7.24 15.52
CA CYS B 109 5.52 8.48 15.84
C CYS B 109 6.99 8.19 16.12
N GLY B 110 7.80 9.25 16.09
CA GLY B 110 9.22 9.11 16.35
C GLY B 110 9.50 8.90 17.84
N GLY A 1 12.64 -15.02 -17.11
CA GLY A 1 11.89 -15.58 -15.95
C GLY A 1 10.55 -16.14 -16.43
N SER A 2 9.46 -15.57 -15.93
CA SER A 2 8.13 -16.02 -16.31
C SER A 2 7.88 -15.76 -17.80
N PRO A 3 6.88 -16.40 -18.36
CA PRO A 3 6.54 -16.22 -19.80
C PRO A 3 5.90 -14.86 -20.07
N GLU A 4 4.71 -14.65 -19.51
CA GLU A 4 4.00 -13.38 -19.70
C GLU A 4 3.26 -12.97 -18.43
N GLU A 5 2.62 -13.95 -17.80
CA GLU A 5 1.85 -13.71 -16.58
C GLU A 5 2.25 -14.71 -15.50
N THR A 6 1.75 -14.48 -14.29
CA THR A 6 2.05 -15.36 -13.15
C THR A 6 0.81 -15.60 -12.30
N LEU A 7 0.88 -16.51 -11.36
CA LEU A 7 -0.24 -16.79 -10.47
C LEU A 7 0.14 -16.45 -9.03
N VAL A 8 -0.83 -16.00 -8.26
CA VAL A 8 -0.60 -15.61 -6.86
C VAL A 8 -1.58 -16.32 -5.96
N ILE A 9 -1.40 -16.18 -4.65
CA ILE A 9 -2.26 -16.83 -3.67
C ILE A 9 -2.43 -15.93 -2.44
N ALA A 10 -3.55 -16.08 -1.73
CA ALA A 10 -3.82 -15.28 -0.54
C ALA A 10 -3.17 -15.92 0.68
N LEU A 11 -2.24 -15.21 1.31
CA LEU A 11 -1.56 -15.73 2.48
C LEU A 11 -2.48 -15.70 3.69
N TYR A 12 -3.15 -14.56 3.89
CA TYR A 12 -4.06 -14.40 5.02
C TYR A 12 -5.47 -14.08 4.54
N ASP A 13 -6.46 -14.45 5.33
CA ASP A 13 -7.86 -14.19 4.98
C ASP A 13 -8.09 -12.68 4.89
N TYR A 14 -8.96 -12.27 3.99
CA TYR A 14 -9.27 -10.86 3.80
C TYR A 14 -10.63 -10.69 3.13
N GLN A 15 -11.42 -9.72 3.60
CA GLN A 15 -12.73 -9.46 3.04
C GLN A 15 -12.71 -8.13 2.28
N THR A 16 -13.55 -8.04 1.28
CA THR A 16 -13.66 -6.82 0.48
C THR A 16 -13.98 -5.62 1.36
N ASN A 17 -13.24 -4.53 1.16
CA ASN A 17 -13.44 -3.31 1.94
C ASN A 17 -14.13 -2.26 1.08
N ASP A 18 -14.19 -2.50 -0.22
CA ASP A 18 -14.84 -1.55 -1.12
C ASP A 18 -15.03 -2.16 -2.50
N PRO A 19 -15.90 -1.59 -3.31
CA PRO A 19 -16.17 -2.09 -4.69
C PRO A 19 -14.88 -2.25 -5.50
N GLN A 20 -13.94 -1.35 -5.30
CA GLN A 20 -12.68 -1.39 -6.04
C GLN A 20 -11.92 -2.67 -5.70
N GLU A 21 -12.09 -3.14 -4.46
CA GLU A 21 -11.43 -4.35 -4.02
C GLU A 21 -12.40 -5.51 -4.05
N LEU A 22 -11.87 -6.72 -4.24
CA LEU A 22 -12.71 -7.91 -4.29
C LEU A 22 -12.44 -8.80 -3.08
N ALA A 23 -13.34 -9.74 -2.80
CA ALA A 23 -13.17 -10.64 -1.67
C ALA A 23 -12.11 -11.70 -1.98
N LEU A 24 -11.14 -11.86 -1.08
CA LEU A 24 -10.08 -12.85 -1.26
C LEU A 24 -10.45 -14.17 -0.61
N ARG A 25 -9.46 -15.05 -0.44
CA ARG A 25 -9.71 -16.35 0.17
C ARG A 25 -8.41 -17.11 0.32
N CYS A 26 -8.09 -17.52 1.53
CA CYS A 26 -6.87 -18.28 1.77
C CYS A 26 -6.88 -19.55 0.93
N ASP A 27 -5.70 -20.13 0.76
CA ASP A 27 -5.56 -21.37 0.01
C ASP A 27 -6.23 -21.23 -1.35
N GLU A 28 -6.34 -20.00 -1.86
CA GLU A 28 -6.97 -19.73 -3.13
C GLU A 28 -6.01 -19.01 -4.06
N GLU A 29 -5.90 -19.49 -5.28
CA GLU A 29 -5.03 -18.90 -6.30
C GLU A 29 -5.84 -18.13 -7.34
N TYR A 30 -5.26 -17.05 -7.84
CA TYR A 30 -5.90 -16.22 -8.86
C TYR A 30 -4.96 -16.05 -10.03
N TYR A 31 -5.24 -15.06 -10.89
CA TYR A 31 -4.39 -14.81 -12.06
C TYR A 31 -3.90 -13.36 -12.04
N LEU A 32 -2.59 -13.16 -11.97
CA LEU A 32 -2.07 -11.81 -11.94
C LEU A 32 -2.26 -11.15 -13.30
N LEU A 33 -2.91 -9.98 -13.31
CA LEU A 33 -3.14 -9.25 -14.56
C LEU A 33 -2.36 -7.95 -14.58
N ASP A 34 -2.11 -7.34 -13.42
CA ASP A 34 -1.34 -6.11 -13.39
C ASP A 34 -0.35 -6.13 -12.23
N SER A 35 0.87 -6.62 -12.49
CA SER A 35 1.90 -6.68 -11.47
C SER A 35 2.77 -5.44 -11.51
N SER A 36 2.55 -4.63 -12.53
CA SER A 36 3.31 -3.39 -12.69
C SER A 36 3.00 -2.43 -11.55
N GLU A 37 1.74 -2.41 -11.12
CA GLU A 37 1.32 -1.52 -10.04
C GLU A 37 2.08 -1.87 -8.77
N ILE A 38 2.30 -0.87 -7.93
CA ILE A 38 3.02 -1.08 -6.67
C ILE A 38 2.05 -1.34 -5.52
N HIS A 39 0.78 -1.05 -5.76
CA HIS A 39 -0.26 -1.23 -4.73
C HIS A 39 -1.07 -2.51 -4.96
N TRP A 40 -2.14 -2.40 -5.73
CA TRP A 40 -3.01 -3.54 -6.00
C TRP A 40 -2.65 -4.20 -7.31
N TRP A 41 -2.70 -5.55 -7.34
CA TRP A 41 -2.36 -6.28 -8.56
C TRP A 41 -3.58 -6.95 -9.13
N ARG A 42 -4.31 -6.23 -9.98
CA ARG A 42 -5.56 -6.73 -10.55
C ARG A 42 -5.53 -8.23 -10.75
N VAL A 43 -6.19 -8.91 -9.83
CA VAL A 43 -6.24 -10.37 -9.88
C VAL A 43 -7.61 -10.81 -10.35
N GLN A 44 -7.70 -12.06 -10.79
CA GLN A 44 -8.97 -12.60 -11.28
C GLN A 44 -9.25 -13.94 -10.64
N ASP A 45 -10.24 -14.00 -9.77
CA ASP A 45 -10.59 -15.25 -9.12
C ASP A 45 -11.24 -16.22 -10.10
N LYS A 46 -11.05 -17.51 -9.84
CA LYS A 46 -11.60 -18.54 -10.70
C LYS A 46 -13.10 -18.30 -10.89
N ASN A 47 -13.73 -17.66 -9.91
CA ASN A 47 -15.16 -17.38 -9.97
C ASN A 47 -15.44 -16.14 -10.82
N GLY A 48 -14.38 -15.38 -11.09
CA GLY A 48 -14.51 -14.17 -11.90
C GLY A 48 -14.66 -12.93 -11.03
N HIS A 49 -13.84 -12.85 -9.98
CA HIS A 49 -13.89 -11.70 -9.08
C HIS A 49 -12.70 -10.78 -9.33
N GLU A 50 -12.88 -9.85 -10.23
CA GLU A 50 -11.82 -8.92 -10.58
C GLU A 50 -11.88 -7.66 -9.72
N GLY A 51 -10.80 -7.39 -9.01
CA GLY A 51 -10.75 -6.20 -8.15
C GLY A 51 -9.33 -5.91 -7.70
N TYR A 52 -9.12 -4.73 -7.13
CA TYR A 52 -7.80 -4.36 -6.68
C TYR A 52 -7.48 -5.13 -5.41
N ALA A 53 -6.86 -6.29 -5.59
CA ALA A 53 -6.51 -7.14 -4.45
C ALA A 53 -5.15 -6.77 -3.85
N PRO A 54 -5.02 -6.90 -2.54
CA PRO A 54 -3.78 -6.50 -1.82
C PRO A 54 -2.55 -7.23 -2.36
N SER A 55 -1.45 -6.51 -2.52
CA SER A 55 -0.22 -7.12 -3.03
C SER A 55 0.51 -7.93 -1.95
N SER A 56 0.71 -7.30 -0.80
CA SER A 56 1.42 -7.95 0.29
C SER A 56 0.79 -9.32 0.57
N TYR A 57 -0.54 -9.40 0.57
CA TYR A 57 -1.22 -10.65 0.84
C TYR A 57 -1.03 -11.60 -0.34
N LEU A 58 -0.51 -11.08 -1.44
CA LEU A 58 -0.30 -11.88 -2.64
C LEU A 58 1.18 -12.15 -2.86
N VAL A 59 1.50 -13.22 -3.60
CA VAL A 59 2.89 -13.50 -3.90
C VAL A 59 2.95 -14.42 -5.11
N GLU A 60 3.73 -14.03 -6.12
CA GLU A 60 3.83 -14.82 -7.33
C GLU A 60 4.26 -16.24 -7.00
N LYS A 61 3.46 -17.18 -7.47
CA LYS A 61 3.73 -18.60 -7.23
C LYS A 61 5.10 -18.98 -7.78
N SER A 62 5.41 -18.45 -8.97
CA SER A 62 6.68 -18.73 -9.63
C SER A 62 6.76 -20.18 -10.09
N PRO A 63 5.93 -20.55 -11.03
CA PRO A 63 5.89 -21.94 -11.58
C PRO A 63 7.03 -22.21 -12.56
N ASN B 3 4.19 23.32 4.95
CA ASN B 3 2.81 22.91 5.34
C ASN B 3 2.77 22.64 6.84
N ASN B 4 3.92 22.76 7.51
CA ASN B 4 4.00 22.53 8.94
C ASN B 4 3.44 21.16 9.31
N LEU B 5 3.92 20.14 8.61
CA LEU B 5 3.47 18.78 8.86
C LEU B 5 3.87 18.33 10.26
N GLU B 6 4.87 19.00 10.82
CA GLU B 6 5.33 18.66 12.15
C GLU B 6 4.15 18.49 13.11
N THR B 7 2.98 18.98 12.68
CA THR B 7 1.78 18.88 13.49
C THR B 7 1.26 17.44 13.53
N TYR B 8 1.42 16.75 12.41
CA TYR B 8 0.96 15.37 12.32
C TYR B 8 1.97 14.43 12.98
N GLU B 9 1.66 13.13 12.93
CA GLU B 9 2.54 12.12 13.55
C GLU B 9 3.32 11.35 12.48
N TRP B 10 2.63 10.97 11.44
CA TRP B 10 3.26 10.19 10.38
C TRP B 10 4.43 10.95 9.77
N TYR B 11 4.40 12.27 9.87
CA TYR B 11 5.46 13.08 9.31
C TYR B 11 6.73 12.98 10.16
N ASN B 12 7.79 12.47 9.54
CA ASN B 12 9.07 12.33 10.25
C ASN B 12 10.23 12.57 9.29
N LYS B 13 10.87 13.73 9.42
CA LYS B 13 12.01 14.07 8.56
C LYS B 13 13.32 13.70 9.24
N SER B 14 13.36 13.86 10.57
CA SER B 14 14.57 13.54 11.32
C SER B 14 14.96 12.08 11.14
N ILE B 15 13.97 11.23 10.87
CA ILE B 15 14.22 9.81 10.68
C ILE B 15 14.66 9.52 9.24
N SER B 16 15.47 8.49 9.07
CA SER B 16 15.95 8.10 7.75
C SER B 16 15.12 6.95 7.18
N ARG B 17 15.30 6.68 5.89
CA ARG B 17 14.56 5.61 5.25
C ARG B 17 14.89 4.25 5.87
N ASP B 18 16.17 4.05 6.16
CA ASP B 18 16.61 2.80 6.76
C ASP B 18 16.04 2.63 8.16
N LYS B 19 15.98 3.73 8.91
CA LYS B 19 15.46 3.69 10.25
C LYS B 19 13.95 3.50 10.22
N ALA B 20 13.33 3.95 9.14
CA ALA B 20 11.88 3.82 9.00
C ALA B 20 11.49 2.35 8.86
N GLU B 21 12.27 1.63 8.06
CA GLU B 21 12.00 0.22 7.82
C GLU B 21 12.11 -0.60 9.10
N LYS B 22 13.13 -0.32 9.89
CA LYS B 22 13.36 -1.05 11.14
C LYS B 22 12.46 -0.51 12.24
N LEU B 23 12.31 0.80 12.27
CA LEU B 23 11.51 1.44 13.30
C LEU B 23 10.09 0.90 13.28
N LEU B 24 9.53 0.79 12.09
CA LEU B 24 8.18 0.28 11.95
C LEU B 24 8.10 -1.15 12.42
N LEU B 25 9.18 -1.88 12.20
CA LEU B 25 9.23 -3.28 12.60
C LEU B 25 9.01 -3.42 14.10
N ASP B 26 9.47 -2.42 14.85
CA ASP B 26 9.32 -2.44 16.30
C ASP B 26 7.85 -2.45 16.68
N THR B 27 7.02 -1.78 15.87
CA THR B 27 5.59 -1.73 16.16
C THR B 27 4.99 -3.13 16.19
N GLY B 28 5.32 -3.94 15.18
CA GLY B 28 4.81 -5.30 15.12
C GLY B 28 3.29 -5.33 15.12
N LYS B 29 2.68 -4.49 14.28
CA LYS B 29 1.21 -4.42 14.19
C LYS B 29 0.78 -4.33 12.73
N GLU B 30 -0.41 -4.84 12.45
CA GLU B 30 -0.94 -4.82 11.10
C GLU B 30 -1.60 -3.46 10.82
N GLY B 31 -1.16 -2.81 9.75
CA GLY B 31 -1.70 -1.51 9.36
C GLY B 31 -0.70 -0.40 9.64
N ALA B 32 0.25 -0.68 10.53
CA ALA B 32 1.28 0.31 10.89
C ALA B 32 1.67 1.11 9.66
N PHE B 33 1.26 2.38 9.65
CA PHE B 33 1.56 3.26 8.52
C PHE B 33 2.21 4.56 9.01
N MET B 34 3.07 5.12 8.18
CA MET B 34 3.74 6.37 8.52
C MET B 34 4.18 7.10 7.24
N VAL B 35 4.91 8.21 7.41
CA VAL B 35 5.39 9.01 6.30
C VAL B 35 6.83 9.43 6.54
N ARG B 36 7.53 9.72 5.46
CA ARG B 36 8.91 10.14 5.55
C ARG B 36 9.24 11.14 4.44
N ASP B 37 9.66 12.35 4.81
CA ASP B 37 10.01 13.37 3.83
C ASP B 37 10.99 12.80 2.81
N SER B 38 10.66 12.95 1.53
CA SER B 38 11.51 12.46 0.46
C SER B 38 12.40 13.58 -0.08
N ARG B 39 13.34 13.22 -0.94
CA ARG B 39 14.25 14.19 -1.52
C ARG B 39 13.50 15.17 -2.41
N THR B 40 12.48 14.67 -3.08
CA THR B 40 11.68 15.51 -3.98
C THR B 40 11.48 16.92 -3.40
N PRO B 41 11.29 17.90 -4.24
CA PRO B 41 11.05 19.30 -3.79
C PRO B 41 9.67 19.46 -3.16
N GLY B 42 8.75 18.56 -3.51
CA GLY B 42 7.40 18.64 -2.97
C GLY B 42 6.72 17.28 -2.98
N THR B 43 7.17 16.39 -2.11
CA THR B 43 6.60 15.07 -2.03
C THR B 43 7.32 14.27 -0.95
N TYR B 44 6.53 13.62 -0.08
CA TYR B 44 7.09 12.80 0.99
C TYR B 44 6.95 11.33 0.62
N THR B 45 7.17 10.42 1.57
CA THR B 45 7.09 9.00 1.28
C THR B 45 6.24 8.33 2.34
N VAL B 46 5.27 7.55 1.92
CA VAL B 46 4.39 6.86 2.87
C VAL B 46 4.90 5.47 3.21
N SER B 47 5.53 5.33 4.38
CA SER B 47 6.05 4.03 4.80
C SER B 47 4.93 3.19 5.41
N VAL B 48 4.52 2.13 4.70
CA VAL B 48 3.45 1.26 5.18
C VAL B 48 3.97 -0.13 5.54
N PHE B 49 3.89 -0.47 6.82
CA PHE B 49 4.36 -1.77 7.31
C PHE B 49 3.19 -2.61 7.77
N THR B 50 3.17 -3.87 7.34
CA THR B 50 2.12 -4.78 7.73
C THR B 50 2.59 -6.22 7.61
N LYS B 51 2.72 -6.92 8.73
CA LYS B 51 3.17 -8.30 8.73
C LYS B 51 2.46 -9.08 7.63
N ALA B 52 3.04 -9.07 6.43
CA ALA B 52 2.46 -9.75 5.28
C ALA B 52 3.56 -10.38 4.43
N ILE B 53 3.19 -10.82 3.22
CA ILE B 53 4.14 -11.44 2.31
C ILE B 53 4.75 -12.68 2.94
N ILE B 54 4.90 -13.73 2.13
CA ILE B 54 5.48 -14.97 2.62
C ILE B 54 6.98 -15.01 2.35
N SER B 55 7.37 -14.50 1.20
CA SER B 55 8.78 -14.51 0.81
C SER B 55 9.66 -14.04 1.96
N GLU B 56 9.39 -12.85 2.47
CA GLU B 56 10.17 -12.29 3.57
C GLU B 56 9.28 -11.45 4.45
N ASN B 57 8.96 -11.98 5.64
CA ASN B 57 8.10 -11.25 6.57
C ASN B 57 8.88 -10.91 7.86
N PRO B 58 8.66 -9.75 8.45
CA PRO B 58 7.71 -8.72 7.93
C PRO B 58 8.24 -8.05 6.66
N CYS B 59 7.49 -7.10 6.13
CA CYS B 59 7.89 -6.41 4.92
C CYS B 59 7.40 -4.98 4.97
N ILE B 60 8.15 -4.09 4.34
CA ILE B 60 7.79 -2.67 4.33
C ILE B 60 7.31 -2.26 2.95
N LYS B 61 6.09 -1.75 2.89
CA LYS B 61 5.50 -1.30 1.63
C LYS B 61 5.61 0.21 1.50
N HIS B 62 6.26 0.64 0.42
CA HIS B 62 6.45 2.06 0.17
C HIS B 62 5.42 2.56 -0.84
N TYR B 63 5.16 3.86 -0.81
CA TYR B 63 4.21 4.48 -1.73
C TYR B 63 4.55 5.95 -1.89
N HIS B 64 5.39 6.25 -2.86
CA HIS B 64 5.82 7.62 -3.09
C HIS B 64 4.66 8.47 -3.62
N ILE B 65 4.40 9.59 -2.95
CA ILE B 65 3.33 10.48 -3.38
C ILE B 65 3.56 10.90 -4.83
N LYS B 66 2.74 10.36 -5.73
CA LYS B 66 2.86 10.70 -7.15
C LYS B 66 2.35 12.11 -7.42
N GLU B 67 3.21 12.95 -8.02
CA GLU B 67 2.84 14.33 -8.32
C GLU B 67 2.23 14.39 -9.73
N THR B 68 1.04 14.99 -9.84
CA THR B 68 0.37 15.09 -11.14
C THR B 68 0.04 16.53 -11.44
N ASN B 69 1.07 17.39 -11.38
CA ASN B 69 0.90 18.84 -11.66
C ASN B 69 -0.52 19.28 -11.41
N ASP B 70 -0.78 19.85 -10.25
CA ASP B 70 -2.12 20.28 -9.92
C ASP B 70 -2.86 20.81 -11.13
N SER B 71 -3.98 20.15 -11.40
CA SER B 71 -4.85 20.54 -12.48
C SER B 71 -6.33 20.33 -12.13
N PRO B 72 -6.72 20.47 -10.86
CA PRO B 72 -5.82 20.76 -9.74
C PRO B 72 -5.28 19.48 -9.13
N LYS B 73 -4.84 19.55 -7.89
CA LYS B 73 -4.32 18.38 -7.19
C LYS B 73 -3.25 17.64 -7.96
N ARG B 74 -2.10 17.48 -7.32
CA ARG B 74 -0.95 16.79 -7.94
C ARG B 74 -0.65 15.47 -7.21
N TYR B 75 -0.91 15.44 -5.91
CA TYR B 75 -0.64 14.25 -5.12
C TYR B 75 -1.71 13.20 -5.30
N TYR B 76 -1.30 11.93 -5.33
CA TYR B 76 -2.24 10.83 -5.50
C TYR B 76 -1.49 9.51 -5.39
N VAL B 77 -2.19 8.46 -5.02
CA VAL B 77 -1.60 7.13 -4.93
C VAL B 77 -2.67 6.09 -5.23
N ALA B 78 -2.30 5.09 -6.04
CA ALA B 78 -3.22 4.01 -6.40
C ALA B 78 -4.07 4.39 -7.61
N GLU B 79 -3.79 5.58 -8.15
CA GLU B 79 -4.52 6.07 -9.32
C GLU B 79 -6.01 6.16 -9.03
N LYS B 80 -6.35 6.18 -7.75
CA LYS B 80 -7.74 6.27 -7.34
C LYS B 80 -8.22 7.72 -7.39
N TYR B 81 -7.80 8.52 -6.41
CA TYR B 81 -8.19 9.93 -6.35
C TYR B 81 -6.95 10.82 -6.21
N VAL B 82 -7.05 12.03 -6.73
CA VAL B 82 -5.94 12.98 -6.66
C VAL B 82 -6.21 14.05 -5.60
N PHE B 83 -5.18 14.35 -4.81
CA PHE B 83 -5.30 15.34 -3.74
C PHE B 83 -4.22 16.41 -3.87
N ASP B 84 -4.50 17.59 -3.31
CA ASP B 84 -3.55 18.71 -3.37
C ASP B 84 -2.73 18.76 -2.09
N SER B 85 -2.97 17.80 -1.20
CA SER B 85 -2.25 17.73 0.07
C SER B 85 -2.14 16.27 0.54
N ILE B 86 -1.22 16.03 1.47
CA ILE B 86 -1.02 14.69 1.99
C ILE B 86 -2.11 14.33 3.00
N PRO B 87 -2.47 15.24 3.87
CA PRO B 87 -3.52 14.99 4.89
C PRO B 87 -4.79 14.42 4.26
N LEU B 88 -5.18 14.95 3.11
CA LEU B 88 -6.39 14.50 2.43
C LEU B 88 -6.25 13.05 2.01
N LEU B 89 -5.01 12.67 1.78
CA LEU B 89 -4.72 11.30 1.38
C LEU B 89 -4.57 10.41 2.61
N ILE B 90 -4.18 11.00 3.74
CA ILE B 90 -4.02 10.21 4.96
C ILE B 90 -5.35 10.02 5.66
N GLN B 91 -6.36 10.75 5.20
CA GLN B 91 -7.70 10.65 5.77
C GLN B 91 -8.58 9.77 4.90
N TYR B 92 -8.59 10.03 3.60
CA TYR B 92 -9.39 9.25 2.68
C TYR B 92 -9.00 7.77 2.76
N HIS B 93 -7.71 7.52 2.94
CA HIS B 93 -7.22 6.15 3.01
C HIS B 93 -7.41 5.61 4.41
N GLN B 94 -7.47 6.50 5.39
CA GLN B 94 -7.63 6.07 6.76
C GLN B 94 -8.77 5.07 6.87
N TYR B 95 -9.93 5.43 6.34
CA TYR B 95 -11.10 4.55 6.39
C TYR B 95 -11.69 4.38 4.99
N ASN B 96 -12.78 5.13 4.72
CA ASN B 96 -13.47 5.09 3.41
C ASN B 96 -12.96 3.93 2.54
N GLY B 97 -11.80 4.12 1.95
CA GLY B 97 -11.17 3.09 1.12
C GLY B 97 -9.68 3.36 0.97
N GLY B 98 -8.88 2.30 1.03
CA GLY B 98 -7.43 2.41 0.89
C GLY B 98 -6.99 1.99 -0.50
N GLY B 99 -6.00 2.70 -1.04
CA GLY B 99 -5.48 2.39 -2.37
C GLY B 99 -4.10 1.74 -2.28
N LEU B 100 -3.86 1.00 -1.21
CA LEU B 100 -2.57 0.35 -0.99
C LEU B 100 -2.77 -1.15 -0.75
N VAL B 101 -2.30 -1.64 0.40
CA VAL B 101 -2.45 -3.05 0.73
C VAL B 101 -3.22 -3.23 2.03
N THR B 102 -3.13 -2.23 2.88
CA THR B 102 -3.79 -2.28 4.18
C THR B 102 -4.30 -0.91 4.57
N ARG B 103 -5.55 -0.61 4.17
CA ARG B 103 -6.18 0.67 4.49
C ARG B 103 -5.61 1.26 5.78
N LEU B 104 -5.01 2.44 5.67
CA LEU B 104 -4.40 3.09 6.83
C LEU B 104 -5.35 3.00 8.02
N ARG B 105 -4.94 2.27 9.04
CA ARG B 105 -5.76 2.10 10.24
C ARG B 105 -4.89 2.01 11.48
N TYR B 106 -3.62 2.38 11.34
CA TYR B 106 -2.71 2.34 12.48
C TYR B 106 -1.50 3.24 12.23
N PRO B 107 -1.50 4.44 12.76
CA PRO B 107 -0.36 5.39 12.58
C PRO B 107 0.79 5.07 13.52
N VAL B 108 1.98 5.56 13.18
CA VAL B 108 3.16 5.33 14.01
C VAL B 108 3.92 6.63 14.20
N CYS B 109 4.68 6.72 15.30
CA CYS B 109 5.45 7.92 15.62
C CYS B 109 6.84 7.53 16.11
N GLY B 110 7.73 8.52 16.20
CA GLY B 110 9.08 8.28 16.67
C GLY B 110 9.09 7.73 18.09
N GLY A 1 8.05 -21.75 -16.42
CA GLY A 1 7.86 -21.39 -14.99
C GLY A 1 7.77 -19.88 -14.85
N SER A 2 6.61 -19.40 -14.43
CA SER A 2 6.40 -17.97 -14.25
C SER A 2 6.88 -17.21 -15.48
N PRO A 3 6.26 -17.44 -16.62
CA PRO A 3 6.64 -16.77 -17.90
C PRO A 3 6.12 -15.32 -17.94
N GLU A 4 4.89 -15.16 -18.40
CA GLU A 4 4.29 -13.84 -18.50
C GLU A 4 3.42 -13.55 -17.29
N GLU A 5 2.71 -14.58 -16.81
CA GLU A 5 1.81 -14.44 -15.67
C GLU A 5 2.10 -15.53 -14.63
N THR A 6 1.67 -15.27 -13.41
CA THR A 6 1.88 -16.21 -12.31
C THR A 6 0.71 -16.17 -11.34
N LEU A 7 0.66 -17.16 -10.44
CA LEU A 7 -0.40 -17.23 -9.46
C LEU A 7 0.03 -16.58 -8.17
N VAL A 8 -0.84 -15.75 -7.59
CA VAL A 8 -0.52 -15.07 -6.34
C VAL A 8 -1.61 -15.33 -5.31
N ILE A 9 -1.39 -16.29 -4.45
CA ILE A 9 -2.39 -16.65 -3.43
C ILE A 9 -2.34 -15.68 -2.26
N ALA A 10 -3.51 -15.38 -1.73
CA ALA A 10 -3.61 -14.47 -0.59
C ALA A 10 -3.26 -15.22 0.69
N LEU A 11 -2.57 -14.55 1.62
CA LEU A 11 -2.20 -15.19 2.89
C LEU A 11 -3.32 -15.08 3.90
N TYR A 12 -3.74 -13.86 4.18
CA TYR A 12 -4.81 -13.63 5.15
C TYR A 12 -6.18 -13.73 4.48
N ASP A 13 -7.21 -13.93 5.29
CA ASP A 13 -8.57 -14.05 4.76
C ASP A 13 -9.15 -12.66 4.48
N TYR A 14 -8.83 -12.11 3.32
CA TYR A 14 -9.32 -10.78 2.95
C TYR A 14 -10.75 -10.87 2.45
N GLN A 15 -11.47 -9.75 2.48
CA GLN A 15 -12.85 -9.71 2.00
C GLN A 15 -13.08 -8.48 1.14
N THR A 16 -13.94 -8.62 0.14
CA THR A 16 -14.24 -7.51 -0.76
C THR A 16 -14.85 -6.35 0.01
N ASN A 17 -14.31 -5.16 -0.18
CA ASN A 17 -14.81 -3.96 0.48
C ASN A 17 -15.55 -3.07 -0.50
N ASP A 18 -15.59 -3.49 -1.76
CA ASP A 18 -16.27 -2.73 -2.79
C ASP A 18 -16.27 -3.47 -4.12
N PRO A 19 -17.12 -3.06 -5.04
CA PRO A 19 -17.20 -3.70 -6.38
C PRO A 19 -15.82 -3.90 -7.02
N GLN A 20 -14.97 -2.88 -6.91
CA GLN A 20 -13.63 -2.95 -7.48
C GLN A 20 -12.80 -3.98 -6.73
N GLU A 21 -12.96 -4.03 -5.41
CA GLU A 21 -12.22 -4.97 -4.59
C GLU A 21 -12.63 -6.39 -4.89
N LEU A 22 -11.64 -7.27 -4.98
CA LEU A 22 -11.89 -8.67 -5.28
C LEU A 22 -11.97 -9.49 -4.00
N ALA A 23 -13.00 -10.35 -3.94
CA ALA A 23 -13.18 -11.19 -2.76
C ALA A 23 -12.14 -12.31 -2.74
N LEU A 24 -11.42 -12.42 -1.63
CA LEU A 24 -10.38 -13.44 -1.48
C LEU A 24 -10.54 -14.15 -0.13
N ARG A 25 -9.67 -15.12 0.13
CA ARG A 25 -9.71 -15.85 1.37
C ARG A 25 -8.36 -16.52 1.62
N CYS A 26 -8.34 -17.46 2.53
CA CYS A 26 -7.11 -18.18 2.87
C CYS A 26 -7.08 -19.52 2.19
N ASP A 27 -6.40 -19.58 1.02
CA ASP A 27 -6.25 -20.81 0.23
C ASP A 27 -6.61 -20.56 -1.23
N GLU A 28 -7.42 -19.54 -1.48
CA GLU A 28 -7.82 -19.22 -2.84
C GLU A 28 -6.61 -19.13 -3.75
N GLU A 29 -6.80 -18.60 -4.95
CA GLU A 29 -5.70 -18.45 -5.90
C GLU A 29 -6.20 -17.75 -7.17
N TYR A 30 -5.32 -16.99 -7.82
CA TYR A 30 -5.69 -16.29 -9.03
C TYR A 30 -4.48 -16.17 -9.94
N TYR A 31 -4.55 -15.25 -10.90
CA TYR A 31 -3.43 -15.01 -11.84
C TYR A 31 -2.86 -13.63 -11.61
N LEU A 32 -1.92 -13.21 -12.47
CA LEU A 32 -1.32 -11.88 -12.34
C LEU A 32 -1.42 -11.16 -13.69
N LEU A 33 -2.06 -10.00 -13.68
CA LEU A 33 -2.24 -9.21 -14.90
C LEU A 33 -1.47 -7.91 -14.81
N ASP A 34 -1.28 -7.38 -13.59
CA ASP A 34 -0.56 -6.14 -13.41
C ASP A 34 0.34 -6.22 -12.19
N SER A 35 1.55 -6.74 -12.39
CA SER A 35 2.52 -6.86 -11.30
C SER A 35 3.37 -5.60 -11.19
N SER A 36 3.30 -4.78 -12.23
CA SER A 36 4.05 -3.52 -12.26
C SER A 36 3.63 -2.63 -11.10
N GLU A 37 2.36 -2.71 -10.73
CA GLU A 37 1.83 -1.90 -9.63
C GLU A 37 2.55 -2.26 -8.33
N ILE A 38 2.73 -1.27 -7.47
CA ILE A 38 3.41 -1.50 -6.19
C ILE A 38 2.40 -1.77 -5.09
N HIS A 39 1.14 -1.47 -5.36
CA HIS A 39 0.09 -1.66 -4.37
C HIS A 39 -0.73 -2.92 -4.66
N TRP A 40 -1.71 -2.80 -5.52
CA TRP A 40 -2.58 -3.93 -5.84
C TRP A 40 -2.08 -4.65 -7.08
N TRP A 41 -2.22 -5.97 -7.09
CA TRP A 41 -1.81 -6.77 -8.25
C TRP A 41 -2.99 -7.44 -8.84
N ARG A 42 -3.62 -6.79 -9.83
CA ARG A 42 -4.82 -7.35 -10.49
C ARG A 42 -4.87 -8.87 -10.40
N VAL A 43 -6.04 -9.41 -10.60
CA VAL A 43 -6.20 -10.84 -10.52
C VAL A 43 -7.41 -11.29 -11.32
N GLN A 44 -7.37 -12.55 -11.78
CA GLN A 44 -8.46 -13.11 -12.57
C GLN A 44 -8.92 -14.44 -12.00
N ASP A 45 -9.98 -14.42 -11.21
CA ASP A 45 -10.50 -15.66 -10.62
C ASP A 45 -11.13 -16.55 -11.70
N LYS A 46 -10.88 -17.84 -11.60
CA LYS A 46 -11.41 -18.78 -12.57
C LYS A 46 -12.90 -18.51 -12.79
N ASN A 47 -13.58 -18.06 -11.74
CA ASN A 47 -15.01 -17.76 -11.82
C ASN A 47 -15.23 -16.50 -12.65
N GLY A 48 -14.21 -15.65 -12.73
CA GLY A 48 -14.30 -14.41 -13.50
C GLY A 48 -14.45 -13.21 -12.58
N HIS A 49 -13.79 -13.27 -11.43
CA HIS A 49 -13.84 -12.17 -10.47
C HIS A 49 -12.57 -11.34 -10.57
N GLU A 50 -12.62 -10.31 -11.40
CA GLU A 50 -11.48 -9.42 -11.59
C GLU A 50 -11.55 -8.18 -10.70
N GLY A 51 -10.55 -8.03 -9.84
CA GLY A 51 -10.48 -6.88 -8.95
C GLY A 51 -9.08 -6.71 -8.38
N TYR A 52 -8.80 -5.52 -7.88
CA TYR A 52 -7.50 -5.23 -7.32
C TYR A 52 -7.30 -5.98 -6.01
N ALA A 53 -6.32 -6.89 -5.98
CA ALA A 53 -6.03 -7.67 -4.78
C ALA A 53 -4.79 -7.14 -4.06
N PRO A 54 -4.74 -7.27 -2.76
CA PRO A 54 -3.60 -6.74 -1.93
C PRO A 54 -2.30 -7.49 -2.20
N SER A 55 -1.29 -6.77 -2.67
CA SER A 55 -0.01 -7.40 -2.97
C SER A 55 0.60 -8.07 -1.75
N SER A 56 0.85 -7.28 -0.71
CA SER A 56 1.45 -7.83 0.50
C SER A 56 0.75 -9.12 0.93
N TYR A 57 -0.56 -9.09 0.98
CA TYR A 57 -1.33 -10.26 1.36
C TYR A 57 -1.16 -11.36 0.34
N LEU A 58 -0.62 -11.00 -0.82
CA LEU A 58 -0.42 -11.97 -1.90
C LEU A 58 1.05 -12.32 -2.06
N VAL A 59 1.33 -13.41 -2.78
CA VAL A 59 2.72 -13.80 -3.03
C VAL A 59 2.76 -14.79 -4.19
N GLU A 60 3.57 -14.48 -5.19
CA GLU A 60 3.67 -15.34 -6.36
C GLU A 60 3.97 -16.77 -5.94
N LYS A 61 3.09 -17.68 -6.36
CA LYS A 61 3.25 -19.09 -6.02
C LYS A 61 4.59 -19.62 -6.54
N SER A 62 4.92 -19.25 -7.77
CA SER A 62 6.17 -19.70 -8.38
C SER A 62 6.19 -21.21 -8.52
N PRO A 63 5.33 -21.76 -9.33
CA PRO A 63 5.24 -23.23 -9.55
C PRO A 63 6.33 -23.73 -10.51
N ASN B 3 5.09 23.65 4.08
CA ASN B 3 4.08 23.06 5.00
C ASN B 3 4.79 22.45 6.21
N ASN B 4 4.41 22.89 7.40
CA ASN B 4 5.01 22.39 8.63
C ASN B 4 4.42 21.03 8.99
N LEU B 5 4.97 19.97 8.41
CA LEU B 5 4.49 18.62 8.67
C LEU B 5 5.05 18.10 9.99
N GLU B 6 5.99 18.84 10.55
CA GLU B 6 6.60 18.45 11.81
C GLU B 6 5.54 18.30 12.90
N THR B 7 4.35 18.84 12.63
CA THR B 7 3.26 18.75 13.59
C THR B 7 2.68 17.34 13.64
N TYR B 8 2.66 16.69 12.48
CA TYR B 8 2.12 15.34 12.39
C TYR B 8 3.16 14.32 12.86
N GLU B 9 2.79 13.05 12.76
CA GLU B 9 3.68 11.96 13.21
C GLU B 9 4.34 11.27 12.03
N TRP B 10 3.52 10.78 11.12
CA TRP B 10 4.01 10.06 9.95
C TRP B 10 5.16 10.82 9.31
N TYR B 11 5.16 12.13 9.46
CA TYR B 11 6.22 12.94 8.88
C TYR B 11 7.48 12.89 9.73
N ASN B 12 8.57 12.43 9.13
CA ASN B 12 9.84 12.33 9.84
C ASN B 12 11.00 12.55 8.89
N LYS B 13 11.65 13.71 8.99
CA LYS B 13 12.78 14.03 8.13
C LYS B 13 14.10 13.67 8.82
N SER B 14 14.14 13.86 10.14
CA SER B 14 15.34 13.55 10.90
C SER B 14 15.70 12.08 10.79
N ILE B 15 14.71 11.25 10.50
CA ILE B 15 14.93 9.81 10.37
C ILE B 15 15.27 9.46 8.92
N SER B 16 16.18 8.51 8.76
CA SER B 16 16.60 8.07 7.43
C SER B 16 15.73 6.91 6.95
N ARG B 17 15.87 6.52 5.67
CA ARG B 17 15.10 5.44 5.12
C ARG B 17 15.42 4.14 5.85
N ASP B 18 16.70 3.84 5.98
CA ASP B 18 17.13 2.62 6.65
C ASP B 18 16.51 2.52 8.04
N LYS B 19 16.51 3.63 8.76
CA LYS B 19 15.93 3.64 10.11
C LYS B 19 14.41 3.60 10.02
N ALA B 20 13.87 4.02 8.88
CA ALA B 20 12.42 4.02 8.69
C ALA B 20 11.89 2.59 8.53
N GLU B 21 12.62 1.78 7.76
CA GLU B 21 12.21 0.41 7.52
C GLU B 21 12.15 -0.39 8.82
N LYS B 22 13.11 -0.15 9.71
CA LYS B 22 13.14 -0.86 10.99
C LYS B 22 12.22 -0.19 12.00
N LEU B 23 12.18 1.14 11.96
CA LEU B 23 11.34 1.87 12.90
C LEU B 23 9.93 1.31 12.89
N LEU B 24 9.37 1.11 11.70
CA LEU B 24 8.04 0.58 11.58
C LEU B 24 7.96 -0.84 12.13
N LEU B 25 9.01 -1.59 11.88
CA LEU B 25 9.04 -2.98 12.33
C LEU B 25 8.79 -3.07 13.83
N ASP B 26 9.30 -2.09 14.56
CA ASP B 26 9.13 -2.07 16.01
C ASP B 26 7.65 -2.02 16.36
N THR B 27 6.88 -1.26 15.59
CA THR B 27 5.44 -1.14 15.84
C THR B 27 4.80 -2.52 15.92
N GLY B 28 5.09 -3.36 14.92
CA GLY B 28 4.54 -4.72 14.90
C GLY B 28 3.01 -4.71 14.96
N LYS B 29 2.40 -3.88 14.12
CA LYS B 29 0.95 -3.78 14.08
C LYS B 29 0.47 -3.64 12.64
N GLU B 30 -0.69 -4.24 12.34
CA GLU B 30 -1.25 -4.17 11.00
C GLU B 30 -1.81 -2.79 10.74
N GLY B 31 -1.30 -2.12 9.71
CA GLY B 31 -1.76 -0.78 9.35
C GLY B 31 -0.68 0.26 9.64
N ALA B 32 0.29 -0.13 10.47
CA ALA B 32 1.39 0.77 10.82
C ALA B 32 1.86 1.52 9.57
N PHE B 33 1.49 2.78 9.47
CA PHE B 33 1.88 3.61 8.33
C PHE B 33 2.63 4.85 8.76
N MET B 34 3.64 5.22 7.99
CA MET B 34 4.44 6.41 8.31
C MET B 34 4.86 7.11 7.00
N VAL B 35 5.39 8.32 7.14
CA VAL B 35 5.85 9.09 6.01
C VAL B 35 7.31 9.48 6.19
N ARG B 36 7.99 9.75 5.09
CA ARG B 36 9.40 10.14 5.13
C ARG B 36 9.70 11.16 4.03
N ASP B 37 10.17 12.34 4.44
CA ASP B 37 10.50 13.39 3.49
C ASP B 37 11.40 12.84 2.38
N SER B 38 10.90 12.89 1.15
CA SER B 38 11.64 12.39 0.01
C SER B 38 12.61 13.45 -0.51
N ARG B 39 13.33 13.12 -1.57
CA ARG B 39 14.30 14.04 -2.15
C ARG B 39 13.59 15.31 -2.62
N THR B 40 12.42 15.13 -3.22
CA THR B 40 11.67 16.27 -3.71
C THR B 40 10.84 16.90 -2.58
N PRO B 41 10.92 18.20 -2.39
CA PRO B 41 10.18 18.90 -1.31
C PRO B 41 8.68 19.00 -1.62
N GLY B 42 8.25 18.37 -2.71
CA GLY B 42 6.85 18.41 -3.10
C GLY B 42 6.35 17.01 -3.41
N THR B 43 6.99 16.00 -2.82
CA THR B 43 6.60 14.62 -3.05
C THR B 43 7.24 13.69 -2.01
N TYR B 44 6.80 13.82 -0.76
CA TYR B 44 7.33 13.00 0.32
C TYR B 44 7.19 11.53 0.00
N THR B 45 7.34 10.67 1.01
CA THR B 45 7.25 9.24 0.78
C THR B 45 6.38 8.62 1.87
N VAL B 46 5.48 7.74 1.48
CA VAL B 46 4.60 7.09 2.44
C VAL B 46 5.07 5.68 2.77
N SER B 47 5.77 5.54 3.90
CA SER B 47 6.26 4.22 4.32
C SER B 47 5.14 3.48 5.04
N VAL B 48 4.52 2.52 4.35
CA VAL B 48 3.44 1.74 4.94
C VAL B 48 3.90 0.35 5.31
N PHE B 49 3.78 0.01 6.59
CA PHE B 49 4.19 -1.30 7.08
C PHE B 49 2.99 -2.12 7.53
N THR B 50 2.95 -3.39 7.10
CA THR B 50 1.87 -4.28 7.48
C THR B 50 2.35 -5.72 7.43
N LYS B 51 2.49 -6.33 8.61
CA LYS B 51 2.95 -7.71 8.69
C LYS B 51 2.27 -8.57 7.62
N ALA B 52 2.91 -8.66 6.45
CA ALA B 52 2.37 -9.44 5.35
C ALA B 52 3.49 -10.11 4.57
N ILE B 53 3.15 -10.68 3.42
CA ILE B 53 4.13 -11.36 2.59
C ILE B 53 4.72 -12.53 3.34
N ILE B 54 4.70 -13.70 2.70
CA ILE B 54 5.24 -14.91 3.31
C ILE B 54 6.72 -15.08 2.98
N SER B 55 7.13 -14.48 1.87
CA SER B 55 8.52 -14.60 1.44
C SER B 55 9.46 -14.13 2.53
N GLU B 56 9.23 -12.92 3.03
CA GLU B 56 10.08 -12.36 4.08
C GLU B 56 9.29 -11.37 4.91
N ASN B 57 8.70 -11.86 6.01
CA ASN B 57 7.93 -11.00 6.87
C ASN B 57 8.76 -10.57 8.09
N PRO B 58 8.54 -9.37 8.59
CA PRO B 58 7.55 -8.40 8.05
C PRO B 58 8.04 -7.76 6.75
N CYS B 59 7.28 -6.81 6.23
CA CYS B 59 7.66 -6.13 4.98
C CYS B 59 7.23 -4.68 5.04
N ILE B 60 8.02 -3.81 4.42
CA ILE B 60 7.71 -2.38 4.40
C ILE B 60 7.22 -1.96 3.03
N LYS B 61 5.95 -1.56 2.95
CA LYS B 61 5.36 -1.13 1.69
C LYS B 61 5.46 0.38 1.54
N HIS B 62 6.08 0.82 0.45
CA HIS B 62 6.23 2.25 0.19
C HIS B 62 5.24 2.68 -0.88
N TYR B 63 4.98 3.98 -0.96
CA TYR B 63 4.05 4.52 -1.96
C TYR B 63 4.34 6.00 -2.16
N HIS B 64 5.13 6.30 -3.18
CA HIS B 64 5.49 7.68 -3.48
C HIS B 64 4.30 8.42 -4.09
N ILE B 65 3.78 9.40 -3.35
CA ILE B 65 2.65 10.19 -3.83
C ILE B 65 2.90 10.65 -5.27
N LYS B 66 2.04 10.19 -6.17
CA LYS B 66 2.18 10.56 -7.58
C LYS B 66 1.87 12.04 -7.79
N GLU B 67 2.91 12.87 -7.77
CA GLU B 67 2.73 14.30 -7.96
C GLU B 67 2.21 14.59 -9.36
N THR B 68 0.93 14.97 -9.45
CA THR B 68 0.32 15.27 -10.75
C THR B 68 -0.29 16.67 -10.74
N ASN B 69 0.57 17.68 -10.63
CA ASN B 69 0.11 19.07 -10.60
C ASN B 69 -0.97 19.29 -11.65
N ASP B 70 -2.22 19.26 -11.19
CA ASP B 70 -3.37 19.46 -12.09
C ASP B 70 -3.86 20.91 -12.02
N SER B 71 -4.75 21.18 -11.05
CA SER B 71 -5.31 22.50 -10.87
C SER B 71 -6.22 22.52 -9.63
N PRO B 72 -5.71 22.15 -8.49
CA PRO B 72 -4.31 21.68 -8.32
C PRO B 72 -4.20 20.17 -8.47
N LYS B 73 -4.70 19.44 -7.47
CA LYS B 73 -4.64 17.98 -7.50
C LYS B 73 -3.25 17.50 -7.93
N ARG B 74 -2.54 16.92 -6.98
CA ARG B 74 -1.17 16.44 -7.23
C ARG B 74 -0.87 15.19 -6.41
N TYR B 75 -1.38 15.15 -5.19
CA TYR B 75 -1.13 14.00 -4.32
C TYR B 75 -2.24 12.97 -4.41
N TYR B 76 -1.86 11.74 -4.68
CA TYR B 76 -2.86 10.67 -4.78
C TYR B 76 -2.14 9.32 -4.95
N VAL B 77 -2.58 8.31 -4.23
CA VAL B 77 -1.98 6.97 -4.35
C VAL B 77 -3.08 5.92 -4.38
N ALA B 78 -3.65 5.71 -5.56
CA ALA B 78 -4.72 4.71 -5.72
C ALA B 78 -5.51 4.97 -7.00
N GLU B 79 -5.18 6.06 -7.68
CA GLU B 79 -5.87 6.43 -8.92
C GLU B 79 -7.35 6.65 -8.64
N LYS B 80 -7.74 6.48 -7.37
CA LYS B 80 -9.13 6.70 -6.99
C LYS B 80 -9.42 8.17 -6.77
N TYR B 81 -9.05 8.68 -5.59
CA TYR B 81 -9.28 10.08 -5.25
C TYR B 81 -7.95 10.82 -5.21
N VAL B 82 -7.99 12.12 -5.48
CA VAL B 82 -6.78 12.96 -5.47
C VAL B 82 -6.89 14.04 -4.42
N PHE B 83 -5.77 14.30 -3.74
CA PHE B 83 -5.73 15.32 -2.69
C PHE B 83 -4.65 16.35 -2.97
N ASP B 84 -4.66 17.43 -2.21
CA ASP B 84 -3.67 18.50 -2.39
C ASP B 84 -3.05 18.89 -1.06
N SER B 85 -2.98 17.94 -0.16
CA SER B 85 -2.37 18.19 1.12
C SER B 85 -2.17 16.91 1.89
N ILE B 86 -1.21 16.09 1.42
CA ILE B 86 -0.84 14.82 2.09
C ILE B 86 -1.69 14.60 3.34
N PRO B 87 -1.58 15.51 4.31
CA PRO B 87 -2.41 15.45 5.53
C PRO B 87 -3.83 14.92 5.23
N LEU B 88 -4.26 15.06 3.97
CA LEU B 88 -5.58 14.60 3.57
C LEU B 88 -5.51 13.13 3.18
N LEU B 89 -4.54 12.81 2.34
CA LEU B 89 -4.38 11.44 1.89
C LEU B 89 -4.22 10.51 3.09
N ILE B 90 -3.69 11.02 4.17
CA ILE B 90 -3.49 10.22 5.37
C ILE B 90 -4.77 10.09 6.17
N GLN B 91 -5.67 11.06 6.02
CA GLN B 91 -6.92 11.04 6.77
C GLN B 91 -8.00 10.25 6.05
N TYR B 92 -8.14 10.49 4.76
CA TYR B 92 -9.17 9.81 3.98
C TYR B 92 -8.91 8.31 3.92
N HIS B 93 -7.64 7.94 4.02
CA HIS B 93 -7.26 6.53 3.96
C HIS B 93 -7.28 5.91 5.34
N GLN B 94 -7.10 6.73 6.36
CA GLN B 94 -7.09 6.25 7.73
C GLN B 94 -8.34 5.42 8.00
N TYR B 95 -9.36 5.62 7.19
CA TYR B 95 -10.60 4.87 7.36
C TYR B 95 -11.19 4.55 6.01
N ASN B 96 -12.42 5.02 5.78
CA ASN B 96 -13.14 4.79 4.51
C ASN B 96 -12.53 3.61 3.75
N GLY B 97 -12.14 3.85 2.50
CA GLY B 97 -11.53 2.80 1.69
C GLY B 97 -10.85 3.40 0.47
N GLY B 98 -9.76 2.77 0.04
CA GLY B 98 -9.03 3.24 -1.12
C GLY B 98 -8.13 2.15 -1.68
N GLY B 99 -7.15 2.56 -2.49
CA GLY B 99 -6.23 1.61 -3.10
C GLY B 99 -4.97 1.43 -2.25
N LEU B 100 -5.11 0.65 -1.18
CA LEU B 100 -3.97 0.34 -0.31
C LEU B 100 -4.03 -1.09 0.18
N VAL B 101 -2.89 -1.77 0.12
CA VAL B 101 -2.83 -3.15 0.56
C VAL B 101 -2.96 -3.26 2.07
N THR B 102 -3.40 -2.18 2.69
CA THR B 102 -3.54 -2.14 4.14
C THR B 102 -4.07 -0.80 4.59
N ARG B 103 -5.28 -0.46 4.13
CA ARG B 103 -5.92 0.82 4.49
C ARG B 103 -5.37 1.34 5.81
N LEU B 104 -4.83 2.55 5.78
CA LEU B 104 -4.25 3.15 6.96
C LEU B 104 -5.20 3.02 8.16
N ARG B 105 -4.66 2.59 9.29
CA ARG B 105 -5.46 2.42 10.48
C ARG B 105 -4.58 2.38 11.72
N TYR B 106 -3.35 2.88 11.59
CA TYR B 106 -2.44 2.91 12.72
C TYR B 106 -1.23 3.81 12.41
N PRO B 107 -1.26 5.04 12.84
CA PRO B 107 -0.13 5.99 12.61
C PRO B 107 1.02 5.76 13.59
N VAL B 108 2.23 6.12 13.17
CA VAL B 108 3.40 5.95 14.01
C VAL B 108 4.26 7.21 13.98
N CYS B 109 5.02 7.44 15.05
CA CYS B 109 5.89 8.61 15.14
C CYS B 109 7.35 8.20 15.08
N GLY B 110 8.23 9.17 14.83
CA GLY B 110 9.66 8.89 14.75
C GLY B 110 10.23 8.55 16.12
N GLY A 1 9.45 -22.33 -15.15
CA GLY A 1 8.29 -21.87 -15.95
C GLY A 1 8.40 -20.38 -16.23
N SER A 2 7.59 -19.59 -15.54
CA SER A 2 7.61 -18.15 -15.72
C SER A 2 7.47 -17.79 -17.19
N PRO A 3 6.38 -18.15 -17.79
CA PRO A 3 6.11 -17.85 -19.24
C PRO A 3 5.78 -16.39 -19.47
N GLU A 4 4.65 -15.95 -18.90
CA GLU A 4 4.22 -14.56 -19.05
C GLU A 4 3.65 -14.03 -17.75
N GLU A 5 2.88 -14.87 -17.06
CA GLU A 5 2.27 -14.47 -15.79
C GLU A 5 2.52 -15.50 -14.72
N THR A 6 2.00 -15.26 -13.52
CA THR A 6 2.16 -16.20 -12.41
C THR A 6 0.89 -16.31 -11.60
N LEU A 7 0.95 -17.06 -10.51
CA LEU A 7 -0.21 -17.24 -9.64
C LEU A 7 0.10 -16.70 -8.25
N VAL A 8 -0.92 -16.19 -7.56
CA VAL A 8 -0.75 -15.63 -6.24
C VAL A 8 -1.75 -16.21 -5.26
N ILE A 9 -1.57 -15.94 -3.97
CA ILE A 9 -2.46 -16.46 -2.96
C ILE A 9 -2.53 -15.50 -1.77
N ALA A 10 -3.68 -15.47 -1.09
CA ALA A 10 -3.87 -14.59 0.04
C ALA A 10 -3.46 -15.26 1.34
N LEU A 11 -2.75 -14.52 2.19
CA LEU A 11 -2.30 -15.06 3.47
C LEU A 11 -3.37 -14.90 4.52
N TYR A 12 -3.89 -13.68 4.66
CA TYR A 12 -4.93 -13.40 5.65
C TYR A 12 -6.31 -13.46 4.98
N ASP A 13 -7.36 -13.51 5.81
CA ASP A 13 -8.72 -13.57 5.28
C ASP A 13 -9.21 -12.18 4.91
N TYR A 14 -9.22 -11.88 3.61
CA TYR A 14 -9.67 -10.59 3.13
C TYR A 14 -10.84 -10.74 2.17
N GLN A 15 -11.93 -10.03 2.45
CA GLN A 15 -13.11 -10.10 1.60
C GLN A 15 -13.65 -8.70 1.33
N THR A 16 -14.00 -8.45 0.07
CA THR A 16 -14.52 -7.15 -0.32
C THR A 16 -15.24 -7.23 -1.67
N ASN A 17 -16.54 -6.96 -1.67
CA ASN A 17 -17.31 -6.99 -2.90
C ASN A 17 -17.42 -5.59 -3.49
N ASP A 18 -16.33 -4.82 -3.39
CA ASP A 18 -16.32 -3.46 -3.91
C ASP A 18 -16.18 -3.45 -5.42
N PRO A 19 -16.69 -2.44 -6.06
CA PRO A 19 -16.61 -2.31 -7.54
C PRO A 19 -15.21 -2.58 -8.07
N GLN A 20 -14.23 -1.86 -7.51
CA GLN A 20 -12.84 -2.03 -7.94
C GLN A 20 -12.18 -3.17 -7.19
N GLU A 21 -12.10 -3.04 -5.86
CA GLU A 21 -11.48 -4.07 -5.03
C GLU A 21 -12.11 -5.42 -5.31
N LEU A 22 -11.28 -6.47 -5.29
CA LEU A 22 -11.76 -7.82 -5.55
C LEU A 22 -11.77 -8.64 -4.27
N ALA A 23 -12.91 -9.26 -3.98
CA ALA A 23 -13.04 -10.07 -2.78
C ALA A 23 -12.11 -11.27 -2.83
N LEU A 24 -11.52 -11.62 -1.68
CA LEU A 24 -10.58 -12.73 -1.61
C LEU A 24 -10.83 -13.56 -0.35
N ARG A 25 -9.90 -14.44 -0.04
CA ARG A 25 -10.01 -15.28 1.15
C ARG A 25 -8.78 -16.16 1.31
N CYS A 26 -8.14 -16.07 2.46
CA CYS A 26 -6.93 -16.85 2.72
C CYS A 26 -7.04 -18.23 2.13
N ASP A 27 -6.63 -18.38 0.86
CA ASP A 27 -6.69 -19.68 0.20
C ASP A 27 -7.35 -19.55 -1.16
N GLU A 28 -7.28 -18.37 -1.75
CA GLU A 28 -7.87 -18.12 -3.06
C GLU A 28 -6.80 -17.74 -4.07
N GLU A 29 -6.52 -18.64 -5.00
CA GLU A 29 -5.52 -18.37 -6.00
C GLU A 29 -6.17 -17.84 -7.29
N TYR A 30 -5.42 -17.04 -8.05
CA TYR A 30 -5.94 -16.49 -9.30
C TYR A 30 -4.82 -16.37 -10.32
N TYR A 31 -5.01 -15.50 -11.31
CA TYR A 31 -3.98 -15.26 -12.36
C TYR A 31 -3.46 -13.84 -12.25
N LEU A 32 -2.16 -13.73 -12.01
CA LEU A 32 -1.52 -12.41 -11.91
C LEU A 32 -1.51 -11.73 -13.27
N LEU A 33 -2.00 -10.49 -13.32
CA LEU A 33 -2.05 -9.74 -14.57
C LEU A 33 -1.20 -8.49 -14.49
N ASP A 34 -0.77 -8.14 -13.27
CA ASP A 34 0.06 -6.96 -13.07
C ASP A 34 1.04 -7.20 -11.93
N SER A 35 2.19 -7.77 -12.25
CA SER A 35 3.21 -8.06 -11.24
C SER A 35 4.12 -6.85 -11.05
N SER A 36 3.79 -5.75 -11.71
CA SER A 36 4.59 -4.54 -11.62
C SER A 36 3.88 -3.49 -10.79
N GLU A 37 2.58 -3.65 -10.61
CA GLU A 37 1.79 -2.71 -9.83
C GLU A 37 2.38 -2.54 -8.44
N ILE A 38 2.36 -1.31 -7.94
CA ILE A 38 2.90 -1.03 -6.62
C ILE A 38 1.82 -1.10 -5.55
N HIS A 39 0.77 -0.31 -5.75
CA HIS A 39 -0.33 -0.27 -4.78
C HIS A 39 -0.99 -1.64 -4.67
N TRP A 40 -1.96 -1.90 -5.55
CA TRP A 40 -2.66 -3.17 -5.54
C TRP A 40 -2.39 -3.95 -6.83
N TRP A 41 -2.18 -5.24 -6.70
CA TRP A 41 -1.94 -6.12 -7.83
C TRP A 41 -3.22 -6.25 -8.66
N ARG A 42 -3.28 -7.30 -9.48
CA ARG A 42 -4.45 -7.56 -10.32
C ARG A 42 -4.69 -9.06 -10.44
N VAL A 43 -5.96 -9.45 -10.58
CA VAL A 43 -6.32 -10.85 -10.70
C VAL A 43 -7.61 -11.02 -11.47
N GLN A 44 -7.73 -12.15 -12.16
CA GLN A 44 -8.96 -12.45 -12.92
C GLN A 44 -9.44 -13.85 -12.59
N ASP A 45 -10.40 -13.94 -11.69
CA ASP A 45 -10.93 -15.23 -11.27
C ASP A 45 -11.60 -15.96 -12.43
N LYS A 46 -11.40 -17.26 -12.50
CA LYS A 46 -12.00 -18.07 -13.57
C LYS A 46 -13.49 -17.77 -13.66
N ASN A 47 -14.08 -17.34 -12.56
CA ASN A 47 -15.51 -17.02 -12.52
C ASN A 47 -15.77 -15.72 -13.27
N GLY A 48 -14.74 -14.89 -13.39
CA GLY A 48 -14.88 -13.62 -14.09
C GLY A 48 -14.90 -12.46 -13.11
N HIS A 49 -14.14 -12.58 -12.02
CA HIS A 49 -14.07 -11.52 -11.02
C HIS A 49 -12.80 -10.69 -11.23
N GLU A 50 -12.90 -9.65 -12.03
CA GLU A 50 -11.77 -8.80 -12.27
C GLU A 50 -11.72 -7.61 -11.33
N GLY A 51 -10.63 -7.49 -10.58
CA GLY A 51 -10.46 -6.39 -9.65
C GLY A 51 -9.04 -6.34 -9.10
N TYR A 52 -8.70 -5.25 -8.42
CA TYR A 52 -7.37 -5.10 -7.85
C TYR A 52 -7.27 -5.87 -6.53
N ALA A 53 -6.09 -6.42 -6.26
CA ALA A 53 -5.88 -7.19 -5.05
C ALA A 53 -4.68 -6.64 -4.27
N PRO A 54 -4.64 -6.90 -2.99
CA PRO A 54 -3.54 -6.43 -2.11
C PRO A 54 -2.17 -6.79 -2.67
N SER A 55 -1.12 -6.32 -2.01
CA SER A 55 0.25 -6.60 -2.44
C SER A 55 1.00 -7.38 -1.36
N SER A 56 0.75 -7.02 -0.10
CA SER A 56 1.40 -7.69 1.03
C SER A 56 0.62 -8.93 1.43
N TYR A 57 -0.70 -8.81 1.48
CA TYR A 57 -1.56 -9.94 1.83
C TYR A 57 -1.40 -11.06 0.83
N LEU A 58 -0.96 -10.72 -0.38
CA LEU A 58 -0.77 -11.72 -1.43
C LEU A 58 0.68 -12.03 -1.65
N VAL A 59 0.95 -13.12 -2.36
CA VAL A 59 2.37 -13.51 -2.67
C VAL A 59 2.35 -14.51 -3.81
N GLU A 60 3.12 -14.23 -4.85
CA GLU A 60 3.21 -15.11 -6.01
C GLU A 60 3.70 -16.49 -5.58
N LYS A 61 3.05 -17.54 -6.08
CA LYS A 61 3.41 -18.90 -5.74
C LYS A 61 4.83 -19.21 -6.21
N SER A 62 5.17 -18.76 -7.40
CA SER A 62 6.49 -18.99 -7.95
C SER A 62 6.86 -20.47 -7.86
N PRO A 63 6.23 -21.29 -8.66
CA PRO A 63 6.50 -22.75 -8.68
C PRO A 63 7.97 -23.08 -8.95
N ASN B 3 4.62 23.29 3.97
CA ASN B 3 3.61 22.82 4.96
C ASN B 3 4.34 22.34 6.22
N ASN B 4 3.84 22.78 7.38
CA ASN B 4 4.45 22.38 8.64
C ASN B 4 3.98 20.99 9.04
N LEU B 5 4.47 19.98 8.33
CA LEU B 5 4.09 18.60 8.62
C LEU B 5 4.68 18.16 9.95
N GLU B 6 5.74 18.83 10.38
CA GLU B 6 6.40 18.49 11.64
C GLU B 6 5.37 18.34 12.75
N THR B 7 4.15 18.82 12.49
CA THR B 7 3.09 18.74 13.49
C THR B 7 2.56 17.32 13.60
N TYR B 8 2.54 16.61 12.47
CA TYR B 8 2.05 15.23 12.46
C TYR B 8 3.14 14.27 12.89
N GLU B 9 2.84 12.98 12.81
CA GLU B 9 3.80 11.97 13.22
C GLU B 9 4.41 11.26 12.01
N TRP B 10 3.55 10.75 11.15
CA TRP B 10 4.00 10.01 9.97
C TRP B 10 5.11 10.77 9.25
N TYR B 11 5.08 12.09 9.36
CA TYR B 11 6.07 12.92 8.69
C TYR B 11 7.40 12.87 9.43
N ASN B 12 8.45 12.45 8.73
CA ASN B 12 9.78 12.37 9.34
C ASN B 12 10.86 12.49 8.27
N LYS B 13 11.50 13.66 8.20
CA LYS B 13 12.55 13.90 7.24
C LYS B 13 13.91 13.54 7.83
N SER B 14 14.08 13.81 9.12
CA SER B 14 15.33 13.52 9.80
C SER B 14 15.66 12.03 9.72
N ILE B 15 14.62 11.21 9.60
CA ILE B 15 14.83 9.77 9.53
C ILE B 15 15.00 9.32 8.08
N SER B 16 15.99 8.47 7.85
CA SER B 16 16.27 7.98 6.50
C SER B 16 15.46 6.72 6.21
N ARG B 17 15.54 6.25 4.97
CA ARG B 17 14.80 5.05 4.58
C ARG B 17 15.23 3.86 5.44
N ASP B 18 16.52 3.57 5.45
CA ASP B 18 17.04 2.46 6.24
C ASP B 18 16.49 2.51 7.67
N LYS B 19 16.47 3.71 8.24
CA LYS B 19 15.96 3.88 9.60
C LYS B 19 14.43 3.83 9.61
N ALA B 20 13.83 4.09 8.46
CA ALA B 20 12.38 4.06 8.35
C ALA B 20 11.86 2.63 8.30
N GLU B 21 12.77 1.69 8.07
CA GLU B 21 12.41 0.28 7.99
C GLU B 21 12.49 -0.38 9.37
N LYS B 22 13.52 -0.01 10.13
CA LYS B 22 13.70 -0.58 11.46
C LYS B 22 12.74 0.06 12.46
N LEU B 23 12.53 1.36 12.31
CA LEU B 23 11.64 2.08 13.21
C LEU B 23 10.25 1.46 13.20
N LEU B 24 9.74 1.20 12.00
CA LEU B 24 8.43 0.59 11.86
C LEU B 24 8.43 -0.84 12.37
N LEU B 25 9.53 -1.54 12.14
CA LEU B 25 9.66 -2.92 12.58
C LEU B 25 9.49 -3.03 14.10
N ASP B 26 9.99 -2.02 14.80
CA ASP B 26 9.90 -2.01 16.26
C ASP B 26 8.43 -2.08 16.69
N THR B 27 7.58 -1.37 15.97
CA THR B 27 6.15 -1.36 16.30
C THR B 27 5.59 -2.77 16.27
N GLY B 28 5.96 -3.54 15.25
CA GLY B 28 5.50 -4.92 15.13
C GLY B 28 3.98 -4.98 15.21
N LYS B 29 3.30 -4.10 14.48
CA LYS B 29 1.85 -4.06 14.49
C LYS B 29 1.31 -3.85 13.08
N GLU B 30 0.21 -4.55 12.76
CA GLU B 30 -0.39 -4.43 11.44
C GLU B 30 -1.10 -3.09 11.30
N GLY B 31 -0.79 -2.36 10.24
CA GLY B 31 -1.40 -1.05 10.01
C GLY B 31 -0.38 0.06 10.21
N ALA B 32 0.62 -0.20 11.04
CA ALA B 32 1.66 0.79 11.31
C ALA B 32 2.06 1.49 10.01
N PHE B 33 1.63 2.74 9.87
CA PHE B 33 1.94 3.51 8.67
C PHE B 33 2.69 4.79 9.01
N MET B 34 3.67 5.13 8.20
CA MET B 34 4.47 6.34 8.44
C MET B 34 4.80 7.02 7.12
N VAL B 35 5.32 8.24 7.19
CA VAL B 35 5.70 8.98 6.00
C VAL B 35 7.15 9.45 6.09
N ARG B 36 7.76 9.69 4.94
CA ARG B 36 9.15 10.15 4.90
C ARG B 36 9.35 11.17 3.79
N ASP B 37 9.85 12.35 4.16
CA ASP B 37 10.08 13.41 3.19
C ASP B 37 10.95 12.90 2.04
N SER B 38 10.54 13.20 0.82
CA SER B 38 11.28 12.78 -0.36
C SER B 38 12.15 13.91 -0.89
N ARG B 39 12.79 13.67 -2.03
CA ARG B 39 13.65 14.69 -2.65
C ARG B 39 12.84 15.93 -2.99
N THR B 40 11.62 15.72 -3.51
CA THR B 40 10.76 16.83 -3.88
C THR B 40 9.96 17.31 -2.66
N PRO B 41 9.98 18.59 -2.40
CA PRO B 41 9.25 19.19 -1.24
C PRO B 41 7.73 19.12 -1.41
N GLY B 42 7.29 18.25 -2.31
CA GLY B 42 5.86 18.10 -2.56
C GLY B 42 5.52 16.68 -3.03
N THR B 43 6.33 15.72 -2.59
CA THR B 43 6.12 14.33 -2.97
C THR B 43 6.80 13.40 -1.97
N TYR B 44 6.44 13.52 -0.70
CA TYR B 44 7.03 12.68 0.33
C TYR B 44 6.83 11.21 0.00
N THR B 45 7.04 10.37 0.99
CA THR B 45 6.90 8.91 0.80
C THR B 45 6.11 8.29 1.95
N VAL B 46 5.21 7.38 1.62
CA VAL B 46 4.39 6.73 2.63
C VAL B 46 4.96 5.36 3.02
N SER B 47 5.71 5.33 4.11
CA SER B 47 6.29 4.06 4.58
C SER B 47 5.22 3.26 5.33
N VAL B 48 4.59 2.33 4.62
CA VAL B 48 3.55 1.51 5.22
C VAL B 48 4.08 0.16 5.66
N PHE B 49 4.00 -0.12 6.95
CA PHE B 49 4.48 -1.39 7.49
C PHE B 49 3.30 -2.23 7.99
N THR B 50 3.24 -3.47 7.52
CA THR B 50 2.17 -4.38 7.95
C THR B 50 2.64 -5.83 7.88
N LYS B 51 2.78 -6.45 9.06
CA LYS B 51 3.21 -7.84 9.12
C LYS B 51 2.50 -8.68 8.07
N ALA B 52 3.08 -8.73 6.87
CA ALA B 52 2.49 -9.49 5.77
C ALA B 52 3.57 -10.14 4.92
N ILE B 53 3.17 -10.66 3.76
CA ILE B 53 4.12 -11.29 2.85
C ILE B 53 4.76 -12.52 3.52
N ILE B 54 4.70 -13.65 2.84
CA ILE B 54 5.26 -14.88 3.37
C ILE B 54 6.74 -15.00 3.03
N SER B 55 7.15 -14.30 1.97
CA SER B 55 8.54 -14.34 1.53
C SER B 55 9.48 -14.04 2.69
N GLU B 56 9.42 -12.82 3.19
CA GLU B 56 10.27 -12.40 4.30
C GLU B 56 9.56 -11.38 5.17
N ASN B 57 8.80 -11.86 6.15
CA ASN B 57 8.07 -10.98 7.04
C ASN B 57 8.91 -10.67 8.28
N PRO B 58 8.75 -9.49 8.83
CA PRO B 58 7.82 -8.46 8.30
C PRO B 58 8.34 -7.82 7.00
N CYS B 59 7.60 -6.86 6.49
CA CYS B 59 8.00 -6.17 5.26
C CYS B 59 7.56 -4.71 5.30
N ILE B 60 8.35 -3.84 4.65
CA ILE B 60 8.05 -2.42 4.62
C ILE B 60 7.55 -2.01 3.25
N LYS B 61 6.34 -1.47 3.19
CA LYS B 61 5.76 -1.04 1.92
C LYS B 61 5.86 0.48 1.78
N HIS B 62 6.49 0.92 0.70
CA HIS B 62 6.65 2.35 0.46
C HIS B 62 5.84 2.79 -0.75
N TYR B 63 4.76 3.51 -0.48
CA TYR B 63 3.88 4.00 -1.56
C TYR B 63 4.18 5.49 -1.82
N HIS B 64 4.99 5.76 -2.84
CA HIS B 64 5.33 7.13 -3.16
C HIS B 64 4.15 7.86 -3.79
N ILE B 65 3.71 8.95 -3.15
CA ILE B 65 2.59 9.72 -3.67
C ILE B 65 2.96 10.34 -5.02
N LYS B 66 2.15 10.05 -6.03
CA LYS B 66 2.40 10.56 -7.37
C LYS B 66 2.05 12.04 -7.43
N GLU B 67 2.89 12.82 -8.14
CA GLU B 67 2.66 14.25 -8.26
C GLU B 67 2.14 14.58 -9.65
N THR B 68 0.88 14.99 -9.73
CA THR B 68 0.27 15.35 -11.01
C THR B 68 -0.32 16.74 -10.94
N ASN B 69 0.52 17.74 -10.73
CA ASN B 69 0.05 19.12 -10.64
C ASN B 69 -1.02 19.40 -11.69
N ASP B 70 -2.27 19.27 -11.28
CA ASP B 70 -3.39 19.51 -12.19
C ASP B 70 -3.97 20.91 -11.97
N SER B 71 -4.93 21.01 -11.06
CA SER B 71 -5.58 22.28 -10.78
C SER B 71 -6.61 22.13 -9.67
N PRO B 72 -6.18 21.71 -8.52
CA PRO B 72 -4.75 21.37 -8.26
C PRO B 72 -4.49 19.88 -8.53
N LYS B 73 -5.05 19.01 -7.70
CA LYS B 73 -4.85 17.57 -7.85
C LYS B 73 -3.40 17.26 -8.18
N ARG B 74 -2.67 16.80 -7.17
CA ARG B 74 -1.27 16.47 -7.35
C ARG B 74 -0.91 15.19 -6.61
N TYR B 75 -1.24 15.14 -5.33
CA TYR B 75 -0.92 13.97 -4.52
C TYR B 75 -2.02 12.92 -4.61
N TYR B 76 -1.60 11.66 -4.77
CA TYR B 76 -2.56 10.57 -4.86
C TYR B 76 -1.84 9.23 -4.93
N VAL B 77 -2.54 8.16 -4.57
CA VAL B 77 -1.96 6.83 -4.63
C VAL B 77 -3.03 5.81 -5.02
N ALA B 78 -2.67 4.91 -5.94
CA ALA B 78 -3.60 3.88 -6.38
C ALA B 78 -4.49 4.42 -7.51
N GLU B 79 -4.20 5.65 -7.96
CA GLU B 79 -4.96 6.26 -9.03
C GLU B 79 -6.45 6.29 -8.67
N LYS B 80 -6.75 5.94 -7.42
CA LYS B 80 -8.14 5.92 -6.97
C LYS B 80 -8.65 7.34 -6.72
N TYR B 81 -8.25 7.90 -5.57
CA TYR B 81 -8.67 9.26 -5.22
C TYR B 81 -7.47 10.19 -5.15
N VAL B 82 -7.69 11.45 -5.50
CA VAL B 82 -6.62 12.44 -5.48
C VAL B 82 -6.81 13.41 -4.33
N PHE B 83 -5.71 14.04 -3.89
CA PHE B 83 -5.77 14.98 -2.78
C PHE B 83 -4.79 16.12 -3.00
N ASP B 84 -5.15 17.31 -2.50
CA ASP B 84 -4.29 18.47 -2.65
C ASP B 84 -3.34 18.58 -1.45
N SER B 85 -3.38 17.58 -0.58
CA SER B 85 -2.52 17.57 0.61
C SER B 85 -2.29 16.15 1.09
N ILE B 86 -1.26 15.96 1.90
CA ILE B 86 -0.94 14.64 2.43
C ILE B 86 -1.85 14.29 3.61
N PRO B 87 -2.12 15.24 4.45
CA PRO B 87 -3.02 15.05 5.63
C PRO B 87 -4.35 14.43 5.22
N LEU B 88 -4.82 14.79 4.02
CA LEU B 88 -6.07 14.24 3.51
C LEU B 88 -5.90 12.77 3.11
N LEU B 89 -4.86 12.51 2.31
CA LEU B 89 -4.60 11.15 1.86
C LEU B 89 -4.32 10.24 3.06
N ILE B 90 -3.72 10.80 4.09
CA ILE B 90 -3.38 10.03 5.28
C ILE B 90 -4.57 9.91 6.22
N GLN B 91 -5.48 10.87 6.15
CA GLN B 91 -6.64 10.87 7.02
C GLN B 91 -7.78 10.06 6.43
N TYR B 92 -8.04 10.27 5.15
CA TYR B 92 -9.13 9.55 4.48
C TYR B 92 -8.84 8.05 4.45
N HIS B 93 -7.57 7.70 4.51
CA HIS B 93 -7.18 6.30 4.45
C HIS B 93 -7.26 5.66 5.83
N GLN B 94 -7.17 6.49 6.87
CA GLN B 94 -7.23 6.00 8.24
C GLN B 94 -8.31 4.92 8.38
N TYR B 95 -9.40 5.09 7.64
CA TYR B 95 -10.49 4.12 7.67
C TYR B 95 -11.04 3.91 6.27
N ASN B 96 -12.25 4.43 6.02
CA ASN B 96 -12.89 4.28 4.72
C ASN B 96 -12.34 3.05 3.97
N GLY B 97 -11.97 3.25 2.72
CA GLY B 97 -11.42 2.15 1.92
C GLY B 97 -10.62 2.70 0.75
N GLY B 98 -9.31 2.81 0.93
CA GLY B 98 -8.43 3.33 -0.12
C GLY B 98 -7.73 2.21 -0.86
N GLY B 99 -6.67 2.56 -1.60
CA GLY B 99 -5.92 1.58 -2.36
C GLY B 99 -4.69 1.12 -1.59
N LEU B 100 -4.81 1.05 -0.26
CA LEU B 100 -3.70 0.60 0.58
C LEU B 100 -3.93 -0.86 0.98
N VAL B 101 -2.91 -1.69 0.77
CA VAL B 101 -3.03 -3.11 1.08
C VAL B 101 -3.10 -3.36 2.56
N THR B 102 -3.62 -2.36 3.29
CA THR B 102 -3.75 -2.49 4.74
C THR B 102 -4.59 -1.34 5.29
N ARG B 103 -4.98 -0.42 4.42
CA ARG B 103 -5.78 0.72 4.83
C ARG B 103 -5.26 1.30 6.15
N LEU B 104 -4.52 2.39 6.04
CA LEU B 104 -3.96 3.05 7.23
C LEU B 104 -4.95 3.00 8.39
N ARG B 105 -4.45 2.63 9.56
CA ARG B 105 -5.30 2.54 10.74
C ARG B 105 -4.45 2.54 12.01
N TYR B 106 -3.23 3.04 11.91
CA TYR B 106 -2.33 3.10 13.04
C TYR B 106 -1.07 3.88 12.70
N PRO B 107 -1.01 5.12 13.10
CA PRO B 107 0.17 6.00 12.86
C PRO B 107 1.29 5.72 13.85
N VAL B 108 2.52 6.06 13.46
CA VAL B 108 3.68 5.85 14.32
C VAL B 108 4.54 7.10 14.37
N CYS B 109 4.99 7.47 15.56
CA CYS B 109 5.83 8.65 15.73
C CYS B 109 7.30 8.30 15.51
N GLY B 110 8.03 9.24 14.93
CA GLY B 110 9.45 9.02 14.68
C GLY B 110 10.18 10.35 14.43
N GLY A 1 -1.31 -19.90 -16.44
CA GLY A 1 -0.43 -18.69 -16.44
C GLY A 1 0.95 -19.07 -15.89
N SER A 2 1.93 -18.21 -16.14
CA SER A 2 3.30 -18.47 -15.69
C SER A 2 4.26 -17.45 -16.30
N PRO A 3 4.36 -17.43 -17.60
CA PRO A 3 5.26 -16.48 -18.32
C PRO A 3 4.87 -15.03 -18.06
N GLU A 4 3.95 -14.52 -18.88
CA GLU A 4 3.50 -13.14 -18.75
C GLU A 4 2.68 -12.97 -17.48
N GLU A 5 2.03 -14.06 -17.05
CA GLU A 5 1.17 -14.02 -15.86
C GLU A 5 1.68 -15.00 -14.81
N THR A 6 1.48 -14.66 -13.55
CA THR A 6 1.93 -15.52 -12.46
C THR A 6 0.80 -15.75 -11.45
N LEU A 7 0.56 -17.00 -11.11
CA LEU A 7 -0.51 -17.31 -10.16
C LEU A 7 -0.05 -17.00 -8.74
N VAL A 8 -0.95 -16.39 -7.96
CA VAL A 8 -0.65 -16.03 -6.58
C VAL A 8 -1.68 -16.60 -5.63
N ILE A 9 -1.56 -16.26 -4.34
CA ILE A 9 -2.48 -16.77 -3.34
C ILE A 9 -2.64 -15.76 -2.22
N ALA A 10 -3.80 -15.80 -1.55
CA ALA A 10 -4.08 -14.88 -0.45
C ALA A 10 -3.40 -15.35 0.84
N LEU A 11 -2.55 -14.50 1.41
CA LEU A 11 -1.87 -14.85 2.63
C LEU A 11 -2.82 -14.84 3.80
N TYR A 12 -3.59 -13.78 3.91
CA TYR A 12 -4.56 -13.67 5.01
C TYR A 12 -5.94 -13.35 4.45
N ASP A 13 -6.98 -13.89 5.09
CA ASP A 13 -8.34 -13.64 4.66
C ASP A 13 -8.63 -12.15 4.68
N TYR A 14 -8.93 -11.58 3.53
CA TYR A 14 -9.20 -10.14 3.42
C TYR A 14 -10.44 -9.91 2.54
N GLN A 15 -11.09 -8.76 2.77
CA GLN A 15 -12.26 -8.41 1.99
C GLN A 15 -12.26 -6.92 1.70
N THR A 16 -13.13 -6.50 0.78
CA THR A 16 -13.23 -5.09 0.40
C THR A 16 -14.64 -4.56 0.63
N ASN A 17 -14.74 -3.25 0.81
CA ASN A 17 -16.04 -2.62 1.00
C ASN A 17 -16.53 -2.04 -0.32
N ASP A 18 -15.71 -2.25 -1.38
CA ASP A 18 -16.07 -1.75 -2.70
C ASP A 18 -15.80 -2.79 -3.78
N PRO A 19 -16.81 -3.19 -4.53
CA PRO A 19 -16.65 -4.20 -5.61
C PRO A 19 -15.43 -3.93 -6.50
N GLN A 20 -14.84 -2.74 -6.33
CA GLN A 20 -13.69 -2.36 -7.13
C GLN A 20 -12.58 -3.38 -6.97
N GLU A 21 -12.34 -3.79 -5.73
CA GLU A 21 -11.30 -4.77 -5.45
C GLU A 21 -11.85 -6.17 -5.63
N LEU A 22 -11.04 -7.16 -5.26
CA LEU A 22 -11.45 -8.56 -5.38
C LEU A 22 -11.29 -9.29 -4.05
N ALA A 23 -12.41 -9.71 -3.48
CA ALA A 23 -12.39 -10.44 -2.22
C ALA A 23 -11.37 -11.57 -2.28
N LEU A 24 -10.73 -11.85 -1.15
CA LEU A 24 -9.71 -12.91 -1.09
C LEU A 24 -10.13 -14.03 -0.16
N ARG A 25 -9.19 -14.94 0.13
CA ARG A 25 -9.47 -16.06 1.01
C ARG A 25 -8.27 -16.99 1.08
N CYS A 26 -7.93 -17.42 2.27
CA CYS A 26 -6.81 -18.34 2.45
C CYS A 26 -6.83 -19.44 1.38
N ASP A 27 -5.65 -19.90 1.00
CA ASP A 27 -5.52 -20.96 0.00
C ASP A 27 -6.01 -20.50 -1.37
N GLU A 28 -6.93 -19.53 -1.38
CA GLU A 28 -7.48 -19.03 -2.61
C GLU A 28 -6.39 -18.48 -3.52
N GLU A 29 -6.34 -19.00 -4.73
CA GLU A 29 -5.35 -18.57 -5.71
C GLU A 29 -6.03 -17.98 -6.94
N TYR A 30 -5.34 -17.05 -7.59
CA TYR A 30 -5.87 -16.41 -8.78
C TYR A 30 -4.77 -16.26 -9.82
N TYR A 31 -4.85 -15.20 -10.62
CA TYR A 31 -3.84 -14.92 -11.67
C TYR A 31 -3.32 -13.51 -11.50
N LEU A 32 -2.52 -13.05 -12.47
CA LEU A 32 -1.99 -11.69 -12.43
C LEU A 32 -2.17 -11.04 -13.80
N LEU A 33 -2.83 -9.89 -13.82
CA LEU A 33 -3.09 -9.18 -15.06
C LEU A 33 -2.34 -7.85 -15.09
N ASP A 34 -2.14 -7.24 -13.92
CA ASP A 34 -1.43 -5.97 -13.85
C ASP A 34 -0.49 -5.96 -12.65
N SER A 35 0.77 -6.28 -12.88
CA SER A 35 1.77 -6.30 -11.80
C SER A 35 2.56 -4.99 -11.80
N SER A 36 2.24 -4.12 -12.74
CA SER A 36 2.92 -2.83 -12.83
C SER A 36 2.49 -1.89 -11.71
N GLU A 37 1.20 -1.94 -11.38
CA GLU A 37 0.67 -1.09 -10.32
C GLU A 37 1.55 -1.18 -9.07
N ILE A 38 1.66 -0.06 -8.36
CA ILE A 38 2.49 -0.01 -7.16
C ILE A 38 1.66 -0.22 -5.91
N HIS A 39 0.61 -1.01 -6.04
CA HIS A 39 -0.27 -1.28 -4.91
C HIS A 39 -1.10 -2.53 -5.17
N TRP A 40 -2.25 -2.34 -5.80
CA TRP A 40 -3.14 -3.46 -6.06
C TRP A 40 -2.82 -4.13 -7.39
N TRP A 41 -2.68 -5.47 -7.38
CA TRP A 41 -2.38 -6.19 -8.62
C TRP A 41 -3.59 -6.94 -9.06
N ARG A 42 -4.24 -6.46 -10.14
CA ARG A 42 -5.44 -7.11 -10.66
C ARG A 42 -5.38 -8.63 -10.49
N VAL A 43 -6.52 -9.27 -10.63
CA VAL A 43 -6.59 -10.71 -10.45
C VAL A 43 -7.85 -11.26 -11.07
N GLN A 44 -7.81 -12.56 -11.38
CA GLN A 44 -8.95 -13.23 -12.00
C GLN A 44 -9.29 -14.52 -11.25
N ASP A 45 -10.41 -14.53 -10.56
CA ASP A 45 -10.83 -15.71 -9.82
C ASP A 45 -11.43 -16.74 -10.76
N LYS A 46 -11.05 -17.99 -10.58
CA LYS A 46 -11.55 -19.08 -11.42
C LYS A 46 -13.07 -18.94 -11.61
N ASN A 47 -13.73 -18.35 -10.60
CA ASN A 47 -15.17 -18.17 -10.66
C ASN A 47 -15.53 -17.04 -11.63
N GLY A 48 -14.60 -16.09 -11.79
CA GLY A 48 -14.82 -14.96 -12.69
C GLY A 48 -15.02 -13.68 -11.90
N HIS A 49 -14.28 -13.54 -10.80
CA HIS A 49 -14.39 -12.35 -9.97
C HIS A 49 -13.18 -11.46 -10.19
N GLU A 50 -13.26 -10.56 -11.15
CA GLU A 50 -12.14 -9.67 -11.45
C GLU A 50 -12.20 -8.38 -10.66
N GLY A 51 -11.17 -8.13 -9.86
CA GLY A 51 -11.11 -6.92 -9.05
C GLY A 51 -9.68 -6.66 -8.57
N TYR A 52 -9.41 -5.43 -8.15
CA TYR A 52 -8.07 -5.07 -7.70
C TYR A 52 -7.79 -5.72 -6.35
N ALA A 53 -6.72 -6.53 -6.30
CA ALA A 53 -6.35 -7.21 -5.06
C ALA A 53 -5.04 -6.67 -4.53
N PRO A 54 -4.78 -6.85 -3.25
CA PRO A 54 -3.55 -6.31 -2.58
C PRO A 54 -2.27 -6.75 -3.29
N SER A 55 -1.13 -6.47 -2.66
CA SER A 55 0.15 -6.85 -3.23
C SER A 55 0.96 -7.66 -2.21
N SER A 56 1.09 -7.12 -1.00
CA SER A 56 1.83 -7.80 0.05
C SER A 56 1.15 -9.11 0.43
N TYR A 57 -0.16 -9.06 0.60
CA TYR A 57 -0.92 -10.25 0.97
C TYR A 57 -0.80 -11.27 -0.14
N LEU A 58 -0.25 -10.87 -1.27
CA LEU A 58 -0.10 -11.79 -2.40
C LEU A 58 1.35 -12.13 -2.60
N VAL A 59 1.62 -13.24 -3.33
CA VAL A 59 2.99 -13.64 -3.60
C VAL A 59 3.03 -14.51 -4.85
N GLU A 60 3.96 -14.22 -5.75
CA GLU A 60 4.07 -14.98 -6.99
C GLU A 60 4.48 -16.42 -6.71
N LYS A 61 3.58 -17.32 -7.05
CA LYS A 61 3.83 -18.75 -6.81
C LYS A 61 5.12 -19.20 -7.52
N SER A 62 5.29 -18.73 -8.76
CA SER A 62 6.46 -19.07 -9.54
C SER A 62 6.65 -20.59 -9.60
N PRO A 63 5.77 -21.27 -10.29
CA PRO A 63 5.82 -22.75 -10.42
C PRO A 63 7.18 -23.23 -10.93
N ASN B 3 5.04 23.16 3.88
CA ASN B 3 3.98 22.73 4.84
C ASN B 3 4.62 22.17 6.10
N ASN B 4 4.15 22.64 7.25
CA ASN B 4 4.69 22.17 8.52
C ASN B 4 4.07 20.83 8.91
N LEU B 5 4.52 19.77 8.26
CA LEU B 5 4.02 18.44 8.56
C LEU B 5 4.52 17.96 9.90
N GLU B 6 5.61 18.56 10.36
CA GLU B 6 6.19 18.17 11.65
C GLU B 6 5.10 18.07 12.71
N THR B 7 3.93 18.63 12.41
CA THR B 7 2.82 18.59 13.36
C THR B 7 2.24 17.19 13.44
N TYR B 8 2.22 16.49 12.31
CA TYR B 8 1.69 15.13 12.27
C TYR B 8 2.74 14.14 12.74
N GLU B 9 2.39 12.86 12.68
CA GLU B 9 3.30 11.79 13.11
C GLU B 9 3.92 11.09 11.92
N TRP B 10 3.07 10.58 11.05
CA TRP B 10 3.55 9.84 9.88
C TRP B 10 4.69 10.57 9.21
N TYR B 11 4.67 11.89 9.29
CA TYR B 11 5.71 12.69 8.66
C TYR B 11 7.00 12.63 9.46
N ASN B 12 8.08 12.20 8.79
CA ASN B 12 9.38 12.11 9.45
C ASN B 12 10.50 12.28 8.43
N LYS B 13 11.18 13.43 8.51
CA LYS B 13 12.28 13.72 7.59
C LYS B 13 13.62 13.39 8.23
N SER B 14 13.71 13.63 9.54
CA SER B 14 14.94 13.37 10.27
C SER B 14 15.30 11.89 10.22
N ILE B 15 14.30 11.05 10.00
CA ILE B 15 14.51 9.61 9.93
C ILE B 15 15.02 9.22 8.55
N SER B 16 15.91 8.24 8.50
CA SER B 16 16.47 7.76 7.25
C SER B 16 15.62 6.62 6.68
N ARG B 17 15.93 6.21 5.46
CA ARG B 17 15.18 5.14 4.82
C ARG B 17 15.42 3.81 5.55
N ASP B 18 16.67 3.55 5.90
CA ASP B 18 17.01 2.32 6.60
C ASP B 18 16.34 2.28 7.98
N LYS B 19 16.32 3.43 8.65
CA LYS B 19 15.72 3.51 9.97
C LYS B 19 14.21 3.32 9.88
N ALA B 20 13.64 3.74 8.75
CA ALA B 20 12.20 3.64 8.54
C ALA B 20 11.77 2.18 8.44
N GLU B 21 12.74 1.30 8.20
CA GLU B 21 12.45 -0.12 8.07
C GLU B 21 12.38 -0.80 9.44
N LYS B 22 13.34 -0.49 10.29
CA LYS B 22 13.39 -1.07 11.64
C LYS B 22 12.53 -0.27 12.61
N LEU B 23 12.53 1.03 12.44
CA LEU B 23 11.75 1.90 13.33
C LEU B 23 10.30 1.44 13.39
N LEU B 24 9.71 1.21 12.23
CA LEU B 24 8.34 0.76 12.16
C LEU B 24 8.19 -0.60 12.81
N LEU B 25 9.17 -1.45 12.58
CA LEU B 25 9.12 -2.80 13.12
C LEU B 25 8.87 -2.77 14.63
N ASP B 26 9.38 -1.73 15.28
CA ASP B 26 9.20 -1.59 16.71
C ASP B 26 7.72 -1.49 17.06
N THR B 27 6.95 -0.90 16.16
CA THR B 27 5.51 -0.75 16.38
C THR B 27 4.91 -2.09 16.82
N GLY B 28 5.21 -3.14 16.08
CA GLY B 28 4.71 -4.47 16.42
C GLY B 28 3.19 -4.51 16.32
N LYS B 29 2.63 -3.74 15.40
CA LYS B 29 1.18 -3.70 15.22
C LYS B 29 0.82 -3.82 13.74
N GLU B 30 -0.33 -4.43 13.47
CA GLU B 30 -0.79 -4.60 12.10
C GLU B 30 -1.57 -3.37 11.65
N GLY B 31 -1.28 -2.92 10.43
CA GLY B 31 -1.96 -1.74 9.88
C GLY B 31 -1.20 -0.47 10.22
N ALA B 32 0.09 -0.61 10.51
CA ALA B 32 0.92 0.55 10.85
C ALA B 32 1.30 1.31 9.59
N PHE B 33 0.92 2.57 9.52
CA PHE B 33 1.23 3.40 8.36
C PHE B 33 2.04 4.63 8.76
N MET B 34 3.03 4.97 7.97
CA MET B 34 3.86 6.14 8.25
C MET B 34 4.27 6.82 6.95
N VAL B 35 4.89 8.00 7.07
CA VAL B 35 5.36 8.75 5.91
C VAL B 35 6.82 9.14 6.08
N ARG B 36 7.48 9.39 4.94
CA ARG B 36 8.88 9.78 4.97
C ARG B 36 9.14 10.87 3.93
N ASP B 37 9.56 12.04 4.40
CA ASP B 37 9.84 13.17 3.50
C ASP B 37 10.86 12.74 2.44
N SER B 38 10.69 13.27 1.24
CA SER B 38 11.58 12.96 0.13
C SER B 38 12.44 14.17 -0.24
N ARG B 39 13.15 14.07 -1.36
CA ARG B 39 14.01 15.17 -1.79
C ARG B 39 13.17 16.39 -2.10
N THR B 40 12.02 16.17 -2.72
CA THR B 40 11.14 17.28 -3.06
C THR B 40 10.23 17.63 -1.87
N PRO B 41 9.92 18.89 -1.70
CA PRO B 41 9.04 19.35 -0.59
C PRO B 41 7.59 18.92 -0.79
N GLY B 42 7.26 18.45 -1.99
CA GLY B 42 5.91 18.02 -2.30
C GLY B 42 5.91 16.65 -2.96
N THR B 43 6.61 15.70 -2.35
CA THR B 43 6.66 14.35 -2.88
C THR B 43 7.21 13.38 -1.84
N TYR B 44 6.55 13.35 -0.68
CA TYR B 44 6.97 12.44 0.40
C TYR B 44 6.68 11.02 0.03
N THR B 45 6.79 10.10 1.00
CA THR B 45 6.55 8.68 0.73
C THR B 45 5.80 8.08 1.88
N VAL B 46 4.90 7.16 1.58
CA VAL B 46 4.11 6.49 2.62
C VAL B 46 4.72 5.14 3.00
N SER B 47 5.43 5.09 4.14
CA SER B 47 6.03 3.85 4.59
C SER B 47 5.00 3.01 5.32
N VAL B 48 4.47 2.00 4.63
CA VAL B 48 3.45 1.11 5.22
C VAL B 48 4.09 -0.17 5.73
N PHE B 49 4.14 -0.31 7.06
CA PHE B 49 4.72 -1.51 7.67
C PHE B 49 3.63 -2.43 8.18
N THR B 50 3.59 -3.64 7.66
CA THR B 50 2.60 -4.62 8.09
C THR B 50 3.14 -6.04 7.91
N LYS B 51 2.57 -6.97 8.66
CA LYS B 51 3.00 -8.37 8.57
C LYS B 51 2.41 -9.02 7.32
N ALA B 52 3.17 -8.97 6.22
CA ALA B 52 2.72 -9.55 4.96
C ALA B 52 3.87 -10.23 4.24
N ILE B 53 3.63 -10.66 3.01
CA ILE B 53 4.65 -11.33 2.22
C ILE B 53 5.16 -12.56 2.95
N ILE B 54 5.60 -13.56 2.19
CA ILE B 54 6.11 -14.79 2.76
C ILE B 54 7.64 -14.84 2.70
N SER B 55 8.18 -14.44 1.55
CA SER B 55 9.63 -14.45 1.37
C SER B 55 10.33 -13.80 2.56
N GLU B 56 9.90 -12.60 2.93
CA GLU B 56 10.48 -11.89 4.05
C GLU B 56 9.38 -11.25 4.87
N ASN B 57 9.00 -11.91 5.97
CA ASN B 57 7.96 -11.39 6.84
C ASN B 57 8.55 -10.95 8.20
N PRO B 58 8.24 -9.76 8.67
CA PRO B 58 7.34 -8.79 7.96
C PRO B 58 8.04 -8.19 6.74
N CYS B 59 7.44 -7.17 6.17
CA CYS B 59 8.01 -6.50 5.00
C CYS B 59 7.65 -5.03 5.01
N ILE B 60 8.54 -4.22 4.47
CA ILE B 60 8.33 -2.77 4.46
C ILE B 60 7.83 -2.32 3.09
N LYS B 61 6.60 -1.80 3.06
CA LYS B 61 6.01 -1.32 1.80
C LYS B 61 6.16 0.19 1.72
N HIS B 62 6.82 0.63 0.65
CA HIS B 62 7.04 2.06 0.44
C HIS B 62 6.30 2.57 -0.79
N TYR B 63 5.29 3.41 -0.57
CA TYR B 63 4.52 3.99 -1.67
C TYR B 63 4.85 5.46 -1.79
N HIS B 64 5.62 5.81 -2.81
CA HIS B 64 6.02 7.19 -3.02
C HIS B 64 4.85 8.04 -3.46
N ILE B 65 4.72 9.22 -2.87
CA ILE B 65 3.64 10.13 -3.23
C ILE B 65 3.78 10.58 -4.67
N LYS B 66 2.74 10.31 -5.47
CA LYS B 66 2.77 10.68 -6.88
C LYS B 66 2.07 12.03 -7.10
N GLU B 67 2.86 13.04 -7.46
CA GLU B 67 2.32 14.38 -7.69
C GLU B 67 1.92 14.50 -9.17
N THR B 68 0.65 14.81 -9.41
CA THR B 68 0.17 14.95 -10.79
C THR B 68 0.45 16.35 -11.30
N ASN B 69 1.54 16.96 -10.83
CA ASN B 69 1.94 18.29 -11.26
C ASN B 69 0.74 19.08 -11.81
N ASP B 70 -0.39 19.03 -11.09
CA ASP B 70 -1.59 19.71 -11.54
C ASP B 70 -2.20 20.48 -10.40
N SER B 71 -3.14 21.36 -10.72
CA SER B 71 -3.79 22.17 -9.69
C SER B 71 -5.31 22.09 -9.82
N PRO B 72 -6.01 21.55 -8.83
CA PRO B 72 -5.39 21.01 -7.59
C PRO B 72 -4.63 19.72 -7.86
N LYS B 73 -5.35 18.71 -8.37
CA LYS B 73 -4.77 17.41 -8.69
C LYS B 73 -3.27 17.39 -8.51
N ARG B 74 -2.82 16.71 -7.49
CA ARG B 74 -1.39 16.63 -7.16
C ARG B 74 -1.02 15.29 -6.56
N TYR B 75 -1.05 15.22 -5.24
CA TYR B 75 -0.66 14.01 -4.54
C TYR B 75 -1.72 12.94 -4.63
N TYR B 76 -1.30 11.70 -4.74
CA TYR B 76 -2.23 10.58 -4.81
C TYR B 76 -1.45 9.26 -4.84
N VAL B 77 -1.99 8.23 -4.23
CA VAL B 77 -1.34 6.91 -4.23
C VAL B 77 -2.39 5.81 -4.30
N ALA B 78 -3.16 5.78 -5.38
CA ALA B 78 -4.19 4.77 -5.54
C ALA B 78 -4.87 4.92 -6.90
N GLU B 79 -4.47 5.92 -7.65
CA GLU B 79 -5.06 6.19 -8.96
C GLU B 79 -6.55 6.43 -8.82
N LYS B 80 -7.04 6.41 -7.57
CA LYS B 80 -8.45 6.64 -7.31
C LYS B 80 -8.78 8.13 -7.39
N TYR B 81 -8.43 8.87 -6.33
CA TYR B 81 -8.70 10.31 -6.30
C TYR B 81 -7.40 11.06 -6.01
N VAL B 82 -7.24 12.21 -6.67
CA VAL B 82 -6.04 13.02 -6.48
C VAL B 82 -6.27 14.05 -5.39
N PHE B 83 -5.24 14.30 -4.59
CA PHE B 83 -5.34 15.26 -3.49
C PHE B 83 -4.27 16.33 -3.61
N ASP B 84 -4.54 17.50 -3.02
CA ASP B 84 -3.59 18.61 -3.05
C ASP B 84 -2.77 18.66 -1.77
N SER B 85 -3.00 17.70 -0.89
CA SER B 85 -2.27 17.64 0.38
C SER B 85 -2.21 16.20 0.87
N ILE B 86 -1.28 15.95 1.79
CA ILE B 86 -1.10 14.62 2.35
C ILE B 86 -2.20 14.30 3.35
N PRO B 87 -2.51 15.23 4.21
CA PRO B 87 -3.56 15.03 5.25
C PRO B 87 -4.84 14.45 4.63
N LEU B 88 -5.17 14.89 3.43
CA LEU B 88 -6.37 14.39 2.76
C LEU B 88 -6.20 12.93 2.41
N LEU B 89 -5.09 12.63 1.75
CA LEU B 89 -4.80 11.26 1.35
C LEU B 89 -4.66 10.39 2.60
N ILE B 90 -4.11 10.98 3.66
CA ILE B 90 -3.93 10.24 4.91
C ILE B 90 -5.25 10.01 5.62
N GLN B 91 -6.21 10.90 5.38
CA GLN B 91 -7.51 10.78 6.01
C GLN B 91 -8.45 9.94 5.15
N TYR B 92 -8.42 10.17 3.85
CA TYR B 92 -9.27 9.43 2.93
C TYR B 92 -8.97 7.94 3.03
N HIS B 93 -7.69 7.61 3.16
CA HIS B 93 -7.28 6.21 3.25
C HIS B 93 -7.46 5.69 4.66
N GLN B 94 -7.44 6.59 5.63
CA GLN B 94 -7.59 6.19 7.02
C GLN B 94 -8.77 5.24 7.17
N TYR B 95 -9.80 5.46 6.37
CA TYR B 95 -10.99 4.61 6.43
C TYR B 95 -11.57 4.47 5.04
N ASN B 96 -12.70 5.14 4.79
CA ASN B 96 -13.41 5.09 3.49
C ASN B 96 -12.89 3.94 2.63
N GLY B 97 -11.74 4.15 2.00
CA GLY B 97 -11.13 3.10 1.19
C GLY B 97 -9.63 3.35 1.05
N GLY B 98 -8.83 2.32 1.37
CA GLY B 98 -7.38 2.42 1.29
C GLY B 98 -6.87 1.88 -0.03
N GLY B 99 -5.93 2.60 -0.63
CA GLY B 99 -5.36 2.18 -1.90
C GLY B 99 -4.13 1.31 -1.69
N LEU B 100 -4.14 0.54 -0.62
CA LEU B 100 -3.01 -0.33 -0.30
C LEU B 100 -3.50 -1.65 0.32
N VAL B 101 -2.56 -2.51 0.64
CA VAL B 101 -2.91 -3.80 1.23
C VAL B 101 -3.36 -3.68 2.67
N THR B 102 -3.06 -2.54 3.28
CA THR B 102 -3.43 -2.33 4.67
C THR B 102 -3.88 -0.89 4.88
N ARG B 103 -5.11 -0.60 4.45
CA ARG B 103 -5.68 0.74 4.60
C ARG B 103 -5.12 1.43 5.85
N LEU B 104 -4.96 2.74 5.77
CA LEU B 104 -4.44 3.50 6.90
C LEU B 104 -5.37 3.37 8.09
N ARG B 105 -4.81 3.11 9.25
CA ARG B 105 -5.61 2.95 10.45
C ARG B 105 -4.79 3.28 11.69
N TYR B 106 -3.61 2.66 11.80
CA TYR B 106 -2.76 2.87 12.96
C TYR B 106 -1.55 3.75 12.61
N PRO B 107 -1.54 4.99 13.04
CA PRO B 107 -0.42 5.93 12.77
C PRO B 107 0.77 5.66 13.70
N VAL B 108 1.96 6.05 13.27
CA VAL B 108 3.17 5.87 14.08
C VAL B 108 3.96 7.15 14.15
N CYS B 109 4.44 7.48 15.34
CA CYS B 109 5.19 8.68 15.55
C CYS B 109 6.67 8.44 15.29
N GLY B 110 7.38 9.48 14.88
CA GLY B 110 8.81 9.37 14.60
C GLY B 110 9.51 10.70 14.83
N GLY A 1 9.90 -21.73 -14.52
CA GLY A 1 8.60 -21.28 -15.12
C GLY A 1 8.65 -19.78 -15.36
N SER A 2 7.63 -19.08 -14.85
CA SER A 2 7.57 -17.62 -15.02
C SER A 2 7.71 -17.25 -16.49
N PRO A 3 6.83 -17.75 -17.33
CA PRO A 3 6.86 -17.45 -18.79
C PRO A 3 6.42 -16.03 -19.09
N GLU A 4 5.17 -15.71 -18.75
CA GLU A 4 4.62 -14.38 -19.01
C GLU A 4 3.82 -13.88 -17.82
N GLU A 5 3.11 -14.80 -17.18
CA GLU A 5 2.26 -14.46 -16.02
C GLU A 5 2.56 -15.40 -14.87
N THR A 6 2.01 -15.06 -13.70
CA THR A 6 2.23 -15.87 -12.51
C THR A 6 0.93 -16.03 -11.71
N LEU A 7 0.93 -16.90 -10.71
CA LEU A 7 -0.24 -17.09 -9.87
C LEU A 7 0.02 -16.54 -8.48
N VAL A 8 -1.02 -16.08 -7.82
CA VAL A 8 -0.91 -15.51 -6.48
C VAL A 8 -1.92 -16.12 -5.55
N ILE A 9 -1.73 -15.94 -4.24
CA ILE A 9 -2.63 -16.50 -3.25
C ILE A 9 -2.69 -15.59 -2.03
N ALA A 10 -3.84 -15.58 -1.34
CA ALA A 10 -4.01 -14.74 -0.16
C ALA A 10 -3.46 -15.42 1.09
N LEU A 11 -2.67 -14.69 1.87
CA LEU A 11 -2.09 -15.25 3.09
C LEU A 11 -3.10 -15.18 4.23
N TYR A 12 -3.71 -14.01 4.39
CA TYR A 12 -4.70 -13.82 5.46
C TYR A 12 -6.10 -13.66 4.86
N ASP A 13 -7.12 -13.99 5.65
CA ASP A 13 -8.49 -13.89 5.18
C ASP A 13 -8.82 -12.46 4.79
N TYR A 14 -9.36 -12.29 3.58
CA TYR A 14 -9.71 -10.97 3.08
C TYR A 14 -10.88 -11.06 2.11
N GLN A 15 -11.95 -10.33 2.38
CA GLN A 15 -13.13 -10.33 1.52
C GLN A 15 -13.66 -8.92 1.32
N THR A 16 -14.02 -8.60 0.09
CA THR A 16 -14.54 -7.28 -0.22
C THR A 16 -15.29 -7.29 -1.55
N ASN A 17 -16.59 -7.04 -1.49
CA ASN A 17 -17.41 -7.00 -2.70
C ASN A 17 -17.51 -5.58 -3.22
N ASP A 18 -16.43 -4.81 -3.05
CA ASP A 18 -16.43 -3.43 -3.50
C ASP A 18 -16.26 -3.34 -5.01
N PRO A 19 -16.78 -2.31 -5.63
CA PRO A 19 -16.67 -2.11 -7.11
C PRO A 19 -15.22 -2.23 -7.60
N GLN A 20 -14.30 -1.62 -6.86
CA GLN A 20 -12.89 -1.64 -7.24
C GLN A 20 -12.19 -2.85 -6.63
N GLU A 21 -11.91 -2.77 -5.33
CA GLU A 21 -11.23 -3.86 -4.64
C GLU A 21 -11.87 -5.18 -4.97
N LEU A 22 -11.07 -6.25 -4.94
CA LEU A 22 -11.57 -7.59 -5.27
C LEU A 22 -11.60 -8.48 -4.04
N ALA A 23 -12.73 -9.16 -3.84
CA ALA A 23 -12.87 -10.06 -2.71
C ALA A 23 -11.90 -11.23 -2.84
N LEU A 24 -11.35 -11.68 -1.71
CA LEU A 24 -10.39 -12.78 -1.71
C LEU A 24 -10.71 -13.79 -0.63
N ARG A 25 -9.71 -14.55 -0.21
CA ARG A 25 -9.90 -15.57 0.80
C ARG A 25 -8.58 -16.30 1.07
N CYS A 26 -8.20 -16.37 2.34
CA CYS A 26 -6.99 -17.06 2.72
C CYS A 26 -7.06 -18.48 2.23
N ASP A 27 -6.62 -18.71 0.97
CA ASP A 27 -6.61 -20.02 0.33
C ASP A 27 -7.26 -19.96 -1.05
N GLU A 28 -7.27 -18.76 -1.65
CA GLU A 28 -7.88 -18.58 -2.97
C GLU A 28 -6.82 -18.12 -3.97
N GLU A 29 -6.54 -18.98 -4.93
CA GLU A 29 -5.56 -18.67 -5.97
C GLU A 29 -6.24 -18.11 -7.22
N TYR A 30 -5.53 -17.25 -7.94
CA TYR A 30 -6.05 -16.67 -9.16
C TYR A 30 -4.93 -16.47 -10.15
N TYR A 31 -5.02 -15.40 -10.95
CA TYR A 31 -3.98 -15.11 -11.96
C TYR A 31 -3.40 -13.72 -11.72
N LEU A 32 -2.47 -13.29 -12.57
CA LEU A 32 -1.88 -11.96 -12.43
C LEU A 32 -1.86 -11.29 -13.79
N LEU A 33 -2.40 -10.07 -13.86
CA LEU A 33 -2.44 -9.33 -15.12
C LEU A 33 -1.54 -8.10 -15.06
N ASP A 34 -1.10 -7.75 -13.85
CA ASP A 34 -0.20 -6.61 -13.69
C ASP A 34 0.73 -6.83 -12.51
N SER A 35 1.88 -7.46 -12.77
CA SER A 35 2.85 -7.74 -11.70
C SER A 35 3.81 -6.57 -11.54
N SER A 36 3.53 -5.48 -12.23
CA SER A 36 4.38 -4.29 -12.16
C SER A 36 3.78 -3.24 -11.23
N GLU A 37 2.53 -3.46 -10.84
CA GLU A 37 1.85 -2.53 -9.94
C GLU A 37 2.51 -2.52 -8.58
N ILE A 38 2.60 -1.35 -7.97
CA ILE A 38 3.22 -1.20 -6.66
C ILE A 38 2.19 -1.33 -5.55
N HIS A 39 1.07 -0.63 -5.71
CA HIS A 39 0.01 -0.68 -4.71
C HIS A 39 -0.67 -2.03 -4.71
N TRP A 40 -1.74 -2.12 -5.48
CA TRP A 40 -2.52 -3.37 -5.56
C TRP A 40 -2.36 -4.03 -6.92
N TRP A 41 -2.22 -5.34 -6.91
CA TRP A 41 -2.08 -6.11 -8.14
C TRP A 41 -3.38 -6.10 -8.95
N ARG A 42 -3.50 -7.02 -9.91
CA ARG A 42 -4.71 -7.13 -10.71
C ARG A 42 -4.93 -8.59 -11.08
N VAL A 43 -5.82 -9.25 -10.34
CA VAL A 43 -6.10 -10.68 -10.58
C VAL A 43 -7.48 -10.85 -11.21
N GLN A 44 -7.69 -11.99 -11.85
CA GLN A 44 -8.98 -12.28 -12.47
C GLN A 44 -9.44 -13.68 -12.10
N ASP A 45 -10.46 -13.77 -11.25
CA ASP A 45 -10.96 -15.07 -10.84
C ASP A 45 -11.58 -15.83 -12.01
N LYS A 46 -11.43 -17.14 -12.01
CA LYS A 46 -11.98 -17.97 -13.08
C LYS A 46 -13.48 -17.72 -13.21
N ASN A 47 -14.06 -17.08 -12.20
CA ASN A 47 -15.50 -16.79 -12.21
C ASN A 47 -15.76 -15.49 -12.96
N GLY A 48 -14.75 -14.65 -13.06
CA GLY A 48 -14.88 -13.37 -13.76
C GLY A 48 -14.89 -12.20 -12.79
N HIS A 49 -14.14 -12.34 -11.69
CA HIS A 49 -14.07 -11.28 -10.69
C HIS A 49 -12.79 -10.49 -10.89
N GLU A 50 -12.87 -9.46 -11.71
CA GLU A 50 -11.72 -8.60 -11.98
C GLU A 50 -11.68 -7.40 -11.05
N GLY A 51 -10.60 -7.28 -10.29
CA GLY A 51 -10.47 -6.15 -9.36
C GLY A 51 -9.05 -6.09 -8.80
N TYR A 52 -8.74 -4.98 -8.14
CA TYR A 52 -7.42 -4.80 -7.57
C TYR A 52 -7.25 -5.66 -6.34
N ALA A 53 -6.04 -6.20 -6.16
CA ALA A 53 -5.77 -7.05 -5.00
C ALA A 53 -4.54 -6.53 -4.24
N PRO A 54 -4.48 -6.76 -2.95
CA PRO A 54 -3.33 -6.31 -2.10
C PRO A 54 -2.00 -6.87 -2.62
N SER A 55 -0.92 -6.13 -2.37
CA SER A 55 0.41 -6.57 -2.80
C SER A 55 1.16 -7.22 -1.65
N SER A 56 0.57 -7.17 -0.46
CA SER A 56 1.19 -7.76 0.73
C SER A 56 0.47 -9.05 1.13
N TYR A 57 -0.85 -8.98 1.24
CA TYR A 57 -1.65 -10.13 1.61
C TYR A 57 -1.49 -11.22 0.59
N LEU A 58 -1.04 -10.85 -0.61
CA LEU A 58 -0.87 -11.82 -1.68
C LEU A 58 0.60 -12.10 -1.91
N VAL A 59 0.90 -13.20 -2.62
CA VAL A 59 2.29 -13.52 -2.95
C VAL A 59 2.32 -14.43 -4.17
N GLU A 60 3.23 -14.13 -5.09
CA GLU A 60 3.35 -14.93 -6.31
C GLU A 60 3.80 -16.34 -5.98
N LYS A 61 3.04 -17.31 -6.45
CA LYS A 61 3.34 -18.72 -6.20
C LYS A 61 4.75 -19.05 -6.67
N SER A 62 5.09 -18.57 -7.86
CA SER A 62 6.42 -18.82 -8.43
C SER A 62 6.61 -20.31 -8.70
N PRO A 63 5.86 -20.84 -9.63
CA PRO A 63 5.95 -22.29 -10.00
C PRO A 63 7.14 -22.57 -10.91
N ASN B 3 4.85 23.57 4.54
CA ASN B 3 3.60 22.95 5.05
C ASN B 3 3.75 22.67 6.54
N ASN B 4 4.97 22.70 7.03
CA ASN B 4 5.24 22.46 8.44
C ASN B 4 4.59 21.16 8.90
N LEU B 5 4.94 20.07 8.23
CA LEU B 5 4.39 18.77 8.59
C LEU B 5 4.90 18.31 9.94
N GLU B 6 5.97 18.94 10.40
CA GLU B 6 6.55 18.58 11.69
C GLU B 6 5.45 18.47 12.75
N THR B 7 4.28 19.01 12.44
CA THR B 7 3.16 18.97 13.37
C THR B 7 2.58 17.56 13.46
N TYR B 8 2.62 16.85 12.34
CA TYR B 8 2.09 15.49 12.30
C TYR B 8 3.11 14.50 12.87
N GLU B 9 2.73 13.23 12.87
CA GLU B 9 3.60 12.17 13.41
C GLU B 9 4.25 11.36 12.29
N TRP B 10 3.45 11.02 11.30
CA TRP B 10 3.93 10.22 10.19
C TRP B 10 5.07 10.94 9.46
N TYR B 11 5.06 12.25 9.54
CA TYR B 11 6.09 13.04 8.87
C TYR B 11 7.39 13.02 9.67
N ASN B 12 8.47 12.58 9.03
CA ASN B 12 9.77 12.54 9.69
C ASN B 12 10.89 12.70 8.67
N LYS B 13 11.57 13.84 8.72
CA LYS B 13 12.68 14.11 7.81
C LYS B 13 14.01 13.70 8.43
N SER B 14 14.12 13.91 9.73
CA SER B 14 15.34 13.57 10.44
C SER B 14 15.66 12.09 10.31
N ILE B 15 14.63 11.29 10.10
CA ILE B 15 14.81 9.85 9.95
C ILE B 15 15.09 9.49 8.49
N SER B 16 16.04 8.59 8.28
CA SER B 16 16.40 8.15 6.94
C SER B 16 15.60 6.91 6.55
N ARG B 17 15.71 6.51 5.29
CA ARG B 17 14.97 5.35 4.79
C ARG B 17 15.38 4.10 5.57
N ASP B 18 16.68 3.90 5.69
CA ASP B 18 17.20 2.74 6.42
C ASP B 18 16.63 2.71 7.83
N LYS B 19 16.58 3.87 8.48
CA LYS B 19 16.05 3.95 9.84
C LYS B 19 14.53 3.88 9.82
N ALA B 20 13.95 4.19 8.67
CA ALA B 20 12.49 4.16 8.53
C ALA B 20 11.99 2.72 8.45
N GLU B 21 12.91 1.79 8.23
CA GLU B 21 12.56 0.38 8.13
C GLU B 21 12.59 -0.29 9.50
N LYS B 22 13.55 0.09 10.32
CA LYS B 22 13.68 -0.48 11.66
C LYS B 22 12.72 0.19 12.63
N LEU B 23 12.50 1.48 12.43
CA LEU B 23 11.63 2.23 13.31
C LEU B 23 10.24 1.62 13.32
N LEU B 24 9.71 1.33 12.13
CA LEU B 24 8.39 0.73 12.02
C LEU B 24 8.40 -0.70 12.55
N LEU B 25 9.51 -1.38 12.36
CA LEU B 25 9.65 -2.75 12.82
C LEU B 25 9.45 -2.84 14.32
N ASP B 26 9.94 -1.84 15.04
CA ASP B 26 9.82 -1.83 16.49
C ASP B 26 8.35 -1.92 16.90
N THR B 27 7.49 -1.21 16.18
CA THR B 27 6.07 -1.23 16.47
C THR B 27 5.56 -2.66 16.51
N GLY B 28 5.99 -3.46 15.54
CA GLY B 28 5.58 -4.86 15.46
C GLY B 28 4.06 -4.98 15.53
N LYS B 29 3.36 -4.09 14.83
CA LYS B 29 1.90 -4.11 14.81
C LYS B 29 1.39 -3.91 13.39
N GLU B 30 0.41 -4.71 13.01
CA GLU B 30 -0.17 -4.63 11.68
C GLU B 30 -1.00 -3.36 11.55
N GLY B 31 -0.80 -2.63 10.45
CA GLY B 31 -1.54 -1.40 10.20
C GLY B 31 -0.68 -0.18 10.54
N ALA B 32 0.60 -0.43 10.80
CA ALA B 32 1.53 0.66 11.12
C ALA B 32 1.97 1.37 9.86
N PHE B 33 1.56 2.64 9.74
CA PHE B 33 1.93 3.44 8.58
C PHE B 33 2.64 4.74 9.00
N MET B 34 3.64 5.15 8.21
CA MET B 34 4.37 6.37 8.50
C MET B 34 4.76 7.05 7.20
N VAL B 35 5.27 8.28 7.32
CA VAL B 35 5.73 9.04 6.17
C VAL B 35 7.16 9.52 6.36
N ARG B 36 7.83 9.79 5.24
CA ARG B 36 9.20 10.26 5.29
C ARG B 36 9.43 11.33 4.22
N ASP B 37 9.98 12.47 4.64
CA ASP B 37 10.25 13.56 3.71
C ASP B 37 11.16 13.09 2.59
N SER B 38 11.02 13.72 1.43
CA SER B 38 11.83 13.37 0.26
C SER B 38 12.44 14.61 -0.37
N ARG B 39 13.44 14.41 -1.21
CA ARG B 39 14.12 15.52 -1.86
C ARG B 39 13.14 16.27 -2.75
N THR B 40 12.28 15.53 -3.43
CA THR B 40 11.31 16.15 -4.30
C THR B 40 10.70 17.41 -3.66
N PRO B 41 10.49 18.46 -4.42
CA PRO B 41 9.88 19.71 -3.91
C PRO B 41 8.64 19.43 -3.07
N GLY B 42 7.87 18.42 -3.46
CA GLY B 42 6.66 18.08 -2.74
C GLY B 42 6.21 16.66 -3.08
N THR B 43 6.96 15.68 -2.58
CA THR B 43 6.62 14.28 -2.84
C THR B 43 7.28 13.36 -1.82
N TYR B 44 6.89 13.51 -0.56
CA TYR B 44 7.45 12.70 0.51
C TYR B 44 7.28 11.22 0.20
N THR B 45 7.43 10.38 1.22
CA THR B 45 7.30 8.94 1.01
C THR B 45 6.45 8.34 2.11
N VAL B 46 5.56 7.44 1.74
CA VAL B 46 4.67 6.80 2.71
C VAL B 46 5.23 5.46 3.17
N SER B 47 5.93 5.47 4.31
CA SER B 47 6.49 4.24 4.85
C SER B 47 5.38 3.41 5.49
N VAL B 48 4.87 2.43 4.76
CA VAL B 48 3.78 1.59 5.25
C VAL B 48 4.30 0.23 5.71
N PHE B 49 4.14 -0.05 7.00
CA PHE B 49 4.57 -1.33 7.56
C PHE B 49 3.36 -2.14 8.03
N THR B 50 3.32 -3.40 7.63
CA THR B 50 2.23 -4.27 8.02
C THR B 50 2.65 -5.73 7.90
N LYS B 51 2.61 -6.45 9.02
CA LYS B 51 2.99 -7.86 9.03
C LYS B 51 2.26 -8.61 7.93
N ALA B 52 2.84 -8.60 6.73
CA ALA B 52 2.23 -9.27 5.59
C ALA B 52 3.28 -10.03 4.79
N ILE B 53 2.87 -10.60 3.65
CA ILE B 53 3.78 -11.34 2.80
C ILE B 53 4.36 -12.53 3.58
N ILE B 54 4.37 -13.70 2.94
CA ILE B 54 4.89 -14.90 3.58
C ILE B 54 6.38 -15.05 3.29
N SER B 55 6.78 -14.69 2.07
CA SER B 55 8.17 -14.83 1.68
C SER B 55 9.08 -14.04 2.62
N GLU B 56 8.63 -12.87 3.04
CA GLU B 56 9.41 -12.03 3.93
C GLU B 56 8.49 -11.26 4.86
N ASN B 57 8.57 -11.59 6.14
CA ASN B 57 7.75 -10.90 7.14
C ASN B 57 8.52 -10.74 8.46
N PRO B 58 8.44 -9.59 9.09
CA PRO B 58 7.66 -8.42 8.59
C PRO B 58 8.31 -7.80 7.35
N CYS B 59 7.62 -6.84 6.74
CA CYS B 59 8.14 -6.18 5.55
C CYS B 59 7.70 -4.73 5.53
N ILE B 60 8.55 -3.88 4.96
CA ILE B 60 8.25 -2.45 4.89
C ILE B 60 7.83 -2.05 3.48
N LYS B 61 6.62 -1.50 3.37
CA LYS B 61 6.09 -1.07 2.08
C LYS B 61 6.19 0.44 1.93
N HIS B 62 6.87 0.87 0.89
CA HIS B 62 7.05 2.31 0.64
C HIS B 62 6.25 2.75 -0.58
N TYR B 63 5.14 3.43 -0.35
CA TYR B 63 4.31 3.91 -1.45
C TYR B 63 4.57 5.39 -1.69
N HIS B 64 5.38 5.68 -2.70
CA HIS B 64 5.72 7.07 -3.02
C HIS B 64 4.51 7.78 -3.64
N ILE B 65 4.11 8.89 -3.01
CA ILE B 65 2.98 9.65 -3.51
C ILE B 65 3.29 10.21 -4.90
N LYS B 66 2.39 9.95 -5.83
CA LYS B 66 2.56 10.43 -7.20
C LYS B 66 2.04 11.85 -7.35
N GLU B 67 2.73 12.64 -8.17
CA GLU B 67 2.34 14.03 -8.40
C GLU B 67 1.59 14.16 -9.72
N THR B 68 0.36 14.67 -9.67
CA THR B 68 -0.44 14.84 -10.89
C THR B 68 -1.31 16.08 -10.77
N ASN B 69 -0.69 17.25 -10.92
CA ASN B 69 -1.43 18.50 -10.81
C ASN B 69 -2.76 18.41 -11.56
N ASP B 70 -3.80 18.00 -10.85
CA ASP B 70 -5.12 17.87 -11.44
C ASP B 70 -5.78 19.25 -11.57
N SER B 71 -6.37 19.75 -10.48
CA SER B 71 -7.03 21.03 -10.48
C SER B 71 -7.48 21.39 -9.06
N PRO B 72 -6.59 21.36 -8.09
CA PRO B 72 -5.18 20.96 -8.29
C PRO B 72 -4.97 19.48 -8.07
N LYS B 73 -5.03 19.05 -6.82
CA LYS B 73 -4.85 17.63 -6.50
C LYS B 73 -3.67 17.04 -7.28
N ARG B 74 -2.59 16.78 -6.57
CA ARG B 74 -1.37 16.23 -7.19
C ARG B 74 -0.91 14.97 -6.47
N TYR B 75 -1.00 14.98 -5.15
CA TYR B 75 -0.57 13.84 -4.36
C TYR B 75 -1.67 12.79 -4.27
N TYR B 76 -1.33 11.55 -4.59
CA TYR B 76 -2.28 10.47 -4.54
C TYR B 76 -1.57 9.12 -4.65
N VAL B 77 -2.28 8.05 -4.36
CA VAL B 77 -1.72 6.71 -4.48
C VAL B 77 -2.83 5.67 -4.54
N ALA B 78 -3.35 5.43 -5.74
CA ALA B 78 -4.42 4.44 -5.90
C ALA B 78 -5.16 4.67 -7.20
N GLU B 79 -4.82 5.76 -7.88
CA GLU B 79 -5.49 6.10 -9.14
C GLU B 79 -6.98 6.26 -8.92
N LYS B 80 -7.42 6.08 -7.68
CA LYS B 80 -8.84 6.22 -7.36
C LYS B 80 -9.20 7.69 -7.16
N TYR B 81 -8.46 8.36 -6.28
CA TYR B 81 -8.71 9.78 -6.00
C TYR B 81 -7.40 10.56 -6.06
N VAL B 82 -7.48 11.86 -5.82
CA VAL B 82 -6.31 12.72 -5.84
C VAL B 82 -6.41 13.81 -4.80
N PHE B 83 -5.30 14.08 -4.10
CA PHE B 83 -5.27 15.10 -3.06
C PHE B 83 -4.10 16.05 -3.28
N ASP B 84 -4.29 17.30 -2.87
CA ASP B 84 -3.24 18.31 -2.99
C ASP B 84 -2.46 18.44 -1.70
N SER B 85 -2.69 17.52 -0.77
CA SER B 85 -2.00 17.53 0.51
C SER B 85 -1.87 16.12 1.07
N ILE B 86 -0.93 15.93 1.98
CA ILE B 86 -0.71 14.62 2.60
C ILE B 86 -1.77 14.34 3.67
N PRO B 87 -2.09 15.31 4.46
CA PRO B 87 -3.11 15.14 5.54
C PRO B 87 -4.38 14.48 5.03
N LEU B 88 -4.79 14.83 3.82
CA LEU B 88 -5.98 14.24 3.23
C LEU B 88 -5.74 12.79 2.87
N LEU B 89 -4.61 12.56 2.22
CA LEU B 89 -4.26 11.21 1.80
C LEU B 89 -4.16 10.30 3.02
N ILE B 90 -3.76 10.86 4.15
CA ILE B 90 -3.63 10.09 5.38
C ILE B 90 -4.97 9.94 6.07
N GLN B 91 -5.99 10.62 5.56
CA GLN B 91 -7.33 10.56 6.13
C GLN B 91 -8.23 9.65 5.32
N TYR B 92 -8.27 9.86 4.01
CA TYR B 92 -9.11 9.05 3.14
C TYR B 92 -8.71 7.58 3.25
N HIS B 93 -7.41 7.33 3.35
CA HIS B 93 -6.91 5.97 3.44
C HIS B 93 -7.05 5.46 4.86
N GLN B 94 -7.07 6.37 5.82
CA GLN B 94 -7.18 6.00 7.22
C GLN B 94 -8.25 4.94 7.41
N TYR B 95 -9.40 5.15 6.76
CA TYR B 95 -10.51 4.21 6.86
C TYR B 95 -11.10 3.95 5.47
N ASN B 96 -12.32 4.46 5.26
CA ASN B 96 -13.03 4.27 3.98
C ASN B 96 -12.50 3.05 3.23
N GLY B 97 -12.00 3.28 2.02
CA GLY B 97 -11.43 2.20 1.22
C GLY B 97 -10.55 2.75 0.12
N GLY B 98 -9.32 2.25 0.05
CA GLY B 98 -8.37 2.71 -0.95
C GLY B 98 -7.49 1.58 -1.44
N GLY B 99 -6.39 1.93 -2.10
CA GLY B 99 -5.46 0.94 -2.63
C GLY B 99 -4.35 0.66 -1.65
N LEU B 100 -4.69 0.58 -0.36
CA LEU B 100 -3.68 0.28 0.64
C LEU B 100 -3.96 -1.09 1.25
N VAL B 101 -2.95 -1.95 1.25
CA VAL B 101 -3.10 -3.30 1.80
C VAL B 101 -3.29 -3.24 3.32
N THR B 102 -4.05 -2.28 3.78
CA THR B 102 -4.29 -2.16 5.21
C THR B 102 -5.14 -0.93 5.49
N ARG B 103 -5.26 -0.07 4.49
CA ARG B 103 -6.05 1.15 4.61
C ARG B 103 -5.67 1.90 5.88
N LEU B 104 -4.37 2.27 5.98
CA LEU B 104 -3.85 3.02 7.14
C LEU B 104 -4.79 2.87 8.35
N ARG B 105 -4.47 1.96 9.25
CA ARG B 105 -5.31 1.72 10.42
C ARG B 105 -4.52 1.93 11.69
N TYR B 106 -3.31 2.48 11.55
CA TYR B 106 -2.48 2.72 12.71
C TYR B 106 -1.29 3.63 12.36
N PRO B 107 -1.28 4.85 12.82
CA PRO B 107 -0.16 5.79 12.57
C PRO B 107 1.01 5.54 13.52
N VAL B 108 2.19 6.02 13.14
CA VAL B 108 3.38 5.86 13.99
C VAL B 108 4.12 7.18 14.12
N CYS B 109 4.91 7.31 15.18
CA CYS B 109 5.68 8.53 15.43
C CYS B 109 7.16 8.21 15.60
N GLY B 110 7.98 9.24 15.56
CA GLY B 110 9.42 9.05 15.71
C GLY B 110 10.11 10.38 16.06
N GLY A 1 9.93 -21.25 -15.82
CA GLY A 1 9.02 -20.86 -16.92
C GLY A 1 9.06 -19.36 -17.14
N SER A 2 8.32 -18.62 -16.33
CA SER A 2 8.29 -17.17 -16.44
C SER A 2 8.12 -16.75 -17.90
N PRO A 3 7.01 -17.10 -18.49
CA PRO A 3 6.72 -16.75 -19.91
C PRO A 3 6.31 -15.29 -20.06
N GLU A 4 5.16 -14.93 -19.50
CA GLU A 4 4.67 -13.56 -19.58
C GLU A 4 4.02 -13.15 -18.27
N GLU A 5 3.26 -14.05 -17.66
CA GLU A 5 2.58 -13.77 -16.39
C GLU A 5 2.84 -14.88 -15.38
N THR A 6 2.41 -14.66 -14.15
CA THR A 6 2.60 -15.64 -13.09
C THR A 6 1.28 -15.95 -12.41
N LEU A 7 1.33 -16.21 -11.10
CA LEU A 7 0.12 -16.50 -10.33
C LEU A 7 0.13 -15.71 -9.03
N VAL A 8 -0.62 -16.20 -8.03
CA VAL A 8 -0.70 -15.55 -6.74
C VAL A 8 -1.68 -16.26 -5.83
N ILE A 9 -1.44 -16.18 -4.53
CA ILE A 9 -2.31 -16.79 -3.55
C ILE A 9 -2.33 -15.98 -2.26
N ALA A 10 -3.43 -16.03 -1.53
CA ALA A 10 -3.55 -15.28 -0.28
C ALA A 10 -3.06 -16.10 0.90
N LEU A 11 -2.40 -15.43 1.85
CA LEU A 11 -1.87 -16.11 3.03
C LEU A 11 -2.90 -16.08 4.15
N TYR A 12 -3.38 -14.87 4.46
CA TYR A 12 -4.38 -14.72 5.52
C TYR A 12 -5.78 -14.80 4.92
N ASP A 13 -6.71 -14.01 5.47
CA ASP A 13 -8.09 -14.00 5.00
C ASP A 13 -8.57 -12.57 4.78
N TYR A 14 -7.99 -11.89 3.79
CA TYR A 14 -8.38 -10.52 3.49
C TYR A 14 -9.77 -10.48 2.87
N GLN A 15 -10.59 -9.56 3.34
CA GLN A 15 -11.95 -9.42 2.82
C GLN A 15 -12.49 -8.02 3.09
N THR A 16 -13.17 -7.46 2.11
CA THR A 16 -13.74 -6.12 2.25
C THR A 16 -14.83 -5.88 1.19
N ASN A 17 -15.70 -4.92 1.46
CA ASN A 17 -16.76 -4.57 0.51
C ASN A 17 -16.34 -3.35 -0.31
N ASP A 18 -15.11 -3.37 -0.81
CA ASP A 18 -14.60 -2.26 -1.59
C ASP A 18 -15.17 -2.28 -3.01
N PRO A 19 -15.34 -1.15 -3.62
CA PRO A 19 -15.87 -1.04 -5.01
C PRO A 19 -14.86 -1.52 -6.05
N GLN A 20 -13.59 -1.62 -5.63
CA GLN A 20 -12.54 -2.06 -6.53
C GLN A 20 -11.93 -3.39 -6.07
N GLU A 21 -11.27 -3.36 -4.92
CA GLU A 21 -10.64 -4.56 -4.38
C GLU A 21 -11.69 -5.64 -4.15
N LEU A 22 -11.61 -6.71 -4.91
CA LEU A 22 -12.55 -7.81 -4.78
C LEU A 22 -12.22 -8.65 -3.54
N ALA A 23 -13.21 -9.38 -3.05
CA ALA A 23 -13.00 -10.23 -1.90
C ALA A 23 -12.12 -11.43 -2.23
N LEU A 24 -11.30 -11.85 -1.26
CA LEU A 24 -10.41 -12.99 -1.45
C LEU A 24 -10.93 -14.21 -0.71
N ARG A 25 -10.03 -15.12 -0.36
CA ARG A 25 -10.39 -16.32 0.36
C ARG A 25 -9.19 -17.25 0.51
N CYS A 26 -8.68 -17.37 1.71
CA CYS A 26 -7.55 -18.27 1.95
C CYS A 26 -7.66 -19.54 1.11
N ASP A 27 -6.54 -20.20 0.89
CA ASP A 27 -6.50 -21.41 0.10
C ASP A 27 -7.09 -21.16 -1.29
N GLU A 28 -6.86 -19.95 -1.81
CA GLU A 28 -7.38 -19.58 -3.12
C GLU A 28 -6.24 -19.44 -4.12
N GLU A 29 -6.45 -18.62 -5.14
CA GLU A 29 -5.44 -18.40 -6.16
C GLU A 29 -5.97 -17.52 -7.28
N TYR A 30 -5.08 -16.78 -7.94
CA TYR A 30 -5.49 -15.91 -9.03
C TYR A 30 -4.35 -15.77 -10.03
N TYR A 31 -4.45 -14.79 -10.92
CA TYR A 31 -3.40 -14.53 -11.93
C TYR A 31 -2.79 -13.17 -11.68
N LEU A 32 -1.90 -12.74 -12.58
CA LEU A 32 -1.27 -11.42 -12.46
C LEU A 32 -1.42 -10.66 -13.77
N LEU A 33 -2.02 -9.49 -13.70
CA LEU A 33 -2.24 -8.67 -14.90
C LEU A 33 -1.45 -7.37 -14.80
N ASP A 34 -1.17 -6.92 -13.57
CA ASP A 34 -0.42 -5.69 -13.38
C ASP A 34 0.55 -5.84 -12.21
N SER A 35 1.74 -6.34 -12.50
CA SER A 35 2.75 -6.52 -11.46
C SER A 35 3.56 -5.24 -11.27
N SER A 36 3.35 -4.29 -12.16
CA SER A 36 4.06 -3.01 -12.08
C SER A 36 3.65 -2.25 -10.82
N GLU A 37 2.37 -2.38 -10.45
CA GLU A 37 1.86 -1.71 -9.27
C GLU A 37 2.28 -2.44 -8.01
N ILE A 38 2.51 -1.69 -6.93
CA ILE A 38 2.94 -2.30 -5.67
C ILE A 38 1.79 -2.35 -4.67
N HIS A 39 0.91 -1.36 -4.73
CA HIS A 39 -0.22 -1.28 -3.81
C HIS A 39 -1.20 -2.41 -4.07
N TRP A 40 -1.25 -2.87 -5.32
CA TRP A 40 -2.16 -3.93 -5.69
C TRP A 40 -1.66 -4.68 -6.91
N TRP A 41 -2.00 -5.97 -7.00
CA TRP A 41 -1.62 -6.77 -8.16
C TRP A 41 -2.83 -7.34 -8.81
N ARG A 42 -3.47 -6.56 -9.69
CA ARG A 42 -4.70 -7.01 -10.37
C ARG A 42 -4.82 -8.53 -10.38
N VAL A 43 -6.01 -9.01 -10.55
CA VAL A 43 -6.23 -10.45 -10.56
C VAL A 43 -7.44 -10.82 -11.39
N GLN A 44 -7.41 -12.03 -11.95
CA GLN A 44 -8.52 -12.51 -12.78
C GLN A 44 -9.00 -13.87 -12.28
N ASP A 45 -9.96 -13.86 -11.36
CA ASP A 45 -10.49 -15.11 -10.82
C ASP A 45 -11.18 -15.92 -11.90
N LYS A 46 -10.99 -17.23 -11.86
CA LYS A 46 -11.60 -18.11 -12.85
C LYS A 46 -13.09 -17.77 -13.02
N ASN A 47 -13.70 -17.27 -11.95
CA ASN A 47 -15.11 -16.91 -11.98
C ASN A 47 -15.31 -15.57 -12.69
N GLY A 48 -14.23 -14.80 -12.78
CA GLY A 48 -14.29 -13.49 -13.44
C GLY A 48 -14.40 -12.37 -12.43
N HIS A 49 -13.74 -12.53 -11.28
CA HIS A 49 -13.77 -11.51 -10.23
C HIS A 49 -12.49 -10.68 -10.31
N GLU A 50 -12.56 -9.58 -11.04
CA GLU A 50 -11.42 -8.70 -11.21
C GLU A 50 -11.41 -7.55 -10.22
N GLY A 51 -10.37 -7.48 -9.41
CA GLY A 51 -10.25 -6.43 -8.41
C GLY A 51 -8.81 -6.30 -7.93
N TYR A 52 -8.47 -5.13 -7.40
CA TYR A 52 -7.13 -4.88 -6.90
C TYR A 52 -6.92 -5.64 -5.58
N ALA A 53 -6.21 -6.76 -5.65
CA ALA A 53 -5.96 -7.58 -4.47
C ALA A 53 -4.63 -7.23 -3.83
N PRO A 54 -4.55 -7.31 -2.53
CA PRO A 54 -3.34 -6.89 -1.76
C PRO A 54 -2.09 -7.65 -2.19
N SER A 55 -1.13 -6.93 -2.75
CA SER A 55 0.10 -7.55 -3.19
C SER A 55 0.82 -8.25 -2.03
N SER A 56 0.82 -7.61 -0.88
CA SER A 56 1.47 -8.17 0.30
C SER A 56 0.90 -9.55 0.63
N TYR A 57 -0.35 -9.57 1.09
CA TYR A 57 -0.99 -10.82 1.43
C TYR A 57 -0.91 -11.80 0.30
N LEU A 58 -0.40 -11.35 -0.85
CA LEU A 58 -0.29 -12.21 -2.01
C LEU A 58 1.17 -12.58 -2.27
N VAL A 59 1.39 -13.65 -3.05
CA VAL A 59 2.74 -14.05 -3.40
C VAL A 59 2.71 -14.95 -4.63
N GLU A 60 3.51 -14.61 -5.63
CA GLU A 60 3.53 -15.39 -6.86
C GLU A 60 3.86 -16.84 -6.59
N LYS A 61 3.08 -17.72 -7.20
CA LYS A 61 3.28 -19.16 -6.99
C LYS A 61 4.66 -19.59 -7.51
N SER A 62 5.04 -19.05 -8.66
CA SER A 62 6.33 -19.38 -9.25
C SER A 62 6.44 -20.88 -9.49
N PRO A 63 5.69 -21.39 -10.44
CA PRO A 63 5.71 -22.85 -10.78
C PRO A 63 6.91 -23.20 -11.66
N ASN B 3 4.25 22.87 4.13
CA ASN B 3 2.90 22.65 4.73
C ASN B 3 3.03 22.39 6.22
N ASN B 4 4.25 22.58 6.74
CA ASN B 4 4.49 22.37 8.16
C ASN B 4 3.98 21.00 8.59
N LEU B 5 4.37 19.96 7.86
CA LEU B 5 3.95 18.60 8.18
C LEU B 5 4.48 18.18 9.54
N GLU B 6 5.56 18.82 9.97
CA GLU B 6 6.16 18.50 11.25
C GLU B 6 5.08 18.44 12.35
N THR B 7 3.92 19.01 12.05
CA THR B 7 2.82 19.02 13.00
C THR B 7 2.22 17.62 13.16
N TYR B 8 2.23 16.86 12.07
CA TYR B 8 1.67 15.52 12.09
C TYR B 8 2.71 14.52 12.60
N GLU B 9 2.36 13.24 12.54
CA GLU B 9 3.26 12.19 13.02
C GLU B 9 3.90 11.45 11.85
N TRP B 10 3.07 10.91 10.99
CA TRP B 10 3.55 10.13 9.85
C TRP B 10 4.72 10.84 9.19
N TYR B 11 4.73 12.16 9.27
CA TYR B 11 5.79 12.94 8.66
C TYR B 11 7.05 12.91 9.51
N ASN B 12 8.16 12.46 8.92
CA ASN B 12 9.42 12.38 9.64
C ASN B 12 10.59 12.57 8.69
N LYS B 13 11.28 13.70 8.81
CA LYS B 13 12.42 14.00 7.96
C LYS B 13 13.73 13.63 8.66
N SER B 14 13.76 13.83 9.97
CA SER B 14 14.96 13.53 10.75
C SER B 14 15.31 12.06 10.66
N ILE B 15 14.32 11.24 10.31
CA ILE B 15 14.52 9.80 10.21
C ILE B 15 14.92 9.42 8.78
N SER B 16 15.82 8.45 8.67
CA SER B 16 16.28 7.99 7.36
C SER B 16 15.35 6.90 6.82
N ARG B 17 15.61 6.45 5.60
CA ARG B 17 14.81 5.40 4.99
C ARG B 17 15.05 4.06 5.66
N ASP B 18 16.32 3.78 5.94
CA ASP B 18 16.68 2.51 6.59
C ASP B 18 16.09 2.44 7.99
N LYS B 19 16.10 3.58 8.69
CA LYS B 19 15.56 3.63 10.04
C LYS B 19 14.05 3.53 10.01
N ALA B 20 13.46 3.92 8.89
CA ALA B 20 12.00 3.88 8.74
C ALA B 20 11.52 2.44 8.59
N GLU B 21 12.45 1.54 8.29
CA GLU B 21 12.11 0.13 8.13
C GLU B 21 12.01 -0.57 9.47
N LYS B 22 12.93 -0.26 10.37
CA LYS B 22 12.95 -0.87 11.71
C LYS B 22 11.99 -0.13 12.63
N LEU B 23 11.92 1.18 12.48
CA LEU B 23 11.05 1.99 13.32
C LEU B 23 9.64 1.39 13.36
N LEU B 24 9.08 1.16 12.19
CA LEU B 24 7.73 0.61 12.09
C LEU B 24 7.70 -0.82 12.63
N LEU B 25 8.79 -1.54 12.41
CA LEU B 25 8.87 -2.92 12.86
C LEU B 25 8.62 -3.01 14.36
N ASP B 26 9.12 -2.01 15.09
CA ASP B 26 8.94 -2.00 16.54
C ASP B 26 7.45 -2.01 16.88
N THR B 27 6.65 -1.38 16.05
CA THR B 27 5.20 -1.32 16.29
C THR B 27 4.67 -2.72 16.60
N GLY B 28 4.97 -3.67 15.72
CA GLY B 28 4.54 -5.05 15.91
C GLY B 28 3.03 -5.17 15.88
N LYS B 29 2.45 -4.97 14.70
CA LYS B 29 1.01 -5.07 14.54
C LYS B 29 0.62 -4.92 13.09
N GLU B 30 -0.63 -4.54 12.86
CA GLU B 30 -1.12 -4.33 11.49
C GLU B 30 -1.69 -2.92 11.34
N GLY B 31 -1.24 -2.22 10.30
CA GLY B 31 -1.70 -0.85 10.04
C GLY B 31 -0.56 0.14 10.18
N ALA B 32 0.51 -0.29 10.84
CA ALA B 32 1.69 0.58 11.03
C ALA B 32 1.92 1.41 9.77
N PHE B 33 1.39 2.62 9.77
CA PHE B 33 1.53 3.52 8.62
C PHE B 33 2.29 4.77 8.99
N MET B 34 3.25 5.15 8.16
CA MET B 34 4.02 6.37 8.39
C MET B 34 4.38 7.02 7.06
N VAL B 35 4.97 8.23 7.15
CA VAL B 35 5.40 8.95 5.96
C VAL B 35 6.86 9.39 6.11
N ARG B 36 7.52 9.61 4.96
CA ARG B 36 8.90 10.05 4.97
C ARG B 36 9.14 11.08 3.87
N ASP B 37 9.58 12.28 4.26
CA ASP B 37 9.85 13.34 3.30
C ASP B 37 10.83 12.86 2.23
N SER B 38 10.42 12.98 0.98
CA SER B 38 11.27 12.56 -0.14
C SER B 38 12.03 13.75 -0.71
N ARG B 39 13.02 13.46 -1.55
CA ARG B 39 13.82 14.52 -2.17
C ARG B 39 12.94 15.39 -3.04
N THR B 40 12.06 14.77 -3.80
CA THR B 40 11.18 15.50 -4.68
C THR B 40 10.69 16.80 -4.02
N PRO B 41 10.64 17.89 -4.75
CA PRO B 41 10.17 19.19 -4.22
C PRO B 41 8.87 19.04 -3.42
N GLY B 42 7.99 18.15 -3.88
CA GLY B 42 6.72 17.94 -3.20
C GLY B 42 6.15 16.57 -3.53
N THR B 43 6.73 15.53 -2.92
CA THR B 43 6.26 14.17 -3.14
C THR B 43 6.82 13.22 -2.08
N TYR B 44 6.38 13.43 -0.84
CA TYR B 44 6.85 12.59 0.26
C TYR B 44 6.64 11.13 -0.05
N THR B 45 6.83 10.26 0.94
CA THR B 45 6.66 8.82 0.75
C THR B 45 5.88 8.23 1.90
N VAL B 46 4.98 7.31 1.60
CA VAL B 46 4.18 6.65 2.64
C VAL B 46 4.83 5.34 3.09
N SER B 47 5.55 5.41 4.21
CA SER B 47 6.20 4.22 4.75
C SER B 47 5.26 3.48 5.70
N VAL B 48 4.67 2.39 5.21
CA VAL B 48 3.75 1.60 6.03
C VAL B 48 4.18 0.14 6.03
N PHE B 49 4.07 -0.49 7.19
CA PHE B 49 4.45 -1.90 7.32
C PHE B 49 3.28 -2.72 7.84
N THR B 50 3.20 -3.96 7.40
CA THR B 50 2.14 -4.87 7.85
C THR B 50 2.58 -6.32 7.71
N LYS B 51 2.52 -7.06 8.82
CA LYS B 51 2.90 -8.47 8.81
C LYS B 51 2.20 -9.20 7.68
N ALA B 52 2.82 -9.22 6.51
CA ALA B 52 2.23 -9.89 5.35
C ALA B 52 3.31 -10.61 4.55
N ILE B 53 2.93 -11.16 3.41
CA ILE B 53 3.87 -11.87 2.55
C ILE B 53 4.44 -13.08 3.27
N ILE B 54 4.61 -14.18 2.55
CA ILE B 54 5.15 -15.41 3.13
C ILE B 54 6.62 -15.56 2.80
N SER B 55 6.99 -15.18 1.58
CA SER B 55 8.37 -15.30 1.13
C SER B 55 9.31 -14.65 2.13
N GLU B 56 8.88 -13.53 2.71
CA GLU B 56 9.70 -12.82 3.67
C GLU B 56 8.83 -11.88 4.48
N ASN B 57 8.76 -12.13 5.79
CA ASN B 57 7.96 -11.29 6.67
C ASN B 57 8.76 -10.92 7.93
N PRO B 58 8.53 -9.74 8.47
CA PRO B 58 7.55 -8.75 7.92
C PRO B 58 8.09 -8.06 6.68
N CYS B 59 7.41 -6.99 6.27
CA CYS B 59 7.83 -6.24 5.08
C CYS B 59 7.42 -4.79 5.23
N ILE B 60 8.17 -3.90 4.57
CA ILE B 60 7.88 -2.47 4.63
C ILE B 60 7.30 -1.99 3.31
N LYS B 61 6.05 -1.56 3.33
CA LYS B 61 5.40 -1.06 2.12
C LYS B 61 5.65 0.41 1.95
N HIS B 62 6.37 0.75 0.88
CA HIS B 62 6.67 2.16 0.59
C HIS B 62 5.93 2.61 -0.66
N TYR B 63 4.90 3.44 -0.47
CA TYR B 63 4.11 3.96 -1.58
C TYR B 63 4.44 5.43 -1.83
N HIS B 64 5.21 5.68 -2.87
CA HIS B 64 5.59 7.06 -3.19
C HIS B 64 4.41 7.82 -3.79
N ILE B 65 4.14 9.00 -3.25
CA ILE B 65 3.05 9.83 -3.74
C ILE B 65 3.27 10.18 -5.20
N LYS B 66 2.19 10.15 -5.98
CA LYS B 66 2.28 10.48 -7.40
C LYS B 66 1.98 11.95 -7.63
N GLU B 67 2.73 12.56 -8.54
CA GLU B 67 2.54 13.98 -8.86
C GLU B 67 1.66 14.14 -10.08
N THR B 68 0.44 14.68 -9.87
CA THR B 68 -0.49 14.88 -10.98
C THR B 68 -0.83 16.36 -11.11
N ASN B 69 0.19 17.17 -11.40
CA ASN B 69 -0.01 18.61 -11.54
C ASN B 69 -1.32 18.92 -12.25
N ASP B 70 -2.39 19.06 -11.46
CA ASP B 70 -3.71 19.35 -12.03
C ASP B 70 -4.06 20.83 -11.82
N SER B 71 -5.03 21.11 -10.96
CA SER B 71 -5.45 22.47 -10.70
C SER B 71 -6.38 22.50 -9.48
N PRO B 72 -5.86 22.19 -8.31
CA PRO B 72 -4.46 21.80 -8.11
C PRO B 72 -4.25 20.31 -8.24
N LYS B 73 -4.96 19.55 -7.40
CA LYS B 73 -4.86 18.07 -7.43
C LYS B 73 -3.54 17.62 -8.03
N ARG B 74 -2.62 17.25 -7.16
CA ARG B 74 -1.30 16.82 -7.62
C ARG B 74 -0.84 15.61 -6.84
N TYR B 75 -1.45 15.36 -5.69
CA TYR B 75 -1.06 14.23 -4.85
C TYR B 75 -2.12 13.16 -4.89
N TYR B 76 -1.69 11.90 -5.00
CA TYR B 76 -2.61 10.80 -5.05
C TYR B 76 -1.83 9.47 -5.17
N VAL B 77 -2.32 8.43 -4.51
CA VAL B 77 -1.68 7.12 -4.61
C VAL B 77 -2.71 6.02 -4.42
N ALA B 78 -3.61 5.87 -5.38
CA ALA B 78 -4.65 4.85 -5.32
C ALA B 78 -5.58 4.95 -6.51
N GLU B 79 -5.36 5.95 -7.35
CA GLU B 79 -6.20 6.17 -8.52
C GLU B 79 -7.66 6.36 -8.10
N LYS B 80 -7.90 6.35 -6.79
CA LYS B 80 -9.24 6.54 -6.27
C LYS B 80 -9.65 8.01 -6.32
N TYR B 81 -8.79 8.87 -5.77
CA TYR B 81 -9.07 10.30 -5.77
C TYR B 81 -7.76 11.08 -5.74
N VAL B 82 -7.77 12.27 -6.32
CA VAL B 82 -6.57 13.12 -6.35
C VAL B 82 -6.65 14.19 -5.28
N PHE B 83 -5.61 14.28 -4.47
CA PHE B 83 -5.55 15.26 -3.39
C PHE B 83 -4.48 16.31 -3.68
N ASP B 84 -4.47 17.38 -2.87
CA ASP B 84 -3.51 18.46 -3.05
C ASP B 84 -2.83 18.78 -1.73
N SER B 85 -3.01 17.91 -0.75
CA SER B 85 -2.38 18.10 0.52
C SER B 85 -2.28 16.81 1.27
N ILE B 86 -1.43 15.89 0.77
CA ILE B 86 -1.16 14.59 1.42
C ILE B 86 -2.03 14.41 2.66
N PRO B 87 -1.85 15.27 3.66
CA PRO B 87 -2.69 15.27 4.88
C PRO B 87 -4.11 14.79 4.60
N LEU B 88 -4.59 15.05 3.39
CA LEU B 88 -5.92 14.60 3.00
C LEU B 88 -5.89 13.12 2.68
N LEU B 89 -4.98 12.73 1.80
CA LEU B 89 -4.87 11.33 1.41
C LEU B 89 -4.60 10.46 2.64
N ILE B 90 -3.99 11.06 3.65
CA ILE B 90 -3.70 10.33 4.88
C ILE B 90 -4.95 10.13 5.71
N GLN B 91 -5.88 11.07 5.63
CA GLN B 91 -7.11 10.99 6.40
C GLN B 91 -8.14 10.13 5.65
N TYR B 92 -8.22 10.32 4.35
CA TYR B 92 -9.17 9.56 3.55
C TYR B 92 -8.83 8.07 3.60
N HIS B 93 -7.55 7.77 3.63
CA HIS B 93 -7.11 6.38 3.66
C HIS B 93 -7.21 5.82 5.08
N GLN B 94 -7.09 6.69 6.07
CA GLN B 94 -7.15 6.26 7.46
C GLN B 94 -8.33 5.31 7.68
N TYR B 95 -9.38 5.51 6.90
CA TYR B 95 -10.56 4.67 7.01
C TYR B 95 -11.11 4.35 5.63
N ASN B 96 -12.35 4.74 5.37
CA ASN B 96 -13.00 4.48 4.08
C ASN B 96 -12.34 3.32 3.35
N GLY B 97 -11.68 3.61 2.23
CA GLY B 97 -10.99 2.58 1.48
C GLY B 97 -9.97 3.19 0.54
N GLY B 98 -8.69 2.94 0.82
CA GLY B 98 -7.60 3.48 0.01
C GLY B 98 -7.02 2.41 -0.90
N GLY B 99 -5.99 2.78 -1.66
CA GLY B 99 -5.35 1.85 -2.57
C GLY B 99 -3.95 1.47 -2.09
N LEU B 100 -3.89 0.67 -1.03
CA LEU B 100 -2.62 0.22 -0.47
C LEU B 100 -2.63 -1.28 -0.24
N VAL B 101 -2.31 -1.69 0.97
CA VAL B 101 -2.31 -3.12 1.33
C VAL B 101 -3.31 -3.39 2.43
N THR B 102 -3.40 -2.49 3.40
CA THR B 102 -4.30 -2.66 4.53
C THR B 102 -4.97 -1.34 4.88
N ARG B 103 -4.74 -0.33 4.06
CA ARG B 103 -5.35 0.98 4.28
C ARG B 103 -4.89 1.55 5.61
N LEU B 104 -4.54 2.83 5.60
CA LEU B 104 -4.09 3.50 6.82
C LEU B 104 -5.11 3.31 7.93
N ARG B 105 -4.62 2.96 9.12
CA ARG B 105 -5.51 2.75 10.26
C ARG B 105 -4.77 2.99 11.55
N TYR B 106 -3.45 2.73 11.56
CA TYR B 106 -2.65 2.90 12.76
C TYR B 106 -1.45 3.82 12.49
N PRO B 107 -1.43 4.98 13.08
CA PRO B 107 -0.31 5.95 12.91
C PRO B 107 0.90 5.57 13.75
N VAL B 108 2.08 6.06 13.37
CA VAL B 108 3.30 5.79 14.11
C VAL B 108 4.17 7.03 14.18
N CYS B 109 4.99 7.11 15.23
CA CYS B 109 5.88 8.26 15.42
C CYS B 109 7.28 7.79 15.77
N GLY B 110 8.23 8.72 15.76
CA GLY B 110 9.61 8.39 16.09
C GLY B 110 9.71 7.77 17.47
N GLY A 1 11.03 -13.15 -15.38
CA GLY A 1 10.31 -14.17 -14.56
C GLY A 1 8.97 -14.49 -15.19
N SER A 2 8.62 -15.77 -15.21
CA SER A 2 7.35 -16.20 -15.79
C SER A 2 7.25 -15.74 -17.25
N PRO A 3 6.38 -16.35 -18.01
CA PRO A 3 6.17 -16.00 -19.44
C PRO A 3 5.55 -14.61 -19.60
N GLU A 4 4.36 -14.43 -19.03
CA GLU A 4 3.67 -13.14 -19.13
C GLU A 4 3.01 -12.79 -17.81
N GLU A 5 2.48 -13.80 -17.12
CA GLU A 5 1.81 -13.59 -15.84
C GLU A 5 2.38 -14.54 -14.78
N THR A 6 2.15 -14.20 -13.52
CA THR A 6 2.64 -15.01 -12.41
C THR A 6 1.52 -15.36 -11.45
N LEU A 7 1.36 -16.64 -11.15
CA LEU A 7 0.32 -17.06 -10.23
C LEU A 7 0.67 -16.64 -8.81
N VAL A 8 -0.33 -16.12 -8.09
CA VAL A 8 -0.14 -15.68 -6.72
C VAL A 8 -1.18 -16.29 -5.80
N ILE A 9 -1.07 -16.02 -4.51
CA ILE A 9 -2.01 -16.59 -3.55
C ILE A 9 -2.20 -15.61 -2.39
N ALA A 10 -3.32 -15.73 -1.69
CA ALA A 10 -3.61 -14.86 -0.55
C ALA A 10 -3.13 -15.49 0.76
N LEU A 11 -2.19 -14.83 1.43
CA LEU A 11 -1.65 -15.34 2.68
C LEU A 11 -2.73 -15.34 3.75
N TYR A 12 -3.49 -14.24 3.81
CA TYR A 12 -4.57 -14.12 4.80
C TYR A 12 -5.93 -14.15 4.10
N ASP A 13 -6.98 -14.40 4.85
CA ASP A 13 -8.33 -14.45 4.29
C ASP A 13 -8.88 -13.04 4.13
N TYR A 14 -8.68 -12.46 2.95
CA TYR A 14 -9.16 -11.11 2.67
C TYR A 14 -10.62 -11.14 2.23
N GLN A 15 -11.28 -9.99 2.31
CA GLN A 15 -12.68 -9.90 1.92
C GLN A 15 -12.94 -8.60 1.17
N THR A 16 -13.81 -8.66 0.18
CA THR A 16 -14.13 -7.46 -0.62
C THR A 16 -14.65 -6.36 0.28
N ASN A 17 -13.96 -5.21 0.27
CA ASN A 17 -14.36 -4.07 1.08
C ASN A 17 -15.12 -3.06 0.23
N ASP A 18 -15.16 -3.33 -1.08
CA ASP A 18 -15.87 -2.43 -1.99
C ASP A 18 -15.98 -3.05 -3.38
N PRO A 19 -16.87 -2.55 -4.20
CA PRO A 19 -17.07 -3.05 -5.59
C PRO A 19 -15.75 -3.19 -6.33
N GLN A 20 -14.86 -2.21 -6.17
CA GLN A 20 -13.57 -2.24 -6.84
C GLN A 20 -12.71 -3.37 -6.29
N GLU A 21 -12.73 -3.53 -4.97
CA GLU A 21 -11.94 -4.57 -4.33
C GLU A 21 -12.47 -5.94 -4.70
N LEU A 22 -11.58 -6.94 -4.72
CA LEU A 22 -11.96 -8.30 -5.07
C LEU A 22 -11.84 -9.24 -3.89
N ALA A 23 -12.90 -9.99 -3.62
CA ALA A 23 -12.89 -10.93 -2.50
C ALA A 23 -11.94 -12.09 -2.81
N LEU A 24 -11.23 -12.56 -1.80
CA LEU A 24 -10.28 -13.66 -1.97
C LEU A 24 -10.58 -14.79 -0.98
N ARG A 25 -9.77 -15.84 -1.02
CA ARG A 25 -9.96 -16.96 -0.14
C ARG A 25 -8.67 -17.77 -0.04
N CYS A 26 -8.16 -17.94 1.16
CA CYS A 26 -6.93 -18.71 1.36
C CYS A 26 -6.85 -19.90 0.42
N ASP A 27 -5.64 -20.34 0.12
CA ASP A 27 -5.42 -21.47 -0.76
C ASP A 27 -5.87 -21.16 -2.18
N GLU A 28 -6.86 -20.29 -2.32
CA GLU A 28 -7.39 -19.94 -3.61
C GLU A 28 -6.34 -19.18 -4.42
N GLU A 29 -6.46 -19.26 -5.73
CA GLU A 29 -5.52 -18.62 -6.64
C GLU A 29 -6.14 -17.42 -7.36
N TYR A 30 -5.26 -16.50 -7.72
CA TYR A 30 -5.67 -15.33 -8.47
C TYR A 30 -4.49 -14.83 -9.28
N TYR A 31 -4.54 -15.06 -10.57
CA TYR A 31 -3.44 -14.68 -11.47
C TYR A 31 -3.03 -13.24 -11.28
N LEU A 32 -2.15 -12.74 -12.16
CA LEU A 32 -1.70 -11.35 -12.07
C LEU A 32 -1.86 -10.69 -13.42
N LEU A 33 -2.59 -9.57 -13.45
CA LEU A 33 -2.82 -8.83 -14.68
C LEU A 33 -2.13 -7.48 -14.63
N ASP A 34 -1.94 -6.92 -13.44
CA ASP A 34 -1.27 -5.64 -13.32
C ASP A 34 -0.32 -5.64 -12.13
N SER A 35 0.92 -6.07 -12.37
CA SER A 35 1.93 -6.11 -11.31
C SER A 35 2.69 -4.80 -11.26
N SER A 36 2.54 -4.01 -12.31
CA SER A 36 3.22 -2.72 -12.38
C SER A 36 2.78 -1.81 -11.23
N GLU A 37 1.49 -1.88 -10.89
CA GLU A 37 0.95 -1.08 -9.80
C GLU A 37 1.67 -1.40 -8.50
N ILE A 38 1.75 -0.43 -7.61
CA ILE A 38 2.42 -0.62 -6.34
C ILE A 38 1.44 -1.06 -5.27
N HIS A 39 0.25 -0.48 -5.29
CA HIS A 39 -0.77 -0.80 -4.30
C HIS A 39 -1.42 -2.14 -4.57
N TRP A 40 -2.54 -2.10 -5.28
CA TRP A 40 -3.29 -3.31 -5.59
C TRP A 40 -2.82 -3.94 -6.88
N TRP A 41 -2.76 -5.28 -6.92
CA TRP A 41 -2.33 -5.97 -8.11
C TRP A 41 -3.48 -6.71 -8.72
N ARG A 42 -4.17 -6.07 -9.70
CA ARG A 42 -5.34 -6.66 -10.35
C ARG A 42 -5.31 -8.19 -10.28
N VAL A 43 -6.44 -8.79 -10.50
CA VAL A 43 -6.53 -10.23 -10.44
C VAL A 43 -7.69 -10.75 -11.26
N GLN A 44 -7.55 -12.01 -11.72
CA GLN A 44 -8.60 -12.64 -12.53
C GLN A 44 -8.99 -13.99 -11.93
N ASP A 45 -10.05 -14.00 -11.13
CA ASP A 45 -10.50 -15.24 -10.52
C ASP A 45 -11.05 -16.19 -11.59
N LYS A 46 -10.84 -17.48 -11.38
CA LYS A 46 -11.31 -18.48 -12.33
C LYS A 46 -12.78 -18.27 -12.66
N ASN A 47 -13.54 -17.80 -11.67
CA ASN A 47 -14.96 -17.57 -11.85
C ASN A 47 -15.20 -16.36 -12.75
N GLY A 48 -14.15 -15.54 -12.92
CA GLY A 48 -14.26 -14.35 -13.76
C GLY A 48 -14.55 -13.12 -12.91
N HIS A 49 -13.95 -13.06 -11.72
CA HIS A 49 -14.14 -11.93 -10.83
C HIS A 49 -12.95 -11.00 -10.92
N GLU A 50 -13.08 -9.95 -11.72
CA GLU A 50 -11.99 -8.99 -11.89
C GLU A 50 -12.11 -7.81 -10.93
N GLY A 51 -11.13 -7.67 -10.05
CA GLY A 51 -11.14 -6.58 -9.09
C GLY A 51 -9.76 -6.38 -8.46
N TYR A 52 -9.53 -5.21 -7.86
CA TYR A 52 -8.24 -4.94 -7.26
C TYR A 52 -8.06 -5.72 -5.96
N ALA A 53 -6.93 -6.43 -5.86
CA ALA A 53 -6.65 -7.25 -4.66
C ALA A 53 -5.37 -6.78 -3.99
N PRO A 54 -5.27 -6.97 -2.70
CA PRO A 54 -4.11 -6.49 -1.89
C PRO A 54 -2.79 -7.08 -2.39
N SER A 55 -1.77 -6.25 -2.46
CA SER A 55 -0.46 -6.70 -2.92
C SER A 55 0.30 -7.45 -1.83
N SER A 56 0.45 -6.82 -0.67
CA SER A 56 1.18 -7.43 0.42
C SER A 56 0.66 -8.83 0.71
N TYR A 57 -0.66 -9.00 0.65
CA TYR A 57 -1.26 -10.30 0.93
C TYR A 57 -1.00 -11.24 -0.22
N LEU A 58 -0.42 -10.73 -1.30
CA LEU A 58 -0.14 -11.56 -2.47
C LEU A 58 1.35 -11.82 -2.60
N VAL A 59 1.72 -12.94 -3.23
CA VAL A 59 3.13 -13.23 -3.45
C VAL A 59 3.28 -14.11 -4.68
N GLU A 60 4.26 -13.82 -5.52
CA GLU A 60 4.47 -14.58 -6.73
C GLU A 60 5.01 -15.96 -6.44
N LYS A 61 4.31 -16.96 -6.93
CA LYS A 61 4.71 -18.35 -6.72
C LYS A 61 6.05 -18.62 -7.42
N SER A 62 6.23 -18.00 -8.57
CA SER A 62 7.45 -18.16 -9.35
C SER A 62 7.63 -19.63 -9.77
N PRO A 63 8.45 -19.88 -10.77
CA PRO A 63 8.72 -21.24 -11.26
C PRO A 63 9.60 -22.04 -10.29
N ASN B 3 5.48 21.81 4.63
CA ASN B 3 4.06 22.16 4.86
C ASN B 3 3.73 22.03 6.34
N ASN B 4 4.70 22.35 7.19
CA ASN B 4 4.51 22.28 8.63
C ASN B 4 4.01 20.88 9.03
N LEU B 5 4.49 19.88 8.31
CA LEU B 5 4.08 18.51 8.59
C LEU B 5 4.59 18.07 9.95
N GLU B 6 5.58 18.77 10.46
CA GLU B 6 6.15 18.44 11.76
C GLU B 6 5.04 18.31 12.81
N THR B 7 3.86 18.82 12.47
CA THR B 7 2.73 18.75 13.39
C THR B 7 2.18 17.34 13.47
N TYR B 8 2.22 16.63 12.34
CA TYR B 8 1.72 15.26 12.29
C TYR B 8 2.77 14.28 12.77
N GLU B 9 2.46 13.00 12.68
CA GLU B 9 3.38 11.95 13.12
C GLU B 9 4.04 11.24 11.94
N TRP B 10 3.21 10.70 11.05
CA TRP B 10 3.71 9.98 9.89
C TRP B 10 4.87 10.74 9.26
N TYR B 11 4.88 12.04 9.41
CA TYR B 11 5.95 12.84 8.82
C TYR B 11 7.18 12.81 9.70
N ASN B 12 8.32 12.42 9.11
CA ASN B 12 9.57 12.36 9.85
C ASN B 12 10.75 12.53 8.90
N LYS B 13 11.38 13.70 8.94
CA LYS B 13 12.54 13.99 8.10
C LYS B 13 13.83 13.64 8.82
N SER B 14 13.84 13.85 10.13
CA SER B 14 15.02 13.58 10.94
C SER B 14 15.40 12.11 10.83
N ILE B 15 14.40 11.26 10.61
CA ILE B 15 14.64 9.82 10.50
C ILE B 15 14.98 9.44 9.06
N SER B 16 15.96 8.57 8.90
CA SER B 16 16.38 8.13 7.57
C SER B 16 15.53 6.94 7.11
N ARG B 17 15.68 6.57 5.85
CA ARG B 17 14.93 5.44 5.29
C ARG B 17 15.30 4.16 6.01
N ASP B 18 16.59 3.96 6.24
CA ASP B 18 17.06 2.75 6.91
C ASP B 18 16.48 2.68 8.32
N LYS B 19 16.43 3.81 9.01
CA LYS B 19 15.90 3.85 10.35
C LYS B 19 14.38 3.74 10.33
N ALA B 20 13.79 4.19 9.22
CA ALA B 20 12.33 4.14 9.07
C ALA B 20 11.86 2.69 9.08
N GLU B 21 12.61 1.83 8.41
CA GLU B 21 12.27 0.42 8.34
C GLU B 21 12.34 -0.20 9.73
N LYS B 22 13.34 0.20 10.51
CA LYS B 22 13.49 -0.31 11.86
C LYS B 22 12.40 0.21 12.78
N LEU B 23 12.27 1.52 12.83
CA LEU B 23 11.28 2.15 13.69
C LEU B 23 9.93 1.46 13.54
N LEU B 24 9.50 1.29 12.31
CA LEU B 24 8.23 0.64 12.04
C LEU B 24 8.24 -0.80 12.53
N LEU B 25 9.36 -1.46 12.33
CA LEU B 25 9.49 -2.84 12.75
C LEU B 25 9.29 -2.98 14.25
N ASP B 26 9.77 -2.00 15.00
CA ASP B 26 9.64 -2.03 16.45
C ASP B 26 8.18 -2.06 16.86
N THR B 27 7.35 -1.30 16.13
CA THR B 27 5.93 -1.24 16.44
C THR B 27 5.34 -2.65 16.56
N GLY B 28 5.62 -3.48 15.55
CA GLY B 28 5.12 -4.86 15.56
C GLY B 28 3.60 -4.88 15.57
N LYS B 29 2.98 -4.04 14.76
CA LYS B 29 1.51 -3.98 14.68
C LYS B 29 1.07 -3.90 13.23
N GLU B 30 -0.13 -4.42 12.95
CA GLU B 30 -0.65 -4.39 11.59
C GLU B 30 -1.34 -3.06 11.32
N GLY B 31 -0.91 -2.39 10.26
CA GLY B 31 -1.47 -1.09 9.89
C GLY B 31 -0.47 0.03 10.12
N ALA B 32 0.56 -0.26 10.92
CA ALA B 32 1.60 0.71 11.20
C ALA B 32 1.99 1.45 9.93
N PHE B 33 1.50 2.67 9.79
CA PHE B 33 1.79 3.48 8.60
C PHE B 33 2.51 4.78 8.97
N MET B 34 3.54 5.11 8.21
CA MET B 34 4.29 6.34 8.46
C MET B 34 4.68 6.97 7.13
N VAL B 35 5.17 8.22 7.20
CA VAL B 35 5.62 8.94 6.02
C VAL B 35 7.07 9.38 6.18
N ARG B 36 7.74 9.58 5.06
CA ARG B 36 9.13 10.02 5.07
C ARG B 36 9.43 10.90 3.86
N ASP B 37 10.15 12.00 4.09
CA ASP B 37 10.50 12.90 3.00
C ASP B 37 11.24 12.15 1.91
N SER B 38 10.84 12.40 0.66
CA SER B 38 11.47 11.74 -0.49
C SER B 38 12.49 12.67 -1.15
N ARG B 39 13.10 12.19 -2.23
CA ARG B 39 14.08 12.97 -2.96
C ARG B 39 13.43 14.18 -3.60
N THR B 40 12.11 14.11 -3.77
CA THR B 40 11.37 15.21 -4.38
C THR B 40 10.72 16.09 -3.29
N PRO B 41 11.21 17.29 -3.10
CA PRO B 41 10.65 18.23 -2.08
C PRO B 41 9.13 18.35 -2.17
N GLY B 42 8.60 18.25 -3.38
CA GLY B 42 7.16 18.36 -3.59
C GLY B 42 6.50 16.99 -3.57
N THR B 43 7.07 16.08 -2.80
CA THR B 43 6.53 14.72 -2.69
C THR B 43 7.33 13.91 -1.69
N TYR B 44 6.64 13.37 -0.70
CA TYR B 44 7.29 12.53 0.33
C TYR B 44 7.10 11.07 0.03
N THR B 45 7.20 10.23 1.06
CA THR B 45 7.06 8.79 0.88
C THR B 45 6.19 8.22 1.99
N VAL B 46 5.36 7.24 1.66
CA VAL B 46 4.50 6.61 2.65
C VAL B 46 5.03 5.25 3.07
N SER B 47 5.78 5.22 4.18
CA SER B 47 6.33 3.97 4.67
C SER B 47 5.26 3.17 5.41
N VAL B 48 4.61 2.26 4.70
CA VAL B 48 3.56 1.43 5.29
C VAL B 48 4.11 0.09 5.73
N PHE B 49 3.98 -0.21 7.02
CA PHE B 49 4.46 -1.47 7.57
C PHE B 49 3.29 -2.34 8.03
N THR B 50 3.29 -3.59 7.59
CA THR B 50 2.24 -4.52 7.98
C THR B 50 2.72 -5.96 7.82
N LYS B 51 2.52 -6.77 8.86
CA LYS B 51 2.93 -8.17 8.81
C LYS B 51 2.29 -8.87 7.62
N ALA B 52 2.95 -8.79 6.47
CA ALA B 52 2.43 -9.41 5.24
C ALA B 52 3.57 -9.97 4.41
N ILE B 53 3.24 -10.47 3.22
CA ILE B 53 4.24 -11.03 2.33
C ILE B 53 4.94 -12.21 3.00
N ILE B 54 5.02 -13.32 2.29
CA ILE B 54 5.66 -14.52 2.83
C ILE B 54 7.17 -14.48 2.59
N SER B 55 7.57 -13.96 1.44
CA SER B 55 8.97 -13.87 1.09
C SER B 55 9.71 -12.97 2.08
N GLU B 56 9.03 -11.95 2.58
CA GLU B 56 9.62 -11.02 3.52
C GLU B 56 8.61 -10.67 4.59
N ASN B 57 8.86 -11.15 5.81
CA ASN B 57 7.97 -10.88 6.92
C ASN B 57 8.77 -10.67 8.23
N PRO B 58 8.65 -9.54 8.88
CA PRO B 58 7.79 -8.40 8.43
C PRO B 58 8.35 -7.76 7.16
N CYS B 59 7.60 -6.81 6.60
CA CYS B 59 8.03 -6.14 5.37
C CYS B 59 7.56 -4.69 5.40
N ILE B 60 8.34 -3.81 4.80
CA ILE B 60 8.00 -2.39 4.77
C ILE B 60 7.51 -1.99 3.38
N LYS B 61 6.26 -1.58 3.30
CA LYS B 61 5.67 -1.16 2.03
C LYS B 61 5.77 0.34 1.88
N HIS B 62 6.49 0.77 0.85
CA HIS B 62 6.66 2.20 0.59
C HIS B 62 5.85 2.63 -0.62
N TYR B 63 4.68 3.23 -0.36
CA TYR B 63 3.82 3.68 -1.45
C TYR B 63 4.14 5.14 -1.78
N HIS B 64 5.05 5.33 -2.73
CA HIS B 64 5.43 6.67 -3.13
C HIS B 64 4.23 7.45 -3.65
N ILE B 65 3.94 8.56 -2.99
CA ILE B 65 2.81 9.39 -3.38
C ILE B 65 2.97 9.86 -4.82
N LYS B 66 1.97 9.57 -5.64
CA LYS B 66 2.01 9.96 -7.05
C LYS B 66 1.66 11.43 -7.20
N GLU B 67 2.67 12.23 -7.57
CA GLU B 67 2.47 13.67 -7.77
C GLU B 67 2.26 13.96 -9.25
N THR B 68 1.03 14.21 -9.62
CA THR B 68 0.69 14.49 -11.03
C THR B 68 0.56 15.99 -11.23
N ASN B 69 1.47 16.76 -10.63
CA ASN B 69 1.44 18.22 -10.74
C ASN B 69 0.04 18.75 -11.00
N ASP B 70 -0.68 19.11 -9.94
CA ASP B 70 -2.03 19.62 -10.09
C ASP B 70 -2.18 20.40 -11.39
N SER B 71 -2.71 19.69 -12.37
CA SER B 71 -2.99 20.28 -13.68
C SER B 71 -4.23 19.63 -14.33
N PRO B 72 -5.22 19.22 -13.54
CA PRO B 72 -5.19 19.30 -12.07
C PRO B 72 -4.60 18.03 -11.48
N LYS B 73 -5.06 17.66 -10.31
CA LYS B 73 -4.61 16.45 -9.64
C LYS B 73 -3.15 16.47 -9.28
N ARG B 74 -2.86 16.34 -7.99
CA ARG B 74 -1.49 16.32 -7.51
C ARG B 74 -1.15 14.99 -6.82
N TYR B 75 -1.23 14.98 -5.49
CA TYR B 75 -0.89 13.78 -4.73
C TYR B 75 -2.06 12.83 -4.67
N TYR B 76 -1.77 11.54 -4.81
CA TYR B 76 -2.80 10.53 -4.75
C TYR B 76 -2.17 9.13 -4.84
N VAL B 77 -2.82 8.14 -4.26
CA VAL B 77 -2.33 6.76 -4.32
C VAL B 77 -3.49 5.78 -4.28
N ALA B 78 -4.13 5.58 -5.44
CA ALA B 78 -5.26 4.67 -5.53
C ALA B 78 -6.05 4.92 -6.80
N GLU B 79 -5.67 5.95 -7.54
CA GLU B 79 -6.36 6.30 -8.78
C GLU B 79 -7.83 6.59 -8.50
N LYS B 80 -8.24 6.43 -7.25
CA LYS B 80 -9.61 6.70 -6.85
C LYS B 80 -9.83 8.19 -6.68
N TYR B 81 -9.29 8.74 -5.59
CA TYR B 81 -9.42 10.17 -5.30
C TYR B 81 -8.04 10.81 -5.28
N VAL B 82 -8.00 12.11 -5.57
CA VAL B 82 -6.74 12.85 -5.59
C VAL B 82 -6.74 13.96 -4.55
N PHE B 83 -5.57 14.23 -3.97
CA PHE B 83 -5.45 15.26 -2.95
C PHE B 83 -4.42 16.30 -3.37
N ASP B 84 -4.28 17.35 -2.56
CA ASP B 84 -3.33 18.42 -2.86
C ASP B 84 -2.43 18.68 -1.67
N SER B 85 -2.67 17.95 -0.60
CA SER B 85 -1.87 18.14 0.59
C SER B 85 -1.77 16.87 1.39
N ILE B 86 -0.91 15.95 0.91
CA ILE B 86 -0.63 14.66 1.60
C ILE B 86 -1.51 14.50 2.83
N PRO B 87 -1.37 15.36 3.82
CA PRO B 87 -2.22 15.32 5.03
C PRO B 87 -3.65 14.84 4.73
N LEU B 88 -4.15 15.17 3.54
CA LEU B 88 -5.51 14.77 3.16
C LEU B 88 -5.55 13.33 2.72
N LEU B 89 -4.38 12.74 2.59
CA LEU B 89 -4.24 11.35 2.18
C LEU B 89 -4.13 10.46 3.42
N ILE B 90 -3.76 11.04 4.54
CA ILE B 90 -3.64 10.25 5.76
C ILE B 90 -4.95 10.25 6.53
N GLN B 91 -5.89 11.06 6.08
CA GLN B 91 -7.19 11.14 6.74
C GLN B 91 -8.23 10.25 6.06
N TYR B 92 -8.40 10.44 4.77
CA TYR B 92 -9.37 9.66 4.02
C TYR B 92 -9.03 8.17 4.05
N HIS B 93 -7.74 7.87 4.17
CA HIS B 93 -7.29 6.48 4.20
C HIS B 93 -7.26 5.96 5.63
N GLN B 94 -7.13 6.87 6.59
CA GLN B 94 -7.07 6.47 7.98
C GLN B 94 -8.27 5.61 8.34
N TYR B 95 -9.38 5.82 7.64
CA TYR B 95 -10.58 5.05 7.91
C TYR B 95 -11.25 4.68 6.59
N ASN B 96 -12.48 5.16 6.41
CA ASN B 96 -13.27 4.89 5.20
C ASN B 96 -12.78 3.63 4.49
N GLY B 97 -12.55 3.72 3.19
CA GLY B 97 -12.06 2.58 2.42
C GLY B 97 -11.47 3.05 1.11
N GLY B 98 -10.15 3.15 1.05
CA GLY B 98 -9.46 3.60 -0.15
C GLY B 98 -8.63 2.49 -0.76
N GLY B 99 -7.72 2.87 -1.65
CA GLY B 99 -6.87 1.88 -2.30
C GLY B 99 -5.58 1.66 -1.51
N LEU B 100 -5.68 0.86 -0.46
CA LEU B 100 -4.52 0.53 0.35
C LEU B 100 -4.56 -0.92 0.81
N VAL B 101 -3.43 -1.61 0.70
CA VAL B 101 -3.36 -2.99 1.11
C VAL B 101 -3.75 -3.14 2.58
N THR B 102 -3.54 -2.09 3.35
CA THR B 102 -3.88 -2.10 4.77
C THR B 102 -4.40 -0.75 5.19
N ARG B 103 -5.62 -0.43 4.75
CA ARG B 103 -6.26 0.86 5.08
C ARG B 103 -5.66 1.46 6.35
N LEU B 104 -4.96 2.57 6.18
CA LEU B 104 -4.31 3.23 7.31
C LEU B 104 -5.24 3.26 8.52
N ARG B 105 -4.71 2.87 9.67
CA ARG B 105 -5.50 2.85 10.90
C ARG B 105 -4.60 2.70 12.11
N TYR B 106 -3.32 3.04 11.95
CA TYR B 106 -2.39 2.93 13.06
C TYR B 106 -1.15 3.80 12.79
N PRO B 107 -1.20 5.06 13.13
CA PRO B 107 -0.05 5.99 12.92
C PRO B 107 1.03 5.80 13.98
N VAL B 108 2.28 6.04 13.59
CA VAL B 108 3.41 5.90 14.51
C VAL B 108 4.24 7.17 14.51
N CYS B 109 4.53 7.66 15.71
CA CYS B 109 5.31 8.86 15.87
C CYS B 109 6.80 8.57 15.74
N GLY B 110 7.50 9.44 15.01
CA GLY B 110 8.93 9.26 14.82
C GLY B 110 9.70 9.53 16.11
N GLY A 1 7.05 -21.35 -16.03
CA GLY A 1 5.73 -21.32 -15.36
C GLY A 1 5.30 -19.89 -15.12
N SER A 2 5.96 -18.96 -15.82
CA SER A 2 5.64 -17.54 -15.67
C SER A 2 6.16 -16.75 -16.87
N PRO A 3 5.84 -17.19 -18.06
CA PRO A 3 6.29 -16.52 -19.32
C PRO A 3 5.71 -15.11 -19.45
N GLU A 4 4.41 -14.99 -19.22
CA GLU A 4 3.74 -13.69 -19.32
C GLU A 4 2.78 -13.49 -18.16
N GLU A 5 2.28 -14.60 -17.61
CA GLU A 5 1.32 -14.54 -16.49
C GLU A 5 1.81 -15.40 -15.34
N THR A 6 1.49 -14.98 -14.12
CA THR A 6 1.90 -15.72 -12.93
C THR A 6 0.70 -15.98 -12.01
N LEU A 7 0.53 -17.23 -11.60
CA LEU A 7 -0.57 -17.56 -10.70
C LEU A 7 -0.21 -17.16 -9.27
N VAL A 8 -1.19 -16.64 -8.55
CA VAL A 8 -0.97 -16.21 -7.16
C VAL A 8 -2.04 -16.78 -6.25
N ILE A 9 -1.84 -16.63 -4.95
CA ILE A 9 -2.79 -17.16 -3.98
C ILE A 9 -2.84 -16.26 -2.74
N ALA A 10 -3.96 -16.29 -2.03
CA ALA A 10 -4.12 -15.46 -0.84
C ALA A 10 -3.56 -16.17 0.40
N LEU A 11 -2.89 -15.40 1.26
CA LEU A 11 -2.32 -15.98 2.47
C LEU A 11 -3.40 -16.13 3.54
N TYR A 12 -4.00 -15.02 3.93
CA TYR A 12 -5.07 -15.04 4.94
C TYR A 12 -6.43 -15.02 4.25
N ASP A 13 -7.39 -14.33 4.87
CA ASP A 13 -8.74 -14.23 4.32
C ASP A 13 -9.14 -12.77 4.14
N TYR A 14 -8.85 -12.24 2.95
CA TYR A 14 -9.19 -10.85 2.65
C TYR A 14 -10.64 -10.75 2.18
N GLN A 15 -11.15 -9.52 2.17
CA GLN A 15 -12.54 -9.29 1.73
C GLN A 15 -12.65 -7.94 1.03
N THR A 16 -13.53 -7.87 0.03
CA THR A 16 -13.72 -6.64 -0.72
C THR A 16 -14.18 -5.52 0.22
N ASN A 17 -13.41 -4.43 0.26
CA ASN A 17 -13.76 -3.28 1.10
C ASN A 17 -14.28 -2.14 0.25
N ASP A 18 -14.43 -2.41 -1.05
CA ASP A 18 -14.93 -1.39 -1.96
C ASP A 18 -15.17 -1.97 -3.34
N PRO A 19 -15.99 -1.31 -4.13
CA PRO A 19 -16.32 -1.78 -5.51
C PRO A 19 -15.08 -2.01 -6.36
N GLN A 20 -14.08 -1.14 -6.19
CA GLN A 20 -12.84 -1.26 -6.94
C GLN A 20 -12.06 -2.49 -6.47
N GLU A 21 -12.07 -2.70 -5.15
CA GLU A 21 -11.36 -3.83 -4.58
C GLU A 21 -11.96 -5.13 -5.06
N LEU A 22 -11.15 -6.19 -5.05
CA LEU A 22 -11.61 -7.50 -5.52
C LEU A 22 -11.71 -8.50 -4.37
N ALA A 23 -12.80 -9.25 -4.37
CA ALA A 23 -13.02 -10.26 -3.33
C ALA A 23 -12.04 -11.41 -3.53
N LEU A 24 -11.49 -11.91 -2.41
CA LEU A 24 -10.51 -13.00 -2.48
C LEU A 24 -10.88 -14.10 -1.49
N ARG A 25 -10.17 -15.23 -1.57
CA ARG A 25 -10.43 -16.34 -0.68
C ARG A 25 -9.19 -17.22 -0.57
N CYS A 26 -8.73 -17.42 0.65
CA CYS A 26 -7.55 -18.24 0.88
C CYS A 26 -7.54 -19.47 -0.03
N ASP A 27 -6.34 -19.97 -0.33
CA ASP A 27 -6.19 -21.14 -1.18
C ASP A 27 -6.67 -20.87 -2.60
N GLU A 28 -7.69 -20.03 -2.73
CA GLU A 28 -8.24 -19.71 -4.02
C GLU A 28 -7.21 -19.01 -4.89
N GLU A 29 -7.35 -19.16 -6.19
CA GLU A 29 -6.42 -18.58 -7.14
C GLU A 29 -6.98 -17.35 -7.85
N TYR A 30 -6.07 -16.48 -8.25
CA TYR A 30 -6.44 -15.29 -8.99
C TYR A 30 -5.28 -14.83 -9.83
N TYR A 31 -5.34 -15.10 -11.12
CA TYR A 31 -4.22 -14.78 -12.03
C TYR A 31 -3.67 -13.40 -11.79
N LEU A 32 -2.69 -12.98 -12.58
CA LEU A 32 -2.11 -11.65 -12.43
C LEU A 32 -2.03 -10.97 -13.79
N LEU A 33 -2.55 -9.75 -13.88
CA LEU A 33 -2.57 -9.00 -15.12
C LEU A 33 -1.67 -7.78 -15.03
N ASP A 34 -1.18 -7.49 -13.83
CA ASP A 34 -0.27 -6.36 -13.66
C ASP A 34 0.64 -6.62 -12.47
N SER A 35 1.77 -7.28 -12.73
CA SER A 35 2.72 -7.58 -11.66
C SER A 35 3.74 -6.46 -11.53
N SER A 36 3.46 -5.33 -12.16
CA SER A 36 4.36 -4.17 -12.10
C SER A 36 3.80 -3.09 -11.18
N GLU A 37 2.58 -3.32 -10.68
CA GLU A 37 1.95 -2.37 -9.78
C GLU A 37 2.65 -2.37 -8.42
N ILE A 38 2.73 -1.20 -7.81
CA ILE A 38 3.37 -1.07 -6.50
C ILE A 38 2.34 -1.25 -5.39
N HIS A 39 1.23 -0.53 -5.49
CA HIS A 39 0.19 -0.61 -4.48
C HIS A 39 -0.49 -1.97 -4.51
N TRP A 40 -1.56 -2.05 -5.28
CA TRP A 40 -2.33 -3.29 -5.38
C TRP A 40 -2.18 -3.89 -6.77
N TRP A 41 -2.05 -5.22 -6.82
CA TRP A 41 -1.90 -5.94 -8.08
C TRP A 41 -3.19 -5.88 -8.88
N ARG A 42 -3.32 -6.76 -9.88
CA ARG A 42 -4.51 -6.82 -10.70
C ARG A 42 -4.75 -8.27 -11.12
N VAL A 43 -5.66 -8.94 -10.43
CA VAL A 43 -5.95 -10.35 -10.71
C VAL A 43 -7.33 -10.53 -11.31
N GLN A 44 -7.56 -11.69 -11.92
CA GLN A 44 -8.87 -11.97 -12.52
C GLN A 44 -9.31 -13.37 -12.15
N ASP A 45 -10.37 -13.45 -11.36
CA ASP A 45 -10.88 -14.76 -10.93
C ASP A 45 -11.42 -15.54 -12.13
N LYS A 46 -11.32 -16.86 -12.05
CA LYS A 46 -11.80 -17.72 -13.12
C LYS A 46 -13.27 -17.45 -13.40
N ASN A 47 -13.90 -16.66 -12.53
CA ASN A 47 -15.31 -16.32 -12.69
C ASN A 47 -15.47 -15.01 -13.46
N GLY A 48 -14.36 -14.28 -13.59
CA GLY A 48 -14.39 -13.01 -14.30
C GLY A 48 -14.44 -11.84 -13.34
N HIS A 49 -13.80 -11.98 -12.18
CA HIS A 49 -13.78 -10.92 -11.19
C HIS A 49 -12.50 -10.13 -11.31
N GLU A 50 -12.55 -9.05 -12.06
CA GLU A 50 -11.38 -8.20 -12.24
C GLU A 50 -11.38 -7.03 -11.26
N GLY A 51 -10.33 -6.95 -10.44
CA GLY A 51 -10.22 -5.86 -9.46
C GLY A 51 -8.84 -5.84 -8.84
N TYR A 52 -8.54 -4.76 -8.12
CA TYR A 52 -7.23 -4.63 -7.49
C TYR A 52 -7.13 -5.53 -6.28
N ALA A 53 -5.95 -6.14 -6.10
CA ALA A 53 -5.74 -7.04 -4.97
C ALA A 53 -4.53 -6.59 -4.15
N PRO A 54 -4.48 -6.96 -2.89
CA PRO A 54 -3.36 -6.58 -1.99
C PRO A 54 -2.03 -7.16 -2.45
N SER A 55 -0.93 -6.50 -2.08
CA SER A 55 0.40 -6.95 -2.46
C SER A 55 0.95 -7.92 -1.42
N SER A 56 0.41 -7.84 -0.20
CA SER A 56 0.87 -8.72 0.87
C SER A 56 0.07 -10.01 0.89
N TYR A 57 -1.24 -9.90 0.98
CA TYR A 57 -2.11 -11.06 0.97
C TYR A 57 -2.07 -11.72 -0.37
N LEU A 58 -0.87 -11.79 -0.92
CA LEU A 58 -0.69 -12.44 -2.22
C LEU A 58 0.76 -12.72 -2.53
N VAL A 59 1.00 -13.76 -3.33
CA VAL A 59 2.39 -14.10 -3.72
C VAL A 59 2.39 -14.89 -5.01
N GLU A 60 3.44 -14.72 -5.81
CA GLU A 60 3.53 -15.43 -7.09
C GLU A 60 4.01 -16.85 -6.86
N LYS A 61 3.28 -17.78 -7.45
CA LYS A 61 3.62 -19.20 -7.32
C LYS A 61 4.96 -19.49 -8.00
N SER A 62 5.19 -18.84 -9.13
CA SER A 62 6.43 -19.02 -9.88
C SER A 62 6.63 -20.50 -10.23
N PRO A 63 7.51 -20.78 -11.14
CA PRO A 63 7.83 -22.18 -11.58
C PRO A 63 8.62 -22.94 -10.51
N ASN B 3 6.12 22.50 3.22
CA ASN B 3 4.95 22.88 4.08
C ASN B 3 5.30 22.59 5.53
N ASN B 4 4.34 22.84 6.42
CA ASN B 4 4.56 22.60 7.85
C ASN B 4 3.99 21.25 8.26
N LEU B 5 4.61 20.18 7.76
CA LEU B 5 4.16 18.83 8.07
C LEU B 5 4.64 18.42 9.46
N GLU B 6 5.62 19.14 9.97
CA GLU B 6 6.17 18.85 11.29
C GLU B 6 5.05 18.82 12.34
N THR B 7 3.88 19.30 11.95
CA THR B 7 2.74 19.34 12.86
C THR B 7 2.10 17.97 12.99
N TYR B 8 2.18 17.17 11.93
CA TYR B 8 1.60 15.83 11.94
C TYR B 8 2.58 14.83 12.54
N GLU B 9 2.22 13.56 12.48
CA GLU B 9 3.06 12.50 13.04
C GLU B 9 3.79 11.75 11.93
N TRP B 10 3.01 11.27 10.97
CA TRP B 10 3.57 10.49 9.87
C TRP B 10 4.77 11.21 9.26
N TYR B 11 4.87 12.50 9.52
CA TYR B 11 5.97 13.30 8.97
C TYR B 11 7.20 13.20 9.85
N ASN B 12 8.32 12.81 9.25
CA ASN B 12 9.58 12.70 9.98
C ASN B 12 10.76 12.90 9.03
N LYS B 13 11.43 14.02 9.17
CA LYS B 13 12.59 14.35 8.33
C LYS B 13 13.89 13.91 9.01
N SER B 14 13.94 14.06 10.32
CA SER B 14 15.13 13.69 11.09
C SER B 14 15.44 12.20 10.90
N ILE B 15 14.41 11.43 10.61
CA ILE B 15 14.58 9.98 10.42
C ILE B 15 14.99 9.68 8.99
N SER B 16 15.87 8.71 8.82
CA SER B 16 16.34 8.31 7.50
C SER B 16 15.54 7.12 6.99
N ARG B 17 15.63 6.86 5.69
CA ARG B 17 14.90 5.77 5.09
C ARG B 17 15.27 4.45 5.75
N ASP B 18 16.56 4.24 5.95
CA ASP B 18 17.03 3.01 6.57
C ASP B 18 16.48 2.88 7.99
N LYS B 19 16.43 4.00 8.70
CA LYS B 19 15.93 3.99 10.06
C LYS B 19 14.41 3.85 10.06
N ALA B 20 13.79 4.30 8.99
CA ALA B 20 12.33 4.24 8.87
C ALA B 20 11.87 2.79 8.75
N GLU B 21 12.81 1.90 8.47
CA GLU B 21 12.49 0.48 8.33
C GLU B 21 12.59 -0.25 9.67
N LYS B 22 13.61 0.09 10.45
CA LYS B 22 13.81 -0.55 11.75
C LYS B 22 12.93 0.11 12.81
N LEU B 23 12.79 1.42 12.70
CA LEU B 23 12.00 2.16 13.67
C LEU B 23 10.56 1.65 13.70
N LEU B 24 9.99 1.47 12.52
CA LEU B 24 8.62 0.98 12.41
C LEU B 24 8.52 -0.42 12.97
N LEU B 25 9.56 -1.21 12.73
CA LEU B 25 9.56 -2.58 13.21
C LEU B 25 9.44 -2.61 14.73
N ASP B 26 9.96 -1.59 15.39
CA ASP B 26 9.90 -1.52 16.84
C ASP B 26 8.46 -1.39 17.30
N THR B 27 7.64 -0.68 16.53
CA THR B 27 6.24 -0.50 16.88
C THR B 27 5.58 -1.84 17.17
N GLY B 28 5.82 -2.81 16.29
CA GLY B 28 5.25 -4.14 16.46
C GLY B 28 3.73 -4.10 16.46
N LYS B 29 3.17 -3.35 15.51
CA LYS B 29 1.71 -3.24 15.40
C LYS B 29 1.28 -3.36 13.94
N GLU B 30 0.09 -3.92 13.73
CA GLU B 30 -0.44 -4.08 12.38
C GLU B 30 -1.13 -2.80 11.93
N GLY B 31 -0.67 -2.26 10.81
CA GLY B 31 -1.25 -1.02 10.27
C GLY B 31 -0.29 0.14 10.48
N ALA B 32 0.74 -0.06 11.30
CA ALA B 32 1.72 0.98 11.57
C ALA B 32 2.11 1.66 10.28
N PHE B 33 1.62 2.89 10.09
CA PHE B 33 1.92 3.66 8.88
C PHE B 33 2.57 5.00 9.21
N MET B 34 3.57 5.38 8.43
CA MET B 34 4.25 6.65 8.64
C MET B 34 4.69 7.23 7.30
N VAL B 35 5.14 8.49 7.31
CA VAL B 35 5.61 9.15 6.11
C VAL B 35 7.03 9.67 6.30
N ARG B 36 7.75 9.81 5.20
CA ARG B 36 9.12 10.30 5.24
C ARG B 36 9.39 11.22 4.05
N ASP B 37 9.66 12.50 4.34
CA ASP B 37 9.93 13.47 3.30
C ASP B 37 10.95 12.91 2.31
N SER B 38 10.50 12.70 1.07
CA SER B 38 11.37 12.17 0.03
C SER B 38 12.16 13.29 -0.63
N ARG B 39 12.93 12.96 -1.65
CA ARG B 39 13.73 13.94 -2.37
C ARG B 39 12.82 14.96 -3.04
N THR B 40 11.71 14.48 -3.61
CA THR B 40 10.79 15.37 -4.30
C THR B 40 9.94 16.14 -3.29
N PRO B 41 9.86 17.45 -3.41
CA PRO B 41 9.07 18.30 -2.47
C PRO B 41 7.57 18.16 -2.68
N GLY B 42 7.18 17.73 -3.88
CA GLY B 42 5.77 17.56 -4.21
C GLY B 42 5.35 16.12 -4.05
N THR B 43 6.21 15.31 -3.44
CA THR B 43 5.92 13.91 -3.23
C THR B 43 6.82 13.33 -2.14
N TYR B 44 6.21 12.91 -1.05
CA TYR B 44 6.96 12.32 0.07
C TYR B 44 6.96 10.81 -0.04
N THR B 45 7.20 10.12 1.07
CA THR B 45 7.24 8.66 1.07
C THR B 45 6.38 8.13 2.20
N VAL B 46 5.53 7.17 1.88
CA VAL B 46 4.64 6.58 2.89
C VAL B 46 5.20 5.25 3.41
N SER B 47 5.94 5.31 4.51
CA SER B 47 6.51 4.11 5.11
C SER B 47 5.42 3.31 5.80
N VAL B 48 4.92 2.27 5.11
CA VAL B 48 3.85 1.44 5.66
C VAL B 48 4.41 0.12 6.18
N PHE B 49 4.24 -0.10 7.48
CA PHE B 49 4.71 -1.33 8.11
C PHE B 49 3.53 -2.17 8.58
N THR B 50 3.53 -3.45 8.19
CA THR B 50 2.48 -4.36 8.59
C THR B 50 2.99 -5.79 8.59
N LYS B 51 2.57 -6.58 9.59
CA LYS B 51 2.98 -7.96 9.69
C LYS B 51 2.23 -8.81 8.66
N ALA B 52 2.82 -8.96 7.48
CA ALA B 52 2.20 -9.75 6.41
C ALA B 52 3.26 -10.36 5.51
N ILE B 53 2.87 -10.76 4.30
CA ILE B 53 3.80 -11.35 3.36
C ILE B 53 4.36 -12.64 3.92
N ILE B 54 4.59 -13.61 3.04
CA ILE B 54 5.13 -14.91 3.45
C ILE B 54 6.63 -14.98 3.19
N SER B 55 7.06 -14.38 2.09
CA SER B 55 8.47 -14.39 1.72
C SER B 55 9.32 -13.71 2.78
N GLU B 56 8.86 -12.56 3.26
CA GLU B 56 9.58 -11.81 4.26
C GLU B 56 8.62 -11.13 5.20
N ASN B 57 8.65 -11.53 6.46
CA ASN B 57 7.78 -10.93 7.46
C ASN B 57 8.52 -10.73 8.79
N PRO B 58 8.43 -9.56 9.40
CA PRO B 58 7.65 -8.40 8.86
C PRO B 58 8.33 -7.79 7.64
N CYS B 59 7.67 -6.83 7.02
CA CYS B 59 8.21 -6.17 5.83
C CYS B 59 7.76 -4.72 5.80
N ILE B 60 8.60 -3.87 5.23
CA ILE B 60 8.29 -2.44 5.14
C ILE B 60 7.89 -2.06 3.72
N LYS B 61 6.70 -1.49 3.58
CA LYS B 61 6.22 -1.07 2.27
C LYS B 61 6.24 0.44 2.15
N HIS B 62 6.91 0.93 1.11
CA HIS B 62 7.01 2.37 0.88
C HIS B 62 6.24 2.78 -0.37
N TYR B 63 5.10 3.45 -0.16
CA TYR B 63 4.27 3.90 -1.28
C TYR B 63 4.49 5.38 -1.51
N HIS B 64 5.31 5.70 -2.51
CA HIS B 64 5.61 7.09 -2.82
C HIS B 64 4.35 7.82 -3.28
N ILE B 65 4.17 9.03 -2.76
CA ILE B 65 3.01 9.83 -3.14
C ILE B 65 3.11 10.23 -4.61
N LYS B 66 2.13 9.80 -5.40
CA LYS B 66 2.10 10.12 -6.83
C LYS B 66 2.05 11.62 -7.04
N GLU B 67 1.99 12.02 -8.30
CA GLU B 67 1.94 13.45 -8.63
C GLU B 67 1.42 13.64 -10.05
N THR B 68 0.17 14.06 -10.17
CA THR B 68 -0.44 14.29 -11.48
C THR B 68 -1.12 15.64 -11.51
N ASN B 69 -0.33 16.70 -11.62
CA ASN B 69 -0.88 18.05 -11.66
C ASN B 69 -2.05 18.14 -12.63
N ASP B 70 -3.26 17.93 -12.10
CA ASP B 70 -4.47 18.01 -12.92
C ASP B 70 -4.95 19.46 -13.03
N SER B 71 -5.66 19.93 -12.01
CA SER B 71 -6.17 21.28 -11.97
C SER B 71 -6.87 21.55 -10.64
N PRO B 72 -6.19 21.31 -9.54
CA PRO B 72 -4.83 20.77 -9.50
C PRO B 72 -4.83 19.24 -9.41
N LYS B 73 -5.15 18.73 -8.22
CA LYS B 73 -5.20 17.29 -8.02
C LYS B 73 -3.95 16.62 -8.58
N ARG B 74 -3.08 16.19 -7.69
CA ARG B 74 -1.82 15.54 -8.09
C ARG B 74 -1.42 14.45 -7.12
N TYR B 75 -1.64 14.70 -5.83
CA TYR B 75 -1.26 13.74 -4.81
C TYR B 75 -2.29 12.64 -4.69
N TYR B 76 -1.82 11.40 -4.75
CA TYR B 76 -2.71 10.26 -4.63
C TYR B 76 -1.91 8.96 -4.65
N VAL B 77 -2.49 7.89 -4.13
CA VAL B 77 -1.83 6.59 -4.14
C VAL B 77 -2.86 5.47 -4.15
N ALA B 78 -3.47 5.25 -5.31
CA ALA B 78 -4.48 4.20 -5.45
C ALA B 78 -5.31 4.42 -6.71
N GLU B 79 -5.00 5.49 -7.44
CA GLU B 79 -5.73 5.81 -8.65
C GLU B 79 -7.21 5.98 -8.35
N LYS B 80 -7.56 5.89 -7.07
CA LYS B 80 -8.95 6.04 -6.66
C LYS B 80 -9.32 7.52 -6.57
N TYR B 81 -8.82 8.19 -5.53
CA TYR B 81 -9.12 9.61 -5.34
C TYR B 81 -7.82 10.41 -5.28
N VAL B 82 -7.84 11.61 -5.86
CA VAL B 82 -6.67 12.47 -5.87
C VAL B 82 -6.84 13.61 -4.89
N PHE B 83 -5.79 13.88 -4.11
CA PHE B 83 -5.84 14.95 -3.11
C PHE B 83 -4.89 16.08 -3.50
N ASP B 84 -5.02 17.21 -2.80
CA ASP B 84 -4.18 18.37 -3.07
C ASP B 84 -3.43 18.79 -1.82
N SER B 85 -3.40 17.90 -0.84
CA SER B 85 -2.71 18.20 0.38
C SER B 85 -2.42 16.96 1.15
N ILE B 86 -1.46 16.15 0.65
CA ILE B 86 -1.04 14.89 1.31
C ILE B 86 -1.85 14.66 2.58
N PRO B 87 -1.75 15.55 3.56
CA PRO B 87 -2.53 15.45 4.81
C PRO B 87 -3.94 14.88 4.57
N LEU B 88 -4.45 15.07 3.36
CA LEU B 88 -5.79 14.58 3.02
C LEU B 88 -5.75 13.12 2.63
N LEU B 89 -4.55 12.61 2.44
CA LEU B 89 -4.33 11.22 2.09
C LEU B 89 -4.20 10.38 3.35
N ILE B 90 -3.82 11.01 4.44
CA ILE B 90 -3.66 10.28 5.70
C ILE B 90 -4.96 10.27 6.48
N GLN B 91 -5.95 11.00 5.99
CA GLN B 91 -7.25 11.07 6.66
C GLN B 91 -8.23 10.09 6.02
N TYR B 92 -8.38 10.17 4.71
CA TYR B 92 -9.30 9.29 4.01
C TYR B 92 -8.86 7.83 4.13
N HIS B 93 -7.55 7.61 4.14
CA HIS B 93 -7.01 6.26 4.21
C HIS B 93 -6.98 5.78 5.66
N GLN B 94 -6.91 6.71 6.59
CA GLN B 94 -6.87 6.36 8.00
C GLN B 94 -7.92 5.34 8.33
N TYR B 95 -8.92 5.23 7.47
CA TYR B 95 -9.99 4.27 7.67
C TYR B 95 -10.43 3.69 6.35
N ASN B 96 -11.69 3.94 5.99
CA ASN B 96 -12.27 3.45 4.73
C ASN B 96 -11.42 2.33 4.13
N GLY B 97 -10.97 2.51 2.90
CA GLY B 97 -10.13 1.52 2.24
C GLY B 97 -9.65 2.03 0.89
N GLY B 98 -8.44 1.62 0.50
CA GLY B 98 -7.87 2.06 -0.75
C GLY B 98 -6.74 1.13 -1.19
N GLY B 99 -5.88 1.63 -2.07
CA GLY B 99 -4.76 0.83 -2.56
C GLY B 99 -3.75 0.56 -1.48
N LEU B 100 -4.21 0.40 -0.24
CA LEU B 100 -3.31 0.08 0.86
C LEU B 100 -3.63 -1.31 1.37
N VAL B 101 -2.62 -2.16 1.35
CA VAL B 101 -2.76 -3.53 1.81
C VAL B 101 -2.80 -3.61 3.33
N THR B 102 -3.58 -2.74 3.94
CA THR B 102 -3.69 -2.75 5.39
C THR B 102 -4.54 -1.57 5.85
N ARG B 103 -4.76 -0.61 4.96
CA ARG B 103 -5.56 0.56 5.29
C ARG B 103 -5.00 1.26 6.53
N LEU B 104 -4.48 2.47 6.33
CA LEU B 104 -3.90 3.22 7.43
C LEU B 104 -4.85 3.25 8.61
N ARG B 105 -4.35 2.92 9.80
CA ARG B 105 -5.18 2.91 11.00
C ARG B 105 -4.35 3.28 12.22
N TYR B 106 -3.09 2.85 12.24
CA TYR B 106 -2.21 3.12 13.37
C TYR B 106 -1.04 4.02 12.95
N PRO B 107 -1.08 5.29 13.28
CA PRO B 107 0.01 6.23 12.94
C PRO B 107 1.19 6.09 13.89
N VAL B 108 2.39 6.42 13.40
CA VAL B 108 3.60 6.33 14.21
C VAL B 108 4.34 7.66 14.20
N CYS B 109 4.84 8.07 15.37
CA CYS B 109 5.59 9.32 15.50
C CYS B 109 7.01 9.04 15.97
N GLY B 110 7.88 10.02 15.76
CA GLY B 110 9.29 9.88 16.16
C GLY B 110 9.44 10.13 17.65
N GLY A 1 11.57 -18.51 -14.28
CA GLY A 1 10.13 -18.39 -14.60
C GLY A 1 9.74 -16.92 -14.70
N SER A 2 9.66 -16.42 -15.93
CA SER A 2 9.30 -15.03 -16.17
C SER A 2 8.91 -14.81 -17.63
N PRO A 3 7.83 -15.40 -18.06
CA PRO A 3 7.33 -15.28 -19.45
C PRO A 3 6.64 -13.94 -19.70
N GLU A 4 5.39 -13.83 -19.24
CA GLU A 4 4.63 -12.60 -19.42
C GLU A 4 3.82 -12.29 -18.17
N GLU A 5 3.19 -13.31 -17.61
CA GLU A 5 2.35 -13.16 -16.41
C GLU A 5 2.74 -14.18 -15.35
N THR A 6 2.22 -13.99 -14.14
CA THR A 6 2.51 -14.91 -13.04
C THR A 6 1.25 -15.19 -12.24
N LEU A 7 1.31 -16.20 -11.37
CA LEU A 7 0.16 -16.54 -10.53
C LEU A 7 0.49 -16.20 -9.08
N VAL A 8 -0.52 -15.80 -8.32
CA VAL A 8 -0.33 -15.43 -6.92
C VAL A 8 -1.33 -16.18 -6.05
N ILE A 9 -1.18 -16.07 -4.73
CA ILE A 9 -2.06 -16.75 -3.79
C ILE A 9 -2.22 -15.93 -2.52
N ALA A 10 -3.34 -16.10 -1.83
CA ALA A 10 -3.61 -15.37 -0.60
C ALA A 10 -2.93 -16.07 0.59
N LEU A 11 -2.03 -15.34 1.26
CA LEU A 11 -1.33 -15.91 2.40
C LEU A 11 -2.24 -15.93 3.62
N TYR A 12 -2.92 -14.82 3.89
CA TYR A 12 -3.82 -14.73 5.04
C TYR A 12 -5.26 -14.52 4.57
N ASP A 13 -6.21 -14.86 5.44
CA ASP A 13 -7.61 -14.71 5.10
C ASP A 13 -7.97 -13.23 4.98
N TYR A 14 -8.75 -12.89 3.95
CA TYR A 14 -9.16 -11.52 3.72
C TYR A 14 -10.57 -11.48 3.13
N GLN A 15 -11.25 -10.34 3.31
CA GLN A 15 -12.61 -10.18 2.80
C GLN A 15 -12.73 -8.88 2.01
N THR A 16 -13.53 -8.92 0.96
CA THR A 16 -13.73 -7.74 0.12
C THR A 16 -14.27 -6.58 0.94
N ASN A 17 -13.62 -5.44 0.82
CA ASN A 17 -14.03 -4.24 1.53
C ASN A 17 -15.01 -3.43 0.69
N ASP A 18 -14.91 -3.59 -0.63
CA ASP A 18 -15.80 -2.85 -1.54
C ASP A 18 -15.96 -3.61 -2.86
N PRO A 19 -16.90 -3.21 -3.67
CA PRO A 19 -17.14 -3.85 -5.00
C PRO A 19 -15.86 -3.97 -5.83
N GLN A 20 -15.02 -2.94 -5.76
CA GLN A 20 -13.78 -2.94 -6.52
C GLN A 20 -12.84 -4.04 -6.02
N GLU A 21 -12.75 -4.18 -4.71
CA GLU A 21 -11.89 -5.19 -4.12
C GLU A 21 -12.44 -6.58 -4.39
N LEU A 22 -11.54 -7.52 -4.66
CA LEU A 22 -11.94 -8.90 -4.93
C LEU A 22 -11.74 -9.76 -3.68
N ALA A 23 -12.82 -10.38 -3.23
CA ALA A 23 -12.77 -11.24 -2.06
C ALA A 23 -11.74 -12.33 -2.25
N LEU A 24 -11.04 -12.69 -1.17
CA LEU A 24 -10.01 -13.72 -1.22
C LEU A 24 -10.34 -14.85 -0.24
N ARG A 25 -9.40 -15.78 -0.05
CA ARG A 25 -9.61 -16.90 0.84
C ARG A 25 -8.42 -17.84 0.77
N CYS A 26 -7.88 -18.20 1.91
CA CYS A 26 -6.73 -19.12 1.95
C CYS A 26 -6.88 -20.23 0.90
N ASP A 27 -5.76 -20.85 0.55
CA ASP A 27 -5.75 -21.92 -0.42
C ASP A 27 -6.44 -21.50 -1.70
N GLU A 28 -6.35 -20.20 -2.03
CA GLU A 28 -6.98 -19.67 -3.23
C GLU A 28 -5.93 -18.97 -4.09
N GLU A 29 -5.76 -19.46 -5.31
CA GLU A 29 -4.82 -18.89 -6.26
C GLU A 29 -5.55 -18.23 -7.42
N TYR A 30 -4.92 -17.22 -7.99
CA TYR A 30 -5.50 -16.50 -9.11
C TYR A 30 -4.43 -16.20 -10.13
N TYR A 31 -4.59 -15.09 -10.87
CA TYR A 31 -3.59 -14.68 -11.87
C TYR A 31 -3.13 -13.27 -11.57
N LEU A 32 -2.26 -12.71 -12.42
CA LEU A 32 -1.77 -11.35 -12.24
C LEU A 32 -1.93 -10.57 -13.54
N LEU A 33 -2.63 -9.45 -13.48
CA LEU A 33 -2.87 -8.63 -14.66
C LEU A 33 -2.16 -7.28 -14.52
N ASP A 34 -1.95 -6.82 -13.28
CA ASP A 34 -1.27 -5.55 -13.08
C ASP A 34 -0.33 -5.64 -11.88
N SER A 35 0.91 -6.05 -12.14
CA SER A 35 1.91 -6.17 -11.07
C SER A 35 2.75 -4.91 -10.99
N SER A 36 2.55 -4.02 -11.95
CA SER A 36 3.28 -2.75 -11.99
C SER A 36 2.90 -1.87 -10.81
N GLU A 37 1.61 -1.90 -10.45
CA GLU A 37 1.13 -1.11 -9.34
C GLU A 37 1.80 -1.53 -8.04
N ILE A 38 1.88 -0.62 -7.08
CA ILE A 38 2.50 -0.91 -5.80
C ILE A 38 1.46 -1.21 -4.73
N HIS A 39 0.26 -0.67 -4.92
CA HIS A 39 -0.82 -0.85 -3.96
C HIS A 39 -1.46 -2.23 -4.13
N TRP A 40 -2.28 -2.37 -5.16
CA TRP A 40 -2.98 -3.62 -5.42
C TRP A 40 -2.48 -4.26 -6.70
N TRP A 41 -2.63 -5.59 -6.80
CA TRP A 41 -2.19 -6.31 -7.98
C TRP A 41 -3.33 -7.09 -8.53
N ARG A 42 -4.07 -6.49 -9.49
CA ARG A 42 -5.24 -7.11 -10.09
C ARG A 42 -5.17 -8.64 -10.03
N VAL A 43 -6.30 -9.27 -10.15
CA VAL A 43 -6.33 -10.72 -10.11
C VAL A 43 -7.58 -11.26 -10.77
N GLN A 44 -7.52 -12.52 -11.20
CA GLN A 44 -8.66 -13.16 -11.84
C GLN A 44 -8.95 -14.51 -11.19
N ASP A 45 -10.11 -14.64 -10.54
CA ASP A 45 -10.46 -15.89 -9.89
C ASP A 45 -11.05 -16.86 -10.89
N LYS A 46 -10.71 -18.13 -10.76
CA LYS A 46 -11.21 -19.15 -11.67
C LYS A 46 -12.71 -18.98 -11.87
N ASN A 47 -13.36 -18.35 -10.88
CA ASN A 47 -14.80 -18.12 -10.95
C ASN A 47 -15.13 -17.10 -12.03
N GLY A 48 -14.17 -16.22 -12.32
CA GLY A 48 -14.35 -15.19 -13.34
C GLY A 48 -14.29 -13.81 -12.73
N HIS A 49 -14.19 -13.75 -11.40
CA HIS A 49 -14.16 -12.49 -10.69
C HIS A 49 -13.08 -11.60 -11.26
N GLU A 50 -12.74 -10.53 -10.54
CA GLU A 50 -11.73 -9.58 -11.01
C GLU A 50 -11.81 -8.28 -10.21
N GLY A 51 -10.75 -7.96 -9.49
CA GLY A 51 -10.73 -6.74 -8.70
C GLY A 51 -9.36 -6.52 -8.08
N TYR A 52 -9.20 -5.39 -7.39
CA TYR A 52 -7.93 -5.07 -6.75
C TYR A 52 -7.83 -5.77 -5.40
N ALA A 53 -6.86 -6.68 -5.27
CA ALA A 53 -6.66 -7.43 -4.02
C ALA A 53 -5.33 -7.08 -3.39
N PRO A 54 -5.25 -7.18 -2.08
CA PRO A 54 -4.03 -6.78 -1.31
C PRO A 54 -2.75 -7.41 -1.88
N SER A 55 -1.86 -6.57 -2.36
CA SER A 55 -0.60 -7.04 -2.95
C SER A 55 0.24 -7.79 -1.92
N SER A 56 0.33 -7.24 -0.73
CA SER A 56 1.12 -7.86 0.31
C SER A 56 0.63 -9.30 0.59
N TYR A 57 -0.68 -9.47 0.65
CA TYR A 57 -1.25 -10.78 0.90
C TYR A 57 -1.00 -11.69 -0.28
N LEU A 58 -0.49 -11.11 -1.37
CA LEU A 58 -0.23 -11.87 -2.58
C LEU A 58 1.26 -12.07 -2.79
N VAL A 59 1.63 -13.10 -3.55
CA VAL A 59 3.05 -13.33 -3.84
C VAL A 59 3.16 -14.21 -5.08
N GLU A 60 3.95 -13.76 -6.05
CA GLU A 60 4.12 -14.52 -7.29
C GLU A 60 4.58 -15.93 -6.99
N LYS A 61 3.84 -16.88 -7.53
CA LYS A 61 4.16 -18.29 -7.32
C LYS A 61 5.56 -18.61 -7.85
N SER A 62 5.89 -18.04 -9.00
CA SER A 62 7.20 -18.25 -9.61
C SER A 62 7.35 -19.71 -10.06
N PRO A 63 6.58 -20.11 -11.02
CA PRO A 63 6.61 -21.50 -11.56
C PRO A 63 7.79 -21.72 -12.51
N ASN B 3 5.16 22.90 4.61
CA ASN B 3 3.81 22.81 5.25
C ASN B 3 3.97 22.49 6.73
N ASN B 4 5.20 22.62 7.24
CA ASN B 4 5.46 22.36 8.64
C ASN B 4 4.85 21.03 9.06
N LEU B 5 5.11 19.99 8.30
CA LEU B 5 4.59 18.67 8.60
C LEU B 5 5.09 18.18 9.94
N GLU B 6 6.20 18.75 10.39
CA GLU B 6 6.78 18.36 11.66
C GLU B 6 5.70 18.31 12.75
N THR B 7 4.54 18.90 12.45
CA THR B 7 3.44 18.91 13.40
C THR B 7 2.79 17.54 13.49
N TYR B 8 2.77 16.82 12.37
CA TYR B 8 2.17 15.50 12.33
C TYR B 8 3.13 14.45 12.90
N GLU B 9 2.69 13.19 12.89
CA GLU B 9 3.51 12.11 13.41
C GLU B 9 4.13 11.27 12.30
N TRP B 10 3.33 10.97 11.29
CA TRP B 10 3.78 10.17 10.18
C TRP B 10 4.97 10.84 9.48
N TYR B 11 5.03 12.17 9.55
CA TYR B 11 6.10 12.91 8.91
C TYR B 11 7.37 12.86 9.74
N ASN B 12 8.43 12.33 9.17
CA ASN B 12 9.71 12.24 9.87
C ASN B 12 10.87 12.35 8.89
N LYS B 13 11.56 13.49 8.92
CA LYS B 13 12.70 13.72 8.04
C LYS B 13 14.00 13.29 8.70
N SER B 14 14.09 13.51 10.00
CA SER B 14 15.28 13.14 10.75
C SER B 14 15.55 11.66 10.63
N ILE B 15 14.50 10.88 10.41
CA ILE B 15 14.63 9.43 10.27
C ILE B 15 14.79 9.04 8.80
N SER B 16 15.77 8.18 8.52
CA SER B 16 16.01 7.74 7.14
C SER B 16 15.18 6.50 6.85
N ARG B 17 15.17 6.09 5.59
CA ARG B 17 14.41 4.92 5.17
C ARG B 17 14.87 3.68 5.93
N ASP B 18 16.17 3.53 6.08
CA ASP B 18 16.72 2.38 6.78
C ASP B 18 16.14 2.28 8.19
N LYS B 19 16.05 3.41 8.87
CA LYS B 19 15.52 3.42 10.22
C LYS B 19 14.00 3.35 10.19
N ALA B 20 13.41 3.79 9.08
CA ALA B 20 11.96 3.77 8.94
C ALA B 20 11.46 2.32 8.89
N GLU B 21 12.19 1.48 8.16
CA GLU B 21 11.82 0.08 8.04
C GLU B 21 11.85 -0.60 9.41
N LYS B 22 12.78 -0.17 10.26
CA LYS B 22 12.89 -0.73 11.60
C LYS B 22 11.86 -0.12 12.53
N LEU B 23 11.88 1.20 12.63
CA LEU B 23 10.96 1.89 13.52
C LEU B 23 9.56 1.29 13.45
N LEU B 24 9.08 1.10 12.23
CA LEU B 24 7.76 0.52 12.03
C LEU B 24 7.73 -0.91 12.55
N LEU B 25 8.82 -1.63 12.35
CA LEU B 25 8.89 -3.01 12.79
C LEU B 25 8.66 -3.10 14.30
N ASP B 26 9.07 -2.07 15.02
CA ASP B 26 8.89 -2.03 16.47
C ASP B 26 7.41 -2.04 16.81
N THR B 27 6.61 -1.41 15.98
CA THR B 27 5.17 -1.34 16.22
C THR B 27 4.56 -2.73 16.25
N GLY B 28 4.88 -3.54 15.25
CA GLY B 28 4.37 -4.90 15.18
C GLY B 28 2.85 -4.91 15.15
N LYS B 29 2.26 -4.16 14.22
CA LYS B 29 0.81 -4.09 14.10
C LYS B 29 0.40 -4.03 12.63
N GLU B 30 -0.80 -4.51 12.34
CA GLU B 30 -1.31 -4.50 10.98
C GLU B 30 -1.96 -3.16 10.68
N GLY B 31 -1.45 -2.47 9.66
CA GLY B 31 -1.98 -1.17 9.27
C GLY B 31 -0.97 -0.06 9.58
N ALA B 32 0.02 -0.38 10.39
CA ALA B 32 1.05 0.59 10.74
C ALA B 32 1.50 1.35 9.51
N PHE B 33 1.06 2.60 9.42
CA PHE B 33 1.42 3.46 8.27
C PHE B 33 2.16 4.70 8.74
N MET B 34 3.21 5.08 8.03
CA MET B 34 3.98 6.27 8.37
C MET B 34 4.45 6.97 7.10
N VAL B 35 5.06 8.14 7.25
CA VAL B 35 5.58 8.91 6.14
C VAL B 35 7.04 9.28 6.38
N ARG B 36 7.75 9.51 5.28
CA ARG B 36 9.16 9.88 5.35
C ARG B 36 9.47 10.96 4.31
N ASP B 37 9.88 12.12 4.78
CA ASP B 37 10.23 13.23 3.89
C ASP B 37 11.13 12.74 2.77
N SER B 38 11.05 13.39 1.62
CA SER B 38 11.86 13.03 0.46
C SER B 38 12.67 14.22 -0.04
N ARG B 39 13.78 13.94 -0.70
CA ARG B 39 14.64 14.99 -1.22
C ARG B 39 13.90 15.82 -2.23
N THR B 40 13.06 15.17 -3.02
CA THR B 40 12.29 15.86 -4.05
C THR B 40 11.75 17.19 -3.52
N PRO B 41 11.45 18.12 -4.40
CA PRO B 41 10.87 19.42 -4.00
C PRO B 41 9.58 19.25 -3.19
N GLY B 42 8.82 18.20 -3.52
CA GLY B 42 7.58 17.93 -2.82
C GLY B 42 7.02 16.57 -3.18
N THR B 43 7.61 15.53 -2.62
CA THR B 43 7.16 14.18 -2.89
C THR B 43 7.62 13.21 -1.81
N TYR B 44 7.12 13.39 -0.60
CA TYR B 44 7.48 12.53 0.52
C TYR B 44 7.21 11.08 0.19
N THR B 45 7.27 10.21 1.19
CA THR B 45 7.04 8.78 0.95
C THR B 45 6.20 8.23 2.08
N VAL B 46 5.28 7.33 1.75
CA VAL B 46 4.41 6.72 2.76
C VAL B 46 4.94 5.34 3.14
N SER B 47 5.56 5.24 4.33
CA SER B 47 6.08 3.95 4.80
C SER B 47 4.94 3.11 5.32
N VAL B 48 4.61 2.04 4.61
CA VAL B 48 3.50 1.17 5.01
C VAL B 48 4.00 -0.17 5.51
N PHE B 49 3.78 -0.42 6.79
CA PHE B 49 4.22 -1.67 7.41
C PHE B 49 3.01 -2.53 7.78
N THR B 50 3.06 -3.80 7.38
CA THR B 50 1.98 -4.72 7.70
C THR B 50 2.47 -6.16 7.54
N LYS B 51 2.58 -6.86 8.67
CA LYS B 51 3.03 -8.25 8.65
C LYS B 51 2.34 -9.02 7.53
N ALA B 52 2.94 -9.03 6.35
CA ALA B 52 2.38 -9.72 5.20
C ALA B 52 3.48 -10.32 4.33
N ILE B 53 3.10 -10.80 3.15
CA ILE B 53 4.06 -11.40 2.22
C ILE B 53 4.72 -12.61 2.86
N ILE B 54 5.00 -13.62 2.05
CA ILE B 54 5.63 -14.84 2.55
C ILE B 54 7.13 -14.83 2.25
N SER B 55 7.48 -14.28 1.09
CA SER B 55 8.89 -14.22 0.69
C SER B 55 9.72 -13.48 1.72
N GLU B 56 9.20 -12.35 2.19
CA GLU B 56 9.90 -11.55 3.18
C GLU B 56 8.92 -10.96 4.16
N ASN B 57 8.92 -11.50 5.39
CA ASN B 57 8.01 -11.01 6.42
C ASN B 57 8.79 -10.63 7.69
N PRO B 58 8.55 -9.46 8.26
CA PRO B 58 7.57 -8.46 7.75
C PRO B 58 8.09 -7.79 6.47
N CYS B 59 7.30 -6.88 5.93
CA CYS B 59 7.68 -6.17 4.72
C CYS B 59 7.14 -4.76 4.76
N ILE B 60 7.90 -3.83 4.20
CA ILE B 60 7.52 -2.42 4.21
C ILE B 60 7.09 -1.97 2.82
N LYS B 61 5.87 -1.47 2.72
CA LYS B 61 5.34 -0.98 1.44
C LYS B 61 5.40 0.53 1.41
N HIS B 62 6.08 1.02 0.39
CA HIS B 62 6.22 2.47 0.21
C HIS B 62 5.35 2.99 -0.92
N TYR B 63 4.17 3.53 -0.57
CA TYR B 63 3.26 4.07 -1.56
C TYR B 63 3.65 5.49 -1.91
N HIS B 64 4.86 5.64 -2.44
CA HIS B 64 5.37 6.96 -2.81
C HIS B 64 4.27 7.79 -3.46
N ILE B 65 3.86 8.85 -2.79
CA ILE B 65 2.81 9.71 -3.31
C ILE B 65 3.14 10.13 -4.74
N LYS B 66 2.20 9.85 -5.65
CA LYS B 66 2.38 10.21 -7.05
C LYS B 66 2.03 11.68 -7.25
N GLU B 67 2.95 12.42 -7.88
CA GLU B 67 2.74 13.85 -8.13
C GLU B 67 2.18 14.07 -9.53
N THR B 68 0.96 14.60 -9.59
CA THR B 68 0.32 14.87 -10.88
C THR B 68 0.25 16.36 -11.12
N ASN B 69 1.31 17.07 -10.72
CA ASN B 69 1.40 18.52 -10.87
C ASN B 69 0.02 19.16 -10.89
N ASP B 70 -0.49 19.51 -9.70
CA ASP B 70 -1.80 20.12 -9.61
C ASP B 70 -2.06 21.06 -10.77
N SER B 71 -2.87 20.58 -11.69
CA SER B 71 -3.27 21.36 -12.84
C SER B 71 -4.72 21.04 -13.26
N PRO B 72 -5.60 20.72 -12.31
CA PRO B 72 -5.27 20.60 -10.89
C PRO B 72 -4.84 19.18 -10.56
N LYS B 73 -5.04 18.77 -9.32
CA LYS B 73 -4.70 17.43 -8.88
C LYS B 73 -3.20 17.13 -8.96
N ARG B 74 -2.57 16.91 -7.79
CA ARG B 74 -1.15 16.62 -7.74
C ARG B 74 -0.88 15.31 -6.98
N TYR B 75 -0.95 15.36 -5.65
CA TYR B 75 -0.68 14.18 -4.83
C TYR B 75 -1.85 13.22 -4.79
N TYR B 76 -1.57 11.94 -5.03
CA TYR B 76 -2.60 10.94 -5.00
C TYR B 76 -1.97 9.54 -4.97
N VAL B 77 -2.76 8.53 -4.62
CA VAL B 77 -2.26 7.16 -4.62
C VAL B 77 -3.43 6.18 -4.67
N ALA B 78 -4.07 6.08 -5.83
CA ALA B 78 -5.19 5.17 -5.97
C ALA B 78 -5.90 5.41 -7.30
N GLU B 79 -5.44 6.43 -8.03
CA GLU B 79 -6.02 6.77 -9.31
C GLU B 79 -7.49 7.14 -9.14
N LYS B 80 -7.95 7.14 -7.89
CA LYS B 80 -9.34 7.48 -7.59
C LYS B 80 -9.49 8.98 -7.39
N TYR B 81 -8.98 9.48 -6.26
CA TYR B 81 -9.06 10.91 -5.95
C TYR B 81 -7.66 11.48 -5.73
N VAL B 82 -7.51 12.78 -5.99
CA VAL B 82 -6.23 13.44 -5.83
C VAL B 82 -6.32 14.53 -4.76
N PHE B 83 -5.19 14.82 -4.13
CA PHE B 83 -5.14 15.83 -3.08
C PHE B 83 -3.99 16.80 -3.31
N ASP B 84 -4.24 18.08 -3.06
CA ASP B 84 -3.23 19.11 -3.22
C ASP B 84 -2.32 19.14 -1.99
N SER B 85 -2.54 18.20 -1.08
CA SER B 85 -1.73 18.14 0.14
C SER B 85 -1.57 16.69 0.59
N ILE B 86 -0.67 16.45 1.53
CA ILE B 86 -0.42 15.11 2.05
C ILE B 86 -1.32 14.82 3.25
N PRO B 87 -1.51 15.78 4.12
CA PRO B 87 -2.36 15.60 5.33
C PRO B 87 -3.73 15.05 4.97
N LEU B 88 -4.23 15.36 3.78
CA LEU B 88 -5.54 14.88 3.36
C LEU B 88 -5.47 13.39 3.08
N LEU B 89 -4.61 13.01 2.16
CA LEU B 89 -4.47 11.62 1.80
C LEU B 89 -4.30 10.77 3.06
N ILE B 90 -3.97 11.43 4.16
CA ILE B 90 -3.80 10.73 5.44
C ILE B 90 -4.97 11.00 6.36
N GLN B 91 -5.79 11.98 5.98
CA GLN B 91 -6.96 12.34 6.77
C GLN B 91 -8.24 12.00 6.02
N TYR B 92 -8.12 11.26 4.93
CA TYR B 92 -9.28 10.82 4.16
C TYR B 92 -9.23 9.29 3.97
N HIS B 93 -8.05 8.69 4.17
CA HIS B 93 -7.90 7.23 4.00
C HIS B 93 -7.71 6.55 5.34
N GLN B 94 -7.51 7.34 6.37
CA GLN B 94 -7.34 6.78 7.69
C GLN B 94 -8.53 5.90 8.05
N TYR B 95 -9.55 5.93 7.21
CA TYR B 95 -10.75 5.12 7.45
C TYR B 95 -11.39 4.73 6.14
N ASN B 96 -12.61 5.21 5.91
CA ASN B 96 -13.36 4.92 4.67
C ASN B 96 -12.79 3.69 3.97
N GLY B 97 -12.31 3.87 2.75
CA GLY B 97 -11.72 2.77 1.99
C GLY B 97 -10.85 3.31 0.87
N GLY B 98 -9.53 3.25 1.04
CA GLY B 98 -8.60 3.74 0.04
C GLY B 98 -8.03 2.61 -0.78
N GLY B 99 -7.03 2.92 -1.59
CA GLY B 99 -6.40 1.91 -2.43
C GLY B 99 -5.04 1.50 -1.88
N LEU B 100 -5.04 0.91 -0.70
CA LEU B 100 -3.80 0.46 -0.05
C LEU B 100 -3.96 -0.94 0.53
N VAL B 101 -2.91 -1.73 0.44
CA VAL B 101 -2.98 -3.10 0.96
C VAL B 101 -3.68 -3.15 2.31
N THR B 102 -3.56 -2.07 3.07
CA THR B 102 -4.17 -2.00 4.40
C THR B 102 -4.75 -0.63 4.63
N ARG B 103 -6.02 -0.45 4.28
CA ARG B 103 -6.73 0.82 4.46
C ARG B 103 -6.12 1.62 5.61
N LEU B 104 -5.37 2.66 5.26
CA LEU B 104 -4.73 3.50 6.27
C LEU B 104 -5.67 3.72 7.45
N ARG B 105 -5.13 3.56 8.65
CA ARG B 105 -5.93 3.73 9.85
C ARG B 105 -5.06 3.62 11.09
N TYR B 106 -3.86 3.01 10.95
CA TYR B 106 -2.96 2.85 12.09
C TYR B 106 -1.69 3.70 11.90
N PRO B 107 -1.66 4.88 12.45
CA PRO B 107 -0.49 5.79 12.33
C PRO B 107 0.61 5.40 13.32
N VAL B 108 1.82 5.90 13.08
CA VAL B 108 2.95 5.62 13.95
C VAL B 108 3.72 6.89 14.24
N CYS B 109 4.45 6.90 15.35
CA CYS B 109 5.24 8.07 15.74
C CYS B 109 6.71 7.70 15.89
N GLY B 110 7.56 8.71 15.99
CA GLY B 110 8.99 8.48 16.12
C GLY B 110 9.69 9.69 16.74
N GLY A 1 6.36 -21.85 -16.20
CA GLY A 1 7.80 -21.51 -16.07
C GLY A 1 8.00 -20.02 -16.30
N SER A 2 7.28 -19.20 -15.52
CA SER A 2 7.38 -17.76 -15.65
C SER A 2 7.39 -17.35 -17.13
N PRO A 3 6.32 -17.63 -17.83
CA PRO A 3 6.20 -17.30 -19.27
C PRO A 3 5.93 -15.81 -19.49
N GLU A 4 4.80 -15.32 -18.99
CA GLU A 4 4.43 -13.92 -19.15
C GLU A 4 3.78 -13.38 -17.87
N GLU A 5 2.94 -14.20 -17.27
CA GLU A 5 2.22 -13.82 -16.05
C GLU A 5 2.40 -14.88 -14.98
N THR A 6 2.65 -14.43 -13.75
CA THR A 6 2.85 -15.35 -12.63
C THR A 6 1.56 -15.51 -11.86
N LEU A 7 1.57 -16.34 -10.83
CA LEU A 7 0.37 -16.56 -10.02
C LEU A 7 0.65 -16.16 -8.58
N VAL A 8 -0.38 -15.69 -7.89
CA VAL A 8 -0.24 -15.26 -6.48
C VAL A 8 -1.30 -15.93 -5.63
N ILE A 9 -1.18 -15.80 -4.31
CA ILE A 9 -2.13 -16.41 -3.39
C ILE A 9 -2.33 -15.50 -2.18
N ALA A 10 -3.50 -15.59 -1.56
CA ALA A 10 -3.80 -14.78 -0.38
C ALA A 10 -3.45 -15.55 0.89
N LEU A 11 -2.88 -14.83 1.85
CA LEU A 11 -2.45 -15.43 3.11
C LEU A 11 -3.55 -15.32 4.15
N TYR A 12 -3.79 -14.10 4.63
CA TYR A 12 -4.86 -13.88 5.58
C TYR A 12 -6.21 -14.17 4.94
N ASP A 13 -7.28 -13.60 5.52
CA ASP A 13 -8.63 -13.81 4.98
C ASP A 13 -9.39 -12.47 4.91
N TYR A 14 -8.86 -11.52 4.13
CA TYR A 14 -9.54 -10.23 3.99
C TYR A 14 -10.80 -10.38 3.13
N GLN A 15 -11.85 -9.68 3.51
CA GLN A 15 -13.09 -9.70 2.75
C GLN A 15 -13.23 -8.41 1.94
N THR A 16 -13.85 -8.54 0.76
CA THR A 16 -14.02 -7.39 -0.11
C THR A 16 -14.77 -6.27 0.59
N ASN A 17 -14.23 -5.05 0.48
CA ASN A 17 -14.84 -3.88 1.10
C ASN A 17 -15.51 -3.02 0.04
N ASP A 18 -15.40 -3.45 -1.22
CA ASP A 18 -16.01 -2.70 -2.31
C ASP A 18 -16.03 -3.54 -3.60
N PRO A 19 -16.92 -3.23 -4.50
CA PRO A 19 -17.05 -3.97 -5.79
C PRO A 19 -15.75 -3.94 -6.61
N GLN A 20 -14.95 -2.90 -6.39
CA GLN A 20 -13.69 -2.77 -7.13
C GLN A 20 -12.67 -3.78 -6.62
N GLU A 21 -12.59 -3.91 -5.31
CA GLU A 21 -11.64 -4.84 -4.70
C GLU A 21 -12.13 -6.27 -4.86
N LEU A 22 -11.18 -7.19 -5.01
CA LEU A 22 -11.53 -8.61 -5.16
C LEU A 22 -11.41 -9.36 -3.84
N ALA A 23 -12.50 -10.02 -3.43
CA ALA A 23 -12.50 -10.78 -2.18
C ALA A 23 -11.31 -11.74 -2.15
N LEU A 24 -10.74 -11.92 -0.96
CA LEU A 24 -9.57 -12.79 -0.80
C LEU A 24 -9.86 -13.87 0.25
N ARG A 25 -9.00 -14.89 0.29
CA ARG A 25 -9.18 -15.96 1.23
C ARG A 25 -7.93 -16.82 1.25
N CYS A 26 -7.61 -17.36 2.41
CA CYS A 26 -6.45 -18.23 2.56
C CYS A 26 -6.51 -19.36 1.54
N ASP A 27 -5.34 -19.89 1.21
CA ASP A 27 -5.22 -20.98 0.26
C ASP A 27 -5.70 -20.56 -1.13
N GLU A 28 -6.65 -19.64 -1.15
CA GLU A 28 -7.22 -19.16 -2.40
C GLU A 28 -6.14 -18.57 -3.27
N GLU A 29 -5.93 -19.19 -4.43
CA GLU A 29 -4.93 -18.72 -5.39
C GLU A 29 -5.60 -18.02 -6.56
N TYR A 30 -4.89 -17.06 -7.12
CA TYR A 30 -5.39 -16.31 -8.27
C TYR A 30 -4.29 -16.21 -9.32
N TYR A 31 -4.45 -15.27 -10.26
CA TYR A 31 -3.44 -15.06 -11.31
C TYR A 31 -2.90 -13.64 -11.22
N LEU A 32 -2.05 -13.24 -12.16
CA LEU A 32 -1.52 -11.88 -12.18
C LEU A 32 -1.68 -11.31 -13.59
N LEU A 33 -2.38 -10.19 -13.69
CA LEU A 33 -2.61 -9.54 -14.98
C LEU A 33 -1.91 -8.20 -15.05
N ASP A 34 -1.81 -7.50 -13.91
CA ASP A 34 -1.14 -6.20 -13.89
C ASP A 34 -0.26 -6.08 -12.65
N SER A 35 1.03 -6.41 -12.80
CA SER A 35 1.97 -6.33 -11.69
C SER A 35 2.70 -5.00 -11.70
N SER A 36 2.40 -4.18 -12.70
CA SER A 36 3.04 -2.87 -12.83
C SER A 36 2.51 -1.91 -11.77
N GLU A 37 1.21 -2.01 -11.48
CA GLU A 37 0.60 -1.14 -10.48
C GLU A 37 1.40 -1.16 -9.19
N ILE A 38 1.45 -0.03 -8.50
CA ILE A 38 2.22 0.08 -7.26
C ILE A 38 1.29 0.10 -6.05
N HIS A 39 0.19 -0.61 -6.17
CA HIS A 39 -0.79 -0.66 -5.08
C HIS A 39 -1.62 -1.93 -5.16
N TRP A 40 -2.44 -2.04 -6.20
CA TRP A 40 -3.29 -3.21 -6.38
C TRP A 40 -2.89 -3.98 -7.63
N TRP A 41 -2.65 -5.29 -7.50
CA TRP A 41 -2.29 -6.11 -8.65
C TRP A 41 -3.48 -6.94 -9.10
N ARG A 42 -4.08 -6.55 -10.23
CA ARG A 42 -5.24 -7.24 -10.74
C ARG A 42 -5.15 -8.74 -10.49
N VAL A 43 -6.25 -9.42 -10.64
CA VAL A 43 -6.29 -10.85 -10.41
C VAL A 43 -7.54 -11.46 -11.02
N GLN A 44 -7.47 -12.78 -11.27
CA GLN A 44 -8.60 -13.50 -11.87
C GLN A 44 -8.89 -14.78 -11.08
N ASP A 45 -10.05 -14.82 -10.44
CA ASP A 45 -10.43 -16.00 -9.68
C ASP A 45 -10.93 -17.09 -10.61
N LYS A 46 -10.51 -18.32 -10.36
CA LYS A 46 -10.91 -19.44 -11.19
C LYS A 46 -12.41 -19.40 -11.45
N ASN A 47 -13.15 -18.83 -10.51
CA ASN A 47 -14.60 -18.71 -10.63
C ASN A 47 -14.97 -17.64 -11.64
N GLY A 48 -14.09 -16.64 -11.78
CA GLY A 48 -14.32 -15.53 -12.71
C GLY A 48 -14.61 -14.24 -11.96
N HIS A 49 -13.91 -14.05 -10.84
CA HIS A 49 -14.08 -12.84 -10.03
C HIS A 49 -12.90 -11.91 -10.23
N GLU A 50 -12.98 -11.06 -11.23
CA GLU A 50 -11.91 -10.12 -11.53
C GLU A 50 -12.05 -8.81 -10.77
N GLY A 51 -11.04 -8.50 -9.98
CA GLY A 51 -11.05 -7.25 -9.22
C GLY A 51 -9.64 -6.91 -8.72
N TYR A 52 -9.44 -5.66 -8.34
CA TYR A 52 -8.14 -5.21 -7.85
C TYR A 52 -7.84 -5.79 -6.48
N ALA A 53 -6.74 -6.55 -6.37
CA ALA A 53 -6.35 -7.17 -5.10
C ALA A 53 -5.08 -6.52 -4.56
N PRO A 54 -4.87 -6.60 -3.26
CA PRO A 54 -3.71 -5.94 -2.58
C PRO A 54 -2.38 -6.35 -3.21
N SER A 55 -1.29 -5.95 -2.57
CA SER A 55 0.04 -6.29 -3.06
C SER A 55 0.81 -7.09 -2.01
N SER A 56 0.90 -6.53 -0.80
CA SER A 56 1.63 -7.21 0.28
C SER A 56 0.97 -8.55 0.62
N TYR A 57 -0.35 -8.54 0.82
CA TYR A 57 -1.07 -9.74 1.15
C TYR A 57 -0.87 -10.79 0.06
N LEU A 58 -0.34 -10.35 -1.08
CA LEU A 58 -0.13 -11.25 -2.21
C LEU A 58 1.35 -11.58 -2.35
N VAL A 59 1.67 -12.68 -3.03
CA VAL A 59 3.07 -13.05 -3.25
C VAL A 59 3.19 -13.99 -4.44
N GLU A 60 4.06 -13.66 -5.38
CA GLU A 60 4.22 -14.49 -6.57
C GLU A 60 4.63 -15.90 -6.17
N LYS A 61 3.91 -16.87 -6.72
CA LYS A 61 4.17 -18.27 -6.41
C LYS A 61 5.58 -18.65 -6.86
N SER A 62 6.03 -18.04 -7.95
CA SER A 62 7.35 -18.31 -8.49
C SER A 62 7.52 -19.79 -8.81
N PRO A 63 6.82 -20.27 -9.80
CA PRO A 63 6.88 -21.70 -10.22
C PRO A 63 8.13 -22.00 -11.06
N ASN B 3 4.67 23.40 3.77
CA ASN B 3 3.70 22.81 4.72
C ASN B 3 4.45 22.25 5.92
N ASN B 4 4.06 22.70 7.12
CA ASN B 4 4.70 22.23 8.34
C ASN B 4 4.15 20.87 8.74
N LEU B 5 4.78 19.82 8.24
CA LEU B 5 4.35 18.45 8.54
C LEU B 5 4.95 17.97 9.85
N GLU B 6 5.82 18.79 10.42
CA GLU B 6 6.48 18.43 11.67
C GLU B 6 5.44 18.32 12.78
N THR B 7 4.19 18.68 12.46
CA THR B 7 3.12 18.61 13.45
C THR B 7 2.52 17.21 13.49
N TYR B 8 2.62 16.49 12.37
CA TYR B 8 2.08 15.14 12.31
C TYR B 8 3.12 14.13 12.77
N GLU B 9 2.76 12.84 12.70
CA GLU B 9 3.66 11.77 13.14
C GLU B 9 4.30 11.06 11.93
N TRP B 10 3.45 10.61 11.03
CA TRP B 10 3.93 9.89 9.85
C TRP B 10 5.09 10.64 9.20
N TYR B 11 5.07 11.95 9.34
CA TYR B 11 6.12 12.76 8.74
C TYR B 11 7.41 12.68 9.54
N ASN B 12 8.47 12.24 8.89
CA ASN B 12 9.76 12.13 9.56
C ASN B 12 10.90 12.26 8.55
N LYS B 13 11.55 13.43 8.53
CA LYS B 13 12.65 13.68 7.62
C LYS B 13 13.98 13.33 8.27
N SER B 14 14.07 13.58 9.57
CA SER B 14 15.30 13.30 10.31
C SER B 14 15.64 11.82 10.25
N ILE B 15 14.62 10.98 10.08
CA ILE B 15 14.83 9.54 10.00
C ILE B 15 15.09 9.11 8.56
N SER B 16 16.04 8.17 8.38
CA SER B 16 16.37 7.66 7.06
C SER B 16 15.48 6.48 6.70
N ARG B 17 15.56 6.02 5.46
CA ARG B 17 14.75 4.90 5.01
C ARG B 17 15.10 3.66 5.82
N ASP B 18 16.38 3.35 5.89
CA ASP B 18 16.82 2.17 6.63
C ASP B 18 16.26 2.19 8.05
N LYS B 19 16.31 3.36 8.69
CA LYS B 19 15.80 3.48 10.04
C LYS B 19 14.27 3.51 10.02
N ALA B 20 13.72 3.99 8.90
CA ALA B 20 12.27 4.08 8.76
C ALA B 20 11.66 2.69 8.83
N GLU B 21 12.34 1.73 8.21
CA GLU B 21 11.87 0.37 8.22
C GLU B 21 11.94 -0.21 9.64
N LYS B 22 13.14 -0.64 10.02
CA LYS B 22 13.35 -1.22 11.35
C LYS B 22 12.41 -0.59 12.37
N LEU B 23 12.21 0.72 12.22
CA LEU B 23 11.33 1.45 13.13
C LEU B 23 9.91 0.93 13.05
N LEU B 24 9.40 0.79 11.84
CA LEU B 24 8.04 0.30 11.63
C LEU B 24 7.94 -1.14 12.08
N LEU B 25 9.00 -1.90 11.84
CA LEU B 25 9.00 -3.30 12.23
C LEU B 25 8.80 -3.45 13.73
N ASP B 26 9.34 -2.52 14.49
CA ASP B 26 9.21 -2.56 15.94
C ASP B 26 7.74 -2.45 16.34
N THR B 27 6.98 -1.65 15.60
CA THR B 27 5.57 -1.47 15.90
C THR B 27 4.87 -2.83 15.95
N GLY B 28 5.12 -3.66 14.94
CA GLY B 28 4.52 -4.99 14.91
C GLY B 28 3.00 -4.90 14.97
N LYS B 29 2.41 -4.12 14.06
CA LYS B 29 0.96 -3.97 14.03
C LYS B 29 0.47 -3.86 12.59
N GLU B 30 -0.74 -4.34 12.33
CA GLU B 30 -1.30 -4.28 11.00
C GLU B 30 -1.88 -2.89 10.75
N GLY B 31 -1.36 -2.22 9.72
CA GLY B 31 -1.83 -0.88 9.36
C GLY B 31 -0.73 0.16 9.63
N ALA B 32 0.25 -0.22 10.46
CA ALA B 32 1.36 0.68 10.77
C ALA B 32 1.79 1.43 9.53
N PHE B 33 1.37 2.69 9.42
CA PHE B 33 1.71 3.52 8.27
C PHE B 33 2.49 4.76 8.69
N MET B 34 3.52 5.09 7.92
CA MET B 34 4.34 6.26 8.20
C MET B 34 4.73 6.95 6.90
N VAL B 35 5.32 8.14 7.02
CA VAL B 35 5.78 8.90 5.87
C VAL B 35 7.23 9.31 6.05
N ARG B 36 7.91 9.57 4.95
CA ARG B 36 9.31 9.96 4.99
C ARG B 36 9.60 11.00 3.92
N ASP B 37 10.09 12.16 4.34
CA ASP B 37 10.43 13.23 3.40
C ASP B 37 11.43 12.73 2.37
N SER B 38 11.08 12.94 1.10
CA SER B 38 11.95 12.50 0.00
C SER B 38 12.83 13.66 -0.48
N ARG B 39 13.78 13.34 -1.36
CA ARG B 39 14.68 14.36 -1.89
C ARG B 39 13.90 15.45 -2.61
N THR B 40 12.58 15.28 -2.67
CA THR B 40 11.72 16.26 -3.35
C THR B 40 10.80 16.93 -2.33
N PRO B 41 11.17 18.07 -1.81
CA PRO B 41 10.35 18.81 -0.80
C PRO B 41 8.90 18.99 -1.26
N GLY B 42 8.62 18.63 -2.51
CA GLY B 42 7.27 18.76 -3.06
C GLY B 42 6.63 17.38 -3.22
N THR B 43 7.27 16.37 -2.65
CA THR B 43 6.76 15.01 -2.74
C THR B 43 7.48 14.10 -1.75
N TYR B 44 6.75 13.61 -0.75
CA TYR B 44 7.32 12.73 0.27
C TYR B 44 7.08 11.28 -0.10
N THR B 45 7.15 10.38 0.87
CA THR B 45 6.95 8.96 0.60
C THR B 45 6.16 8.36 1.73
N VAL B 46 5.28 7.42 1.42
CA VAL B 46 4.46 6.77 2.44
C VAL B 46 5.00 5.38 2.77
N SER B 47 5.67 5.26 3.92
CA SER B 47 6.19 3.96 4.35
C SER B 47 5.09 3.16 5.03
N VAL B 48 4.33 2.41 4.22
CA VAL B 48 3.22 1.61 4.75
C VAL B 48 3.71 0.26 5.21
N PHE B 49 3.58 -0.02 6.51
CA PHE B 49 4.04 -1.29 7.07
C PHE B 49 2.84 -2.14 7.50
N THR B 50 2.83 -3.40 7.06
CA THR B 50 1.75 -4.32 7.42
C THR B 50 2.26 -5.75 7.41
N LYS B 51 1.83 -6.54 8.39
CA LYS B 51 2.24 -7.93 8.47
C LYS B 51 1.66 -8.73 7.31
N ALA B 52 2.41 -8.82 6.23
CA ALA B 52 1.97 -9.56 5.05
C ALA B 52 3.16 -10.21 4.33
N ILE B 53 2.92 -10.71 3.13
CA ILE B 53 3.98 -11.37 2.36
C ILE B 53 4.47 -12.61 3.07
N ILE B 54 4.52 -13.72 2.36
CA ILE B 54 4.97 -14.98 2.92
C ILE B 54 6.47 -15.15 2.75
N SER B 55 6.99 -14.65 1.64
CA SER B 55 8.41 -14.77 1.35
C SER B 55 9.24 -14.16 2.47
N GLU B 56 8.83 -12.99 2.94
CA GLU B 56 9.54 -12.32 4.00
C GLU B 56 8.58 -11.47 4.81
N ASN B 57 8.27 -11.93 6.03
CA ASN B 57 7.36 -11.19 6.90
C ASN B 57 8.03 -10.90 8.24
N PRO B 58 7.83 -9.73 8.82
CA PRO B 58 6.96 -8.65 8.23
C PRO B 58 7.66 -7.99 7.02
N CYS B 59 7.01 -7.01 6.43
CA CYS B 59 7.59 -6.33 5.27
C CYS B 59 7.15 -4.88 5.25
N ILE B 60 7.99 -4.02 4.71
CA ILE B 60 7.68 -2.59 4.65
C ILE B 60 7.38 -2.16 3.23
N LYS B 61 6.23 -1.51 3.04
CA LYS B 61 5.82 -1.04 1.72
C LYS B 61 5.96 0.48 1.64
N HIS B 62 6.65 0.94 0.61
CA HIS B 62 6.85 2.37 0.40
C HIS B 62 6.15 2.84 -0.87
N TYR B 63 5.09 3.62 -0.71
CA TYR B 63 4.34 4.15 -1.84
C TYR B 63 4.63 5.63 -2.01
N HIS B 64 5.42 5.94 -3.03
CA HIS B 64 5.78 7.33 -3.30
C HIS B 64 4.58 8.08 -3.87
N ILE B 65 4.09 9.05 -3.10
CA ILE B 65 2.94 9.84 -3.53
C ILE B 65 3.19 10.41 -4.93
N LYS B 66 2.28 10.12 -5.85
CA LYS B 66 2.42 10.60 -7.21
C LYS B 66 2.17 12.10 -7.25
N GLU B 67 3.25 12.85 -7.44
CA GLU B 67 3.15 14.31 -7.50
C GLU B 67 2.61 14.75 -8.85
N THR B 68 1.34 15.13 -8.90
CA THR B 68 0.73 15.58 -10.14
C THR B 68 0.80 17.10 -10.22
N ASN B 69 1.91 17.62 -10.73
CA ASN B 69 2.11 19.06 -10.84
C ASN B 69 0.91 19.73 -11.51
N ASP B 70 -0.19 19.86 -10.78
CA ASP B 70 -1.38 20.49 -11.33
C ASP B 70 -2.17 21.14 -10.21
N SER B 71 -3.28 21.79 -10.56
CA SER B 71 -4.12 22.46 -9.57
C SER B 71 -5.60 22.13 -9.79
N PRO B 72 -6.26 21.45 -8.86
CA PRO B 72 -5.65 20.97 -7.59
C PRO B 72 -4.64 19.86 -7.86
N LYS B 73 -5.11 18.78 -8.49
CA LYS B 73 -4.26 17.62 -8.84
C LYS B 73 -2.83 17.83 -8.41
N ARG B 74 -2.46 17.16 -7.33
CA ARG B 74 -1.12 17.27 -6.77
C ARG B 74 -0.63 15.94 -6.19
N TYR B 75 -1.33 15.43 -5.18
CA TYR B 75 -0.91 14.19 -4.53
C TYR B 75 -2.01 13.15 -4.62
N TYR B 76 -1.62 11.90 -4.84
CA TYR B 76 -2.58 10.81 -4.90
C TYR B 76 -1.82 9.48 -5.04
N VAL B 77 -2.42 8.39 -4.58
CA VAL B 77 -1.79 7.08 -4.71
C VAL B 77 -2.86 5.99 -4.77
N ALA B 78 -3.48 5.81 -5.93
CA ALA B 78 -4.51 4.80 -6.08
C ALA B 78 -5.22 4.97 -7.42
N GLU B 79 -4.95 6.09 -8.08
CA GLU B 79 -5.58 6.38 -9.37
C GLU B 79 -7.09 6.48 -9.19
N LYS B 80 -7.56 6.21 -7.98
CA LYS B 80 -8.99 6.27 -7.69
C LYS B 80 -9.42 7.73 -7.47
N TYR B 81 -8.71 8.41 -6.57
CA TYR B 81 -9.01 9.81 -6.27
C TYR B 81 -7.73 10.62 -6.24
N VAL B 82 -7.86 11.93 -6.03
CA VAL B 82 -6.70 12.81 -5.97
C VAL B 82 -6.90 13.88 -4.90
N PHE B 83 -5.82 14.17 -4.17
CA PHE B 83 -5.87 15.16 -3.10
C PHE B 83 -4.90 16.30 -3.38
N ASP B 84 -4.75 17.19 -2.41
CA ASP B 84 -3.85 18.33 -2.57
C ASP B 84 -3.18 18.68 -1.25
N SER B 85 -3.04 17.69 -0.40
CA SER B 85 -2.38 17.91 0.87
C SER B 85 -2.19 16.62 1.63
N ILE B 86 -1.24 15.80 1.15
CA ILE B 86 -0.88 14.51 1.80
C ILE B 86 -1.75 14.26 3.03
N PRO B 87 -1.66 15.13 4.04
CA PRO B 87 -2.53 15.04 5.24
C PRO B 87 -3.94 14.53 4.90
N LEU B 88 -4.38 14.77 3.65
CA LEU B 88 -5.69 14.32 3.22
C LEU B 88 -5.63 12.83 2.82
N LEU B 89 -4.68 12.53 1.95
CA LEU B 89 -4.52 11.15 1.49
C LEU B 89 -4.26 10.23 2.68
N ILE B 90 -3.69 10.79 3.73
CA ILE B 90 -3.42 10.01 4.92
C ILE B 90 -4.66 9.82 5.76
N GLN B 91 -5.53 10.82 5.79
CA GLN B 91 -6.75 10.75 6.58
C GLN B 91 -7.87 10.04 5.82
N TYR B 92 -8.02 10.36 4.55
CA TYR B 92 -9.07 9.75 3.75
C TYR B 92 -8.95 8.23 3.82
N HIS B 93 -7.79 7.73 4.19
CA HIS B 93 -7.57 6.29 4.26
C HIS B 93 -7.68 5.79 5.70
N GLN B 94 -7.62 6.71 6.65
CA GLN B 94 -7.72 6.34 8.06
C GLN B 94 -8.94 5.47 8.29
N TYR B 95 -9.96 5.66 7.47
CA TYR B 95 -11.18 4.88 7.60
C TYR B 95 -11.75 4.53 6.23
N ASN B 96 -13.02 4.90 6.03
CA ASN B 96 -13.73 4.63 4.77
C ASN B 96 -13.06 3.52 3.97
N GLY B 97 -12.60 3.84 2.77
CA GLY B 97 -11.92 2.86 1.95
C GLY B 97 -11.29 3.52 0.73
N GLY B 98 -10.16 3.00 0.30
CA GLY B 98 -9.46 3.55 -0.87
C GLY B 98 -8.54 2.52 -1.49
N GLY B 99 -7.62 3.00 -2.32
CA GLY B 99 -6.70 2.10 -3.01
C GLY B 99 -5.41 1.92 -2.22
N LEU B 100 -5.48 1.07 -1.19
CA LEU B 100 -4.32 0.75 -0.36
C LEU B 100 -4.32 -0.73 0.03
N VAL B 101 -3.16 -1.33 -0.09
CA VAL B 101 -3.01 -2.74 0.25
C VAL B 101 -3.23 -2.97 1.74
N THR B 102 -3.58 -1.90 2.44
CA THR B 102 -3.78 -1.99 3.87
C THR B 102 -4.26 -0.65 4.42
N ARG B 103 -5.47 -0.27 4.05
CA ARG B 103 -6.07 0.99 4.49
C ARG B 103 -5.45 1.46 5.81
N LEU B 104 -5.10 2.73 5.88
CA LEU B 104 -4.48 3.26 7.08
C LEU B 104 -5.40 3.09 8.27
N ARG B 105 -4.86 2.50 9.34
CA ARG B 105 -5.62 2.26 10.55
C ARG B 105 -4.72 2.28 11.77
N TYR B 106 -3.45 2.67 11.59
CA TYR B 106 -2.52 2.71 12.70
C TYR B 106 -1.32 3.61 12.36
N PRO B 107 -1.30 4.83 12.86
CA PRO B 107 -0.17 5.77 12.60
C PRO B 107 1.02 5.47 13.51
N VAL B 108 2.22 5.82 13.04
CA VAL B 108 3.44 5.59 13.82
C VAL B 108 4.31 6.84 13.82
N CYS B 109 4.92 7.14 14.96
CA CYS B 109 5.79 8.31 15.09
C CYS B 109 7.25 7.89 15.05
N GLY B 110 8.12 8.85 14.75
CA GLY B 110 9.55 8.58 14.67
C GLY B 110 10.10 8.20 16.04
N GLY A 1 8.56 -20.48 -14.71
CA GLY A 1 7.20 -20.04 -15.12
C GLY A 1 7.07 -18.53 -14.93
N SER A 2 7.19 -17.79 -16.04
CA SER A 2 7.08 -16.34 -15.98
C SER A 2 6.97 -15.76 -17.39
N PRO A 3 5.94 -16.13 -18.11
CA PRO A 3 5.71 -15.65 -19.50
C PRO A 3 5.19 -14.21 -19.52
N GLU A 4 4.01 -14.01 -18.95
CA GLU A 4 3.40 -12.69 -18.92
C GLU A 4 2.73 -12.44 -17.57
N GLU A 5 2.12 -13.47 -17.01
CA GLU A 5 1.42 -13.37 -15.73
C GLU A 5 1.88 -14.48 -14.78
N THR A 6 1.53 -14.33 -13.51
CA THR A 6 1.91 -15.32 -12.50
C THR A 6 0.81 -15.49 -11.46
N LEU A 7 0.88 -16.56 -10.68
CA LEU A 7 -0.12 -16.81 -9.65
C LEU A 7 0.32 -16.16 -8.37
N VAL A 8 -0.60 -15.44 -7.71
CA VAL A 8 -0.27 -14.75 -6.46
C VAL A 8 -1.26 -15.15 -5.36
N ILE A 9 -0.87 -16.10 -4.53
CA ILE A 9 -1.75 -16.58 -3.47
C ILE A 9 -1.84 -15.56 -2.34
N ALA A 10 -3.04 -15.41 -1.80
CA ALA A 10 -3.25 -14.46 -0.70
C ALA A 10 -2.89 -15.12 0.64
N LEU A 11 -2.09 -14.44 1.45
CA LEU A 11 -1.68 -15.00 2.73
C LEU A 11 -2.82 -14.97 3.73
N TYR A 12 -3.52 -13.85 3.80
CA TYR A 12 -4.65 -13.72 4.72
C TYR A 12 -5.97 -13.79 3.96
N ASP A 13 -7.06 -14.03 4.68
CA ASP A 13 -8.38 -14.12 4.07
C ASP A 13 -9.05 -12.76 4.04
N TYR A 14 -8.53 -11.88 3.19
CA TYR A 14 -9.08 -10.53 3.07
C TYR A 14 -10.44 -10.58 2.35
N GLN A 15 -11.39 -9.80 2.86
CA GLN A 15 -12.72 -9.75 2.25
C GLN A 15 -12.90 -8.45 1.48
N THR A 16 -13.65 -8.52 0.38
CA THR A 16 -13.90 -7.35 -0.45
C THR A 16 -14.59 -6.25 0.35
N ASN A 17 -14.00 -5.06 0.32
CA ASN A 17 -14.56 -3.91 1.03
C ASN A 17 -15.40 -3.07 0.08
N ASP A 18 -15.23 -3.33 -1.22
CA ASP A 18 -15.99 -2.59 -2.22
C ASP A 18 -16.04 -3.37 -3.54
N PRO A 19 -17.06 -3.15 -4.33
CA PRO A 19 -17.22 -3.84 -5.64
C PRO A 19 -15.91 -3.90 -6.43
N GLN A 20 -15.11 -2.84 -6.33
CA GLN A 20 -13.84 -2.79 -7.04
C GLN A 20 -12.87 -3.82 -6.47
N GLU A 21 -12.77 -3.85 -5.15
CA GLU A 21 -11.86 -4.79 -4.49
C GLU A 21 -12.28 -6.22 -4.79
N LEU A 22 -11.30 -7.14 -4.76
CA LEU A 22 -11.58 -8.54 -5.01
C LEU A 22 -11.38 -9.38 -3.75
N ALA A 23 -12.45 -10.00 -3.29
CA ALA A 23 -12.39 -10.82 -2.10
C ALA A 23 -11.33 -11.91 -2.26
N LEU A 24 -10.56 -12.14 -1.20
CA LEU A 24 -9.51 -13.16 -1.23
C LEU A 24 -9.87 -14.33 -0.32
N ARG A 25 -8.89 -15.20 -0.04
CA ARG A 25 -9.12 -16.35 0.80
C ARG A 25 -7.86 -17.19 0.89
N CYS A 26 -7.58 -17.70 2.08
CA CYS A 26 -6.41 -18.53 2.29
C CYS A 26 -6.44 -19.75 1.37
N ASP A 27 -5.26 -20.31 1.10
CA ASP A 27 -5.17 -21.49 0.23
C ASP A 27 -5.86 -21.23 -1.09
N GLU A 28 -5.90 -19.96 -1.50
CA GLU A 28 -6.56 -19.59 -2.75
C GLU A 28 -5.57 -18.93 -3.69
N GLU A 29 -5.42 -19.49 -4.88
CA GLU A 29 -4.52 -18.95 -5.89
C GLU A 29 -5.28 -18.18 -6.96
N TYR A 30 -4.65 -17.17 -7.52
CA TYR A 30 -5.26 -16.37 -8.57
C TYR A 30 -4.25 -16.13 -9.68
N TYR A 31 -4.50 -15.10 -10.51
CA TYR A 31 -3.59 -14.77 -11.62
C TYR A 31 -3.10 -13.34 -11.48
N LEU A 32 -2.36 -12.86 -12.47
CA LEU A 32 -1.88 -11.47 -12.43
C LEU A 32 -2.15 -10.82 -13.77
N LEU A 33 -2.85 -9.69 -13.75
CA LEU A 33 -3.18 -8.98 -14.98
C LEU A 33 -2.50 -7.62 -14.99
N ASP A 34 -2.28 -7.02 -13.81
CA ASP A 34 -1.63 -5.73 -13.74
C ASP A 34 -0.65 -5.68 -12.56
N SER A 35 0.59 -6.12 -12.81
CA SER A 35 1.61 -6.12 -11.78
C SER A 35 2.38 -4.81 -11.79
N SER A 36 2.14 -4.02 -12.82
CA SER A 36 2.80 -2.72 -12.95
C SER A 36 2.43 -1.82 -11.77
N GLU A 37 1.21 -1.96 -11.28
CA GLU A 37 0.75 -1.17 -10.14
C GLU A 37 1.57 -1.49 -8.91
N ILE A 38 1.74 -0.51 -8.04
CA ILE A 38 2.52 -0.71 -6.82
C ILE A 38 1.63 -1.14 -5.67
N HIS A 39 0.34 -0.88 -5.79
CA HIS A 39 -0.61 -1.24 -4.74
C HIS A 39 -1.35 -2.52 -5.07
N TRP A 40 -2.52 -2.38 -5.65
CA TRP A 40 -3.35 -3.54 -5.96
C TRP A 40 -2.95 -4.17 -7.28
N TRP A 41 -2.91 -5.50 -7.31
CA TRP A 41 -2.54 -6.20 -8.54
C TRP A 41 -3.72 -6.99 -9.04
N ARG A 42 -4.46 -6.42 -10.00
CA ARG A 42 -5.67 -7.08 -10.55
C ARG A 42 -5.54 -8.59 -10.49
N VAL A 43 -6.68 -9.26 -10.58
CA VAL A 43 -6.68 -10.72 -10.48
C VAL A 43 -7.96 -11.27 -11.08
N GLN A 44 -7.90 -12.54 -11.50
CA GLN A 44 -9.05 -13.20 -12.09
C GLN A 44 -9.29 -14.56 -11.43
N ASP A 45 -10.28 -14.62 -10.57
CA ASP A 45 -10.59 -15.88 -9.88
C ASP A 45 -11.20 -16.88 -10.85
N LYS A 46 -10.80 -18.14 -10.72
CA LYS A 46 -11.30 -19.19 -11.59
C LYS A 46 -12.82 -19.10 -11.69
N ASN A 47 -13.44 -18.52 -10.68
CA ASN A 47 -14.90 -18.38 -10.66
C ASN A 47 -15.33 -17.25 -11.57
N GLY A 48 -14.46 -16.26 -11.76
CA GLY A 48 -14.77 -15.11 -12.61
C GLY A 48 -14.99 -13.87 -11.76
N HIS A 49 -14.20 -13.72 -10.70
CA HIS A 49 -14.31 -12.57 -9.81
C HIS A 49 -13.18 -11.58 -10.08
N GLU A 50 -13.39 -10.71 -11.03
CA GLU A 50 -12.38 -9.72 -11.39
C GLU A 50 -12.46 -8.46 -10.53
N GLY A 51 -11.36 -8.16 -9.85
CA GLY A 51 -11.31 -6.97 -9.00
C GLY A 51 -9.89 -6.72 -8.50
N TYR A 52 -9.67 -5.56 -7.89
CA TYR A 52 -8.35 -5.22 -7.38
C TYR A 52 -8.09 -5.92 -6.06
N ALA A 53 -6.91 -6.55 -5.94
CA ALA A 53 -6.55 -7.27 -4.70
C ALA A 53 -5.26 -6.70 -4.13
N PRO A 54 -5.09 -6.78 -2.84
CA PRO A 54 -3.91 -6.22 -2.14
C PRO A 54 -2.61 -6.78 -2.70
N SER A 55 -1.50 -6.18 -2.30
CA SER A 55 -0.18 -6.61 -2.77
C SER A 55 0.56 -7.40 -1.69
N SER A 56 0.73 -6.78 -0.53
CA SER A 56 1.46 -7.43 0.55
C SER A 56 0.81 -8.76 0.91
N TYR A 57 -0.51 -8.77 0.96
CA TYR A 57 -1.24 -9.99 1.29
C TYR A 57 -1.03 -11.03 0.22
N LEU A 58 -0.56 -10.59 -0.94
CA LEU A 58 -0.36 -11.51 -2.07
C LEU A 58 1.12 -11.75 -2.33
N VAL A 59 1.43 -12.78 -3.12
CA VAL A 59 2.83 -13.06 -3.46
C VAL A 59 2.88 -14.08 -4.58
N GLU A 60 3.59 -13.71 -5.63
CA GLU A 60 3.73 -14.60 -6.78
C GLU A 60 4.26 -15.95 -6.37
N LYS A 61 3.66 -16.99 -6.90
CA LYS A 61 4.05 -18.36 -6.58
C LYS A 61 5.46 -18.64 -7.10
N SER A 62 5.76 -18.08 -8.28
CA SER A 62 7.07 -18.28 -8.90
C SER A 62 7.35 -19.76 -9.09
N PRO A 63 6.59 -20.41 -9.93
CA PRO A 63 6.76 -21.86 -10.22
C PRO A 63 7.93 -22.13 -11.18
N ASN B 3 4.91 23.59 4.15
CA ASN B 3 3.61 23.08 4.68
C ASN B 3 3.73 22.85 6.18
N ASN B 4 4.96 22.87 6.68
CA ASN B 4 5.19 22.67 8.10
C ASN B 4 4.52 21.39 8.59
N LEU B 5 4.90 20.27 8.00
CA LEU B 5 4.32 18.99 8.38
C LEU B 5 4.75 18.59 9.78
N GLU B 6 5.79 19.24 10.27
CA GLU B 6 6.30 18.95 11.61
C GLU B 6 5.16 18.86 12.61
N THR B 7 4.00 19.39 12.23
CA THR B 7 2.83 19.36 13.10
C THR B 7 2.24 17.96 13.17
N TYR B 8 2.33 17.23 12.06
CA TYR B 8 1.79 15.89 12.00
C TYR B 8 2.71 14.90 12.71
N GLU B 9 2.29 13.65 12.78
CA GLU B 9 3.08 12.60 13.44
C GLU B 9 3.78 11.71 12.44
N TRP B 10 3.08 11.40 11.36
CA TRP B 10 3.63 10.51 10.35
C TRP B 10 4.81 11.16 9.64
N TYR B 11 4.86 12.49 9.66
CA TYR B 11 5.92 13.21 9.00
C TYR B 11 7.22 13.14 9.78
N ASN B 12 8.22 12.46 9.23
CA ASN B 12 9.52 12.33 9.88
C ASN B 12 10.64 12.59 8.88
N LYS B 13 11.19 13.80 8.92
CA LYS B 13 12.28 14.18 8.01
C LYS B 13 13.63 13.81 8.61
N SER B 14 13.75 13.94 9.92
CA SER B 14 14.99 13.63 10.61
C SER B 14 15.24 12.13 10.64
N ILE B 15 14.68 11.43 9.66
CA ILE B 15 14.83 9.98 9.57
C ILE B 15 15.20 9.56 8.15
N SER B 16 15.83 8.39 8.04
CA SER B 16 16.22 7.87 6.73
C SER B 16 15.35 6.67 6.34
N ARG B 17 15.30 6.36 5.05
CA ARG B 17 14.50 5.26 4.57
C ARG B 17 14.96 3.96 5.22
N ASP B 18 16.26 3.72 5.20
CA ASP B 18 16.81 2.50 5.78
C ASP B 18 16.31 2.33 7.22
N LYS B 19 16.30 3.43 7.97
CA LYS B 19 15.85 3.38 9.34
C LYS B 19 14.32 3.33 9.40
N ALA B 20 13.68 3.79 8.32
CA ALA B 20 12.23 3.80 8.27
C ALA B 20 11.68 2.39 8.05
N GLU B 21 12.57 1.46 7.68
CA GLU B 21 12.17 0.09 7.45
C GLU B 21 12.24 -0.73 8.73
N LYS B 22 13.22 -0.42 9.58
CA LYS B 22 13.39 -1.13 10.83
C LYS B 22 12.58 -0.47 11.95
N LEU B 23 12.49 0.85 11.88
CA LEU B 23 11.78 1.59 12.90
C LEU B 23 10.34 1.12 13.01
N LEU B 24 9.67 1.03 11.86
CA LEU B 24 8.28 0.57 11.84
C LEU B 24 8.18 -0.85 12.35
N LEU B 25 9.15 -1.67 11.98
CA LEU B 25 9.15 -3.06 12.41
C LEU B 25 9.00 -3.16 13.92
N ASP B 26 9.50 -2.15 14.61
CA ASP B 26 9.43 -2.13 16.08
C ASP B 26 7.97 -2.15 16.53
N THR B 27 7.12 -1.45 15.80
CA THR B 27 5.70 -1.39 16.13
C THR B 27 5.11 -2.80 16.19
N GLY B 28 5.42 -3.61 15.18
CA GLY B 28 4.93 -4.98 15.13
C GLY B 28 3.40 -5.02 15.19
N LYS B 29 2.76 -4.18 14.38
CA LYS B 29 1.30 -4.13 14.35
C LYS B 29 0.80 -4.03 12.91
N GLU B 30 -0.32 -4.67 12.64
CA GLU B 30 -0.90 -4.64 11.31
C GLU B 30 -1.59 -3.30 11.05
N GLY B 31 -1.18 -2.62 9.99
CA GLY B 31 -1.76 -1.33 9.64
C GLY B 31 -0.77 -0.20 9.87
N ALA B 32 0.20 -0.46 10.75
CA ALA B 32 1.23 0.53 11.06
C ALA B 32 1.61 1.30 9.80
N PHE B 33 1.18 2.55 9.73
CA PHE B 33 1.48 3.39 8.57
C PHE B 33 2.13 4.70 9.01
N MET B 34 2.99 5.24 8.15
CA MET B 34 3.67 6.50 8.44
C MET B 34 4.12 7.18 7.14
N VAL B 35 4.89 8.26 7.27
CA VAL B 35 5.40 8.99 6.14
C VAL B 35 6.89 9.24 6.31
N ARG B 36 7.58 9.44 5.18
CA ARG B 36 9.00 9.69 5.19
C ARG B 36 9.39 10.65 4.08
N ASP B 37 9.81 11.85 4.47
CA ASP B 37 10.22 12.85 3.49
C ASP B 37 11.15 12.24 2.46
N SER B 38 10.87 12.53 1.20
CA SER B 38 11.68 12.00 0.10
C SER B 38 12.80 12.98 -0.26
N ARG B 39 13.54 12.65 -1.32
CA ARG B 39 14.64 13.50 -1.75
C ARG B 39 14.11 14.88 -2.13
N THR B 40 12.94 14.91 -2.76
CA THR B 40 12.34 16.17 -3.18
C THR B 40 11.44 16.73 -2.05
N PRO B 41 11.62 17.98 -1.68
CA PRO B 41 10.81 18.61 -0.61
C PRO B 41 9.36 18.84 -1.03
N GLY B 42 8.90 18.06 -2.01
CA GLY B 42 7.53 18.20 -2.50
C GLY B 42 6.98 16.86 -2.95
N THR B 43 7.51 15.78 -2.37
CA THR B 43 7.06 14.44 -2.73
C THR B 43 7.49 13.43 -1.68
N TYR B 44 6.99 13.60 -0.46
CA TYR B 44 7.32 12.69 0.64
C TYR B 44 7.03 11.27 0.26
N THR B 45 7.15 10.34 1.22
CA THR B 45 6.89 8.93 0.94
C THR B 45 6.10 8.33 2.08
N VAL B 46 5.14 7.50 1.73
CA VAL B 46 4.29 6.85 2.74
C VAL B 46 4.85 5.49 3.13
N SER B 47 5.46 5.41 4.32
CA SER B 47 6.00 4.15 4.79
C SER B 47 4.91 3.32 5.46
N VAL B 48 4.34 2.39 4.70
CA VAL B 48 3.27 1.53 5.22
C VAL B 48 3.81 0.19 5.66
N PHE B 49 3.71 -0.10 6.96
CA PHE B 49 4.19 -1.37 7.51
C PHE B 49 3.03 -2.22 7.99
N THR B 50 3.04 -3.50 7.62
CA THR B 50 1.99 -4.40 8.03
C THR B 50 2.43 -5.85 7.86
N LYS B 51 2.44 -6.61 8.95
CA LYS B 51 2.85 -8.00 8.90
C LYS B 51 2.22 -8.69 7.69
N ALA B 52 2.91 -8.66 6.56
CA ALA B 52 2.42 -9.28 5.34
C ALA B 52 3.56 -9.93 4.57
N ILE B 53 3.30 -10.33 3.33
CA ILE B 53 4.30 -10.97 2.50
C ILE B 53 4.82 -12.23 3.17
N ILE B 54 5.22 -13.20 2.35
CA ILE B 54 5.73 -14.47 2.87
C ILE B 54 7.25 -14.56 2.72
N SER B 55 7.74 -14.11 1.58
CA SER B 55 9.17 -14.17 1.30
C SER B 55 9.96 -13.57 2.46
N GLU B 56 9.55 -12.39 2.90
CA GLU B 56 10.22 -11.72 4.02
C GLU B 56 9.21 -11.08 4.93
N ASN B 57 8.92 -11.76 6.04
CA ASN B 57 7.97 -11.25 7.01
C ASN B 57 8.67 -10.85 8.32
N PRO B 58 8.37 -9.69 8.86
CA PRO B 58 7.38 -8.73 8.29
C PRO B 58 7.92 -8.06 7.03
N CYS B 59 7.16 -7.12 6.48
CA CYS B 59 7.57 -6.42 5.27
C CYS B 59 7.10 -4.98 5.32
N ILE B 60 7.90 -4.08 4.77
CA ILE B 60 7.57 -2.66 4.77
C ILE B 60 7.14 -2.22 3.37
N LYS B 61 5.96 -1.62 3.30
CA LYS B 61 5.43 -1.15 2.02
C LYS B 61 5.63 0.36 1.90
N HIS B 62 6.36 0.76 0.87
CA HIS B 62 6.62 2.18 0.63
C HIS B 62 5.85 2.67 -0.58
N TYR B 63 4.81 3.47 -0.35
CA TYR B 63 4.00 4.01 -1.44
C TYR B 63 4.38 5.47 -1.69
N HIS B 64 5.33 5.67 -2.59
CA HIS B 64 5.78 7.01 -2.93
C HIS B 64 4.64 7.81 -3.56
N ILE B 65 4.14 8.79 -2.83
CA ILE B 65 3.06 9.63 -3.33
C ILE B 65 3.40 10.15 -4.74
N LYS B 66 2.52 9.83 -5.69
CA LYS B 66 2.73 10.27 -7.06
C LYS B 66 2.47 11.77 -7.19
N GLU B 67 3.56 12.54 -7.19
CA GLU B 67 3.44 13.98 -7.29
C GLU B 67 3.06 14.39 -8.71
N THR B 68 1.80 14.79 -8.89
CA THR B 68 1.31 15.22 -10.20
C THR B 68 1.12 16.72 -10.21
N ASN B 69 2.22 17.46 -10.18
CA ASN B 69 2.15 18.92 -10.17
C ASN B 69 1.10 19.44 -11.14
N ASP B 70 -0.14 19.59 -10.65
CA ASP B 70 -1.23 20.08 -11.49
C ASP B 70 -2.01 21.17 -10.75
N SER B 71 -3.23 21.43 -11.21
CA SER B 71 -4.08 22.43 -10.57
C SER B 71 -5.55 21.99 -10.61
N PRO B 72 -6.04 21.31 -9.59
CA PRO B 72 -5.24 20.94 -8.40
C PRO B 72 -4.39 19.70 -8.66
N LYS B 73 -4.88 18.54 -8.29
CA LYS B 73 -4.14 17.30 -8.50
C LYS B 73 -2.67 17.46 -8.16
N ARG B 74 -2.24 16.84 -7.08
CA ARG B 74 -0.85 16.92 -6.65
C ARG B 74 -0.36 15.58 -6.13
N TYR B 75 -0.83 15.18 -4.95
CA TYR B 75 -0.39 13.93 -4.34
C TYR B 75 -1.53 12.92 -4.28
N TYR B 76 -1.22 11.66 -4.54
CA TYR B 76 -2.22 10.61 -4.49
C TYR B 76 -1.55 9.24 -4.65
N VAL B 77 -2.28 8.18 -4.33
CA VAL B 77 -1.76 6.83 -4.49
C VAL B 77 -2.91 5.83 -4.59
N ALA B 78 -3.46 5.69 -5.79
CA ALA B 78 -4.56 4.74 -6.00
C ALA B 78 -5.22 5.00 -7.34
N GLU B 79 -4.85 6.10 -7.98
CA GLU B 79 -5.44 6.47 -9.27
C GLU B 79 -6.94 6.69 -9.13
N LYS B 80 -7.45 6.52 -7.92
CA LYS B 80 -8.87 6.71 -7.66
C LYS B 80 -9.19 8.20 -7.54
N TYR B 81 -8.70 8.82 -6.47
CA TYR B 81 -8.94 10.25 -6.24
C TYR B 81 -7.63 10.96 -5.94
N VAL B 82 -7.38 12.06 -6.65
CA VAL B 82 -6.17 12.82 -6.46
C VAL B 82 -6.36 13.89 -5.39
N PHE B 83 -5.39 14.02 -4.49
CA PHE B 83 -5.48 15.00 -3.41
C PHE B 83 -4.50 16.15 -3.63
N ASP B 84 -4.85 17.33 -3.14
CA ASP B 84 -3.99 18.51 -3.28
C ASP B 84 -3.05 18.64 -2.10
N SER B 85 -3.07 17.64 -1.20
CA SER B 85 -2.23 17.66 -0.03
C SER B 85 -2.04 16.24 0.51
N ILE B 86 -1.11 16.10 1.46
CA ILE B 86 -0.85 14.80 2.07
C ILE B 86 -1.83 14.51 3.21
N PRO B 87 -2.10 15.49 4.03
CA PRO B 87 -3.05 15.34 5.17
C PRO B 87 -4.33 14.64 4.75
N LEU B 88 -4.78 14.91 3.53
CA LEU B 88 -6.00 14.28 3.03
C LEU B 88 -5.75 12.82 2.72
N LEU B 89 -4.71 12.56 1.94
CA LEU B 89 -4.37 11.20 1.57
C LEU B 89 -4.23 10.35 2.83
N ILE B 90 -3.88 10.97 3.93
CA ILE B 90 -3.71 10.24 5.18
C ILE B 90 -5.03 10.13 5.92
N GLN B 91 -6.05 10.85 5.45
CA GLN B 91 -7.36 10.83 6.08
C GLN B 91 -8.34 9.94 5.32
N TYR B 92 -8.49 10.20 4.04
CA TYR B 92 -9.41 9.42 3.22
C TYR B 92 -9.02 7.94 3.24
N HIS B 93 -7.74 7.68 3.40
CA HIS B 93 -7.26 6.30 3.42
C HIS B 93 -7.32 5.74 4.84
N GLN B 94 -7.29 6.64 5.82
CA GLN B 94 -7.32 6.21 7.21
C GLN B 94 -8.47 5.24 7.44
N TYR B 95 -9.63 5.56 6.88
CA TYR B 95 -10.81 4.70 7.02
C TYR B 95 -11.46 4.49 5.67
N ASN B 96 -12.65 5.07 5.48
CA ASN B 96 -13.42 4.93 4.24
C ASN B 96 -13.00 3.67 3.47
N GLY B 97 -12.61 3.83 2.22
CA GLY B 97 -12.16 2.71 1.41
C GLY B 97 -11.35 3.19 0.23
N GLY B 98 -10.02 3.15 0.37
CA GLY B 98 -9.13 3.61 -0.69
C GLY B 98 -8.34 2.45 -1.28
N GLY B 99 -7.29 2.78 -2.01
CA GLY B 99 -6.46 1.76 -2.63
C GLY B 99 -5.24 1.45 -1.78
N LEU B 100 -5.46 0.76 -0.66
CA LEU B 100 -4.37 0.36 0.22
C LEU B 100 -4.60 -1.05 0.77
N VAL B 101 -3.52 -1.81 0.86
CA VAL B 101 -3.62 -3.17 1.37
C VAL B 101 -4.02 -3.19 2.83
N THR B 102 -4.03 -2.03 3.46
CA THR B 102 -4.40 -1.95 4.87
C THR B 102 -5.17 -0.67 5.15
N ARG B 103 -5.55 0.03 4.09
CA ARG B 103 -6.29 1.29 4.20
C ARG B 103 -5.92 2.02 5.48
N LEU B 104 -4.62 2.34 5.62
CA LEU B 104 -4.12 3.04 6.81
C LEU B 104 -5.06 2.84 7.99
N ARG B 105 -4.74 1.87 8.84
CA ARG B 105 -5.59 1.57 10.00
C ARG B 105 -4.78 1.65 11.28
N TYR B 106 -3.62 2.30 11.21
CA TYR B 106 -2.80 2.44 12.38
C TYR B 106 -1.62 3.38 12.10
N PRO B 107 -1.63 4.58 12.63
CA PRO B 107 -0.52 5.57 12.44
C PRO B 107 0.66 5.27 13.35
N VAL B 108 1.82 5.85 13.01
CA VAL B 108 3.01 5.64 13.81
C VAL B 108 3.91 6.87 13.75
N CYS B 109 4.74 7.05 14.76
CA CYS B 109 5.66 8.19 14.84
C CYS B 109 7.10 7.72 14.95
N GLY B 110 8.03 8.66 14.81
CA GLY B 110 9.45 8.33 14.90
C GLY B 110 9.84 8.02 16.34
N GLY A 1 9.57 -19.88 -13.16
CA GLY A 1 9.40 -19.56 -14.60
C GLY A 1 9.01 -18.09 -14.75
N SER A 2 7.92 -17.70 -14.10
CA SER A 2 7.46 -16.32 -14.17
C SER A 2 7.35 -15.87 -15.63
N PRO A 3 6.44 -16.45 -16.37
CA PRO A 3 6.23 -16.11 -17.81
C PRO A 3 5.42 -14.84 -17.97
N GLU A 4 4.79 -14.70 -19.13
CA GLU A 4 3.97 -13.53 -19.43
C GLU A 4 3.24 -13.07 -18.18
N GLU A 5 2.60 -14.00 -17.49
CA GLU A 5 1.85 -13.70 -16.27
C GLU A 5 2.26 -14.62 -15.14
N THR A 6 1.77 -14.33 -13.94
CA THR A 6 2.10 -15.14 -12.76
C THR A 6 0.86 -15.38 -11.90
N LEU A 7 0.90 -16.42 -11.08
CA LEU A 7 -0.22 -16.72 -10.19
C LEU A 7 0.12 -16.33 -8.77
N VAL A 8 -0.88 -15.88 -8.03
CA VAL A 8 -0.69 -15.46 -6.63
C VAL A 8 -1.67 -16.17 -5.73
N ILE A 9 -1.50 -15.99 -4.42
CA ILE A 9 -2.38 -16.64 -3.44
C ILE A 9 -2.51 -15.79 -2.19
N ALA A 10 -3.66 -15.88 -1.53
CA ALA A 10 -3.89 -15.11 -0.31
C ALA A 10 -3.25 -15.80 0.90
N LEU A 11 -2.42 -15.07 1.64
CA LEU A 11 -1.78 -15.63 2.81
C LEU A 11 -2.77 -15.81 3.94
N TYR A 12 -3.52 -14.75 4.25
CA TYR A 12 -4.53 -14.81 5.31
C TYR A 12 -5.92 -14.77 4.70
N ASP A 13 -6.94 -14.69 5.55
CA ASP A 13 -8.32 -14.64 5.08
C ASP A 13 -8.79 -13.20 4.92
N TYR A 14 -8.22 -12.50 3.95
CA TYR A 14 -8.59 -11.11 3.69
C TYR A 14 -10.03 -11.03 3.21
N GLN A 15 -10.64 -9.85 3.36
CA GLN A 15 -12.02 -9.65 2.92
C GLN A 15 -12.16 -8.33 2.17
N THR A 16 -13.05 -8.30 1.20
CA THR A 16 -13.26 -7.10 0.41
C THR A 16 -13.90 -6.01 1.25
N ASN A 17 -13.36 -4.81 1.16
CA ASN A 17 -13.90 -3.66 1.89
C ASN A 17 -14.66 -2.74 0.96
N ASP A 18 -14.62 -3.05 -0.34
CA ASP A 18 -15.31 -2.25 -1.34
C ASP A 18 -15.54 -3.04 -2.62
N PRO A 19 -16.52 -2.66 -3.38
CA PRO A 19 -16.86 -3.35 -4.66
C PRO A 19 -15.70 -3.33 -5.66
N GLN A 20 -14.82 -2.34 -5.51
CA GLN A 20 -13.68 -2.21 -6.41
C GLN A 20 -12.67 -3.32 -6.15
N GLU A 21 -12.45 -3.63 -4.88
CA GLU A 21 -11.49 -4.67 -4.51
C GLU A 21 -12.11 -6.04 -4.70
N LEU A 22 -11.26 -7.06 -4.84
CA LEU A 22 -11.73 -8.43 -5.03
C LEU A 22 -11.48 -9.26 -3.78
N ALA A 23 -12.55 -9.78 -3.19
CA ALA A 23 -12.43 -10.62 -2.00
C ALA A 23 -11.50 -11.80 -2.26
N LEU A 24 -10.67 -12.12 -1.27
CA LEU A 24 -9.72 -13.23 -1.41
C LEU A 24 -10.08 -14.37 -0.45
N ARG A 25 -9.11 -15.25 -0.19
CA ARG A 25 -9.34 -16.37 0.70
C ARG A 25 -8.05 -17.17 0.87
N CYS A 26 -7.86 -17.70 2.05
CA CYS A 26 -6.65 -18.49 2.35
C CYS A 26 -6.56 -19.68 1.40
N ASP A 27 -5.33 -20.10 1.12
CA ASP A 27 -5.08 -21.23 0.24
C ASP A 27 -5.60 -20.93 -1.18
N GLU A 28 -6.59 -20.05 -1.27
CA GLU A 28 -7.17 -19.71 -2.55
C GLU A 28 -6.15 -19.03 -3.43
N GLU A 29 -6.01 -19.53 -4.65
CA GLU A 29 -5.08 -18.98 -5.63
C GLU A 29 -5.83 -18.25 -6.73
N TYR A 30 -5.18 -17.23 -7.29
CA TYR A 30 -5.78 -16.45 -8.38
C TYR A 30 -4.75 -16.25 -9.48
N TYR A 31 -4.97 -15.24 -10.32
CA TYR A 31 -4.05 -14.93 -11.42
C TYR A 31 -3.61 -13.47 -11.32
N LEU A 32 -2.82 -13.03 -12.30
CA LEU A 32 -2.37 -11.63 -12.33
C LEU A 32 -2.59 -11.06 -13.73
N LEU A 33 -3.32 -9.96 -13.81
CA LEU A 33 -3.60 -9.31 -15.10
C LEU A 33 -2.87 -7.99 -15.21
N ASP A 34 -2.66 -7.32 -14.07
CA ASP A 34 -1.94 -6.05 -14.08
C ASP A 34 -0.99 -5.97 -12.90
N SER A 35 0.27 -6.38 -13.13
CA SER A 35 1.29 -6.33 -12.08
C SER A 35 2.12 -5.06 -12.20
N SER A 36 1.90 -4.32 -13.27
CA SER A 36 2.62 -3.07 -13.49
C SER A 36 2.40 -2.12 -12.32
N GLU A 37 1.18 -2.15 -11.77
CA GLU A 37 0.84 -1.29 -10.65
C GLU A 37 1.69 -1.67 -9.43
N ILE A 38 1.94 -0.69 -8.56
CA ILE A 38 2.75 -0.94 -7.38
C ILE A 38 1.87 -1.28 -6.19
N HIS A 39 0.57 -1.00 -6.31
CA HIS A 39 -0.37 -1.25 -5.24
C HIS A 39 -1.16 -2.53 -5.48
N TRP A 40 -2.30 -2.38 -6.15
CA TRP A 40 -3.17 -3.52 -6.41
C TRP A 40 -2.79 -4.21 -7.70
N TRP A 41 -2.99 -5.54 -7.75
CA TRP A 41 -2.67 -6.31 -8.96
C TRP A 41 -3.90 -7.04 -9.42
N ARG A 42 -4.70 -6.39 -10.25
CA ARG A 42 -5.94 -6.99 -10.75
C ARG A 42 -5.82 -8.49 -10.95
N VAL A 43 -6.43 -9.24 -10.04
CA VAL A 43 -6.38 -10.70 -10.11
C VAL A 43 -7.74 -11.22 -10.52
N GLN A 44 -7.83 -12.52 -10.82
CA GLN A 44 -9.09 -13.12 -11.22
C GLN A 44 -9.31 -14.42 -10.46
N ASP A 45 -10.36 -14.47 -9.66
CA ASP A 45 -10.68 -15.67 -8.90
C ASP A 45 -11.19 -16.78 -9.81
N LYS A 46 -10.77 -18.01 -9.53
CA LYS A 46 -11.20 -19.15 -10.34
C LYS A 46 -12.72 -19.18 -10.44
N ASN A 47 -13.39 -18.55 -9.48
CA ASN A 47 -14.86 -18.52 -9.47
C ASN A 47 -15.37 -17.73 -10.66
N GLY A 48 -14.71 -16.61 -10.97
CA GLY A 48 -15.10 -15.77 -12.09
C GLY A 48 -15.26 -14.32 -11.63
N HIS A 49 -14.36 -13.87 -10.77
CA HIS A 49 -14.40 -12.50 -10.27
C HIS A 49 -13.34 -11.66 -10.95
N GLU A 50 -12.99 -10.52 -10.34
CA GLU A 50 -12.00 -9.63 -10.91
C GLU A 50 -12.07 -8.26 -10.23
N GLY A 51 -10.97 -7.87 -9.58
CA GLY A 51 -10.92 -6.56 -8.91
C GLY A 51 -9.53 -6.28 -8.38
N TYR A 52 -9.34 -5.09 -7.81
CA TYR A 52 -8.04 -4.71 -7.28
C TYR A 52 -7.75 -5.47 -6.01
N ALA A 53 -6.77 -6.38 -6.06
CA ALA A 53 -6.41 -7.17 -4.88
C ALA A 53 -5.12 -6.67 -4.23
N PRO A 54 -5.01 -6.78 -2.93
CA PRO A 54 -3.84 -6.27 -2.17
C PRO A 54 -2.57 -7.05 -2.47
N SER A 55 -1.52 -6.33 -2.83
CA SER A 55 -0.25 -6.97 -3.15
C SER A 55 0.31 -7.73 -1.94
N SER A 56 0.27 -7.08 -0.78
CA SER A 56 0.79 -7.70 0.43
C SER A 56 0.27 -9.13 0.58
N TYR A 57 -1.00 -9.27 0.93
CA TYR A 57 -1.59 -10.57 1.12
C TYR A 57 -1.37 -11.44 -0.09
N LEU A 58 -0.82 -10.85 -1.15
CA LEU A 58 -0.57 -11.60 -2.38
C LEU A 58 0.91 -11.81 -2.58
N VAL A 59 1.28 -12.86 -3.34
CA VAL A 59 2.67 -13.12 -3.64
C VAL A 59 2.78 -14.05 -4.84
N GLU A 60 3.58 -13.64 -5.81
CA GLU A 60 3.74 -14.45 -7.02
C GLU A 60 4.23 -15.84 -6.70
N LYS A 61 3.52 -16.82 -7.21
CA LYS A 61 3.88 -18.22 -6.94
C LYS A 61 5.27 -18.53 -7.50
N SER A 62 5.56 -17.97 -8.66
CA SER A 62 6.85 -18.18 -9.31
C SER A 62 7.02 -19.65 -9.72
N PRO A 63 6.22 -20.09 -10.66
CA PRO A 63 6.27 -21.50 -11.15
C PRO A 63 7.43 -21.73 -12.11
N ASN B 3 5.06 22.30 5.36
CA ASN B 3 3.60 22.53 5.60
C ASN B 3 3.28 22.25 7.07
N ASN B 4 4.24 22.51 7.94
CA ASN B 4 4.05 22.29 9.36
C ASN B 4 3.60 20.86 9.64
N LEU B 5 4.12 19.93 8.85
CA LEU B 5 3.77 18.52 9.02
C LEU B 5 4.23 18.01 10.37
N GLU B 6 5.23 18.68 10.94
CA GLU B 6 5.75 18.28 12.24
C GLU B 6 4.62 18.09 13.24
N THR B 7 3.44 18.60 12.90
CA THR B 7 2.29 18.48 13.78
C THR B 7 1.76 17.05 13.77
N TYR B 8 1.86 16.39 12.62
CA TYR B 8 1.38 15.02 12.49
C TYR B 8 2.45 14.05 12.97
N GLU B 9 2.16 12.76 12.84
CA GLU B 9 3.09 11.71 13.27
C GLU B 9 3.79 11.07 12.08
N TRP B 10 3.00 10.56 11.16
CA TRP B 10 3.55 9.87 9.99
C TRP B 10 4.71 10.66 9.41
N TYR B 11 4.67 11.98 9.56
CA TYR B 11 5.71 12.83 9.03
C TYR B 11 6.94 12.79 9.92
N ASN B 12 8.06 12.34 9.37
CA ASN B 12 9.30 12.26 10.13
C ASN B 12 10.50 12.48 9.21
N LYS B 13 11.09 13.67 9.28
CA LYS B 13 12.25 14.00 8.46
C LYS B 13 13.53 13.65 9.19
N SER B 14 13.53 13.83 10.50
CA SER B 14 14.71 13.53 11.31
C SER B 14 15.10 12.08 11.18
N ILE B 15 14.12 11.21 10.92
CA ILE B 15 14.39 9.79 10.78
C ILE B 15 14.72 9.44 9.34
N SER B 16 15.74 8.61 9.16
CA SER B 16 16.15 8.20 7.83
C SER B 16 15.30 7.03 7.33
N ARG B 17 15.45 6.69 6.05
CA ARG B 17 14.69 5.59 5.48
C ARG B 17 15.08 4.27 6.12
N ASP B 18 16.38 4.10 6.36
CA ASP B 18 16.87 2.87 6.97
C ASP B 18 16.32 2.72 8.39
N LYS B 19 16.27 3.82 9.12
CA LYS B 19 15.76 3.80 10.48
C LYS B 19 14.24 3.70 10.47
N ALA B 20 13.63 4.15 9.38
CA ALA B 20 12.17 4.10 9.25
C ALA B 20 11.70 2.65 9.20
N GLU B 21 12.43 1.82 8.47
CA GLU B 21 12.09 0.42 8.33
C GLU B 21 12.10 -0.26 9.69
N LYS B 22 13.01 0.17 10.56
CA LYS B 22 13.10 -0.39 11.89
C LYS B 22 11.98 0.15 12.78
N LEU B 23 11.87 1.46 12.83
CA LEU B 23 10.86 2.09 13.67
C LEU B 23 9.51 1.41 13.51
N LEU B 24 9.12 1.20 12.25
CA LEU B 24 7.85 0.55 11.96
C LEU B 24 7.85 -0.88 12.46
N LEU B 25 8.98 -1.55 12.30
CA LEU B 25 9.10 -2.92 12.73
C LEU B 25 8.84 -3.06 14.22
N ASP B 26 9.24 -2.05 14.97
CA ASP B 26 9.04 -2.05 16.41
C ASP B 26 7.56 -2.17 16.75
N THR B 27 6.71 -1.56 15.93
CA THR B 27 5.28 -1.61 16.16
C THR B 27 4.78 -3.05 16.10
N GLY B 28 5.18 -3.78 15.06
CA GLY B 28 4.79 -5.17 14.91
C GLY B 28 3.28 -5.30 14.76
N LYS B 29 2.65 -4.28 14.21
CA LYS B 29 1.20 -4.28 14.02
C LYS B 29 0.86 -4.09 12.55
N GLU B 30 -0.13 -4.84 12.08
CA GLU B 30 -0.55 -4.75 10.69
C GLU B 30 -1.31 -3.45 10.44
N GLY B 31 -0.98 -2.76 9.35
CA GLY B 31 -1.63 -1.50 9.02
C GLY B 31 -0.72 -0.33 9.33
N ALA B 32 0.17 -0.50 10.31
CA ALA B 32 1.11 0.55 10.70
C ALA B 32 1.55 1.32 9.47
N PHE B 33 1.12 2.58 9.39
CA PHE B 33 1.46 3.43 8.25
C PHE B 33 2.21 4.67 8.71
N MET B 34 3.24 5.05 7.96
CA MET B 34 4.02 6.25 8.28
C MET B 34 4.44 6.97 7.01
N VAL B 35 5.04 8.15 7.18
CA VAL B 35 5.54 8.93 6.07
C VAL B 35 6.98 9.37 6.30
N ARG B 36 7.69 9.63 5.21
CA ARG B 36 9.08 10.06 5.29
C ARG B 36 9.44 10.97 4.12
N ASP B 37 10.01 12.13 4.43
CA ASP B 37 10.39 13.08 3.40
C ASP B 37 11.23 12.39 2.33
N SER B 38 10.90 12.66 1.07
CA SER B 38 11.62 12.05 -0.05
C SER B 38 12.68 13.01 -0.59
N ARG B 39 13.37 12.57 -1.64
CA ARG B 39 14.40 13.40 -2.25
C ARG B 39 13.81 14.72 -2.72
N THR B 40 12.64 14.64 -3.37
CA THR B 40 11.99 15.83 -3.87
C THR B 40 11.57 16.74 -2.71
N PRO B 41 11.74 18.03 -2.84
CA PRO B 41 11.36 19.01 -1.79
C PRO B 41 9.85 19.13 -1.63
N GLY B 42 9.11 18.66 -2.63
CA GLY B 42 7.64 18.73 -2.59
C GLY B 42 7.03 17.36 -2.77
N THR B 43 7.61 16.36 -2.13
CA THR B 43 7.11 15.01 -2.22
C THR B 43 7.75 14.12 -1.17
N TYR B 44 6.93 13.57 -0.28
CA TYR B 44 7.43 12.69 0.79
C TYR B 44 7.25 11.24 0.40
N THR B 45 7.42 10.33 1.37
CA THR B 45 7.29 8.90 1.08
C THR B 45 6.40 8.26 2.11
N VAL B 46 5.44 7.46 1.66
CA VAL B 46 4.53 6.77 2.57
C VAL B 46 5.06 5.39 2.94
N SER B 47 5.68 5.28 4.11
CA SER B 47 6.21 4.01 4.58
C SER B 47 5.12 3.19 5.24
N VAL B 48 4.54 2.24 4.50
CA VAL B 48 3.48 1.40 5.02
C VAL B 48 4.02 0.05 5.44
N PHE B 49 3.90 -0.26 6.73
CA PHE B 49 4.38 -1.54 7.25
C PHE B 49 3.21 -2.44 7.60
N THR B 50 3.18 -3.63 6.99
CA THR B 50 2.13 -4.59 7.27
C THR B 50 2.71 -6.00 7.38
N LYS B 51 2.34 -6.71 8.44
CA LYS B 51 2.84 -8.07 8.65
C LYS B 51 2.21 -9.01 7.63
N ALA B 52 2.73 -9.00 6.41
CA ALA B 52 2.22 -9.85 5.35
C ALA B 52 3.35 -10.38 4.47
N ILE B 53 3.03 -10.72 3.23
CA ILE B 53 4.03 -11.23 2.30
C ILE B 53 4.70 -12.48 2.88
N ILE B 54 4.91 -13.46 2.02
CA ILE B 54 5.55 -14.71 2.45
C ILE B 54 7.04 -14.70 2.10
N SER B 55 7.43 -13.82 1.19
CA SER B 55 8.82 -13.75 0.76
C SER B 55 9.72 -13.45 1.96
N GLU B 56 9.32 -12.50 2.78
CA GLU B 56 10.10 -12.13 3.96
C GLU B 56 9.32 -11.19 4.84
N ASN B 57 8.72 -11.73 5.91
CA ASN B 57 7.95 -10.91 6.82
C ASN B 57 8.73 -10.64 8.11
N PRO B 58 8.58 -9.47 8.70
CA PRO B 58 7.70 -8.38 8.16
C PRO B 58 8.30 -7.73 6.92
N CYS B 59 7.57 -6.79 6.34
CA CYS B 59 8.04 -6.10 5.14
C CYS B 59 7.55 -4.67 5.15
N ILE B 60 8.35 -3.78 4.58
CA ILE B 60 7.99 -2.36 4.54
C ILE B 60 7.57 -1.95 3.14
N LYS B 61 6.36 -1.42 3.03
CA LYS B 61 5.83 -0.98 1.73
C LYS B 61 6.03 0.51 1.56
N HIS B 62 6.84 0.87 0.58
CA HIS B 62 7.11 2.29 0.31
C HIS B 62 6.31 2.78 -0.89
N TYR B 63 5.20 3.48 -0.62
CA TYR B 63 4.37 4.02 -1.69
C TYR B 63 4.66 5.50 -1.88
N HIS B 64 5.51 5.80 -2.86
CA HIS B 64 5.85 7.19 -3.14
C HIS B 64 4.66 7.96 -3.68
N ILE B 65 4.35 9.08 -3.04
CA ILE B 65 3.23 9.90 -3.47
C ILE B 65 3.51 10.51 -4.85
N LYS B 66 2.67 10.17 -5.81
CA LYS B 66 2.82 10.68 -7.16
C LYS B 66 2.35 12.13 -7.24
N GLU B 67 3.28 13.04 -7.54
CA GLU B 67 2.96 14.46 -7.64
C GLU B 67 2.61 14.83 -9.08
N THR B 68 1.34 15.17 -9.31
CA THR B 68 0.90 15.55 -10.65
C THR B 68 0.70 17.05 -10.71
N ASN B 69 1.79 17.79 -10.88
CA ASN B 69 1.73 19.25 -10.93
C ASN B 69 0.55 19.72 -11.77
N ASP B 70 -0.64 19.79 -11.13
CA ASP B 70 -1.84 20.23 -11.83
C ASP B 70 -2.50 21.35 -11.07
N SER B 71 -3.76 21.64 -11.40
CA SER B 71 -4.49 22.69 -10.73
C SER B 71 -5.99 22.32 -10.62
N PRO B 72 -6.41 21.72 -9.53
CA PRO B 72 -5.55 21.38 -8.38
C PRO B 72 -4.71 20.14 -8.66
N LYS B 73 -5.24 18.98 -8.30
CA LYS B 73 -4.54 17.73 -8.51
C LYS B 73 -3.05 17.85 -8.21
N ARG B 74 -2.58 17.11 -7.23
CA ARG B 74 -1.18 17.15 -6.87
C ARG B 74 -0.67 15.77 -6.47
N TYR B 75 -0.83 15.42 -5.19
CA TYR B 75 -0.34 14.15 -4.69
C TYR B 75 -1.46 13.10 -4.69
N TYR B 76 -1.08 11.84 -4.89
CA TYR B 76 -2.03 10.76 -4.88
C TYR B 76 -1.31 9.41 -4.96
N VAL B 77 -2.01 8.34 -4.61
CA VAL B 77 -1.44 7.00 -4.69
C VAL B 77 -2.55 5.96 -4.79
N ALA B 78 -3.21 5.91 -5.93
CA ALA B 78 -4.27 4.94 -6.14
C ALA B 78 -4.90 5.11 -7.51
N GLU B 79 -4.48 6.16 -8.21
CA GLU B 79 -5.02 6.45 -9.54
C GLU B 79 -6.53 6.63 -9.48
N LYS B 80 -7.10 6.45 -8.29
CA LYS B 80 -8.53 6.61 -8.11
C LYS B 80 -8.88 8.08 -7.94
N TYR B 81 -8.24 8.73 -6.98
CA TYR B 81 -8.49 10.16 -6.73
C TYR B 81 -7.17 10.89 -6.50
N VAL B 82 -7.25 12.18 -6.22
CA VAL B 82 -6.05 12.99 -5.98
C VAL B 82 -6.31 13.98 -4.87
N PHE B 83 -5.22 14.41 -4.20
CA PHE B 83 -5.34 15.36 -3.11
C PHE B 83 -4.32 16.49 -3.28
N ASP B 84 -4.64 17.65 -2.70
CA ASP B 84 -3.76 18.82 -2.80
C ASP B 84 -2.79 18.87 -1.62
N SER B 85 -2.84 17.83 -0.79
CA SER B 85 -1.97 17.79 0.39
C SER B 85 -1.80 16.34 0.86
N ILE B 86 -0.86 16.13 1.78
CA ILE B 86 -0.62 14.80 2.33
C ILE B 86 -1.59 14.48 3.46
N PRO B 87 -1.85 15.43 4.32
CA PRO B 87 -2.80 15.24 5.45
C PRO B 87 -4.10 14.59 4.98
N LEU B 88 -4.55 14.95 3.78
CA LEU B 88 -5.78 14.38 3.24
C LEU B 88 -5.53 12.92 2.84
N LEU B 89 -4.49 12.72 2.05
CA LEU B 89 -4.16 11.39 1.58
C LEU B 89 -4.07 10.43 2.78
N ILE B 90 -3.73 10.96 3.94
CA ILE B 90 -3.61 10.14 5.13
C ILE B 90 -4.93 10.03 5.86
N GLN B 91 -5.93 10.76 5.38
CA GLN B 91 -7.25 10.74 6.01
C GLN B 91 -8.23 9.90 5.20
N TYR B 92 -8.39 10.22 3.93
CA TYR B 92 -9.32 9.49 3.09
C TYR B 92 -8.97 8.00 3.04
N HIS B 93 -7.70 7.70 3.18
CA HIS B 93 -7.24 6.32 3.11
C HIS B 93 -7.48 5.61 4.43
N GLN B 94 -7.58 6.39 5.52
CA GLN B 94 -7.82 5.80 6.82
C GLN B 94 -8.91 4.75 6.77
N TYR B 95 -10.15 5.17 6.51
CA TYR B 95 -11.26 4.25 6.41
C TYR B 95 -11.70 4.12 4.97
N ASN B 96 -12.81 4.77 4.64
CA ASN B 96 -13.37 4.76 3.29
C ASN B 96 -12.91 3.51 2.52
N GLY B 97 -12.47 3.71 1.29
CA GLY B 97 -11.96 2.59 0.50
C GLY B 97 -11.09 3.10 -0.64
N GLY B 98 -9.83 3.41 -0.31
CA GLY B 98 -8.89 3.91 -1.30
C GLY B 98 -8.06 2.80 -1.91
N GLY B 99 -6.96 3.18 -2.57
CA GLY B 99 -6.11 2.19 -3.20
C GLY B 99 -4.88 1.91 -2.35
N LEU B 100 -5.08 1.13 -1.28
CA LEU B 100 -3.98 0.75 -0.40
C LEU B 100 -4.09 -0.72 -0.02
N VAL B 101 -2.97 -1.43 -0.11
CA VAL B 101 -2.96 -2.85 0.22
C VAL B 101 -2.90 -3.07 1.73
N THR B 102 -3.19 -2.02 2.49
CA THR B 102 -3.16 -2.12 3.94
C THR B 102 -4.21 -1.20 4.55
N ARG B 103 -4.83 -0.38 3.72
CA ARG B 103 -5.85 0.55 4.20
C ARG B 103 -5.42 1.18 5.51
N LEU B 104 -4.80 2.36 5.42
CA LEU B 104 -4.33 3.06 6.61
C LEU B 104 -5.34 2.94 7.74
N ARG B 105 -4.85 2.60 8.93
CA ARG B 105 -5.73 2.46 10.08
C ARG B 105 -4.90 2.33 11.36
N TYR B 106 -3.68 2.83 11.32
CA TYR B 106 -2.81 2.76 12.48
C TYR B 106 -1.57 3.65 12.28
N PRO B 107 -1.63 4.89 12.70
CA PRO B 107 -0.49 5.83 12.58
C PRO B 107 0.56 5.61 13.67
N VAL B 108 1.81 5.88 13.34
CA VAL B 108 2.91 5.72 14.30
C VAL B 108 3.80 6.93 14.31
N CYS B 109 4.15 7.40 15.50
CA CYS B 109 4.99 8.55 15.65
C CYS B 109 6.46 8.18 15.53
N GLY B 110 7.26 9.09 14.99
CA GLY B 110 8.69 8.84 14.83
C GLY B 110 9.45 10.14 14.63
N GLY A 1 8.24 -21.49 -15.77
CA GLY A 1 8.15 -20.85 -14.42
C GLY A 1 8.10 -19.33 -14.58
N SER A 2 8.17 -18.87 -15.83
CA SER A 2 8.14 -17.44 -16.10
C SER A 2 7.89 -17.20 -17.58
N PRO A 3 6.75 -17.61 -18.08
CA PRO A 3 6.39 -17.43 -19.51
C PRO A 3 6.00 -16.00 -19.83
N GLU A 4 4.89 -15.53 -19.24
CA GLU A 4 4.42 -14.17 -19.48
C GLU A 4 3.85 -13.55 -18.21
N GLU A 5 3.11 -14.36 -17.46
CA GLU A 5 2.48 -13.91 -16.22
C GLU A 5 2.81 -14.85 -15.08
N THR A 6 2.28 -14.55 -13.90
CA THR A 6 2.51 -15.37 -12.70
C THR A 6 1.22 -15.58 -11.94
N LEU A 7 1.26 -16.40 -10.89
CA LEU A 7 0.09 -16.65 -10.06
C LEU A 7 0.34 -16.10 -8.66
N VAL A 8 -0.73 -15.66 -8.00
CA VAL A 8 -0.62 -15.11 -6.65
C VAL A 8 -1.64 -15.76 -5.74
N ILE A 9 -1.44 -15.63 -4.42
CA ILE A 9 -2.34 -16.24 -3.46
C ILE A 9 -2.38 -15.41 -2.18
N ALA A 10 -3.52 -15.40 -1.49
CA ALA A 10 -3.64 -14.63 -0.25
C ALA A 10 -3.14 -15.43 0.95
N LEU A 11 -2.28 -14.81 1.76
CA LEU A 11 -1.75 -15.50 2.94
C LEU A 11 -2.79 -15.51 4.05
N TYR A 12 -3.40 -14.35 4.30
CA TYR A 12 -4.44 -14.26 5.35
C TYR A 12 -5.82 -14.50 4.75
N ASP A 13 -6.82 -13.80 5.28
CA ASP A 13 -8.20 -13.95 4.80
C ASP A 13 -8.78 -12.59 4.45
N TYR A 14 -8.08 -11.85 3.59
CA TYR A 14 -8.55 -10.53 3.18
C TYR A 14 -9.89 -10.64 2.48
N GLN A 15 -10.84 -9.80 2.88
CA GLN A 15 -12.17 -9.81 2.29
C GLN A 15 -12.65 -8.39 2.02
N THR A 16 -13.31 -8.20 0.90
CA THR A 16 -13.82 -6.88 0.53
C THR A 16 -15.03 -7.02 -0.41
N ASN A 17 -16.06 -6.23 -0.14
CA ASN A 17 -17.27 -6.25 -0.98
C ASN A 17 -17.22 -5.11 -1.98
N ASP A 18 -16.03 -4.54 -2.15
CA ASP A 18 -15.87 -3.43 -3.08
C ASP A 18 -15.91 -3.92 -4.53
N PRO A 19 -16.74 -3.34 -5.38
CA PRO A 19 -16.82 -3.75 -6.81
C PRO A 19 -15.43 -3.79 -7.49
N GLN A 20 -14.56 -2.89 -7.07
CA GLN A 20 -13.22 -2.82 -7.64
C GLN A 20 -12.32 -3.90 -7.03
N GLU A 21 -12.19 -3.85 -5.71
CA GLU A 21 -11.37 -4.82 -5.00
C GLU A 21 -12.20 -6.02 -4.59
N LEU A 22 -12.26 -7.03 -5.44
CA LEU A 22 -13.03 -8.22 -5.17
C LEU A 22 -12.61 -8.82 -3.82
N ALA A 23 -13.43 -9.72 -3.30
CA ALA A 23 -13.12 -10.39 -2.04
C ALA A 23 -12.04 -11.45 -2.25
N LEU A 24 -11.23 -11.69 -1.21
CA LEU A 24 -10.14 -12.68 -1.27
C LEU A 24 -10.24 -13.64 -0.10
N ARG A 25 -9.38 -14.67 -0.09
CA ARG A 25 -9.40 -15.67 0.96
C ARG A 25 -8.11 -16.47 0.91
N CYS A 26 -7.72 -16.98 2.05
CA CYS A 26 -6.50 -17.78 2.15
C CYS A 26 -6.52 -18.89 1.12
N ASP A 27 -5.33 -19.34 0.75
CA ASP A 27 -5.18 -20.42 -0.23
C ASP A 27 -5.70 -20.02 -1.60
N GLU A 28 -6.66 -19.10 -1.61
CA GLU A 28 -7.26 -18.65 -2.84
C GLU A 28 -6.20 -18.08 -3.77
N GLU A 29 -6.04 -18.72 -4.91
CA GLU A 29 -5.07 -18.30 -5.91
C GLU A 29 -5.77 -17.72 -7.12
N TYR A 30 -5.11 -16.80 -7.80
CA TYR A 30 -5.68 -16.16 -8.99
C TYR A 30 -4.60 -16.06 -10.06
N TYR A 31 -4.82 -15.18 -11.04
CA TYR A 31 -3.83 -14.99 -12.12
C TYR A 31 -3.41 -13.52 -12.18
N LEU A 32 -2.14 -13.25 -11.97
CA LEU A 32 -1.67 -11.86 -11.98
C LEU A 32 -1.85 -11.26 -13.38
N LEU A 33 -2.52 -10.11 -13.43
CA LEU A 33 -2.77 -9.44 -14.71
C LEU A 33 -2.03 -8.11 -14.77
N ASP A 34 -1.83 -7.46 -13.60
CA ASP A 34 -1.12 -6.20 -13.58
C ASP A 34 -0.16 -6.13 -12.39
N SER A 35 1.06 -6.63 -12.59
CA SER A 35 2.07 -6.61 -11.52
C SER A 35 2.87 -5.33 -11.58
N SER A 36 2.64 -4.56 -12.62
CA SER A 36 3.33 -3.28 -12.78
C SER A 36 2.99 -2.34 -11.63
N GLU A 37 1.72 -2.31 -11.25
CA GLU A 37 1.27 -1.46 -10.16
C GLU A 37 2.06 -1.79 -8.90
N ILE A 38 2.05 -0.87 -7.93
CA ILE A 38 2.77 -1.07 -6.68
C ILE A 38 1.81 -1.39 -5.54
N HIS A 39 0.56 -0.98 -5.71
CA HIS A 39 -0.45 -1.20 -4.69
C HIS A 39 -1.22 -2.49 -4.92
N TRP A 40 -2.26 -2.42 -5.74
CA TRP A 40 -3.07 -3.60 -6.00
C TRP A 40 -2.63 -4.28 -7.30
N TRP A 41 -2.62 -5.62 -7.29
CA TRP A 41 -2.24 -6.37 -8.48
C TRP A 41 -3.41 -7.15 -9.00
N ARG A 42 -4.09 -6.61 -10.02
CA ARG A 42 -5.28 -7.24 -10.59
C ARG A 42 -5.21 -8.76 -10.49
N VAL A 43 -6.35 -9.39 -10.64
CA VAL A 43 -6.40 -10.83 -10.55
C VAL A 43 -7.67 -11.38 -11.19
N GLN A 44 -7.61 -12.66 -11.58
CA GLN A 44 -8.75 -13.31 -12.22
C GLN A 44 -9.07 -14.63 -11.53
N ASP A 45 -10.11 -14.65 -10.73
CA ASP A 45 -10.49 -15.86 -10.04
C ASP A 45 -11.12 -16.85 -11.02
N LYS A 46 -10.88 -18.13 -10.80
CA LYS A 46 -11.41 -19.17 -11.68
C LYS A 46 -12.91 -18.96 -11.88
N ASN A 47 -13.59 -18.50 -10.83
CA ASN A 47 -15.02 -18.26 -10.90
C ASN A 47 -15.33 -17.06 -11.78
N GLY A 48 -14.32 -16.21 -11.98
CA GLY A 48 -14.49 -15.02 -12.82
C GLY A 48 -14.67 -13.78 -11.97
N HIS A 49 -13.94 -13.70 -10.85
CA HIS A 49 -14.01 -12.54 -9.97
C HIS A 49 -12.81 -11.63 -10.19
N GLU A 50 -12.98 -10.68 -11.09
CA GLU A 50 -11.91 -9.75 -11.41
C GLU A 50 -11.99 -8.48 -10.57
N GLY A 51 -10.93 -8.23 -9.83
CA GLY A 51 -10.88 -7.05 -8.98
C GLY A 51 -9.44 -6.75 -8.55
N TYR A 52 -9.21 -5.51 -8.14
CA TYR A 52 -7.88 -5.10 -7.70
C TYR A 52 -7.54 -5.75 -6.38
N ALA A 53 -6.55 -6.65 -6.39
CA ALA A 53 -6.14 -7.35 -5.16
C ALA A 53 -4.85 -6.73 -4.61
N PRO A 54 -4.66 -6.79 -3.31
CA PRO A 54 -3.48 -6.16 -2.65
C PRO A 54 -2.15 -6.64 -3.22
N SER A 55 -1.07 -6.23 -2.59
CA SER A 55 0.28 -6.62 -3.05
C SER A 55 1.06 -7.26 -1.90
N SER A 56 0.62 -6.98 -0.66
CA SER A 56 1.31 -7.53 0.50
C SER A 56 0.73 -8.90 0.86
N TYR A 57 -0.59 -8.96 1.05
CA TYR A 57 -1.23 -10.20 1.39
C TYR A 57 -1.04 -11.21 0.29
N LEU A 58 -0.56 -10.76 -0.86
CA LEU A 58 -0.34 -11.66 -1.98
C LEU A 58 1.12 -11.91 -2.23
N VAL A 59 1.42 -12.96 -2.99
CA VAL A 59 2.81 -13.26 -3.32
C VAL A 59 2.88 -14.13 -4.57
N GLU A 60 3.75 -13.76 -5.50
CA GLU A 60 3.85 -14.50 -6.75
C GLU A 60 4.29 -15.93 -6.48
N LYS A 61 3.58 -16.86 -7.08
CA LYS A 61 3.89 -18.28 -6.90
C LYS A 61 5.25 -18.60 -7.51
N SER A 62 5.86 -17.60 -8.15
CA SER A 62 7.16 -17.78 -8.79
C SER A 62 8.05 -18.71 -7.96
N PRO A 63 9.01 -19.34 -8.57
CA PRO A 63 9.96 -20.26 -7.87
C PRO A 63 10.88 -19.51 -6.93
N ASN B 3 5.26 23.03 4.01
CA ASN B 3 3.89 22.77 4.55
C ASN B 3 3.96 22.57 6.06
N ASN B 4 5.19 22.53 6.59
CA ASN B 4 5.37 22.34 8.02
C ASN B 4 4.71 21.05 8.50
N LEU B 5 5.10 19.94 7.90
CA LEU B 5 4.53 18.64 8.26
C LEU B 5 5.03 18.21 9.64
N GLU B 6 6.13 18.80 10.08
CA GLU B 6 6.69 18.46 11.38
C GLU B 6 5.60 18.43 12.44
N THR B 7 4.44 18.99 12.11
CA THR B 7 3.33 19.03 13.04
C THR B 7 2.70 17.64 13.19
N TYR B 8 2.72 16.87 12.11
CA TYR B 8 2.15 15.53 12.13
C TYR B 8 3.16 14.52 12.66
N GLU B 9 2.78 13.25 12.67
CA GLU B 9 3.64 12.18 13.17
C GLU B 9 4.25 11.37 12.03
N TRP B 10 3.40 10.93 11.12
CA TRP B 10 3.85 10.12 9.99
C TRP B 10 5.01 10.80 9.28
N TYR B 11 5.05 12.12 9.33
CA TYR B 11 6.10 12.88 8.67
C TYR B 11 7.36 12.90 9.53
N ASN B 12 8.45 12.34 8.99
CA ASN B 12 9.71 12.30 9.71
C ASN B 12 10.88 12.46 8.74
N LYS B 13 11.53 13.62 8.79
CA LYS B 13 12.66 13.92 7.93
C LYS B 13 13.97 13.55 8.62
N SER B 14 14.01 13.75 9.93
CA SER B 14 15.22 13.45 10.71
C SER B 14 15.57 11.97 10.59
N ILE B 15 14.57 11.15 10.29
CA ILE B 15 14.80 9.71 10.16
C ILE B 15 15.04 9.34 8.69
N SER B 16 16.00 8.45 8.47
CA SER B 16 16.33 8.00 7.11
C SER B 16 15.44 6.82 6.70
N ARG B 17 15.48 6.44 5.42
CA ARG B 17 14.68 5.34 4.95
C ARG B 17 15.09 4.05 5.65
N ASP B 18 16.38 3.79 5.67
CA ASP B 18 16.89 2.57 6.31
C ASP B 18 16.35 2.46 7.72
N LYS B 19 16.33 3.57 8.45
CA LYS B 19 15.84 3.56 9.82
C LYS B 19 14.31 3.51 9.82
N ALA B 20 13.71 3.95 8.72
CA ALA B 20 12.26 3.96 8.61
C ALA B 20 11.72 2.54 8.43
N GLU B 21 12.61 1.62 8.12
CA GLU B 21 12.23 0.22 7.92
C GLU B 21 12.23 -0.54 9.24
N LYS B 22 13.19 -0.20 10.11
CA LYS B 22 13.29 -0.86 11.41
C LYS B 22 12.40 -0.19 12.43
N LEU B 23 12.25 1.12 12.28
CA LEU B 23 11.43 1.89 13.21
C LEU B 23 10.00 1.36 13.22
N LEU B 24 9.46 1.11 12.05
CA LEU B 24 8.11 0.60 11.94
C LEU B 24 8.01 -0.79 12.54
N LEU B 25 9.07 -1.56 12.39
CA LEU B 25 9.09 -2.90 12.91
C LEU B 25 8.83 -2.91 14.41
N ASP B 26 9.24 -1.83 15.08
CA ASP B 26 9.04 -1.72 16.52
C ASP B 26 7.56 -1.79 16.86
N THR B 27 6.73 -1.22 15.98
CA THR B 27 5.29 -1.22 16.21
C THR B 27 4.76 -2.65 16.27
N GLY B 28 5.10 -3.44 15.26
CA GLY B 28 4.66 -4.83 15.21
C GLY B 28 3.14 -4.93 15.17
N LYS B 29 2.51 -4.04 14.39
CA LYS B 29 1.05 -4.03 14.27
C LYS B 29 0.64 -3.88 12.81
N GLU B 30 -0.50 -4.47 12.46
CA GLU B 30 -0.98 -4.39 11.09
C GLU B 30 -1.64 -3.04 10.85
N GLY B 31 -1.23 -2.36 9.78
CA GLY B 31 -1.77 -1.06 9.44
C GLY B 31 -0.74 0.04 9.68
N ALA B 32 0.28 -0.28 10.47
CA ALA B 32 1.34 0.67 10.76
C ALA B 32 1.66 1.51 9.52
N PHE B 33 1.17 2.76 9.53
CA PHE B 33 1.38 3.66 8.40
C PHE B 33 2.21 4.88 8.82
N MET B 34 3.26 5.17 8.06
CA MET B 34 4.11 6.32 8.34
C MET B 34 4.54 6.97 7.04
N VAL B 35 5.15 8.16 7.15
CA VAL B 35 5.61 8.89 5.99
C VAL B 35 7.07 9.31 6.18
N ARG B 36 7.74 9.58 5.07
CA ARG B 36 9.14 10.00 5.10
C ARG B 36 9.43 10.98 3.96
N ASP B 37 10.04 12.11 4.31
CA ASP B 37 10.38 13.11 3.29
C ASP B 37 11.31 12.51 2.24
N SER B 38 10.86 12.53 1.00
CA SER B 38 11.67 11.99 -0.10
C SER B 38 12.55 13.08 -0.69
N ARG B 39 13.29 12.73 -1.75
CA ARG B 39 14.17 13.69 -2.40
C ARG B 39 13.37 14.71 -3.19
N THR B 40 12.06 14.52 -3.24
CA THR B 40 11.17 15.43 -3.95
C THR B 40 10.37 16.28 -2.97
N PRO B 41 10.72 17.53 -2.77
CA PRO B 41 10.00 18.43 -1.82
C PRO B 41 8.49 18.41 -2.04
N GLY B 42 8.07 18.27 -3.29
CA GLY B 42 6.64 18.25 -3.62
C GLY B 42 6.11 16.83 -3.62
N THR B 43 6.81 15.94 -2.92
CA THR B 43 6.40 14.55 -2.84
C THR B 43 7.23 13.81 -1.80
N TYR B 44 6.57 13.26 -0.79
CA TYR B 44 7.24 12.50 0.26
C TYR B 44 7.11 11.02 -0.01
N THR B 45 7.30 10.18 1.02
CA THR B 45 7.22 8.74 0.85
C THR B 45 6.34 8.16 1.94
N VAL B 46 5.41 7.31 1.57
CA VAL B 46 4.51 6.68 2.55
C VAL B 46 5.07 5.34 3.01
N SER B 47 5.71 5.34 4.18
CA SER B 47 6.27 4.11 4.73
C SER B 47 5.17 3.29 5.42
N VAL B 48 4.58 2.35 4.68
CA VAL B 48 3.51 1.53 5.22
C VAL B 48 4.03 0.14 5.60
N PHE B 49 3.91 -0.19 6.88
CA PHE B 49 4.37 -1.50 7.37
C PHE B 49 3.18 -2.33 7.81
N THR B 50 3.14 -3.58 7.34
CA THR B 50 2.07 -4.49 7.71
C THR B 50 2.55 -5.94 7.61
N LYS B 51 2.49 -6.65 8.73
CA LYS B 51 2.92 -8.05 8.75
C LYS B 51 2.25 -8.82 7.62
N ALA B 52 2.89 -8.79 6.44
CA ALA B 52 2.35 -9.49 5.27
C ALA B 52 3.48 -10.13 4.47
N ILE B 53 3.14 -10.64 3.30
CA ILE B 53 4.13 -11.27 2.43
C ILE B 53 4.74 -12.49 3.11
N ILE B 54 4.88 -13.58 2.37
CA ILE B 54 5.45 -14.80 2.92
C ILE B 54 6.97 -14.82 2.71
N SER B 55 7.41 -14.34 1.56
CA SER B 55 8.83 -14.34 1.23
C SER B 55 9.62 -13.53 2.26
N GLU B 56 9.08 -12.39 2.63
CA GLU B 56 9.74 -11.52 3.60
C GLU B 56 8.72 -10.98 4.58
N ASN B 57 8.79 -11.47 5.82
CA ASN B 57 7.87 -11.02 6.86
C ASN B 57 8.63 -10.70 8.17
N PRO B 58 8.45 -9.53 8.75
CA PRO B 58 7.56 -8.46 8.23
C PRO B 58 8.14 -7.82 6.96
N CYS B 59 7.42 -6.86 6.41
CA CYS B 59 7.87 -6.17 5.20
C CYS B 59 7.42 -4.74 5.23
N ILE B 60 8.21 -3.87 4.62
CA ILE B 60 7.89 -2.43 4.59
C ILE B 60 7.41 -2.03 3.22
N LYS B 61 6.17 -1.55 3.15
CA LYS B 61 5.58 -1.11 1.89
C LYS B 61 5.70 0.39 1.76
N HIS B 62 6.39 0.83 0.70
CA HIS B 62 6.59 2.26 0.47
C HIS B 62 5.82 2.72 -0.76
N TYR B 63 4.73 3.46 -0.53
CA TYR B 63 3.92 3.98 -1.63
C TYR B 63 4.26 5.45 -1.87
N HIS B 64 5.14 5.67 -2.84
CA HIS B 64 5.57 7.03 -3.16
C HIS B 64 4.40 7.86 -3.68
N ILE B 65 4.34 9.12 -3.25
CA ILE B 65 3.26 10.00 -3.69
C ILE B 65 3.41 10.32 -5.18
N LYS B 66 2.36 10.04 -5.94
CA LYS B 66 2.39 10.29 -7.38
C LYS B 66 2.09 11.76 -7.67
N GLU B 67 3.14 12.52 -7.96
CA GLU B 67 2.97 13.93 -8.24
C GLU B 67 2.32 14.13 -9.61
N THR B 68 1.11 14.70 -9.62
CA THR B 68 0.42 14.92 -10.89
C THR B 68 0.55 16.36 -11.32
N ASN B 69 1.68 16.99 -10.97
CA ASN B 69 1.96 18.38 -11.33
C ASN B 69 0.69 19.11 -11.77
N ASP B 70 -0.36 19.03 -10.95
CA ASP B 70 -1.62 19.68 -11.29
C ASP B 70 -2.00 20.63 -10.17
N SER B 71 -2.90 21.55 -10.47
CA SER B 71 -3.35 22.51 -9.48
C SER B 71 -4.86 22.82 -9.65
N PRO B 72 -5.72 22.28 -8.80
CA PRO B 72 -5.34 21.40 -7.67
C PRO B 72 -4.81 20.07 -8.16
N LYS B 73 -4.95 19.04 -7.36
CA LYS B 73 -4.49 17.70 -7.73
C LYS B 73 -2.97 17.65 -7.85
N ARG B 74 -2.37 16.73 -7.11
CA ARG B 74 -0.94 16.58 -7.13
C ARG B 74 -0.53 15.36 -6.32
N TYR B 75 -1.27 15.05 -5.26
CA TYR B 75 -0.95 13.89 -4.41
C TYR B 75 -2.07 12.87 -4.48
N TYR B 76 -1.68 11.62 -4.65
CA TYR B 76 -2.66 10.54 -4.73
C TYR B 76 -1.92 9.19 -4.75
N VAL B 77 -2.33 8.25 -3.90
CA VAL B 77 -1.69 6.94 -3.86
C VAL B 77 -2.76 5.84 -3.92
N ALA B 78 -3.29 5.59 -5.13
CA ALA B 78 -4.32 4.57 -5.31
C ALA B 78 -5.08 4.80 -6.61
N GLU B 79 -4.68 5.83 -7.35
CA GLU B 79 -5.36 6.17 -8.59
C GLU B 79 -6.85 6.40 -8.34
N LYS B 80 -7.27 6.26 -7.08
CA LYS B 80 -8.66 6.45 -6.71
C LYS B 80 -8.93 7.90 -6.31
N TYR B 81 -8.49 8.26 -5.10
CA TYR B 81 -8.71 9.61 -4.59
C TYR B 81 -7.46 10.47 -4.80
N VAL B 82 -7.66 11.69 -5.32
CA VAL B 82 -6.55 12.61 -5.57
C VAL B 82 -6.68 13.86 -4.73
N PHE B 83 -5.75 14.03 -3.79
CA PHE B 83 -5.76 15.16 -2.88
C PHE B 83 -4.77 16.21 -3.30
N ASP B 84 -4.50 17.14 -2.40
CA ASP B 84 -3.58 18.22 -2.70
C ASP B 84 -2.80 18.59 -1.45
N SER B 85 -2.92 17.77 -0.42
CA SER B 85 -2.20 18.03 0.80
C SER B 85 -2.05 16.77 1.63
N ILE B 86 -1.18 15.87 1.15
CA ILE B 86 -0.86 14.59 1.84
C ILE B 86 -1.63 14.49 3.16
N PRO B 87 -1.40 15.42 4.08
CA PRO B 87 -2.14 15.47 5.37
C PRO B 87 -3.60 15.00 5.20
N LEU B 88 -4.13 15.08 3.97
CA LEU B 88 -5.50 14.66 3.69
C LEU B 88 -5.53 13.16 3.44
N LEU B 89 -4.71 12.70 2.52
CA LEU B 89 -4.63 11.29 2.19
C LEU B 89 -4.51 10.49 3.46
N ILE B 90 -4.21 11.14 4.55
CA ILE B 90 -4.06 10.46 5.83
C ILE B 90 -5.35 10.58 6.63
N GLN B 91 -6.25 11.42 6.17
CA GLN B 91 -7.53 11.63 6.85
C GLN B 91 -8.60 10.70 6.31
N TYR B 92 -8.81 10.73 4.99
CA TYR B 92 -9.82 9.87 4.40
C TYR B 92 -9.38 8.40 4.42
N HIS B 93 -8.22 8.13 3.82
CA HIS B 93 -7.71 6.78 3.73
C HIS B 93 -7.62 6.16 5.12
N GLN B 94 -7.45 7.01 6.13
CA GLN B 94 -7.36 6.53 7.49
C GLN B 94 -8.54 5.64 7.81
N TYR B 95 -9.64 5.83 7.09
CA TYR B 95 -10.82 5.02 7.31
C TYR B 95 -11.47 4.67 5.98
N ASN B 96 -12.71 5.11 5.79
CA ASN B 96 -13.47 4.86 4.56
C ASN B 96 -12.93 3.64 3.82
N GLY B 97 -12.50 3.84 2.58
CA GLY B 97 -11.94 2.75 1.79
C GLY B 97 -11.30 3.29 0.52
N GLY B 98 -10.04 2.93 0.30
CA GLY B 98 -9.30 3.38 -0.88
C GLY B 98 -8.41 2.28 -1.42
N GLY B 99 -7.45 2.67 -2.25
CA GLY B 99 -6.54 1.71 -2.84
C GLY B 99 -5.31 1.50 -1.95
N LEU B 100 -5.50 0.72 -0.90
CA LEU B 100 -4.41 0.41 0.02
C LEU B 100 -4.50 -1.02 0.53
N VAL B 101 -3.37 -1.71 0.53
CA VAL B 101 -3.33 -3.09 1.02
C VAL B 101 -3.76 -3.16 2.47
N THR B 102 -3.56 -2.07 3.18
CA THR B 102 -3.95 -2.00 4.59
C THR B 102 -4.49 -0.64 4.92
N ARG B 103 -5.65 -0.31 4.33
CA ARG B 103 -6.30 0.99 4.56
C ARG B 103 -5.77 1.66 5.82
N LEU B 104 -5.11 2.80 5.65
CA LEU B 104 -4.53 3.51 6.77
C LEU B 104 -5.46 3.46 7.98
N ARG B 105 -4.90 3.12 9.13
CA ARG B 105 -5.69 3.02 10.35
C ARG B 105 -4.79 2.77 11.55
N TYR B 106 -3.51 3.13 11.42
CA TYR B 106 -2.57 2.93 12.51
C TYR B 106 -1.30 3.77 12.30
N PRO B 107 -1.35 5.04 12.61
CA PRO B 107 -0.18 5.95 12.47
C PRO B 107 0.82 5.76 13.60
N VAL B 108 2.09 6.06 13.31
CA VAL B 108 3.14 5.91 14.31
C VAL B 108 4.07 7.12 14.27
N CYS B 109 4.76 7.38 15.38
CA CYS B 109 5.69 8.51 15.46
C CYS B 109 7.12 8.02 15.23
N GLY B 110 7.98 8.94 14.79
CA GLY B 110 9.37 8.60 14.53
C GLY B 110 10.24 9.86 14.55
N GLY A 1 11.91 -15.29 -13.42
CA GLY A 1 11.74 -16.77 -13.52
C GLY A 1 10.31 -17.09 -13.94
N SER A 2 9.94 -16.65 -15.13
CA SER A 2 8.58 -16.90 -15.63
C SER A 2 8.46 -16.45 -17.09
N PRO A 3 7.44 -16.90 -17.77
CA PRO A 3 7.21 -16.54 -19.19
C PRO A 3 6.76 -15.09 -19.34
N GLU A 4 5.60 -14.76 -18.78
CA GLU A 4 5.07 -13.40 -18.87
C GLU A 4 4.36 -13.02 -17.58
N GLU A 5 3.58 -13.96 -17.05
CA GLU A 5 2.82 -13.73 -15.82
C GLU A 5 3.05 -14.86 -14.82
N THR A 6 2.57 -14.68 -13.59
CA THR A 6 2.71 -15.68 -12.55
C THR A 6 1.36 -15.97 -11.90
N LEU A 7 1.36 -16.18 -10.59
CA LEU A 7 0.13 -16.44 -9.84
C LEU A 7 0.10 -15.57 -8.60
N VAL A 8 -0.58 -16.05 -7.56
CA VAL A 8 -0.69 -15.33 -6.30
C VAL A 8 -1.71 -16.00 -5.38
N ILE A 9 -1.57 -15.78 -4.07
CA ILE A 9 -2.47 -16.36 -3.09
C ILE A 9 -2.61 -15.42 -1.89
N ALA A 10 -3.76 -15.48 -1.22
CA ALA A 10 -3.99 -14.63 -0.05
C ALA A 10 -3.46 -15.30 1.22
N LEU A 11 -2.70 -14.55 2.01
CA LEU A 11 -2.15 -15.10 3.25
C LEU A 11 -3.23 -15.14 4.32
N TYR A 12 -3.88 -14.00 4.57
CA TYR A 12 -4.95 -13.95 5.57
C TYR A 12 -6.30 -14.03 4.89
N ASP A 13 -7.33 -13.47 5.53
CA ASP A 13 -8.69 -13.49 4.99
C ASP A 13 -9.14 -12.07 4.67
N TYR A 14 -8.51 -11.46 3.66
CA TYR A 14 -8.86 -10.10 3.26
C TYR A 14 -10.32 -10.03 2.86
N GLN A 15 -10.85 -8.81 2.76
CA GLN A 15 -12.25 -8.62 2.37
C GLN A 15 -12.38 -7.37 1.51
N THR A 16 -13.30 -7.42 0.54
CA THR A 16 -13.52 -6.29 -0.35
C THR A 16 -13.95 -5.06 0.44
N ASN A 17 -13.18 -3.99 0.29
CA ASN A 17 -13.48 -2.73 0.97
C ASN A 17 -14.10 -1.74 -0.01
N ASP A 18 -14.28 -2.18 -1.25
CA ASP A 18 -14.86 -1.32 -2.27
C ASP A 18 -15.26 -2.13 -3.50
N PRO A 19 -16.18 -1.61 -4.28
CA PRO A 19 -16.66 -2.30 -5.52
C PRO A 19 -15.52 -2.57 -6.51
N GLN A 20 -14.54 -1.68 -6.53
CA GLN A 20 -13.42 -1.84 -7.44
C GLN A 20 -12.53 -2.99 -6.99
N GLU A 21 -12.35 -3.10 -5.68
CA GLU A 21 -11.52 -4.16 -5.13
C GLU A 21 -12.20 -5.51 -5.32
N LEU A 22 -11.40 -6.58 -5.23
CA LEU A 22 -11.92 -7.93 -5.43
C LEU A 22 -11.89 -8.72 -4.13
N ALA A 23 -12.98 -9.44 -3.86
CA ALA A 23 -13.07 -10.26 -2.65
C ALA A 23 -12.08 -11.42 -2.74
N LEU A 24 -11.41 -11.72 -1.63
CA LEU A 24 -10.41 -12.79 -1.60
C LEU A 24 -10.69 -13.76 -0.45
N ARG A 25 -9.70 -14.61 -0.14
CA ARG A 25 -9.85 -15.56 0.94
C ARG A 25 -8.58 -16.40 1.06
N CYS A 26 -8.31 -16.85 2.26
CA CYS A 26 -7.13 -17.69 2.52
C CYS A 26 -7.11 -18.85 1.53
N ASP A 27 -5.91 -19.32 1.22
CA ASP A 27 -5.73 -20.44 0.31
C ASP A 27 -6.19 -20.08 -1.10
N GLU A 28 -7.13 -19.14 -1.19
CA GLU A 28 -7.67 -18.74 -2.46
C GLU A 28 -6.55 -18.22 -3.36
N GLU A 29 -6.43 -18.80 -4.54
CA GLU A 29 -5.41 -18.42 -5.52
C GLU A 29 -6.04 -17.80 -6.74
N TYR A 30 -5.26 -16.96 -7.41
CA TYR A 30 -5.72 -16.29 -8.62
C TYR A 30 -4.57 -16.18 -9.60
N TYR A 31 -4.64 -15.20 -10.51
CA TYR A 31 -3.59 -14.98 -11.51
C TYR A 31 -3.03 -13.58 -11.37
N LEU A 32 -2.13 -13.19 -12.26
CA LEU A 32 -1.57 -11.84 -12.22
C LEU A 32 -1.70 -11.21 -13.60
N LEU A 33 -2.36 -10.06 -13.66
CA LEU A 33 -2.57 -9.36 -14.92
C LEU A 33 -1.84 -8.02 -14.93
N ASP A 34 -1.68 -7.40 -13.75
CA ASP A 34 -0.97 -6.12 -13.67
C ASP A 34 -0.09 -6.07 -12.44
N SER A 35 1.15 -6.52 -12.59
CA SER A 35 2.10 -6.52 -11.47
C SER A 35 2.88 -5.22 -11.43
N SER A 36 2.71 -4.43 -12.47
CA SER A 36 3.40 -3.14 -12.56
C SER A 36 2.90 -2.18 -11.50
N GLU A 37 1.58 -2.17 -11.29
CA GLU A 37 0.98 -1.29 -10.31
C GLU A 37 1.80 -1.27 -9.03
N ILE A 38 1.74 -0.17 -8.30
CA ILE A 38 2.49 -0.02 -7.06
C ILE A 38 1.57 -0.24 -5.86
N HIS A 39 0.57 -1.07 -6.05
CA HIS A 39 -0.38 -1.34 -4.97
C HIS A 39 -1.14 -2.62 -5.25
N TRP A 40 -2.30 -2.46 -5.87
CA TRP A 40 -3.15 -3.60 -6.18
C TRP A 40 -2.73 -4.27 -7.48
N TRP A 41 -2.72 -5.60 -7.50
CA TRP A 41 -2.34 -6.33 -8.72
C TRP A 41 -3.51 -7.11 -9.24
N ARG A 42 -4.14 -6.59 -10.31
CA ARG A 42 -5.32 -7.24 -10.90
C ARG A 42 -5.28 -8.76 -10.72
N VAL A 43 -6.43 -9.38 -10.87
CA VAL A 43 -6.51 -10.82 -10.72
C VAL A 43 -7.74 -11.37 -11.40
N GLN A 44 -7.69 -12.67 -11.72
CA GLN A 44 -8.81 -13.34 -12.39
C GLN A 44 -9.17 -14.63 -11.65
N ASP A 45 -10.17 -14.56 -10.79
CA ASP A 45 -10.59 -15.75 -10.06
C ASP A 45 -11.14 -16.80 -11.01
N LYS A 46 -10.74 -18.04 -10.79
CA LYS A 46 -11.20 -19.14 -11.64
C LYS A 46 -12.71 -19.06 -11.84
N ASN A 47 -13.39 -18.42 -10.88
CA ASN A 47 -14.83 -18.27 -10.96
C ASN A 47 -15.21 -17.21 -12.00
N GLY A 48 -14.33 -16.23 -12.18
CA GLY A 48 -14.56 -15.15 -13.14
C GLY A 48 -14.81 -13.83 -12.43
N HIS A 49 -14.11 -13.62 -11.30
CA HIS A 49 -14.26 -12.39 -10.55
C HIS A 49 -13.05 -11.49 -10.80
N GLU A 50 -13.15 -10.62 -11.77
CA GLU A 50 -12.06 -9.73 -12.10
C GLU A 50 -12.11 -8.42 -11.30
N GLY A 51 -11.08 -8.19 -10.53
CA GLY A 51 -11.01 -6.97 -9.71
C GLY A 51 -9.60 -6.76 -9.16
N TYR A 52 -9.34 -5.55 -8.67
CA TYR A 52 -8.02 -5.23 -8.14
C TYR A 52 -7.81 -5.90 -6.80
N ALA A 53 -6.63 -6.52 -6.63
CA ALA A 53 -6.31 -7.22 -5.37
C ALA A 53 -5.02 -6.66 -4.79
N PRO A 54 -4.86 -6.72 -3.48
CA PRO A 54 -3.68 -6.14 -2.78
C PRO A 54 -2.36 -6.66 -3.32
N SER A 55 -1.28 -6.34 -2.63
CA SER A 55 0.06 -6.77 -3.03
C SER A 55 0.75 -7.49 -1.88
N SER A 56 0.53 -7.02 -0.66
CA SER A 56 1.14 -7.64 0.49
C SER A 56 0.50 -8.99 0.80
N TYR A 57 -0.82 -8.99 0.96
CA TYR A 57 -1.53 -10.21 1.24
C TYR A 57 -1.39 -11.18 0.10
N LEU A 58 -0.86 -10.71 -1.01
CA LEU A 58 -0.70 -11.57 -2.17
C LEU A 58 0.77 -11.94 -2.38
N VAL A 59 1.01 -13.04 -3.10
CA VAL A 59 2.39 -13.42 -3.38
C VAL A 59 2.39 -14.54 -4.41
N GLU A 60 3.08 -14.30 -5.51
CA GLU A 60 3.18 -15.29 -6.58
C GLU A 60 3.62 -16.64 -6.04
N LYS A 61 3.03 -17.68 -6.61
CA LYS A 61 3.32 -19.03 -6.18
C LYS A 61 4.73 -19.43 -6.61
N SER A 62 5.12 -18.99 -7.80
CA SER A 62 6.44 -19.31 -8.34
C SER A 62 6.56 -20.80 -8.62
N PRO A 63 5.84 -21.29 -9.61
CA PRO A 63 5.85 -22.73 -9.98
C PRO A 63 7.11 -23.09 -10.80
N ASN B 3 5.15 23.32 4.04
CA ASN B 3 4.08 22.56 4.75
C ASN B 3 4.60 22.11 6.11
N ASN B 4 4.02 22.66 7.18
CA ASN B 4 4.44 22.31 8.53
C ASN B 4 3.93 20.92 8.91
N LEU B 5 4.54 19.90 8.30
CA LEU B 5 4.15 18.53 8.57
C LEU B 5 4.75 18.06 9.89
N GLU B 6 5.78 18.77 10.36
CA GLU B 6 6.44 18.41 11.60
C GLU B 6 5.42 18.32 12.73
N THR B 7 4.18 18.71 12.44
CA THR B 7 3.12 18.67 13.45
C THR B 7 2.48 17.29 13.51
N TYR B 8 2.60 16.54 12.42
CA TYR B 8 2.03 15.20 12.35
C TYR B 8 3.02 14.17 12.91
N GLU B 9 2.61 12.91 12.88
CA GLU B 9 3.45 11.81 13.38
C GLU B 9 4.09 11.04 12.25
N TRP B 10 3.30 10.74 11.22
CA TRP B 10 3.80 10.00 10.07
C TRP B 10 4.94 10.76 9.40
N TYR B 11 4.94 12.08 9.55
CA TYR B 11 5.98 12.89 8.94
C TYR B 11 7.26 12.83 9.75
N ASN B 12 8.34 12.40 9.11
CA ASN B 12 9.64 12.31 9.78
C ASN B 12 10.77 12.47 8.77
N LYS B 13 11.42 13.63 8.80
CA LYS B 13 12.53 13.91 7.90
C LYS B 13 13.86 13.53 8.54
N SER B 14 13.96 13.74 9.85
CA SER B 14 15.19 13.43 10.58
C SER B 14 15.51 11.94 10.44
N ILE B 15 14.49 11.12 10.26
CA ILE B 15 14.69 9.68 10.14
C ILE B 15 14.95 9.31 8.68
N SER B 16 15.93 8.43 8.46
CA SER B 16 16.27 8.00 7.11
C SER B 16 15.39 6.83 6.70
N ARG B 17 15.63 6.32 5.50
CA ARG B 17 14.84 5.20 4.98
C ARG B 17 15.19 3.91 5.74
N ASP B 18 16.47 3.69 5.98
CA ASP B 18 16.92 2.50 6.68
C ASP B 18 16.29 2.44 8.08
N LYS B 19 16.26 3.57 8.75
CA LYS B 19 15.69 3.63 10.08
C LYS B 19 14.17 3.57 10.03
N ALA B 20 13.63 3.87 8.85
CA ALA B 20 12.18 3.85 8.67
C ALA B 20 11.67 2.42 8.56
N GLU B 21 12.59 1.48 8.36
CA GLU B 21 12.24 0.07 8.24
C GLU B 21 12.31 -0.62 9.61
N LYS B 22 13.33 -0.29 10.38
CA LYS B 22 13.50 -0.89 11.71
C LYS B 22 12.50 -0.30 12.69
N LEU B 23 12.29 1.01 12.59
CA LEU B 23 11.38 1.69 13.49
C LEU B 23 9.99 1.08 13.39
N LEU B 24 9.52 0.92 12.16
CA LEU B 24 8.21 0.33 11.93
C LEU B 24 8.19 -1.12 12.38
N LEU B 25 9.28 -1.81 12.14
CA LEU B 25 9.37 -3.21 12.51
C LEU B 25 9.20 -3.38 14.01
N ASP B 26 9.75 -2.46 14.78
CA ASP B 26 9.66 -2.52 16.23
C ASP B 26 8.20 -2.45 16.67
N THR B 27 7.41 -1.64 15.97
CA THR B 27 6.00 -1.49 16.31
C THR B 27 5.35 -2.87 16.47
N GLY B 28 5.57 -3.74 15.50
CA GLY B 28 5.01 -5.08 15.55
C GLY B 28 3.49 -5.06 15.62
N LYS B 29 2.88 -4.24 14.75
CA LYS B 29 1.42 -4.13 14.71
C LYS B 29 0.93 -4.07 13.27
N GLU B 30 -0.25 -4.65 13.04
CA GLU B 30 -0.82 -4.66 11.71
C GLU B 30 -1.41 -3.29 11.38
N GLY B 31 -0.92 -2.68 10.31
CA GLY B 31 -1.40 -1.37 9.88
C GLY B 31 -0.33 -0.31 10.12
N ALA B 32 0.65 -0.64 10.97
CA ALA B 32 1.73 0.29 11.27
C ALA B 32 2.20 0.98 10.02
N PHE B 33 1.84 2.26 9.87
CA PHE B 33 2.24 3.01 8.68
C PHE B 33 2.85 4.36 9.08
N MET B 34 3.76 4.86 8.24
CA MET B 34 4.41 6.14 8.49
C MET B 34 4.77 6.82 7.18
N VAL B 35 5.25 8.05 7.27
CA VAL B 35 5.69 8.80 6.10
C VAL B 35 7.11 9.31 6.29
N ARG B 36 7.78 9.56 5.18
CA ARG B 36 9.16 10.06 5.20
C ARG B 36 9.38 11.10 4.11
N ASP B 37 9.70 12.33 4.52
CA ASP B 37 9.94 13.39 3.56
C ASP B 37 10.99 12.98 2.56
N SER B 38 10.76 13.35 1.30
CA SER B 38 11.69 13.01 0.21
C SER B 38 12.47 14.25 -0.23
N ARG B 39 13.21 14.12 -1.33
CA ARG B 39 13.99 15.23 -1.84
C ARG B 39 13.07 16.38 -2.23
N THR B 40 11.97 16.06 -2.89
CA THR B 40 11.04 17.10 -3.33
C THR B 40 10.20 17.61 -2.14
N PRO B 41 9.97 18.89 -2.06
CA PRO B 41 9.16 19.49 -0.96
C PRO B 41 7.69 19.12 -1.07
N GLY B 42 7.22 18.83 -2.29
CA GLY B 42 5.82 18.47 -2.51
C GLY B 42 5.69 16.99 -2.81
N THR B 43 6.59 16.19 -2.25
CA THR B 43 6.55 14.76 -2.46
C THR B 43 7.28 14.04 -1.34
N TYR B 44 6.58 13.14 -0.67
CA TYR B 44 7.16 12.37 0.44
C TYR B 44 7.04 10.88 0.16
N THR B 45 7.23 10.04 1.18
CA THR B 45 7.15 8.60 1.00
C THR B 45 6.33 8.02 2.13
N VAL B 46 5.47 7.07 1.79
CA VAL B 46 4.62 6.42 2.81
C VAL B 46 5.16 5.04 3.19
N SER B 47 5.92 4.99 4.28
CA SER B 47 6.46 3.71 4.75
C SER B 47 5.36 2.90 5.44
N VAL B 48 4.61 2.14 4.65
CA VAL B 48 3.53 1.31 5.19
C VAL B 48 4.03 -0.05 5.63
N PHE B 49 3.91 -0.34 6.92
CA PHE B 49 4.37 -1.63 7.46
C PHE B 49 3.18 -2.44 7.95
N THR B 50 3.12 -3.69 7.53
CA THR B 50 2.04 -4.58 7.94
C THR B 50 2.47 -6.04 7.82
N LYS B 51 2.44 -6.76 8.94
CA LYS B 51 2.82 -8.17 8.94
C LYS B 51 2.14 -8.90 7.79
N ALA B 52 2.77 -8.89 6.62
CA ALA B 52 2.23 -9.53 5.44
C ALA B 52 3.34 -10.12 4.58
N ILE B 53 3.00 -10.54 3.37
CA ILE B 53 3.97 -11.12 2.45
C ILE B 53 4.61 -12.35 3.06
N ILE B 54 4.68 -13.44 2.30
CA ILE B 54 5.27 -14.68 2.79
C ILE B 54 6.74 -14.76 2.38
N SER B 55 7.13 -13.93 1.42
CA SER B 55 8.51 -13.94 0.95
C SER B 55 9.47 -13.66 2.09
N GLU B 56 9.10 -12.71 2.94
CA GLU B 56 9.95 -12.37 4.08
C GLU B 56 9.20 -11.43 5.02
N ASN B 57 8.45 -12.01 5.96
CA ASN B 57 7.70 -11.19 6.90
C ASN B 57 8.49 -10.98 8.20
N PRO B 58 8.40 -9.82 8.83
CA PRO B 58 7.55 -8.68 8.35
C PRO B 58 8.14 -8.06 7.08
N CYS B 59 7.44 -7.06 6.54
CA CYS B 59 7.89 -6.40 5.33
C CYS B 59 7.47 -4.95 5.36
N ILE B 60 8.29 -4.10 4.74
CA ILE B 60 8.00 -2.66 4.72
C ILE B 60 7.58 -2.23 3.33
N LYS B 61 6.38 -1.66 3.23
CA LYS B 61 5.87 -1.20 1.94
C LYS B 61 5.99 0.31 1.84
N HIS B 62 6.68 0.77 0.80
CA HIS B 62 6.88 2.20 0.60
C HIS B 62 6.14 2.68 -0.64
N TYR B 63 5.07 3.44 -0.43
CA TYR B 63 4.29 3.99 -1.54
C TYR B 63 4.63 5.47 -1.71
N HIS B 64 5.47 5.76 -2.70
CA HIS B 64 5.89 7.12 -2.95
C HIS B 64 4.71 7.97 -3.42
N ILE B 65 4.56 9.15 -2.81
CA ILE B 65 3.47 10.05 -3.18
C ILE B 65 3.63 10.51 -4.62
N LYS B 66 2.59 10.32 -5.43
CA LYS B 66 2.63 10.72 -6.82
C LYS B 66 2.09 12.13 -6.98
N GLU B 67 2.81 12.97 -7.71
CA GLU B 67 2.40 14.36 -7.94
C GLU B 67 2.09 14.59 -9.41
N THR B 68 0.83 14.95 -9.70
CA THR B 68 0.40 15.20 -11.07
C THR B 68 -0.41 16.48 -11.14
N ASN B 69 0.28 17.62 -11.14
CA ASN B 69 -0.39 18.91 -11.21
C ASN B 69 -1.47 18.91 -12.28
N ASP B 70 -2.69 18.59 -11.87
CA ASP B 70 -3.83 18.56 -12.79
C ASP B 70 -4.43 19.97 -12.92
N SER B 71 -5.30 20.34 -11.98
CA SER B 71 -5.95 21.63 -11.97
C SER B 71 -6.77 21.83 -10.70
N PRO B 72 -6.18 21.64 -9.54
CA PRO B 72 -4.77 21.21 -9.39
C PRO B 72 -4.64 19.70 -9.30
N LYS B 73 -4.99 19.13 -8.15
CA LYS B 73 -4.92 17.70 -7.97
C LYS B 73 -3.56 17.14 -8.43
N ARG B 74 -2.82 16.60 -7.48
CA ARG B 74 -1.48 16.06 -7.78
C ARG B 74 -1.14 14.91 -6.85
N TYR B 75 -1.36 15.09 -5.56
CA TYR B 75 -1.04 14.07 -4.58
C TYR B 75 -2.03 12.92 -4.62
N TYR B 76 -1.50 11.71 -4.79
CA TYR B 76 -2.34 10.53 -4.83
C TYR B 76 -1.47 9.27 -4.86
N VAL B 77 -2.03 8.14 -4.45
CA VAL B 77 -1.29 6.88 -4.47
C VAL B 77 -2.26 5.72 -4.65
N ALA B 78 -2.88 5.64 -5.82
CA ALA B 78 -3.83 4.57 -6.11
C ALA B 78 -4.42 4.73 -7.50
N GLU B 79 -4.04 5.81 -8.19
CA GLU B 79 -4.54 6.09 -9.52
C GLU B 79 -6.05 6.26 -9.50
N LYS B 80 -6.63 6.18 -8.30
CA LYS B 80 -8.06 6.35 -8.14
C LYS B 80 -8.43 7.82 -8.02
N TYR B 81 -8.34 8.36 -6.81
CA TYR B 81 -8.66 9.77 -6.55
C TYR B 81 -7.38 10.56 -6.38
N VAL B 82 -7.53 11.86 -6.12
CA VAL B 82 -6.38 12.72 -5.91
C VAL B 82 -6.63 13.69 -4.77
N PHE B 83 -5.55 14.18 -4.17
CA PHE B 83 -5.66 15.11 -3.04
C PHE B 83 -4.74 16.32 -3.26
N ASP B 84 -4.87 17.32 -2.39
CA ASP B 84 -4.07 18.53 -2.48
C ASP B 84 -3.38 18.84 -1.17
N SER B 85 -3.27 17.84 -0.32
CA SER B 85 -2.59 18.04 0.93
C SER B 85 -2.31 16.72 1.60
N ILE B 86 -1.34 15.97 1.06
CA ILE B 86 -0.91 14.65 1.62
C ILE B 86 -1.72 14.34 2.88
N PRO B 87 -1.61 15.17 3.91
CA PRO B 87 -2.40 15.02 5.15
C PRO B 87 -3.81 14.47 4.86
N LEU B 88 -4.28 14.64 3.63
CA LEU B 88 -5.59 14.15 3.25
C LEU B 88 -5.51 12.65 2.95
N LEU B 89 -4.55 12.30 2.13
CA LEU B 89 -4.39 10.91 1.75
C LEU B 89 -4.23 10.06 3.01
N ILE B 90 -3.70 10.66 4.05
CA ILE B 90 -3.52 9.93 5.30
C ILE B 90 -4.84 9.74 6.03
N GLN B 91 -5.80 10.61 5.76
CA GLN B 91 -7.10 10.52 6.39
C GLN B 91 -8.07 9.71 5.55
N TYR B 92 -8.10 9.96 4.25
CA TYR B 92 -8.99 9.24 3.36
C TYR B 92 -8.69 7.74 3.39
N HIS B 93 -7.42 7.40 3.51
CA HIS B 93 -7.04 6.01 3.53
C HIS B 93 -7.14 5.45 4.95
N GLN B 94 -7.11 6.33 5.94
CA GLN B 94 -7.18 5.90 7.33
C GLN B 94 -8.26 4.84 7.51
N TYR B 95 -9.47 5.19 7.11
CA TYR B 95 -10.60 4.28 7.24
C TYR B 95 -11.33 4.12 5.91
N ASN B 96 -12.59 4.53 5.88
CA ASN B 96 -13.46 4.44 4.69
C ASN B 96 -12.94 3.37 3.74
N GLY B 97 -12.36 3.81 2.63
CA GLY B 97 -11.80 2.89 1.66
C GLY B 97 -10.80 3.60 0.75
N GLY B 98 -9.77 2.88 0.33
CA GLY B 98 -8.76 3.46 -0.55
C GLY B 98 -7.95 2.38 -1.25
N GLY B 99 -6.94 2.80 -2.01
CA GLY B 99 -6.12 1.86 -2.76
C GLY B 99 -4.89 1.45 -1.96
N LEU B 100 -5.11 0.66 -0.92
CA LEU B 100 -4.02 0.18 -0.07
C LEU B 100 -4.31 -1.23 0.46
N VAL B 101 -3.26 -1.99 0.68
CA VAL B 101 -3.41 -3.36 1.17
C VAL B 101 -3.76 -3.36 2.65
N THR B 102 -4.03 -2.19 3.19
CA THR B 102 -4.37 -2.08 4.61
C THR B 102 -5.21 -0.85 4.87
N ARG B 103 -4.98 0.19 4.07
CA ARG B 103 -5.72 1.44 4.22
C ARG B 103 -5.42 2.09 5.55
N LEU B 104 -4.13 2.44 5.76
CA LEU B 104 -3.69 3.10 6.99
C LEU B 104 -4.62 2.77 8.16
N ARG B 105 -4.24 1.77 8.95
CA ARG B 105 -5.06 1.35 10.08
C ARG B 105 -4.28 1.44 11.36
N TYR B 106 -3.07 2.01 11.28
CA TYR B 106 -2.27 2.16 12.48
C TYR B 106 -1.09 3.11 12.22
N PRO B 107 -1.13 4.33 12.71
CA PRO B 107 -0.02 5.31 12.52
C PRO B 107 1.14 5.04 13.47
N VAL B 108 2.31 5.58 13.13
CA VAL B 108 3.50 5.40 13.96
C VAL B 108 4.27 6.71 14.08
N CYS B 109 4.80 6.97 15.27
CA CYS B 109 5.57 8.20 15.51
C CYS B 109 7.07 7.93 15.35
N GLY B 110 7.82 8.98 15.09
CA GLY B 110 9.27 8.86 14.92
C GLY B 110 9.94 8.50 16.24
#